data_2ALJ
#
_entry.id   2ALJ
#
_entity_poly.entity_id   1
_entity_poly.type   'polypeptide(L)'
_entity_poly.pdbx_seq_one_letter_code
;GSEWRRIAYVYDRQTFFPLLENGRLLKQEGTKTAPSDAPVLVGWKDGDAIAEMTGQLAELPAAVLGAMSEIHYKPTREYE
DRVIVYMNDGYEVSATIRQFADKLSHYPAIAAALDRNVK
;
_entity_poly.pdbx_strand_id   A
#
# COMPACT_ATOMS: atom_id res chain seq x y z
N GLY A 1 -9.21 19.06 -9.75
CA GLY A 1 -8.51 20.24 -10.33
C GLY A 1 -7.35 19.85 -11.23
N SER A 2 -6.14 20.19 -10.80
CA SER A 2 -4.94 19.87 -11.58
C SER A 2 -4.05 18.90 -10.82
N GLU A 3 -3.26 18.13 -11.57
CA GLU A 3 -2.35 17.15 -10.97
C GLU A 3 -3.13 16.11 -10.18
N TRP A 4 -2.53 14.93 -10.03
CA TRP A 4 -3.15 13.84 -9.30
C TRP A 4 -3.04 14.05 -7.80
N ARG A 5 -3.76 13.25 -7.03
CA ARG A 5 -3.74 13.34 -5.58
C ARG A 5 -2.87 12.24 -4.98
N ARG A 6 -2.02 12.60 -4.04
CA ARG A 6 -1.14 11.64 -3.38
C ARG A 6 -1.93 10.70 -2.48
N ILE A 7 -2.09 9.46 -2.92
CA ILE A 7 -2.82 8.48 -2.13
C ILE A 7 -1.86 7.60 -1.32
N ALA A 8 -0.56 7.76 -1.54
CA ALA A 8 0.43 6.97 -0.81
C ALA A 8 1.79 7.64 -0.84
N TYR A 9 2.75 7.06 -0.14
CA TYR A 9 4.11 7.61 -0.09
C TYR A 9 5.13 6.48 -0.06
N VAL A 10 6.08 6.51 -0.98
CA VAL A 10 7.09 5.45 -1.02
C VAL A 10 8.35 5.85 -0.24
N TYR A 11 8.72 5.03 0.73
CA TYR A 11 9.89 5.27 1.56
C TYR A 11 11.15 4.75 0.88
N ASP A 12 11.85 5.63 0.18
CA ASP A 12 13.08 5.27 -0.52
C ASP A 12 14.06 6.43 -0.54
N ARG A 13 15.34 6.12 -0.68
CA ARG A 13 16.38 7.14 -0.71
C ARG A 13 16.38 7.96 0.57
N GLN A 14 15.99 7.33 1.68
CA GLN A 14 15.94 7.99 2.97
C GLN A 14 14.93 9.14 2.96
N THR A 15 13.84 8.96 2.21
CA THR A 15 12.80 9.97 2.12
C THR A 15 11.45 9.35 1.78
N PHE A 16 10.38 10.10 2.03
CA PHE A 16 9.03 9.62 1.74
C PHE A 16 8.49 10.29 0.49
N PHE A 17 8.73 9.64 -0.65
CA PHE A 17 8.28 10.15 -1.95
C PHE A 17 6.75 10.11 -2.07
N PRO A 18 6.09 11.23 -2.43
CA PRO A 18 4.64 11.28 -2.58
C PRO A 18 4.16 10.52 -3.81
N LEU A 19 3.35 9.49 -3.59
CA LEU A 19 2.81 8.70 -4.69
C LEU A 19 1.41 9.15 -5.04
N LEU A 20 1.22 9.52 -6.31
CA LEU A 20 -0.08 9.99 -6.79
C LEU A 20 -1.09 8.85 -6.89
N GLU A 21 -2.33 9.20 -7.19
CA GLU A 21 -3.39 8.21 -7.32
C GLU A 21 -3.12 7.25 -8.46
N ASN A 22 -2.42 7.74 -9.48
CA ASN A 22 -2.09 6.93 -10.64
C ASN A 22 -0.75 6.21 -10.44
N GLY A 23 -0.23 6.23 -9.22
CA GLY A 23 1.02 5.58 -8.92
C GLY A 23 2.22 6.34 -9.43
N ARG A 24 2.04 7.63 -9.72
CA ARG A 24 3.12 8.47 -10.18
C ARG A 24 4.02 8.84 -9.00
N LEU A 25 5.08 8.07 -8.82
CA LEU A 25 6.00 8.31 -7.72
C LEU A 25 6.82 9.58 -7.93
N LEU A 26 6.59 10.57 -7.09
CA LEU A 26 7.31 11.83 -7.16
C LEU A 26 8.60 11.76 -6.34
N LYS A 27 9.57 11.01 -6.85
CA LYS A 27 10.85 10.83 -6.18
C LYS A 27 11.53 12.17 -5.92
N GLN A 28 11.15 13.19 -6.67
CA GLN A 28 11.74 14.53 -6.52
C GLN A 28 11.02 15.34 -5.44
N GLU A 29 9.80 14.94 -5.09
CA GLU A 29 9.02 15.66 -4.08
C GLU A 29 8.99 14.91 -2.75
N GLY A 30 10.05 14.16 -2.46
CA GLY A 30 10.10 13.41 -1.22
C GLY A 30 10.10 14.30 0.00
N THR A 31 9.78 13.70 1.14
CA THR A 31 9.73 14.43 2.40
C THR A 31 10.40 13.62 3.51
N LYS A 32 10.95 14.31 4.49
CA LYS A 32 11.62 13.66 5.60
C LYS A 32 10.63 13.35 6.74
N THR A 33 9.52 12.73 6.38
CA THR A 33 8.48 12.39 7.35
C THR A 33 7.42 11.49 6.72
N ALA A 34 6.81 10.66 7.54
CA ALA A 34 5.77 9.75 7.07
C ALA A 34 4.37 10.34 7.30
N PRO A 35 3.53 10.42 6.24
CA PRO A 35 2.18 10.95 6.36
C PRO A 35 1.18 9.91 6.85
N SER A 36 0.67 10.14 8.06
CA SER A 36 -0.30 9.24 8.67
C SER A 36 -1.65 9.30 7.98
N ASP A 37 -1.83 10.23 7.05
CA ASP A 37 -3.07 10.34 6.32
C ASP A 37 -3.18 9.26 5.26
N ALA A 38 -2.02 8.74 4.84
CA ALA A 38 -1.98 7.70 3.82
C ALA A 38 -0.94 6.64 4.14
N PRO A 39 -0.97 5.49 3.42
CA PRO A 39 -0.03 4.40 3.64
C PRO A 39 1.35 4.72 3.08
N VAL A 40 2.38 4.04 3.59
CA VAL A 40 3.74 4.26 3.14
C VAL A 40 4.33 2.98 2.54
N LEU A 41 4.54 3.02 1.23
CA LEU A 41 5.12 1.88 0.51
C LEU A 41 6.60 1.77 0.82
N VAL A 42 6.94 0.92 1.79
CA VAL A 42 8.34 0.72 2.16
C VAL A 42 8.96 -0.45 1.40
N GLY A 43 10.18 -0.25 0.92
CA GLY A 43 10.88 -1.29 0.19
C GLY A 43 10.05 -1.90 -0.93
N TRP A 44 9.55 -1.07 -1.83
CA TRP A 44 8.73 -1.55 -2.94
C TRP A 44 9.54 -1.67 -4.22
N LYS A 45 9.13 -2.60 -5.08
CA LYS A 45 9.78 -2.83 -6.35
C LYS A 45 9.58 -1.64 -7.28
N ASP A 46 10.00 -1.79 -8.54
CA ASP A 46 9.87 -0.73 -9.54
C ASP A 46 8.52 -0.03 -9.49
N GLY A 47 8.50 1.22 -9.94
CA GLY A 47 7.26 1.99 -9.95
C GLY A 47 6.16 1.29 -10.73
N ASP A 48 6.55 0.45 -11.67
CA ASP A 48 5.58 -0.29 -12.48
C ASP A 48 4.71 -1.16 -11.58
N ALA A 49 5.34 -1.76 -10.57
CA ALA A 49 4.62 -2.60 -9.62
C ALA A 49 3.82 -1.73 -8.66
N ILE A 50 4.43 -0.63 -8.23
CA ILE A 50 3.77 0.30 -7.32
C ILE A 50 2.49 0.84 -7.96
N ALA A 51 2.58 1.16 -9.24
CA ALA A 51 1.43 1.68 -9.99
C ALA A 51 0.22 0.75 -9.85
N GLU A 52 0.49 -0.54 -9.70
CA GLU A 52 -0.57 -1.53 -9.55
C GLU A 52 -1.30 -1.33 -8.22
N MET A 53 -0.52 -1.29 -7.15
CA MET A 53 -1.08 -1.09 -5.82
C MET A 53 -1.79 0.25 -5.76
N THR A 54 -1.16 1.28 -6.33
CA THR A 54 -1.75 2.61 -6.35
C THR A 54 -3.10 2.58 -7.05
N GLY A 55 -3.19 1.79 -8.11
CA GLY A 55 -4.44 1.67 -8.83
C GLY A 55 -5.53 1.16 -7.91
N GLN A 56 -5.14 0.24 -7.03
CA GLN A 56 -6.07 -0.33 -6.06
C GLN A 56 -6.43 0.68 -4.97
N LEU A 57 -5.42 1.36 -4.43
CA LEU A 57 -5.64 2.36 -3.39
C LEU A 57 -6.41 3.57 -3.93
N ALA A 58 -6.28 3.82 -5.22
CA ALA A 58 -6.98 4.95 -5.84
C ALA A 58 -8.48 4.68 -5.94
N GLU A 59 -8.88 3.41 -5.83
CA GLU A 59 -10.29 3.04 -5.91
C GLU A 59 -10.80 2.53 -4.56
N LEU A 60 -9.91 1.96 -3.75
CA LEU A 60 -10.28 1.44 -2.44
C LEU A 60 -10.93 2.53 -1.57
N PRO A 61 -11.56 2.15 -0.44
CA PRO A 61 -12.20 3.11 0.46
C PRO A 61 -11.20 3.98 1.21
N ALA A 62 -11.41 5.28 1.13
CA ALA A 62 -10.54 6.25 1.81
C ALA A 62 -10.38 5.92 3.30
N ALA A 63 -11.36 5.21 3.86
CA ALA A 63 -11.31 4.83 5.26
C ALA A 63 -10.06 4.00 5.56
N VAL A 64 -9.82 2.98 4.73
CA VAL A 64 -8.66 2.13 4.91
C VAL A 64 -7.39 2.87 4.48
N LEU A 65 -7.52 3.70 3.44
CA LEU A 65 -6.38 4.47 2.95
C LEU A 65 -5.79 5.31 4.08
N GLY A 66 -6.67 5.79 4.95
CA GLY A 66 -6.23 6.58 6.08
C GLY A 66 -5.68 5.70 7.18
N ALA A 67 -6.34 4.57 7.41
CA ALA A 67 -5.89 3.63 8.43
C ALA A 67 -4.85 2.68 7.87
N MET A 68 -3.58 2.93 8.22
CA MET A 68 -2.48 2.10 7.75
C MET A 68 -1.15 2.66 8.28
N SER A 69 -0.09 1.86 8.19
CA SER A 69 1.23 2.30 8.66
C SER A 69 2.25 2.26 7.53
N GLU A 70 2.38 1.11 6.89
CA GLU A 70 3.34 0.94 5.80
C GLU A 70 3.01 -0.30 4.98
N ILE A 71 3.21 -0.20 3.67
CA ILE A 71 2.95 -1.32 2.77
C ILE A 71 4.25 -1.94 2.28
N HIS A 72 4.48 -3.19 2.68
CA HIS A 72 5.70 -3.90 2.29
C HIS A 72 5.41 -4.92 1.20
N TYR A 73 6.21 -4.90 0.14
CA TYR A 73 6.05 -5.83 -0.97
C TYR A 73 6.73 -7.16 -0.65
N LYS A 74 5.91 -8.17 -0.33
CA LYS A 74 6.44 -9.48 -0.01
C LYS A 74 5.80 -10.56 -0.89
N PRO A 75 6.39 -10.84 -2.06
CA PRO A 75 5.85 -11.84 -2.98
C PRO A 75 6.01 -13.27 -2.47
N THR A 76 5.07 -14.13 -2.83
CA THR A 76 5.10 -15.53 -2.41
C THR A 76 5.14 -16.45 -3.62
N ARG A 77 5.55 -17.70 -3.40
CA ARG A 77 5.63 -18.69 -4.48
C ARG A 77 4.29 -18.83 -5.21
N GLU A 78 3.20 -18.48 -4.54
CA GLU A 78 1.88 -18.58 -5.13
C GLU A 78 1.24 -17.21 -5.36
N TYR A 79 1.83 -16.14 -4.81
CA TYR A 79 1.28 -14.81 -4.95
C TYR A 79 2.38 -13.76 -5.09
N GLU A 80 2.94 -13.65 -6.28
CA GLU A 80 4.00 -12.67 -6.55
C GLU A 80 3.54 -11.25 -6.23
N ASP A 81 2.23 -11.04 -6.22
CA ASP A 81 1.67 -9.73 -5.92
C ASP A 81 1.15 -9.66 -4.49
N ARG A 82 1.85 -10.35 -3.59
CA ARG A 82 1.46 -10.37 -2.18
C ARG A 82 2.11 -9.24 -1.40
N VAL A 83 1.29 -8.29 -0.94
CA VAL A 83 1.79 -7.16 -0.19
C VAL A 83 1.38 -7.26 1.28
N ILE A 84 1.97 -6.43 2.13
CA ILE A 84 1.66 -6.45 3.55
C ILE A 84 1.46 -5.04 4.10
N VAL A 85 0.21 -4.70 4.41
CA VAL A 85 -0.12 -3.39 4.94
C VAL A 85 -0.20 -3.43 6.46
N TYR A 86 0.57 -2.57 7.11
CA TYR A 86 0.59 -2.51 8.57
C TYR A 86 -0.56 -1.66 9.09
N MET A 87 -1.10 -2.03 10.24
CA MET A 87 -2.21 -1.30 10.83
C MET A 87 -1.72 -0.38 11.95
N ASN A 88 -2.49 0.66 12.24
CA ASN A 88 -2.13 1.61 13.29
C ASN A 88 -2.12 0.95 14.67
N ASP A 89 -2.86 -0.15 14.81
CA ASP A 89 -2.93 -0.86 16.09
C ASP A 89 -1.85 -1.93 16.20
N GLY A 90 -0.84 -1.89 15.33
CA GLY A 90 0.22 -2.86 15.37
C GLY A 90 -0.15 -4.18 14.71
N TYR A 91 -1.25 -4.18 13.94
CA TYR A 91 -1.71 -5.39 13.26
C TYR A 91 -0.98 -5.57 11.93
N GLU A 92 -1.12 -6.74 11.35
CA GLU A 92 -0.47 -7.05 10.08
C GLU A 92 -1.45 -7.72 9.12
N VAL A 93 -1.81 -7.01 8.05
CA VAL A 93 -2.73 -7.54 7.06
C VAL A 93 -2.03 -7.77 5.72
N SER A 94 -2.12 -8.99 5.23
CA SER A 94 -1.49 -9.35 3.95
C SER A 94 -2.54 -9.39 2.84
N ALA A 95 -2.39 -8.49 1.86
CA ALA A 95 -3.32 -8.42 0.74
C ALA A 95 -2.57 -8.50 -0.59
N THR A 96 -3.28 -8.88 -1.64
CA THR A 96 -2.67 -8.98 -2.97
C THR A 96 -2.91 -7.71 -3.77
N ILE A 97 -2.03 -7.44 -4.73
CA ILE A 97 -2.15 -6.25 -5.55
C ILE A 97 -3.39 -6.33 -6.44
N ARG A 98 -3.72 -7.53 -6.89
CA ARG A 98 -4.88 -7.73 -7.76
C ARG A 98 -6.18 -7.43 -7.03
N GLN A 99 -6.23 -7.74 -5.74
CA GLN A 99 -7.41 -7.49 -4.94
C GLN A 99 -7.06 -6.76 -3.65
N PHE A 100 -6.16 -5.78 -3.75
CA PHE A 100 -5.75 -5.00 -2.59
C PHE A 100 -6.92 -4.17 -2.06
N ALA A 101 -7.57 -3.44 -2.96
CA ALA A 101 -8.70 -2.60 -2.58
C ALA A 101 -9.82 -3.43 -1.97
N ASP A 102 -10.08 -4.59 -2.56
CA ASP A 102 -11.13 -5.48 -2.06
C ASP A 102 -10.75 -6.03 -0.69
N LYS A 103 -9.52 -6.55 -0.58
CA LYS A 103 -9.03 -7.11 0.67
C LYS A 103 -9.14 -6.09 1.80
N LEU A 104 -8.74 -4.85 1.53
CA LEU A 104 -8.81 -3.80 2.53
C LEU A 104 -10.22 -3.22 2.62
N SER A 105 -10.97 -3.30 1.52
CA SER A 105 -12.34 -2.79 1.50
C SER A 105 -13.19 -3.53 2.51
N HIS A 106 -12.85 -4.80 2.74
CA HIS A 106 -13.59 -5.62 3.70
C HIS A 106 -13.32 -5.16 5.14
N TYR A 107 -12.27 -4.37 5.34
CA TYR A 107 -11.92 -3.88 6.67
C TYR A 107 -13.00 -2.90 7.18
N PRO A 108 -13.51 -3.08 8.42
CA PRO A 108 -13.12 -4.17 9.34
C PRO A 108 -13.93 -5.44 9.11
N ALA A 109 -13.26 -6.45 8.55
CA ALA A 109 -13.89 -7.75 8.26
C ALA A 109 -12.92 -8.64 7.49
N ILE A 110 -11.66 -8.62 7.91
CA ILE A 110 -10.62 -9.41 7.26
C ILE A 110 -9.97 -10.39 8.24
N ALA A 111 -8.99 -11.15 7.75
CA ALA A 111 -8.27 -12.13 8.58
C ALA A 111 -9.12 -13.37 8.80
N ALA A 112 -8.94 -14.37 7.92
CA ALA A 112 -9.68 -15.62 8.01
C ALA A 112 -8.77 -16.76 8.45
N ALA A 113 -9.21 -18.00 8.22
CA ALA A 113 -8.43 -19.17 8.58
C ALA A 113 -7.56 -19.66 7.42
N LEU A 114 -7.30 -18.78 6.46
CA LEU A 114 -6.47 -19.13 5.31
C LEU A 114 -5.02 -18.68 5.52
N ASP A 115 -4.63 -18.54 6.78
CA ASP A 115 -3.27 -18.11 7.11
C ASP A 115 -2.70 -18.95 8.24
N ARG A 116 -3.12 -20.21 8.31
CA ARG A 116 -2.64 -21.13 9.35
C ARG A 116 -1.76 -22.22 8.75
N ASN A 117 -2.08 -22.63 7.53
CA ASN A 117 -1.32 -23.66 6.84
C ASN A 117 -0.32 -23.05 5.87
N VAL A 118 0.27 -21.92 6.27
CA VAL A 118 1.24 -21.23 5.44
C VAL A 118 2.25 -20.47 6.29
N LYS A 119 2.56 -21.02 7.46
CA LYS A 119 3.51 -20.38 8.36
C LYS A 119 4.02 -21.38 9.41
N GLY A 1 -8.11 18.26 -11.19
CA GLY A 1 -7.56 18.56 -12.55
C GLY A 1 -6.11 19.01 -12.49
N SER A 2 -5.75 19.70 -11.42
CA SER A 2 -4.39 20.20 -11.25
C SER A 2 -3.51 19.17 -10.54
N GLU A 3 -2.82 18.35 -11.32
CA GLU A 3 -1.94 17.32 -10.78
C GLU A 3 -2.73 16.31 -9.95
N TRP A 4 -2.26 15.08 -9.96
CA TRP A 4 -2.90 14.00 -9.22
C TRP A 4 -2.76 14.20 -7.71
N ARG A 5 -3.51 13.42 -6.94
CA ARG A 5 -3.45 13.50 -5.49
C ARG A 5 -2.63 12.35 -4.92
N ARG A 6 -1.77 12.66 -3.95
CA ARG A 6 -0.92 11.66 -3.33
C ARG A 6 -1.74 10.74 -2.43
N ILE A 7 -1.98 9.52 -2.89
CA ILE A 7 -2.73 8.55 -2.11
C ILE A 7 -1.81 7.65 -1.27
N ALA A 8 -0.50 7.77 -1.49
CA ALA A 8 0.46 6.96 -0.74
C ALA A 8 1.84 7.59 -0.78
N TYR A 9 2.78 6.98 -0.07
CA TYR A 9 4.15 7.48 -0.03
C TYR A 9 5.15 6.33 -0.01
N VAL A 10 6.09 6.33 -0.94
CA VAL A 10 7.08 5.25 -1.00
C VAL A 10 8.34 5.62 -0.22
N TYR A 11 8.69 4.78 0.74
CA TYR A 11 9.87 5.00 1.58
C TYR A 11 11.13 4.54 0.85
N ASP A 12 11.92 5.50 0.38
CA ASP A 12 13.15 5.19 -0.33
C ASP A 12 14.05 6.41 -0.40
N ARG A 13 15.35 6.17 -0.57
CA ARG A 13 16.32 7.26 -0.65
C ARG A 13 16.32 8.08 0.63
N GLN A 14 16.00 7.43 1.75
CA GLN A 14 15.96 8.10 3.06
C GLN A 14 14.89 9.19 3.08
N THR A 15 13.81 8.98 2.35
CA THR A 15 12.72 9.95 2.31
C THR A 15 11.41 9.29 1.90
N PHE A 16 10.30 9.96 2.18
CA PHE A 16 8.99 9.44 1.85
C PHE A 16 8.47 10.10 0.57
N PHE A 17 8.77 9.48 -0.56
CA PHE A 17 8.34 9.98 -1.86
C PHE A 17 6.82 9.92 -1.99
N PRO A 18 6.15 11.06 -2.31
CA PRO A 18 4.70 11.08 -2.46
C PRO A 18 4.22 10.40 -3.73
N LEU A 19 3.43 9.36 -3.56
CA LEU A 19 2.89 8.62 -4.69
C LEU A 19 1.49 9.11 -5.03
N LEU A 20 1.32 9.53 -6.29
CA LEU A 20 0.04 10.03 -6.76
C LEU A 20 -0.99 8.91 -6.86
N GLU A 21 -2.24 9.29 -7.16
CA GLU A 21 -3.32 8.33 -7.28
C GLU A 21 -3.08 7.39 -8.46
N ASN A 22 -2.35 7.87 -9.47
CA ASN A 22 -2.05 7.07 -10.64
C ASN A 22 -0.73 6.31 -10.46
N GLY A 23 -0.22 6.25 -9.22
CA GLY A 23 1.01 5.55 -8.96
C GLY A 23 2.23 6.28 -9.48
N ARG A 24 2.09 7.59 -9.68
CA ARG A 24 3.20 8.41 -10.14
C ARG A 24 4.10 8.75 -8.96
N LEU A 25 5.14 7.94 -8.77
CA LEU A 25 6.07 8.14 -7.66
C LEU A 25 6.95 9.37 -7.90
N LEU A 26 6.77 10.38 -7.07
CA LEU A 26 7.56 11.61 -7.17
C LEU A 26 8.84 11.47 -6.35
N LYS A 27 9.84 10.80 -6.92
CA LYS A 27 11.11 10.60 -6.25
C LYS A 27 11.94 11.88 -6.16
N GLN A 28 11.48 12.97 -6.78
CA GLN A 28 12.20 14.24 -6.75
C GLN A 28 11.74 15.10 -5.57
N GLU A 29 10.52 14.88 -5.10
CA GLU A 29 9.97 15.65 -3.99
C GLU A 29 10.31 15.01 -2.64
N GLY A 30 9.56 13.97 -2.28
CA GLY A 30 9.77 13.28 -1.01
C GLY A 30 9.66 14.20 0.17
N THR A 31 9.45 13.59 1.34
CA THR A 31 9.30 14.34 2.56
C THR A 31 10.02 13.65 3.71
N LYS A 32 10.52 14.44 4.64
CA LYS A 32 11.21 13.90 5.80
C LYS A 32 10.23 13.67 6.95
N THR A 33 9.16 12.95 6.65
CA THR A 33 8.13 12.66 7.65
C THR A 33 7.13 11.64 7.12
N ALA A 34 6.59 10.84 8.03
CA ALA A 34 5.63 9.81 7.67
C ALA A 34 4.21 10.38 7.51
N PRO A 35 3.47 9.99 6.45
CA PRO A 35 2.11 10.47 6.21
C PRO A 35 1.07 9.66 6.96
N SER A 36 0.63 10.18 8.10
CA SER A 36 -0.37 9.51 8.92
C SER A 36 -1.74 9.49 8.24
N ASP A 37 -1.87 10.22 7.12
CA ASP A 37 -3.13 10.26 6.39
C ASP A 37 -3.20 9.17 5.33
N ALA A 38 -2.04 8.66 4.92
CA ALA A 38 -2.01 7.62 3.89
C ALA A 38 -0.96 6.55 4.18
N PRO A 39 -1.00 5.41 3.46
CA PRO A 39 -0.05 4.31 3.66
C PRO A 39 1.34 4.63 3.10
N VAL A 40 2.33 3.87 3.54
CA VAL A 40 3.70 4.08 3.10
C VAL A 40 4.29 2.81 2.48
N LEU A 41 4.49 2.84 1.16
CA LEU A 41 5.06 1.72 0.44
C LEU A 41 6.55 1.59 0.73
N VAL A 42 6.89 0.73 1.68
CA VAL A 42 8.28 0.51 2.05
C VAL A 42 8.88 -0.65 1.27
N GLY A 43 10.11 -0.45 0.80
CA GLY A 43 10.80 -1.49 0.05
C GLY A 43 9.95 -2.10 -1.06
N TRP A 44 9.44 -1.25 -1.94
CA TRP A 44 8.60 -1.73 -3.04
C TRP A 44 9.39 -1.87 -4.34
N LYS A 45 8.94 -2.79 -5.18
CA LYS A 45 9.58 -3.03 -6.47
C LYS A 45 9.41 -1.84 -7.39
N ASP A 46 9.81 -1.99 -8.65
CA ASP A 46 9.71 -0.92 -9.65
C ASP A 46 8.37 -0.19 -9.57
N GLY A 47 8.37 1.07 -10.03
CA GLY A 47 7.16 1.85 -10.03
C GLY A 47 6.04 1.18 -10.80
N ASP A 48 6.41 0.32 -11.75
CA ASP A 48 5.42 -0.40 -12.56
C ASP A 48 4.53 -1.25 -11.65
N ALA A 49 5.14 -1.87 -10.64
CA ALA A 49 4.40 -2.69 -9.69
C ALA A 49 3.64 -1.80 -8.72
N ILE A 50 4.29 -0.71 -8.29
CA ILE A 50 3.65 0.23 -7.38
C ILE A 50 2.39 0.80 -8.00
N ALA A 51 2.46 1.11 -9.30
CA ALA A 51 1.33 1.65 -10.03
C ALA A 51 0.10 0.76 -9.88
N GLU A 52 0.33 -0.53 -9.73
CA GLU A 52 -0.75 -1.50 -9.57
C GLU A 52 -1.46 -1.27 -8.23
N MET A 53 -0.66 -1.25 -7.16
CA MET A 53 -1.20 -1.02 -5.83
C MET A 53 -1.90 0.32 -5.77
N THR A 54 -1.25 1.35 -6.33
CA THR A 54 -1.83 2.68 -6.36
C THR A 54 -3.18 2.67 -7.06
N GLY A 55 -3.27 1.87 -8.12
CA GLY A 55 -4.53 1.76 -8.85
C GLY A 55 -5.62 1.26 -7.93
N GLN A 56 -5.25 0.35 -7.04
CA GLN A 56 -6.19 -0.21 -6.08
C GLN A 56 -6.53 0.80 -4.98
N LEU A 57 -5.51 1.46 -4.43
CA LEU A 57 -5.72 2.45 -3.36
C LEU A 57 -6.49 3.65 -3.90
N ALA A 58 -6.34 3.95 -5.17
CA ALA A 58 -7.02 5.08 -5.78
C ALA A 58 -8.52 4.82 -5.89
N GLU A 59 -8.92 3.55 -5.82
CA GLU A 59 -10.33 3.18 -5.92
C GLU A 59 -10.86 2.67 -4.58
N LEU A 60 -9.99 2.10 -3.77
CA LEU A 60 -10.37 1.55 -2.47
C LEU A 60 -11.05 2.62 -1.60
N PRO A 61 -11.71 2.22 -0.49
CA PRO A 61 -12.38 3.17 0.40
C PRO A 61 -11.41 4.03 1.19
N ALA A 62 -11.62 5.34 1.11
CA ALA A 62 -10.77 6.31 1.81
C ALA A 62 -10.60 5.95 3.28
N ALA A 63 -11.58 5.24 3.84
CA ALA A 63 -11.53 4.82 5.24
C ALA A 63 -10.27 4.01 5.52
N VAL A 64 -10.03 3.00 4.70
CA VAL A 64 -8.86 2.16 4.87
C VAL A 64 -7.61 2.89 4.41
N LEU A 65 -7.77 3.75 3.40
CA LEU A 65 -6.66 4.54 2.89
C LEU A 65 -6.06 5.39 4.01
N GLY A 66 -6.92 5.83 4.92
CA GLY A 66 -6.48 6.61 6.05
C GLY A 66 -5.90 5.74 7.13
N ALA A 67 -6.52 4.57 7.35
CA ALA A 67 -6.06 3.63 8.35
C ALA A 67 -5.01 2.70 7.75
N MET A 68 -3.74 2.96 8.08
CA MET A 68 -2.63 2.15 7.58
C MET A 68 -1.31 2.72 8.08
N SER A 69 -0.25 1.91 8.07
CA SER A 69 1.05 2.34 8.54
C SER A 69 2.10 2.24 7.43
N GLU A 70 2.21 1.07 6.81
CA GLU A 70 3.18 0.85 5.75
C GLU A 70 2.84 -0.39 4.93
N ILE A 71 3.07 -0.31 3.63
CA ILE A 71 2.80 -1.43 2.72
C ILE A 71 4.12 -2.07 2.27
N HIS A 72 4.33 -3.31 2.69
CA HIS A 72 5.55 -4.03 2.34
C HIS A 72 5.28 -5.06 1.25
N TYR A 73 5.96 -4.90 0.12
CA TYR A 73 5.81 -5.83 -0.99
C TYR A 73 6.53 -7.14 -0.71
N LYS A 74 5.77 -8.17 -0.38
CA LYS A 74 6.34 -9.48 -0.07
C LYS A 74 5.74 -10.55 -0.99
N PRO A 75 6.26 -10.68 -2.23
CA PRO A 75 5.74 -11.67 -3.19
C PRO A 75 6.09 -13.10 -2.79
N THR A 76 5.15 -14.00 -3.00
CA THR A 76 5.34 -15.41 -2.66
C THR A 76 5.29 -16.28 -3.92
N ARG A 77 5.85 -17.48 -3.82
CA ARG A 77 5.85 -18.41 -4.95
C ARG A 77 4.46 -18.63 -5.51
N GLU A 78 3.44 -18.43 -4.67
CA GLU A 78 2.06 -18.61 -5.09
C GLU A 78 1.33 -17.28 -5.23
N TYR A 79 1.90 -16.21 -4.64
CA TYR A 79 1.28 -14.90 -4.72
C TYR A 79 2.30 -13.82 -5.06
N GLU A 80 2.68 -13.76 -6.33
CA GLU A 80 3.66 -12.78 -6.79
C GLU A 80 3.22 -11.34 -6.47
N ASP A 81 1.92 -11.15 -6.27
CA ASP A 81 1.38 -9.83 -5.95
C ASP A 81 0.91 -9.76 -4.50
N ARG A 82 1.66 -10.41 -3.61
CA ARG A 82 1.31 -10.41 -2.19
C ARG A 82 1.95 -9.24 -1.46
N VAL A 83 1.12 -8.34 -0.95
CA VAL A 83 1.61 -7.17 -0.22
C VAL A 83 1.22 -7.27 1.26
N ILE A 84 1.83 -6.43 2.09
CA ILE A 84 1.54 -6.42 3.52
C ILE A 84 1.31 -5.01 4.03
N VAL A 85 0.07 -4.68 4.34
CA VAL A 85 -0.27 -3.36 4.85
C VAL A 85 -0.36 -3.37 6.38
N TYR A 86 0.47 -2.55 7.02
CA TYR A 86 0.48 -2.46 8.47
C TYR A 86 -0.64 -1.55 8.97
N MET A 87 -1.11 -1.81 10.18
CA MET A 87 -2.18 -1.01 10.77
C MET A 87 -1.65 -0.14 11.89
N ASN A 88 -2.29 1.02 12.08
CA ASN A 88 -1.88 1.95 13.12
C ASN A 88 -1.94 1.30 14.50
N ASP A 89 -2.78 0.28 14.65
CA ASP A 89 -2.92 -0.42 15.93
C ASP A 89 -1.93 -1.57 16.05
N GLY A 90 -0.93 -1.63 15.16
CA GLY A 90 0.06 -2.68 15.22
C GLY A 90 -0.41 -3.97 14.57
N TYR A 91 -1.48 -3.91 13.78
CA TYR A 91 -2.01 -5.09 13.11
C TYR A 91 -1.30 -5.31 11.78
N GLU A 92 -1.25 -6.56 11.33
CA GLU A 92 -0.61 -6.91 10.07
C GLU A 92 -1.59 -7.63 9.14
N VAL A 93 -1.95 -6.95 8.06
CA VAL A 93 -2.88 -7.52 7.08
C VAL A 93 -2.19 -7.74 5.75
N SER A 94 -2.22 -8.98 5.26
CA SER A 94 -1.61 -9.32 3.99
C SER A 94 -2.66 -9.38 2.88
N ALA A 95 -2.54 -8.47 1.91
CA ALA A 95 -3.48 -8.42 0.80
C ALA A 95 -2.75 -8.53 -0.53
N THR A 96 -3.49 -8.84 -1.59
CA THR A 96 -2.89 -8.97 -2.91
C THR A 96 -3.14 -7.72 -3.74
N ILE A 97 -2.26 -7.46 -4.71
CA ILE A 97 -2.40 -6.29 -5.57
C ILE A 97 -3.66 -6.40 -6.43
N ARG A 98 -3.95 -7.62 -6.88
CA ARG A 98 -5.12 -7.85 -7.72
C ARG A 98 -6.41 -7.56 -6.97
N GLN A 99 -6.43 -7.88 -5.68
CA GLN A 99 -7.61 -7.64 -4.86
C GLN A 99 -7.25 -6.88 -3.59
N PHE A 100 -6.41 -5.85 -3.74
CA PHE A 100 -5.98 -5.04 -2.61
C PHE A 100 -7.14 -4.23 -2.06
N ALA A 101 -7.78 -3.46 -2.95
CA ALA A 101 -8.92 -2.62 -2.55
C ALA A 101 -10.03 -3.47 -1.95
N ASP A 102 -10.25 -4.64 -2.54
CA ASP A 102 -11.29 -5.54 -2.06
C ASP A 102 -10.93 -6.08 -0.67
N LYS A 103 -9.69 -6.58 -0.55
CA LYS A 103 -9.20 -7.12 0.71
C LYS A 103 -9.34 -6.10 1.83
N LEU A 104 -8.96 -4.86 1.55
CA LEU A 104 -9.05 -3.80 2.54
C LEU A 104 -10.47 -3.26 2.62
N SER A 105 -11.21 -3.36 1.52
CA SER A 105 -12.60 -2.91 1.48
C SER A 105 -13.44 -3.66 2.50
N HIS A 106 -13.06 -4.91 2.76
CA HIS A 106 -13.78 -5.73 3.72
C HIS A 106 -13.60 -5.21 5.14
N TYR A 107 -12.58 -4.38 5.37
CA TYR A 107 -12.35 -3.81 6.69
C TYR A 107 -13.51 -2.91 7.10
N PRO A 108 -13.99 -2.98 8.37
CA PRO A 108 -13.47 -3.88 9.42
C PRO A 108 -13.83 -5.34 9.16
N ALA A 109 -13.00 -6.24 9.71
CA ALA A 109 -13.18 -7.69 9.55
C ALA A 109 -12.57 -8.16 8.23
N ILE A 110 -11.25 -8.26 8.21
CA ILE A 110 -10.53 -8.68 7.02
C ILE A 110 -9.62 -9.87 7.32
N ALA A 111 -8.90 -10.33 6.30
CA ALA A 111 -8.00 -11.47 6.45
C ALA A 111 -8.77 -12.76 6.68
N ALA A 112 -8.32 -13.83 6.04
CA ALA A 112 -8.97 -15.13 6.18
C ALA A 112 -8.05 -16.15 6.84
N ALA A 113 -8.40 -17.43 6.73
CA ALA A 113 -7.59 -18.50 7.32
C ALA A 113 -6.71 -19.16 6.25
N LEU A 114 -6.30 -18.38 5.26
CA LEU A 114 -5.46 -18.90 4.19
C LEU A 114 -3.97 -18.72 4.52
N ASP A 115 -3.66 -18.46 5.79
CA ASP A 115 -2.28 -18.28 6.21
C ASP A 115 -1.82 -19.45 7.10
N ARG A 116 -1.93 -20.66 6.55
CA ARG A 116 -1.53 -21.86 7.29
C ARG A 116 -1.01 -22.93 6.34
N ASN A 117 -1.83 -23.29 5.36
CA ASN A 117 -1.46 -24.30 4.37
C ASN A 117 -0.22 -23.88 3.60
N VAL A 118 0.95 -24.29 4.09
CA VAL A 118 2.22 -23.94 3.44
C VAL A 118 2.83 -25.17 2.75
N LYS A 119 3.35 -24.96 1.55
CA LYS A 119 3.97 -26.04 0.79
C LYS A 119 2.98 -27.16 0.53
N GLY A 1 -5.59 21.79 -8.54
CA GLY A 1 -6.17 20.76 -9.44
C GLY A 1 -5.17 20.29 -10.49
N SER A 2 -5.67 19.65 -11.54
CA SER A 2 -4.82 19.14 -12.62
C SER A 2 -3.96 17.98 -12.14
N GLU A 3 -3.02 18.28 -11.26
CA GLU A 3 -2.12 17.26 -10.72
C GLU A 3 -2.90 16.23 -9.91
N TRP A 4 -2.40 14.99 -9.92
CA TRP A 4 -3.04 13.90 -9.19
C TRP A 4 -2.91 14.11 -7.69
N ARG A 5 -3.66 13.30 -6.93
CA ARG A 5 -3.61 13.39 -5.47
C ARG A 5 -2.77 12.25 -4.90
N ARG A 6 -1.92 12.59 -3.93
CA ARG A 6 -1.05 11.61 -3.31
C ARG A 6 -1.86 10.68 -2.42
N ILE A 7 -2.07 9.44 -2.89
CA ILE A 7 -2.82 8.46 -2.11
C ILE A 7 -1.88 7.57 -1.29
N ALA A 8 -0.57 7.70 -1.51
CA ALA A 8 0.40 6.91 -0.78
C ALA A 8 1.77 7.58 -0.81
N TYR A 9 2.73 6.98 -0.12
CA TYR A 9 4.09 7.53 -0.08
C TYR A 9 5.11 6.39 -0.05
N VAL A 10 6.05 6.41 -0.98
CA VAL A 10 7.06 5.35 -1.03
C VAL A 10 8.31 5.73 -0.25
N TYR A 11 8.67 4.90 0.72
CA TYR A 11 9.85 5.14 1.54
C TYR A 11 11.10 4.62 0.85
N ASP A 12 11.78 5.51 0.13
CA ASP A 12 13.00 5.15 -0.58
C ASP A 12 13.98 6.31 -0.57
N ARG A 13 15.26 5.98 -0.71
CA ARG A 13 16.32 6.99 -0.71
C ARG A 13 16.31 7.77 0.61
N GLN A 14 15.92 7.09 1.68
CA GLN A 14 15.88 7.71 3.00
C GLN A 14 14.87 8.86 3.03
N THR A 15 13.78 8.70 2.27
CA THR A 15 12.74 9.73 2.21
C THR A 15 11.40 9.13 1.80
N PHE A 16 10.33 9.84 2.11
CA PHE A 16 8.99 9.37 1.76
C PHE A 16 8.48 10.07 0.50
N PHE A 17 8.74 9.44 -0.64
CA PHE A 17 8.33 9.97 -1.93
C PHE A 17 6.82 9.89 -2.13
N PRO A 18 6.11 11.05 -2.21
CA PRO A 18 4.66 11.08 -2.41
C PRO A 18 4.22 10.36 -3.68
N LEU A 19 3.35 9.38 -3.52
CA LEU A 19 2.82 8.62 -4.65
C LEU A 19 1.42 9.09 -5.01
N LEU A 20 1.25 9.50 -6.25
CA LEU A 20 -0.04 9.98 -6.75
C LEU A 20 -1.05 8.86 -6.85
N GLU A 21 -2.30 9.22 -7.15
CA GLU A 21 -3.37 8.24 -7.30
C GLU A 21 -3.10 7.30 -8.47
N ASN A 22 -2.38 7.80 -9.47
CA ASN A 22 -2.04 7.01 -10.65
C ASN A 22 -0.72 6.27 -10.45
N GLY A 23 -0.22 6.22 -9.22
CA GLY A 23 1.02 5.55 -8.95
C GLY A 23 2.23 6.31 -9.45
N ARG A 24 2.07 7.61 -9.64
CA ARG A 24 3.16 8.46 -10.09
C ARG A 24 4.03 8.81 -8.91
N LEU A 25 5.07 8.01 -8.69
CA LEU A 25 5.98 8.22 -7.58
C LEU A 25 6.77 9.52 -7.75
N LEU A 26 6.51 10.48 -6.87
CA LEU A 26 7.20 11.76 -6.91
C LEU A 26 8.55 11.68 -6.21
N LYS A 27 9.47 10.92 -6.79
CA LYS A 27 10.80 10.75 -6.23
C LYS A 27 11.51 12.10 -6.05
N GLN A 28 11.06 13.11 -6.80
CA GLN A 28 11.65 14.43 -6.73
C GLN A 28 10.86 15.34 -5.77
N GLU A 29 10.09 14.74 -4.87
CA GLU A 29 9.30 15.50 -3.91
C GLU A 29 9.18 14.76 -2.58
N GLY A 30 10.17 13.95 -2.26
CA GLY A 30 10.15 13.19 -1.03
C GLY A 30 10.10 14.08 0.20
N THR A 31 9.73 13.47 1.32
CA THR A 31 9.65 14.19 2.58
C THR A 31 10.32 13.41 3.69
N LYS A 32 10.84 14.13 4.68
CA LYS A 32 11.51 13.48 5.81
C LYS A 32 10.51 13.20 6.93
N THR A 33 9.40 12.56 6.58
CA THR A 33 8.36 12.24 7.55
C THR A 33 7.32 11.32 6.92
N ALA A 34 6.70 10.49 7.75
CA ALA A 34 5.68 9.57 7.28
C ALA A 34 4.28 10.15 7.46
N PRO A 35 3.47 10.22 6.39
CA PRO A 35 2.11 10.76 6.46
C PRO A 35 1.09 9.73 6.94
N SER A 36 0.57 9.97 8.14
CA SER A 36 -0.43 9.08 8.75
C SER A 36 -1.77 9.15 8.02
N ASP A 37 -1.91 10.08 7.09
CA ASP A 37 -3.14 10.22 6.33
C ASP A 37 -3.23 9.14 5.26
N ALA A 38 -2.07 8.61 4.87
CA ALA A 38 -2.03 7.59 3.83
C ALA A 38 -0.98 6.52 4.14
N PRO A 39 -1.00 5.38 3.42
CA PRO A 39 -0.05 4.29 3.63
C PRO A 39 1.32 4.62 3.06
N VAL A 40 2.35 3.94 3.58
CA VAL A 40 3.72 4.17 3.13
C VAL A 40 4.32 2.89 2.52
N LEU A 41 4.52 2.93 1.22
CA LEU A 41 5.10 1.81 0.49
C LEU A 41 6.60 1.68 0.81
N VAL A 42 6.93 0.82 1.76
CA VAL A 42 8.32 0.62 2.14
C VAL A 42 8.93 -0.55 1.37
N GLY A 43 10.14 -0.35 0.86
CA GLY A 43 10.83 -1.39 0.13
C GLY A 43 9.98 -2.01 -0.96
N TRP A 44 9.50 -1.20 -1.89
CA TRP A 44 8.65 -1.69 -2.98
C TRP A 44 9.44 -1.86 -4.27
N LYS A 45 8.99 -2.80 -5.09
CA LYS A 45 9.62 -3.08 -6.37
C LYS A 45 9.50 -1.87 -7.31
N ASP A 46 9.90 -2.06 -8.56
CA ASP A 46 9.84 -0.99 -9.56
C ASP A 46 8.51 -0.22 -9.53
N GLY A 47 8.55 1.03 -9.98
CA GLY A 47 7.35 1.84 -10.00
C GLY A 47 6.22 1.18 -10.80
N ASP A 48 6.58 0.32 -11.74
CA ASP A 48 5.61 -0.38 -12.56
C ASP A 48 4.69 -1.22 -11.67
N ALA A 49 5.29 -1.83 -10.65
CA ALA A 49 4.53 -2.65 -9.71
C ALA A 49 3.76 -1.77 -8.75
N ILE A 50 4.39 -0.69 -8.30
CA ILE A 50 3.74 0.25 -7.38
C ILE A 50 2.48 0.81 -8.02
N ALA A 51 2.56 1.12 -9.31
CA ALA A 51 1.42 1.66 -10.04
C ALA A 51 0.19 0.75 -9.91
N GLU A 52 0.44 -0.54 -9.76
CA GLU A 52 -0.63 -1.51 -9.61
C GLU A 52 -1.33 -1.31 -8.27
N MET A 53 -0.56 -1.30 -7.19
CA MET A 53 -1.10 -1.09 -5.87
C MET A 53 -1.82 0.25 -5.79
N THR A 54 -1.18 1.28 -6.36
CA THR A 54 -1.77 2.61 -6.37
C THR A 54 -3.12 2.59 -7.09
N GLY A 55 -3.20 1.79 -8.14
CA GLY A 55 -4.45 1.66 -8.87
C GLY A 55 -5.55 1.16 -7.97
N GLN A 56 -5.18 0.25 -7.07
CA GLN A 56 -6.12 -0.33 -6.12
C GLN A 56 -6.48 0.69 -5.03
N LEU A 57 -5.47 1.35 -4.47
CA LEU A 57 -5.71 2.34 -3.41
C LEU A 57 -6.48 3.55 -3.94
N ALA A 58 -6.32 3.83 -5.22
CA ALA A 58 -7.01 4.97 -5.85
C ALA A 58 -8.51 4.71 -5.94
N GLU A 59 -8.91 3.44 -5.90
CA GLU A 59 -10.31 3.07 -5.97
C GLU A 59 -10.84 2.53 -4.65
N LEU A 60 -9.94 1.98 -3.83
CA LEU A 60 -10.32 1.43 -2.53
C LEU A 60 -11.01 2.49 -1.66
N PRO A 61 -11.65 2.08 -0.55
CA PRO A 61 -12.34 3.01 0.35
C PRO A 61 -11.37 3.91 1.12
N ALA A 62 -11.60 5.21 1.03
CA ALA A 62 -10.76 6.19 1.71
C ALA A 62 -10.59 5.86 3.20
N ALA A 63 -11.55 5.14 3.76
CA ALA A 63 -11.49 4.76 5.16
C ALA A 63 -10.23 3.94 5.45
N VAL A 64 -9.99 2.93 4.63
CA VAL A 64 -8.81 2.09 4.81
C VAL A 64 -7.55 2.84 4.37
N LEU A 65 -7.68 3.65 3.32
CA LEU A 65 -6.55 4.43 2.82
C LEU A 65 -5.99 5.31 3.94
N GLY A 66 -6.88 5.77 4.81
CA GLY A 66 -6.47 6.59 5.93
C GLY A 66 -5.89 5.74 7.05
N ALA A 67 -6.51 4.59 7.28
CA ALA A 67 -6.04 3.67 8.31
C ALA A 67 -4.98 2.72 7.75
N MET A 68 -3.72 2.99 8.06
CA MET A 68 -2.61 2.17 7.60
C MET A 68 -1.28 2.74 8.10
N SER A 69 -0.22 1.94 8.05
CA SER A 69 1.09 2.37 8.51
C SER A 69 2.11 2.30 7.39
N GLU A 70 2.28 1.11 6.81
CA GLU A 70 3.24 0.92 5.72
C GLU A 70 2.91 -0.33 4.91
N ILE A 71 3.11 -0.24 3.60
CA ILE A 71 2.85 -1.37 2.72
C ILE A 71 4.16 -2.00 2.27
N HIS A 72 4.38 -3.25 2.67
CA HIS A 72 5.60 -3.95 2.32
C HIS A 72 5.34 -4.98 1.23
N TYR A 73 6.04 -4.83 0.10
CA TYR A 73 5.89 -5.74 -1.02
C TYR A 73 6.59 -7.06 -0.72
N LYS A 74 5.81 -8.09 -0.40
CA LYS A 74 6.35 -9.41 -0.10
C LYS A 74 5.74 -10.46 -1.01
N PRO A 75 6.34 -10.72 -2.18
CA PRO A 75 5.82 -11.71 -3.13
C PRO A 75 5.96 -13.14 -2.61
N THR A 76 4.96 -13.96 -2.88
CA THR A 76 4.97 -15.35 -2.44
C THR A 76 4.90 -16.29 -3.64
N ARG A 77 5.32 -17.53 -3.43
CA ARG A 77 5.32 -18.54 -4.49
C ARG A 77 3.92 -18.69 -5.11
N GLU A 78 2.89 -18.34 -4.33
CA GLU A 78 1.52 -18.45 -4.81
C GLU A 78 0.94 -17.08 -5.18
N TYR A 79 1.57 -16.01 -4.70
CA TYR A 79 1.08 -14.66 -5.00
C TYR A 79 2.23 -13.69 -5.22
N GLU A 80 2.72 -13.65 -6.47
CA GLU A 80 3.81 -12.75 -6.83
C GLU A 80 3.49 -11.30 -6.49
N ASP A 81 2.20 -10.98 -6.42
CA ASP A 81 1.75 -9.63 -6.10
C ASP A 81 1.20 -9.58 -4.68
N ARG A 82 1.86 -10.27 -3.76
CA ARG A 82 1.44 -10.32 -2.37
C ARG A 82 2.08 -9.18 -1.57
N VAL A 83 1.24 -8.27 -1.07
CA VAL A 83 1.72 -7.14 -0.28
C VAL A 83 1.34 -7.29 1.18
N ILE A 84 1.93 -6.45 2.04
CA ILE A 84 1.63 -6.50 3.47
C ILE A 84 1.43 -5.09 4.03
N VAL A 85 0.19 -4.76 4.35
CA VAL A 85 -0.14 -3.46 4.91
C VAL A 85 -0.23 -3.51 6.43
N TYR A 86 0.30 -2.48 7.08
CA TYR A 86 0.27 -2.40 8.54
C TYR A 86 -0.83 -1.47 9.02
N MET A 87 -1.33 -1.72 10.22
CA MET A 87 -2.39 -0.89 10.79
C MET A 87 -1.84 0.03 11.87
N ASN A 88 -2.58 1.08 12.17
CA ASN A 88 -2.16 2.05 13.19
C ASN A 88 -2.02 1.37 14.55
N ASP A 89 -2.77 0.30 14.77
CA ASP A 89 -2.72 -0.43 16.03
C ASP A 89 -1.61 -1.48 16.05
N GLY A 90 -0.73 -1.46 15.03
CA GLY A 90 0.36 -2.43 14.99
C GLY A 90 -0.05 -3.75 14.36
N TYR A 91 -1.20 -3.78 13.68
CA TYR A 91 -1.67 -5.00 13.04
C TYR A 91 -0.99 -5.21 11.70
N GLU A 92 -0.98 -6.46 11.23
CA GLU A 92 -0.35 -6.78 9.95
C GLU A 92 -1.32 -7.56 9.06
N VAL A 93 -1.76 -6.92 7.98
CA VAL A 93 -2.68 -7.55 7.05
C VAL A 93 -2.00 -7.83 5.71
N SER A 94 -2.21 -9.03 5.20
CA SER A 94 -1.60 -9.43 3.93
C SER A 94 -2.64 -9.42 2.82
N ALA A 95 -2.44 -8.57 1.82
CA ALA A 95 -3.36 -8.48 0.69
C ALA A 95 -2.60 -8.55 -0.63
N THR A 96 -3.29 -8.95 -1.69
CA THR A 96 -2.67 -9.05 -3.00
C THR A 96 -2.98 -7.83 -3.86
N ILE A 97 -2.06 -7.47 -4.73
CA ILE A 97 -2.23 -6.32 -5.61
C ILE A 97 -3.48 -6.47 -6.48
N ARG A 98 -3.72 -7.70 -6.94
CA ARG A 98 -4.88 -7.98 -7.79
C ARG A 98 -6.18 -7.69 -7.06
N GLN A 99 -6.20 -7.91 -5.75
CA GLN A 99 -7.38 -7.68 -4.94
C GLN A 99 -7.04 -6.92 -3.66
N PHE A 100 -6.24 -5.87 -3.79
CA PHE A 100 -5.85 -5.07 -2.64
C PHE A 100 -7.02 -4.27 -2.10
N ALA A 101 -7.69 -3.54 -2.99
CA ALA A 101 -8.84 -2.73 -2.60
C ALA A 101 -9.94 -3.60 -2.00
N ASP A 102 -10.15 -4.77 -2.57
CA ASP A 102 -11.16 -5.69 -2.07
C ASP A 102 -10.79 -6.20 -0.69
N LYS A 103 -9.56 -6.70 -0.57
CA LYS A 103 -9.06 -7.21 0.70
C LYS A 103 -9.22 -6.20 1.83
N LEU A 104 -8.86 -4.95 1.53
CA LEU A 104 -8.96 -3.88 2.52
C LEU A 104 -10.40 -3.35 2.58
N SER A 105 -11.14 -3.48 1.48
CA SER A 105 -12.51 -3.02 1.43
C SER A 105 -13.36 -3.76 2.46
N HIS A 106 -12.98 -5.01 2.74
CA HIS A 106 -13.70 -5.82 3.70
C HIS A 106 -13.52 -5.29 5.12
N TYR A 107 -12.50 -4.46 5.33
CA TYR A 107 -12.25 -3.87 6.65
C TYR A 107 -13.37 -2.90 7.02
N PRO A 108 -13.87 -2.92 8.28
CA PRO A 108 -13.40 -3.82 9.36
C PRO A 108 -13.81 -5.27 9.13
N ALA A 109 -13.03 -6.19 9.73
CA ALA A 109 -13.27 -7.63 9.61
C ALA A 109 -12.64 -8.19 8.34
N ILE A 110 -11.31 -8.31 8.37
CA ILE A 110 -10.56 -8.82 7.23
C ILE A 110 -9.68 -10.00 7.64
N ALA A 111 -8.94 -10.54 6.69
CA ALA A 111 -8.05 -11.68 6.94
C ALA A 111 -8.86 -12.91 7.34
N ALA A 112 -8.20 -14.08 7.30
CA ALA A 112 -8.86 -15.33 7.65
C ALA A 112 -7.90 -16.27 8.37
N ALA A 113 -8.27 -17.55 8.45
CA ALA A 113 -7.44 -18.54 9.12
C ALA A 113 -6.80 -19.47 8.11
N LEU A 114 -6.47 -18.92 6.94
CA LEU A 114 -5.83 -19.70 5.88
C LEU A 114 -4.30 -19.75 6.04
N ASP A 115 -3.80 -19.25 7.17
CA ASP A 115 -2.36 -19.26 7.43
C ASP A 115 -1.97 -20.39 8.36
N ARG A 116 -2.59 -21.55 8.16
CA ARG A 116 -2.30 -22.72 9.00
C ARG A 116 -1.24 -23.60 8.35
N ASN A 117 -1.26 -23.66 7.01
CA ASN A 117 -0.29 -24.48 6.28
C ASN A 117 1.14 -24.00 6.54
N VAL A 118 1.29 -22.68 6.65
CA VAL A 118 2.61 -22.11 6.91
C VAL A 118 3.57 -22.36 5.74
N LYS A 119 4.52 -21.47 5.55
CA LYS A 119 5.49 -21.61 4.48
C LYS A 119 6.67 -22.49 4.91
N GLY A 1 -5.89 19.90 -8.85
CA GLY A 1 -6.33 20.36 -10.19
C GLY A 1 -5.80 19.49 -11.31
N SER A 2 -4.84 20.03 -12.07
CA SER A 2 -4.24 19.29 -13.17
C SER A 2 -3.38 18.15 -12.66
N GLU A 3 -2.77 18.35 -11.50
CA GLU A 3 -1.91 17.33 -10.90
C GLU A 3 -2.73 16.30 -10.13
N TRP A 4 -2.15 15.13 -9.94
CA TRP A 4 -2.82 14.05 -9.22
C TRP A 4 -2.73 14.24 -7.72
N ARG A 5 -3.50 13.46 -6.98
CA ARG A 5 -3.51 13.53 -5.53
C ARG A 5 -2.67 12.39 -4.93
N ARG A 6 -1.81 12.73 -3.98
CA ARG A 6 -0.96 11.75 -3.33
C ARG A 6 -1.79 10.83 -2.44
N ILE A 7 -2.01 9.60 -2.89
CA ILE A 7 -2.77 8.64 -2.10
C ILE A 7 -1.85 7.76 -1.25
N ALA A 8 -0.54 7.88 -1.45
CA ALA A 8 0.42 7.09 -0.69
C ALA A 8 1.81 7.71 -0.74
N TYR A 9 2.75 7.12 -0.03
CA TYR A 9 4.12 7.63 -0.01
C TYR A 9 5.10 6.47 0.02
N VAL A 10 6.06 6.47 -0.91
CA VAL A 10 7.04 5.39 -0.97
C VAL A 10 8.29 5.74 -0.17
N TYR A 11 8.61 4.89 0.79
CA TYR A 11 9.79 5.10 1.63
C TYR A 11 11.04 4.63 0.91
N ASP A 12 11.72 5.55 0.25
CA ASP A 12 12.93 5.24 -0.48
C ASP A 12 13.90 6.42 -0.43
N ARG A 13 15.18 6.14 -0.63
CA ARG A 13 16.20 7.19 -0.59
C ARG A 13 16.20 7.92 0.75
N GLN A 14 15.83 7.20 1.80
CA GLN A 14 15.78 7.77 3.15
C GLN A 14 14.76 8.91 3.23
N THR A 15 13.67 8.77 2.48
CA THR A 15 12.63 9.80 2.47
C THR A 15 11.29 9.23 2.02
N PHE A 16 10.22 9.95 2.32
CA PHE A 16 8.87 9.51 1.94
C PHE A 16 8.40 10.21 0.67
N PHE A 17 8.69 9.57 -0.46
CA PHE A 17 8.31 10.10 -1.77
C PHE A 17 6.79 10.05 -1.98
N PRO A 18 6.13 11.21 -2.20
CA PRO A 18 4.67 11.26 -2.40
C PRO A 18 4.23 10.52 -3.66
N LEU A 19 3.43 9.48 -3.47
CA LEU A 19 2.91 8.71 -4.59
C LEU A 19 1.51 9.19 -4.96
N LEU A 20 1.36 9.57 -6.23
CA LEU A 20 0.08 10.07 -6.73
C LEU A 20 -0.95 8.96 -6.85
N GLU A 21 -2.19 9.35 -7.13
CA GLU A 21 -3.28 8.38 -7.26
C GLU A 21 -3.03 7.44 -8.43
N ASN A 22 -2.31 7.93 -9.43
CA ASN A 22 -1.98 7.12 -10.60
C ASN A 22 -0.68 6.35 -10.40
N GLY A 23 -0.16 6.37 -9.16
CA GLY A 23 1.08 5.66 -8.87
C GLY A 23 2.30 6.41 -9.36
N ARG A 24 2.15 7.69 -9.63
CA ARG A 24 3.27 8.50 -10.08
C ARG A 24 4.14 8.84 -8.88
N LEU A 25 5.17 8.03 -8.66
CA LEU A 25 6.07 8.22 -7.53
C LEU A 25 6.90 9.48 -7.70
N LEU A 26 6.62 10.49 -6.87
CA LEU A 26 7.35 11.75 -6.92
C LEU A 26 8.65 11.64 -6.15
N LYS A 27 9.62 10.93 -6.74
CA LYS A 27 10.92 10.75 -6.11
C LYS A 27 11.62 12.08 -5.87
N GLN A 28 11.19 13.13 -6.56
CA GLN A 28 11.78 14.45 -6.41
C GLN A 28 10.91 15.35 -5.52
N GLU A 29 10.13 14.73 -4.64
CA GLU A 29 9.26 15.48 -3.74
C GLU A 29 9.12 14.79 -2.38
N GLY A 30 10.14 14.00 -2.02
CA GLY A 30 10.10 13.28 -0.76
C GLY A 30 9.97 14.21 0.43
N THR A 31 9.61 13.63 1.57
CA THR A 31 9.45 14.40 2.79
C THR A 31 10.10 13.68 3.96
N LYS A 32 10.59 14.45 4.92
CA LYS A 32 11.24 13.88 6.10
C LYS A 32 10.22 13.65 7.21
N THR A 33 9.15 12.94 6.87
CA THR A 33 8.09 12.65 7.83
C THR A 33 7.11 11.62 7.26
N ALA A 34 6.46 10.88 8.14
CA ALA A 34 5.51 9.86 7.74
C ALA A 34 4.09 10.43 7.58
N PRO A 35 3.40 10.09 6.47
CA PRO A 35 2.03 10.56 6.21
C PRO A 35 0.98 9.74 6.96
N SER A 36 0.53 10.26 8.09
CA SER A 36 -0.48 9.57 8.89
C SER A 36 -1.84 9.52 8.18
N ASP A 37 -1.96 10.25 7.06
CA ASP A 37 -3.21 10.27 6.31
C ASP A 37 -3.25 9.17 5.26
N ALA A 38 -2.07 8.69 4.85
CA ALA A 38 -2.01 7.65 3.83
C ALA A 38 -0.97 6.58 4.17
N PRO A 39 -0.97 5.44 3.43
CA PRO A 39 -0.02 4.36 3.66
C PRO A 39 1.37 4.69 3.14
N VAL A 40 2.37 3.92 3.55
CA VAL A 40 3.74 4.15 3.11
C VAL A 40 4.35 2.90 2.47
N LEU A 41 4.52 2.95 1.16
CA LEU A 41 5.10 1.85 0.42
C LEU A 41 6.60 1.75 0.68
N VAL A 42 6.97 0.87 1.62
CA VAL A 42 8.37 0.67 1.96
C VAL A 42 8.97 -0.49 1.17
N GLY A 43 10.20 -0.29 0.69
CA GLY A 43 10.88 -1.33 -0.07
C GLY A 43 10.03 -1.95 -1.16
N TRP A 44 9.51 -1.11 -2.05
CA TRP A 44 8.66 -1.59 -3.14
C TRP A 44 9.45 -1.73 -4.44
N LYS A 45 9.00 -2.66 -5.27
CA LYS A 45 9.63 -2.91 -6.57
C LYS A 45 9.44 -1.71 -7.48
N ASP A 46 9.84 -1.87 -8.74
CA ASP A 46 9.73 -0.80 -9.75
C ASP A 46 8.39 -0.07 -9.67
N GLY A 47 8.39 1.19 -10.12
CA GLY A 47 7.18 1.99 -10.10
C GLY A 47 6.05 1.32 -10.88
N ASP A 48 6.40 0.46 -11.83
CA ASP A 48 5.41 -0.25 -12.63
C ASP A 48 4.54 -1.11 -11.73
N ALA A 49 5.16 -1.72 -10.72
CA ALA A 49 4.44 -2.56 -9.78
C ALA A 49 3.68 -1.70 -8.79
N ILE A 50 4.32 -0.61 -8.35
CA ILE A 50 3.70 0.32 -7.42
C ILE A 50 2.41 0.89 -8.01
N ALA A 51 2.47 1.23 -9.29
CA ALA A 51 1.32 1.79 -9.99
C ALA A 51 0.10 0.88 -9.87
N GLU A 52 0.34 -0.42 -9.77
CA GLU A 52 -0.73 -1.39 -9.64
C GLU A 52 -1.45 -1.20 -8.30
N MET A 53 -0.66 -1.21 -7.23
CA MET A 53 -1.22 -1.01 -5.90
C MET A 53 -1.89 0.35 -5.81
N THR A 54 -1.21 1.37 -6.35
CA THR A 54 -1.76 2.72 -6.33
C THR A 54 -3.11 2.76 -7.03
N GLY A 55 -3.23 1.98 -8.12
CA GLY A 55 -4.48 1.92 -8.84
C GLY A 55 -5.59 1.41 -7.94
N GLN A 56 -5.23 0.44 -7.09
CA GLN A 56 -6.19 -0.14 -6.15
C GLN A 56 -6.51 0.86 -5.04
N LEU A 57 -5.49 1.53 -4.50
CA LEU A 57 -5.69 2.52 -3.44
C LEU A 57 -6.47 3.74 -3.94
N ALA A 58 -6.33 4.03 -5.23
CA ALA A 58 -7.02 5.17 -5.82
C ALA A 58 -8.53 4.91 -5.92
N GLU A 59 -8.94 3.65 -5.80
CA GLU A 59 -10.35 3.29 -5.88
C GLU A 59 -10.86 2.73 -4.55
N LEU A 60 -9.99 2.12 -3.77
CA LEU A 60 -10.37 1.54 -2.49
C LEU A 60 -11.00 2.60 -1.57
N PRO A 61 -11.64 2.19 -0.46
CA PRO A 61 -12.27 3.12 0.48
C PRO A 61 -11.26 3.95 1.27
N ALA A 62 -11.43 5.26 1.22
CA ALA A 62 -10.55 6.20 1.94
C ALA A 62 -10.39 5.81 3.40
N ALA A 63 -11.39 5.11 3.94
CA ALA A 63 -11.36 4.68 5.33
C ALA A 63 -10.10 3.86 5.62
N VAL A 64 -9.84 2.86 4.77
CA VAL A 64 -8.66 2.03 4.94
C VAL A 64 -7.41 2.77 4.49
N LEU A 65 -7.55 3.61 3.46
CA LEU A 65 -6.43 4.39 2.96
C LEU A 65 -5.81 5.22 4.09
N GLY A 66 -6.67 5.68 4.99
CA GLY A 66 -6.21 6.45 6.13
C GLY A 66 -5.66 5.55 7.22
N ALA A 67 -6.36 4.43 7.45
CA ALA A 67 -5.93 3.47 8.47
C ALA A 67 -4.87 2.55 7.89
N MET A 68 -3.61 2.79 8.27
CA MET A 68 -2.49 1.98 7.79
C MET A 68 -1.18 2.55 8.34
N SER A 69 -0.09 1.81 8.13
CA SER A 69 1.22 2.23 8.61
C SER A 69 2.24 2.22 7.48
N GLU A 70 2.38 1.06 6.83
CA GLU A 70 3.32 0.91 5.72
C GLU A 70 3.00 -0.33 4.90
N ILE A 71 3.17 -0.21 3.59
CA ILE A 71 2.92 -1.31 2.67
C ILE A 71 4.24 -1.90 2.18
N HIS A 72 4.50 -3.14 2.56
CA HIS A 72 5.74 -3.81 2.18
C HIS A 72 5.49 -4.86 1.09
N TYR A 73 6.05 -4.63 -0.09
CA TYR A 73 5.90 -5.57 -1.19
C TYR A 73 6.60 -6.88 -0.85
N LYS A 74 5.82 -7.89 -0.51
CA LYS A 74 6.36 -9.19 -0.14
C LYS A 74 5.73 -10.31 -0.98
N PRO A 75 6.29 -10.60 -2.17
CA PRO A 75 5.76 -11.65 -3.05
C PRO A 75 5.94 -13.04 -2.47
N THR A 76 5.16 -13.99 -2.95
CA THR A 76 5.24 -15.37 -2.48
C THR A 76 5.24 -16.35 -3.66
N ARG A 77 5.53 -17.61 -3.37
CA ARG A 77 5.56 -18.63 -4.41
C ARG A 77 4.20 -18.76 -5.09
N GLU A 78 3.14 -18.41 -4.38
CA GLU A 78 1.78 -18.51 -4.92
C GLU A 78 1.09 -17.14 -4.97
N TYR A 79 1.85 -16.06 -4.76
CA TYR A 79 1.27 -14.73 -4.81
C TYR A 79 2.34 -13.67 -5.08
N GLU A 80 2.79 -13.60 -6.34
CA GLU A 80 3.81 -12.63 -6.74
C GLU A 80 3.37 -11.21 -6.42
N ASP A 81 2.07 -10.98 -6.35
CA ASP A 81 1.52 -9.67 -6.05
C ASP A 81 1.05 -9.61 -4.60
N ARG A 82 1.80 -10.26 -3.71
CA ARG A 82 1.46 -10.29 -2.30
C ARG A 82 2.10 -9.12 -1.56
N VAL A 83 1.26 -8.21 -1.06
CA VAL A 83 1.74 -7.05 -0.32
C VAL A 83 1.38 -7.17 1.16
N ILE A 84 1.99 -6.33 1.99
CA ILE A 84 1.72 -6.35 3.42
C ILE A 84 1.45 -4.95 3.96
N VAL A 85 0.18 -4.66 4.26
CA VAL A 85 -0.20 -3.37 4.79
C VAL A 85 -0.28 -3.40 6.30
N TYR A 86 0.56 -2.59 6.96
CA TYR A 86 0.57 -2.53 8.42
C TYR A 86 -0.54 -1.63 8.93
N MET A 87 -1.01 -1.88 10.14
CA MET A 87 -2.08 -1.10 10.74
C MET A 87 -1.52 -0.17 11.82
N ASN A 88 -2.15 0.99 11.99
CA ASN A 88 -1.72 1.95 12.98
C ASN A 88 -1.76 1.34 14.39
N ASP A 89 -2.65 0.37 14.58
CA ASP A 89 -2.78 -0.30 15.87
C ASP A 89 -1.67 -1.32 16.09
N GLY A 90 -0.81 -1.53 15.08
CA GLY A 90 0.27 -2.49 15.23
C GLY A 90 -0.05 -3.85 14.62
N TYR A 91 -1.11 -3.91 13.81
CA TYR A 91 -1.52 -5.17 13.19
C TYR A 91 -0.79 -5.37 11.86
N GLU A 92 -0.93 -6.56 11.29
CA GLU A 92 -0.30 -6.90 10.02
C GLU A 92 -1.28 -7.61 9.09
N VAL A 93 -1.67 -6.93 8.03
CA VAL A 93 -2.61 -7.49 7.05
C VAL A 93 -1.93 -7.71 5.71
N SER A 94 -2.00 -8.94 5.22
CA SER A 94 -1.40 -9.30 3.94
C SER A 94 -2.45 -9.38 2.84
N ALA A 95 -2.35 -8.49 1.86
CA ALA A 95 -3.30 -8.46 0.76
C ALA A 95 -2.58 -8.60 -0.57
N THR A 96 -3.34 -8.77 -1.65
CA THR A 96 -2.78 -8.91 -2.98
C THR A 96 -3.03 -7.65 -3.80
N ILE A 97 -2.19 -7.39 -4.79
CA ILE A 97 -2.35 -6.22 -5.64
C ILE A 97 -3.60 -6.34 -6.50
N ARG A 98 -3.89 -7.56 -6.94
CA ARG A 98 -5.05 -7.81 -7.79
C ARG A 98 -6.34 -7.48 -7.05
N GLN A 99 -6.38 -7.77 -5.76
CA GLN A 99 -7.57 -7.50 -4.95
C GLN A 99 -7.20 -6.76 -3.66
N PHE A 100 -6.29 -5.80 -3.78
CA PHE A 100 -5.86 -5.01 -2.64
C PHE A 100 -7.01 -4.19 -2.08
N ALA A 101 -7.63 -3.40 -2.94
CA ALA A 101 -8.76 -2.56 -2.54
C ALA A 101 -9.89 -3.39 -1.97
N ASP A 102 -10.18 -4.52 -2.60
CA ASP A 102 -11.24 -5.40 -2.13
C ASP A 102 -10.88 -6.01 -0.78
N LYS A 103 -9.66 -6.53 -0.70
CA LYS A 103 -9.16 -7.15 0.53
C LYS A 103 -9.27 -6.20 1.71
N LEU A 104 -8.87 -4.95 1.49
CA LEU A 104 -8.93 -3.95 2.55
C LEU A 104 -10.31 -3.33 2.65
N SER A 105 -11.05 -3.34 1.54
CA SER A 105 -12.40 -2.79 1.51
C SER A 105 -13.28 -3.53 2.51
N HIS A 106 -13.01 -4.82 2.67
CA HIS A 106 -13.78 -5.65 3.59
C HIS A 106 -13.45 -5.29 5.05
N TYR A 107 -12.35 -4.58 5.27
CA TYR A 107 -11.94 -4.18 6.62
C TYR A 107 -13.04 -3.37 7.29
N PRO A 108 -13.36 -3.65 8.59
CA PRO A 108 -12.71 -4.69 9.40
C PRO A 108 -13.41 -6.03 9.30
N ALA A 109 -12.79 -6.98 8.61
CA ALA A 109 -13.35 -8.31 8.45
C ALA A 109 -12.43 -9.19 7.58
N ILE A 110 -11.14 -9.11 7.84
CA ILE A 110 -10.17 -9.90 7.10
C ILE A 110 -8.99 -10.31 7.98
N ALA A 111 -8.25 -11.34 7.56
CA ALA A 111 -7.10 -11.82 8.30
C ALA A 111 -6.50 -13.05 7.64
N ALA A 112 -6.43 -13.04 6.32
CA ALA A 112 -5.88 -14.15 5.56
C ALA A 112 -6.65 -15.44 5.82
N ALA A 113 -6.18 -16.53 5.24
CA ALA A 113 -6.83 -17.82 5.41
C ALA A 113 -5.81 -18.94 5.61
N LEU A 114 -4.68 -18.59 6.23
CA LEU A 114 -3.61 -19.55 6.48
C LEU A 114 -3.36 -19.70 7.99
N ASP A 115 -4.42 -19.55 8.77
CA ASP A 115 -4.32 -19.67 10.22
C ASP A 115 -5.05 -20.91 10.72
N ARG A 116 -4.86 -22.03 10.03
CA ARG A 116 -5.51 -23.28 10.40
C ARG A 116 -4.53 -24.44 10.32
N ASN A 117 -3.89 -24.59 9.17
CA ASN A 117 -2.92 -25.67 8.96
C ASN A 117 -1.52 -25.21 9.34
N VAL A 118 -1.21 -25.25 10.63
CA VAL A 118 0.10 -24.85 11.12
C VAL A 118 1.16 -25.92 10.82
N LYS A 119 2.39 -25.63 11.17
CA LYS A 119 3.49 -26.56 10.93
C LYS A 119 3.39 -27.76 11.88
N GLY A 1 -4.29 23.88 -12.40
CA GLY A 1 -3.87 22.90 -11.36
C GLY A 1 -4.35 21.49 -11.67
N SER A 2 -3.85 20.92 -12.76
CA SER A 2 -4.23 19.58 -13.16
C SER A 2 -3.19 18.55 -12.68
N GLU A 3 -3.29 18.18 -11.41
CA GLU A 3 -2.38 17.21 -10.82
C GLU A 3 -3.13 16.17 -10.01
N TRP A 4 -2.56 14.98 -9.93
CA TRP A 4 -3.17 13.88 -9.19
C TRP A 4 -3.05 14.09 -7.69
N ARG A 5 -3.77 13.28 -6.92
CA ARG A 5 -3.74 13.37 -5.47
C ARG A 5 -2.89 12.25 -4.88
N ARG A 6 -2.00 12.62 -3.96
CA ARG A 6 -1.12 11.65 -3.32
C ARG A 6 -1.91 10.72 -2.40
N ILE A 7 -2.08 9.48 -2.82
CA ILE A 7 -2.81 8.49 -2.03
C ILE A 7 -1.86 7.63 -1.21
N ALA A 8 -0.55 7.78 -1.44
CA ALA A 8 0.43 7.00 -0.70
C ALA A 8 1.81 7.65 -0.77
N TYR A 9 2.77 7.05 -0.08
CA TYR A 9 4.13 7.58 -0.06
C TYR A 9 5.14 6.43 -0.04
N VAL A 10 6.09 6.45 -0.96
CA VAL A 10 7.08 5.38 -1.01
C VAL A 10 8.33 5.76 -0.23
N TYR A 11 8.69 4.94 0.75
CA TYR A 11 9.85 5.17 1.57
C TYR A 11 11.11 4.68 0.87
N ASP A 12 11.77 5.59 0.17
CA ASP A 12 12.99 5.27 -0.56
C ASP A 12 13.96 6.46 -0.53
N ARG A 13 15.24 6.17 -0.69
CA ARG A 13 16.26 7.21 -0.67
C ARG A 13 16.25 7.96 0.65
N GLN A 14 15.84 7.27 1.72
CA GLN A 14 15.78 7.87 3.04
C GLN A 14 14.78 9.02 3.09
N THR A 15 13.69 8.88 2.34
CA THR A 15 12.66 9.92 2.28
C THR A 15 11.32 9.34 1.85
N PHE A 16 10.24 10.02 2.22
CA PHE A 16 8.89 9.57 1.87
C PHE A 16 8.42 10.25 0.59
N PHE A 17 8.67 9.60 -0.54
CA PHE A 17 8.29 10.12 -1.85
C PHE A 17 6.77 10.06 -2.04
N PRO A 18 6.09 11.21 -2.29
CA PRO A 18 4.64 11.24 -2.49
C PRO A 18 4.19 10.49 -3.73
N LEU A 19 3.33 9.49 -3.53
CA LEU A 19 2.81 8.71 -4.64
C LEU A 19 1.39 9.16 -4.99
N LEU A 20 1.21 9.55 -6.24
CA LEU A 20 -0.09 10.01 -6.73
C LEU A 20 -1.09 8.87 -6.82
N GLU A 21 -2.35 9.22 -7.09
CA GLU A 21 -3.41 8.24 -7.21
C GLU A 21 -3.15 7.30 -8.38
N ASN A 22 -2.44 7.79 -9.38
CA ASN A 22 -2.12 6.99 -10.55
C ASN A 22 -0.78 6.27 -10.37
N GLY A 23 -0.26 6.26 -9.14
CA GLY A 23 0.99 5.61 -8.87
C GLY A 23 2.20 6.37 -9.37
N ARG A 24 2.01 7.66 -9.62
CA ARG A 24 3.10 8.51 -10.07
C ARG A 24 3.99 8.87 -8.89
N LEU A 25 5.02 8.05 -8.68
CA LEU A 25 5.93 8.28 -7.57
C LEU A 25 6.73 9.56 -7.74
N LEU A 26 6.48 10.52 -6.86
CA LEU A 26 7.18 11.81 -6.92
C LEU A 26 8.52 11.72 -6.20
N LYS A 27 9.45 10.98 -6.81
CA LYS A 27 10.78 10.82 -6.23
C LYS A 27 11.48 12.16 -6.04
N GLN A 28 11.02 13.19 -6.75
CA GLN A 28 11.61 14.52 -6.63
C GLN A 28 10.76 15.42 -5.71
N GLU A 29 10.02 14.80 -4.80
CA GLU A 29 9.17 15.55 -3.86
C GLU A 29 9.08 14.85 -2.50
N GLY A 30 10.08 14.03 -2.18
CA GLY A 30 10.07 13.32 -0.92
C GLY A 30 10.03 14.25 0.27
N THR A 31 9.65 13.69 1.41
CA THR A 31 9.56 14.45 2.64
C THR A 31 10.26 13.73 3.77
N LYS A 32 10.70 14.49 4.76
CA LYS A 32 11.39 13.93 5.90
C LYS A 32 10.43 13.63 7.04
N THR A 33 9.38 12.87 6.72
CA THR A 33 8.37 12.52 7.71
C THR A 33 7.43 11.47 7.13
N ALA A 34 6.58 10.92 8.00
CA ALA A 34 5.63 9.89 7.60
C ALA A 34 4.21 10.46 7.48
N PRO A 35 3.47 10.10 6.40
CA PRO A 35 2.11 10.57 6.17
C PRO A 35 1.08 9.75 6.94
N SER A 36 0.63 10.28 8.06
CA SER A 36 -0.36 9.61 8.89
C SER A 36 -1.73 9.53 8.19
N ASP A 37 -1.87 10.24 7.08
CA ASP A 37 -3.12 10.24 6.34
C ASP A 37 -3.16 9.12 5.29
N ALA A 38 -1.99 8.66 4.89
CA ALA A 38 -1.92 7.60 3.86
C ALA A 38 -0.86 6.55 4.19
N PRO A 39 -0.89 5.40 3.48
CA PRO A 39 0.08 4.32 3.71
C PRO A 39 1.46 4.65 3.14
N VAL A 40 2.46 3.90 3.58
CA VAL A 40 3.84 4.12 3.12
C VAL A 40 4.43 2.87 2.49
N LEU A 41 4.61 2.92 1.17
CA LEU A 41 5.19 1.80 0.43
C LEU A 41 6.68 1.68 0.70
N VAL A 42 7.04 0.80 1.64
CA VAL A 42 8.43 0.59 1.99
C VAL A 42 9.03 -0.59 1.20
N GLY A 43 10.26 -0.39 0.72
CA GLY A 43 10.93 -1.43 -0.03
C GLY A 43 10.09 -2.03 -1.14
N TRP A 44 9.51 -1.18 -1.98
CA TRP A 44 8.66 -1.64 -3.07
C TRP A 44 9.46 -1.78 -4.37
N LYS A 45 9.01 -2.71 -5.21
CA LYS A 45 9.65 -2.95 -6.50
C LYS A 45 9.49 -1.74 -7.40
N ASP A 46 9.90 -1.89 -8.67
CA ASP A 46 9.81 -0.81 -9.66
C ASP A 46 8.47 -0.08 -9.59
N GLY A 47 8.47 1.18 -10.03
CA GLY A 47 7.26 1.98 -10.03
C GLY A 47 6.13 1.31 -10.79
N ASP A 48 6.50 0.46 -11.76
CA ASP A 48 5.51 -0.26 -12.56
C ASP A 48 4.64 -1.12 -11.66
N ALA A 49 5.26 -1.74 -10.66
CA ALA A 49 4.53 -2.58 -9.72
C ALA A 49 3.76 -1.71 -8.74
N ILE A 50 4.38 -0.62 -8.30
CA ILE A 50 3.75 0.30 -7.37
C ILE A 50 2.46 0.86 -7.98
N ALA A 51 2.53 1.18 -9.26
CA ALA A 51 1.37 1.72 -9.98
C ALA A 51 0.16 0.79 -9.85
N GLU A 52 0.43 -0.50 -9.73
CA GLU A 52 -0.64 -1.48 -9.58
C GLU A 52 -1.34 -1.30 -8.25
N MET A 53 -0.56 -1.29 -7.18
CA MET A 53 -1.10 -1.09 -5.84
C MET A 53 -1.81 0.25 -5.76
N THR A 54 -1.17 1.30 -6.29
CA THR A 54 -1.76 2.63 -6.29
C THR A 54 -3.11 2.62 -6.99
N GLY A 55 -3.20 1.82 -8.05
CA GLY A 55 -4.45 1.70 -8.77
C GLY A 55 -5.55 1.19 -7.86
N GLN A 56 -5.16 0.25 -6.99
CA GLN A 56 -6.10 -0.31 -6.01
C GLN A 56 -6.45 0.71 -4.94
N LEU A 57 -5.43 1.36 -4.36
CA LEU A 57 -5.66 2.36 -3.33
C LEU A 57 -6.43 3.56 -3.86
N ALA A 58 -6.27 3.84 -5.15
CA ALA A 58 -6.97 4.95 -5.78
C ALA A 58 -8.47 4.69 -5.88
N GLU A 59 -8.88 3.43 -5.76
CA GLU A 59 -10.28 3.06 -5.85
C GLU A 59 -10.81 2.55 -4.50
N LEU A 60 -9.92 1.98 -3.70
CA LEU A 60 -10.30 1.46 -2.38
C LEU A 60 -10.94 2.56 -1.52
N PRO A 61 -11.59 2.18 -0.39
CA PRO A 61 -12.22 3.14 0.51
C PRO A 61 -11.22 3.99 1.27
N ALA A 62 -11.42 5.31 1.21
CA ALA A 62 -10.55 6.26 1.89
C ALA A 62 -10.37 5.91 3.36
N ALA A 63 -11.37 5.22 3.93
CA ALA A 63 -11.31 4.82 5.33
C ALA A 63 -10.07 3.97 5.61
N VAL A 64 -9.85 2.97 4.77
CA VAL A 64 -8.69 2.11 4.93
C VAL A 64 -7.42 2.83 4.52
N LEU A 65 -7.54 3.68 3.49
CA LEU A 65 -6.39 4.46 3.01
C LEU A 65 -5.78 5.25 4.16
N GLY A 66 -6.64 5.70 5.06
CA GLY A 66 -6.19 6.46 6.22
C GLY A 66 -5.63 5.54 7.28
N ALA A 67 -6.32 4.43 7.52
CA ALA A 67 -5.89 3.45 8.50
C ALA A 67 -4.83 2.54 7.91
N MET A 68 -3.58 2.78 8.27
CA MET A 68 -2.45 1.98 7.78
C MET A 68 -1.14 2.54 8.33
N SER A 69 -0.04 1.84 8.06
CA SER A 69 1.27 2.29 8.54
C SER A 69 2.32 2.21 7.44
N GLU A 70 2.41 1.06 6.79
CA GLU A 70 3.38 0.86 5.71
C GLU A 70 3.02 -0.37 4.88
N ILE A 71 3.24 -0.27 3.57
CA ILE A 71 2.97 -1.37 2.66
C ILE A 71 4.26 -2.01 2.18
N HIS A 72 4.47 -3.26 2.57
CA HIS A 72 5.67 -3.99 2.21
C HIS A 72 5.39 -5.00 1.10
N TYR A 73 6.12 -4.90 0.01
CA TYR A 73 5.96 -5.81 -1.11
C TYR A 73 6.68 -7.12 -0.85
N LYS A 74 5.93 -8.16 -0.51
CA LYS A 74 6.50 -9.47 -0.23
C LYS A 74 5.88 -10.54 -1.13
N PRO A 75 6.41 -10.73 -2.35
CA PRO A 75 5.88 -11.72 -3.29
C PRO A 75 6.14 -13.14 -2.83
N THR A 76 5.16 -14.02 -3.03
CA THR A 76 5.28 -15.41 -2.64
C THR A 76 5.18 -16.33 -3.86
N ARG A 77 5.67 -17.55 -3.71
CA ARG A 77 5.63 -18.53 -4.81
C ARG A 77 4.21 -18.71 -5.34
N GLU A 78 3.23 -18.50 -4.48
CA GLU A 78 1.84 -18.65 -4.87
C GLU A 78 1.16 -17.30 -5.12
N TYR A 79 1.78 -16.21 -4.65
CA TYR A 79 1.21 -14.89 -4.83
C TYR A 79 2.30 -13.84 -5.12
N GLU A 80 2.73 -13.80 -6.38
CA GLU A 80 3.76 -12.85 -6.80
C GLU A 80 3.34 -11.41 -6.50
N ASP A 81 2.04 -11.18 -6.36
CA ASP A 81 1.52 -9.85 -6.06
C ASP A 81 1.06 -9.76 -4.61
N ARG A 82 1.79 -10.41 -3.71
CA ARG A 82 1.43 -10.41 -2.30
C ARG A 82 2.10 -9.26 -1.56
N VAL A 83 1.29 -8.34 -1.04
CA VAL A 83 1.79 -7.19 -0.30
C VAL A 83 1.39 -7.29 1.17
N ILE A 84 2.01 -6.46 2.01
CA ILE A 84 1.71 -6.46 3.43
C ILE A 84 1.47 -5.05 3.96
N VAL A 85 0.22 -4.75 4.30
CA VAL A 85 -0.12 -3.43 4.82
C VAL A 85 -0.24 -3.44 6.33
N TYR A 86 0.51 -2.57 6.99
CA TYR A 86 0.49 -2.48 8.44
C TYR A 86 -0.63 -1.55 8.90
N MET A 87 -1.13 -1.79 10.11
CA MET A 87 -2.22 -0.98 10.66
C MET A 87 -1.68 -0.01 11.71
N ASN A 88 -2.49 0.97 12.06
CA ASN A 88 -2.11 1.96 13.06
C ASN A 88 -1.99 1.34 14.44
N ASP A 89 -2.72 0.24 14.66
CA ASP A 89 -2.69 -0.45 15.95
C ASP A 89 -1.61 -1.52 15.99
N GLY A 90 -0.69 -1.50 15.02
CA GLY A 90 0.38 -2.49 14.99
C GLY A 90 -0.04 -3.82 14.39
N TYR A 91 -1.19 -3.84 13.71
CA TYR A 91 -1.69 -5.07 13.10
C TYR A 91 -0.92 -5.37 11.81
N GLU A 92 -1.11 -6.57 11.29
CA GLU A 92 -0.44 -6.98 10.06
C GLU A 92 -1.41 -7.67 9.11
N VAL A 93 -1.71 -7.02 8.00
CA VAL A 93 -2.64 -7.56 7.01
C VAL A 93 -1.94 -7.77 5.66
N SER A 94 -2.00 -8.99 5.16
CA SER A 94 -1.38 -9.32 3.87
C SER A 94 -2.43 -9.38 2.78
N ALA A 95 -2.35 -8.47 1.82
CA ALA A 95 -3.30 -8.43 0.72
C ALA A 95 -2.57 -8.52 -0.63
N THR A 96 -3.32 -8.86 -1.67
CA THR A 96 -2.74 -8.98 -3.00
C THR A 96 -2.96 -7.71 -3.80
N ILE A 97 -2.10 -7.46 -4.79
CA ILE A 97 -2.22 -6.27 -5.61
C ILE A 97 -3.47 -6.33 -6.49
N ARG A 98 -3.88 -7.55 -6.85
CA ARG A 98 -5.07 -7.73 -7.69
C ARG A 98 -6.35 -7.43 -6.91
N GLN A 99 -6.37 -7.84 -5.64
CA GLN A 99 -7.55 -7.61 -4.79
C GLN A 99 -7.18 -6.80 -3.56
N PHE A 100 -6.24 -5.87 -3.71
CA PHE A 100 -5.81 -5.04 -2.61
C PHE A 100 -6.97 -4.19 -2.07
N ALA A 101 -7.57 -3.41 -2.97
CA ALA A 101 -8.69 -2.56 -2.59
C ALA A 101 -9.84 -3.38 -2.01
N ASP A 102 -10.10 -4.53 -2.61
CA ASP A 102 -11.17 -5.41 -2.13
C ASP A 102 -10.82 -5.98 -0.76
N LYS A 103 -9.60 -6.51 -0.64
CA LYS A 103 -9.13 -7.09 0.61
C LYS A 103 -9.26 -6.08 1.76
N LEU A 104 -8.85 -4.85 1.50
CA LEU A 104 -8.93 -3.80 2.51
C LEU A 104 -10.34 -3.22 2.57
N SER A 105 -11.06 -3.28 1.46
CA SER A 105 -12.43 -2.77 1.40
C SER A 105 -13.31 -3.52 2.39
N HIS A 106 -12.98 -4.77 2.63
CA HIS A 106 -13.74 -5.59 3.57
C HIS A 106 -13.55 -5.10 5.01
N TYR A 107 -12.51 -4.31 5.24
CA TYR A 107 -12.24 -3.79 6.58
C TYR A 107 -13.38 -2.86 7.05
N PRO A 108 -13.79 -2.94 8.34
CA PRO A 108 -13.24 -3.85 9.34
C PRO A 108 -13.91 -5.22 9.32
N ALA A 109 -13.17 -6.24 8.88
CA ALA A 109 -13.66 -7.62 8.80
C ALA A 109 -12.68 -8.49 8.02
N ILE A 110 -11.40 -8.32 8.31
CA ILE A 110 -10.34 -9.07 7.63
C ILE A 110 -9.53 -9.89 8.62
N ALA A 111 -8.52 -10.59 8.11
CA ALA A 111 -7.64 -11.44 8.94
C ALA A 111 -8.33 -12.74 9.31
N ALA A 112 -8.54 -13.59 8.30
CA ALA A 112 -9.19 -14.88 8.50
C ALA A 112 -8.15 -15.96 8.82
N ALA A 113 -8.48 -17.22 8.58
CA ALA A 113 -7.56 -18.32 8.85
C ALA A 113 -6.70 -18.67 7.62
N LEU A 114 -6.59 -17.73 6.69
CA LEU A 114 -5.80 -17.93 5.48
C LEU A 114 -4.60 -16.98 5.46
N ASP A 115 -4.15 -16.56 6.64
CA ASP A 115 -3.02 -15.65 6.74
C ASP A 115 -2.05 -16.11 7.83
N ARG A 116 -1.30 -17.17 7.52
CA ARG A 116 -0.34 -17.71 8.48
C ARG A 116 0.79 -18.43 7.75
N ASN A 117 0.42 -19.31 6.81
CA ASN A 117 1.41 -20.06 6.04
C ASN A 117 2.21 -21.00 6.94
N VAL A 118 3.20 -20.45 7.65
CA VAL A 118 4.03 -21.24 8.54
C VAL A 118 4.68 -20.36 9.60
N LYS A 119 5.45 -20.98 10.49
CA LYS A 119 6.13 -20.25 11.56
C LYS A 119 7.20 -19.33 10.98
N GLY A 1 -0.52 23.10 -13.84
CA GLY A 1 -1.81 23.46 -13.20
C GLY A 1 -2.45 22.29 -12.48
N SER A 2 -3.11 21.42 -13.24
CA SER A 2 -3.77 20.25 -12.66
C SER A 2 -2.74 19.21 -12.23
N GLU A 3 -3.09 18.46 -11.18
CA GLU A 3 -2.19 17.43 -10.66
C GLU A 3 -2.97 16.39 -9.87
N TRP A 4 -2.41 15.18 -9.82
CA TRP A 4 -3.05 14.08 -9.10
C TRP A 4 -2.92 14.26 -7.60
N ARG A 5 -3.66 13.44 -6.86
CA ARG A 5 -3.64 13.49 -5.39
C ARG A 5 -2.79 12.37 -4.83
N ARG A 6 -1.94 12.70 -3.86
CA ARG A 6 -1.07 11.72 -3.23
C ARG A 6 -1.87 10.77 -2.36
N ILE A 7 -2.04 9.55 -2.82
CA ILE A 7 -2.78 8.54 -2.05
C ILE A 7 -1.84 7.66 -1.24
N ALA A 8 -0.54 7.78 -1.48
CA ALA A 8 0.45 6.99 -0.76
C ALA A 8 1.81 7.67 -0.80
N TYR A 9 2.78 7.07 -0.11
CA TYR A 9 4.13 7.62 -0.07
C TYR A 9 5.15 6.49 -0.04
N VAL A 10 6.11 6.53 -0.96
CA VAL A 10 7.13 5.47 -1.00
C VAL A 10 8.36 5.86 -0.20
N TYR A 11 8.69 5.02 0.77
CA TYR A 11 9.85 5.26 1.62
C TYR A 11 11.14 4.80 0.94
N ASP A 12 11.84 5.74 0.33
CA ASP A 12 13.08 5.45 -0.37
C ASP A 12 14.03 6.64 -0.32
N ARG A 13 15.32 6.37 -0.35
CA ARG A 13 16.33 7.43 -0.30
C ARG A 13 16.22 8.21 1.01
N GLN A 14 15.79 7.53 2.07
CA GLN A 14 15.65 8.16 3.38
C GLN A 14 14.62 9.29 3.33
N THR A 15 13.62 9.14 2.47
CA THR A 15 12.58 10.15 2.34
C THR A 15 11.27 9.50 1.88
N PHE A 16 10.16 10.11 2.28
CA PHE A 16 8.85 9.62 1.91
C PHE A 16 8.35 10.28 0.63
N PHE A 17 8.65 9.67 -0.50
CA PHE A 17 8.25 10.20 -1.81
C PHE A 17 6.72 10.15 -1.95
N PRO A 18 6.06 11.30 -2.22
CA PRO A 18 4.61 11.34 -2.37
C PRO A 18 4.12 10.68 -3.64
N LEU A 19 3.41 9.56 -3.49
CA LEU A 19 2.88 8.82 -4.62
C LEU A 19 1.47 9.28 -4.95
N LEU A 20 1.28 9.70 -6.20
CA LEU A 20 -0.02 10.17 -6.68
C LEU A 20 -1.02 9.03 -6.78
N GLU A 21 -2.27 9.38 -7.09
CA GLU A 21 -3.33 8.38 -7.23
C GLU A 21 -3.07 7.46 -8.41
N ASN A 22 -2.37 7.98 -9.41
CA ASN A 22 -2.05 7.21 -10.60
C ASN A 22 -0.72 6.45 -10.43
N GLY A 23 -0.21 6.42 -9.20
CA GLY A 23 1.04 5.75 -8.94
C GLY A 23 2.25 6.51 -9.45
N ARG A 24 2.08 7.81 -9.62
CA ARG A 24 3.18 8.66 -10.07
C ARG A 24 4.07 9.00 -8.89
N LEU A 25 5.12 8.22 -8.69
CA LEU A 25 6.03 8.43 -7.59
C LEU A 25 6.84 9.71 -7.79
N LEU A 26 6.56 10.72 -6.99
CA LEU A 26 7.26 11.99 -7.07
C LEU A 26 8.55 11.95 -6.26
N LYS A 27 9.53 11.21 -6.76
CA LYS A 27 10.81 11.10 -6.10
C LYS A 27 11.46 12.46 -5.90
N GLN A 28 11.05 13.45 -6.69
CA GLN A 28 11.59 14.80 -6.58
C GLN A 28 10.73 15.68 -5.68
N GLU A 29 9.92 15.06 -4.82
CA GLU A 29 9.05 15.79 -3.91
C GLU A 29 8.90 15.06 -2.58
N GLY A 30 9.91 14.27 -2.23
CA GLY A 30 9.88 13.52 -1.00
C GLY A 30 9.90 14.40 0.24
N THR A 31 9.54 13.79 1.36
CA THR A 31 9.51 14.50 2.63
C THR A 31 10.24 13.70 3.70
N LYS A 32 10.69 14.40 4.74
CA LYS A 32 11.42 13.75 5.82
C LYS A 32 10.46 13.40 6.96
N THR A 33 9.36 12.74 6.60
CA THR A 33 8.35 12.36 7.60
C THR A 33 7.31 11.45 6.97
N ALA A 34 6.74 10.57 7.79
CA ALA A 34 5.73 9.63 7.34
C ALA A 34 4.32 10.19 7.53
N PRO A 35 3.49 10.24 6.46
CA PRO A 35 2.14 10.76 6.54
C PRO A 35 1.14 9.71 7.02
N SER A 36 0.62 9.91 8.23
CA SER A 36 -0.35 9.00 8.82
C SER A 36 -1.70 9.06 8.11
N ASP A 37 -1.88 10.01 7.20
CA ASP A 37 -3.11 10.14 6.46
C ASP A 37 -3.18 9.08 5.36
N ALA A 38 -2.02 8.59 4.94
CA ALA A 38 -1.97 7.59 3.89
C ALA A 38 -0.90 6.53 4.19
N PRO A 39 -0.92 5.39 3.45
CA PRO A 39 0.04 4.32 3.65
C PRO A 39 1.42 4.66 3.08
N VAL A 40 2.45 3.98 3.58
CA VAL A 40 3.81 4.22 3.12
C VAL A 40 4.41 2.96 2.48
N LEU A 41 4.59 3.00 1.17
CA LEU A 41 5.17 1.88 0.44
C LEU A 41 6.67 1.77 0.73
N VAL A 42 7.01 0.90 1.67
CA VAL A 42 8.42 0.69 2.03
C VAL A 42 9.03 -0.46 1.25
N GLY A 43 10.25 -0.26 0.77
CA GLY A 43 10.94 -1.29 0.01
C GLY A 43 10.11 -1.89 -1.10
N TRP A 44 9.58 -1.04 -1.97
CA TRP A 44 8.75 -1.50 -3.08
C TRP A 44 9.55 -1.62 -4.37
N LYS A 45 9.12 -2.54 -5.23
CA LYS A 45 9.78 -2.77 -6.50
C LYS A 45 9.61 -1.55 -7.41
N ASP A 46 10.03 -1.69 -8.66
CA ASP A 46 9.94 -0.61 -9.64
C ASP A 46 8.59 0.12 -9.58
N GLY A 47 8.59 1.37 -10.02
CA GLY A 47 7.37 2.16 -10.02
C GLY A 47 6.26 1.48 -10.80
N ASP A 48 6.63 0.62 -11.75
CA ASP A 48 5.65 -0.10 -12.55
C ASP A 48 4.78 -0.96 -11.65
N ALA A 49 5.40 -1.58 -10.65
CA ALA A 49 4.68 -2.41 -9.70
C ALA A 49 3.88 -1.54 -8.74
N ILE A 50 4.50 -0.45 -8.29
CA ILE A 50 3.86 0.49 -7.38
C ILE A 50 2.57 1.02 -8.03
N ALA A 51 2.65 1.34 -9.31
CA ALA A 51 1.50 1.86 -10.04
C ALA A 51 0.30 0.94 -9.92
N GLU A 52 0.58 -0.36 -9.75
CA GLU A 52 -0.48 -1.36 -9.60
C GLU A 52 -1.21 -1.15 -8.27
N MET A 53 -0.43 -1.12 -7.19
CA MET A 53 -0.98 -0.91 -5.86
C MET A 53 -1.72 0.42 -5.81
N THR A 54 -1.10 1.46 -6.34
CA THR A 54 -1.71 2.78 -6.36
C THR A 54 -3.05 2.74 -7.07
N GLY A 55 -3.12 1.94 -8.13
CA GLY A 55 -4.38 1.79 -8.86
C GLY A 55 -5.46 1.27 -7.94
N GLN A 56 -5.07 0.35 -7.06
CA GLN A 56 -6.00 -0.24 -6.11
C GLN A 56 -6.36 0.77 -5.01
N LEU A 57 -5.36 1.44 -4.45
CA LEU A 57 -5.59 2.42 -3.39
C LEU A 57 -6.38 3.63 -3.91
N ALA A 58 -6.24 3.91 -5.19
CA ALA A 58 -6.94 5.04 -5.80
C ALA A 58 -8.44 4.76 -5.90
N GLU A 59 -8.82 3.48 -5.81
CA GLU A 59 -10.22 3.10 -5.90
C GLU A 59 -10.75 2.57 -4.57
N LEU A 60 -9.86 1.98 -3.77
CA LEU A 60 -10.24 1.42 -2.48
C LEU A 60 -10.90 2.48 -1.58
N PRO A 61 -11.54 2.06 -0.47
CA PRO A 61 -12.20 2.99 0.45
C PRO A 61 -11.21 3.87 1.21
N ALA A 62 -11.44 5.18 1.14
CA ALA A 62 -10.59 6.16 1.82
C ALA A 62 -10.42 5.81 3.31
N ALA A 63 -11.40 5.09 3.87
CA ALA A 63 -11.35 4.71 5.26
C ALA A 63 -10.10 3.88 5.55
N VAL A 64 -9.86 2.87 4.72
CA VAL A 64 -8.69 2.03 4.89
C VAL A 64 -7.43 2.77 4.48
N LEU A 65 -7.56 3.64 3.47
CA LEU A 65 -6.42 4.42 2.99
C LEU A 65 -5.84 5.23 4.14
N GLY A 66 -6.72 5.68 5.03
CA GLY A 66 -6.28 6.45 6.19
C GLY A 66 -5.72 5.53 7.25
N ALA A 67 -6.37 4.39 7.45
CA ALA A 67 -5.92 3.42 8.43
C ALA A 67 -4.85 2.51 7.84
N MET A 68 -3.60 2.77 8.19
CA MET A 68 -2.47 1.99 7.71
C MET A 68 -1.16 2.57 8.25
N SER A 69 -0.05 1.88 7.99
CA SER A 69 1.25 2.34 8.46
C SER A 69 2.30 2.27 7.35
N GLU A 70 2.39 1.11 6.70
CA GLU A 70 3.36 0.90 5.63
C GLU A 70 3.00 -0.32 4.80
N ILE A 71 3.28 -0.23 3.51
CA ILE A 71 3.00 -1.34 2.59
C ILE A 71 4.30 -1.96 2.09
N HIS A 72 4.51 -3.22 2.44
CA HIS A 72 5.73 -3.93 2.04
C HIS A 72 5.44 -4.95 0.94
N TYR A 73 6.31 -5.01 -0.05
CA TYR A 73 6.16 -5.95 -1.15
C TYR A 73 6.80 -7.29 -0.81
N LYS A 74 5.97 -8.27 -0.50
CA LYS A 74 6.46 -9.60 -0.15
C LYS A 74 5.76 -10.68 -0.97
N PRO A 75 6.32 -11.02 -2.16
CA PRO A 75 5.72 -12.04 -3.04
C PRO A 75 5.85 -13.45 -2.47
N THR A 76 5.00 -14.35 -2.94
CA THR A 76 5.01 -15.74 -2.48
C THR A 76 4.93 -16.70 -3.65
N ARG A 77 5.15 -17.98 -3.37
CA ARG A 77 5.10 -19.00 -4.42
C ARG A 77 3.73 -19.05 -5.08
N GLU A 78 2.69 -18.65 -4.35
CA GLU A 78 1.33 -18.65 -4.88
C GLU A 78 0.72 -17.24 -4.93
N TYR A 79 1.55 -16.21 -4.72
CA TYR A 79 1.06 -14.84 -4.76
C TYR A 79 2.20 -13.86 -5.05
N GLU A 80 2.62 -13.81 -6.30
CA GLU A 80 3.70 -12.91 -6.73
C GLU A 80 3.35 -11.46 -6.40
N ASP A 81 2.06 -11.16 -6.34
CA ASP A 81 1.60 -9.81 -6.03
C ASP A 81 1.12 -9.72 -4.58
N ARG A 82 1.81 -10.42 -3.69
CA ARG A 82 1.45 -10.42 -2.28
C ARG A 82 2.13 -9.27 -1.54
N VAL A 83 1.32 -8.33 -1.04
CA VAL A 83 1.83 -7.19 -0.31
C VAL A 83 1.44 -7.26 1.17
N ILE A 84 2.04 -6.41 1.99
CA ILE A 84 1.74 -6.39 3.42
C ILE A 84 1.50 -4.97 3.91
N VAL A 85 0.25 -4.67 4.25
CA VAL A 85 -0.11 -3.36 4.76
C VAL A 85 -0.20 -3.36 6.28
N TYR A 86 0.60 -2.52 6.91
CA TYR A 86 0.61 -2.43 8.36
C TYR A 86 -0.53 -1.54 8.86
N MET A 87 -0.99 -1.79 10.07
CA MET A 87 -2.07 -1.01 10.66
C MET A 87 -1.56 -0.14 11.80
N ASN A 88 -2.16 1.04 11.96
CA ASN A 88 -1.77 1.96 13.01
C ASN A 88 -1.87 1.32 14.39
N ASP A 89 -2.70 0.28 14.51
CA ASP A 89 -2.87 -0.41 15.78
C ASP A 89 -1.87 -1.56 15.96
N GLY A 90 -0.82 -1.58 15.15
CA GLY A 90 0.17 -2.62 15.26
C GLY A 90 -0.25 -3.93 14.60
N TYR A 91 -1.29 -3.88 13.76
CA TYR A 91 -1.77 -5.08 13.08
C TYR A 91 -1.09 -5.24 11.73
N GLU A 92 -0.94 -6.49 11.30
CA GLU A 92 -0.30 -6.78 10.02
C GLU A 92 -1.26 -7.52 9.10
N VAL A 93 -1.67 -6.84 8.03
CA VAL A 93 -2.60 -7.42 7.06
C VAL A 93 -1.91 -7.66 5.73
N SER A 94 -1.99 -8.89 5.24
CA SER A 94 -1.37 -9.25 3.97
C SER A 94 -2.41 -9.35 2.86
N ALA A 95 -2.29 -8.47 1.86
CA ALA A 95 -3.23 -8.47 0.75
C ALA A 95 -2.48 -8.66 -0.57
N THR A 96 -3.21 -8.62 -1.68
CA THR A 96 -2.61 -8.78 -2.99
C THR A 96 -2.84 -7.55 -3.85
N ILE A 97 -1.95 -7.31 -4.81
CA ILE A 97 -2.09 -6.15 -5.68
C ILE A 97 -3.32 -6.28 -6.57
N ARG A 98 -3.63 -7.51 -6.98
CA ARG A 98 -4.78 -7.77 -7.84
C ARG A 98 -6.10 -7.50 -7.10
N GLN A 99 -6.13 -7.82 -5.82
CA GLN A 99 -7.32 -7.60 -5.00
C GLN A 99 -6.98 -6.86 -3.71
N PHE A 100 -6.17 -5.81 -3.84
CA PHE A 100 -5.76 -5.00 -2.69
C PHE A 100 -6.95 -4.23 -2.13
N ALA A 101 -7.63 -3.50 -3.00
CA ALA A 101 -8.78 -2.71 -2.59
C ALA A 101 -9.87 -3.59 -1.99
N ASP A 102 -10.08 -4.75 -2.58
CA ASP A 102 -11.09 -5.69 -2.10
C ASP A 102 -10.69 -6.23 -0.72
N LYS A 103 -9.46 -6.69 -0.60
CA LYS A 103 -8.95 -7.24 0.65
C LYS A 103 -9.12 -6.24 1.80
N LEU A 104 -8.79 -4.98 1.53
CA LEU A 104 -8.93 -3.94 2.55
C LEU A 104 -10.34 -3.38 2.59
N SER A 105 -11.07 -3.51 1.49
CA SER A 105 -12.44 -3.02 1.43
C SER A 105 -13.30 -3.75 2.46
N HIS A 106 -12.97 -5.02 2.69
CA HIS A 106 -13.69 -5.83 3.66
C HIS A 106 -13.41 -5.36 5.08
N TYR A 107 -12.34 -4.57 5.27
CA TYR A 107 -11.98 -4.07 6.59
C TYR A 107 -13.14 -3.30 7.24
N PRO A 108 -13.40 -3.50 8.54
CA PRO A 108 -12.66 -4.40 9.42
C PRO A 108 -13.27 -5.81 9.47
N ALA A 109 -12.62 -6.76 8.80
CA ALA A 109 -13.10 -8.15 8.76
C ALA A 109 -12.22 -9.00 7.85
N ILE A 110 -10.90 -8.82 7.96
CA ILE A 110 -9.97 -9.58 7.15
C ILE A 110 -9.05 -10.44 8.03
N ALA A 111 -8.13 -11.15 7.39
CA ALA A 111 -7.20 -12.02 8.10
C ALA A 111 -7.90 -13.23 8.69
N ALA A 112 -8.04 -14.28 7.87
CA ALA A 112 -8.70 -15.51 8.30
C ALA A 112 -7.79 -16.34 9.21
N ALA A 113 -8.14 -17.61 9.39
CA ALA A 113 -7.36 -18.51 10.23
C ALA A 113 -6.43 -19.38 9.38
N LEU A 114 -5.96 -18.82 8.28
CA LEU A 114 -5.06 -19.53 7.38
C LEU A 114 -3.61 -19.45 7.85
N ASP A 115 -3.37 -18.87 9.02
CA ASP A 115 -2.03 -18.74 9.56
C ASP A 115 -1.90 -19.47 10.90
N ARG A 116 -2.64 -20.55 11.03
CA ARG A 116 -2.61 -21.35 12.26
C ARG A 116 -3.51 -22.58 12.13
N ASN A 117 -3.53 -23.18 10.94
CA ASN A 117 -4.34 -24.36 10.70
C ASN A 117 -3.98 -24.99 9.36
N VAL A 118 -4.14 -24.23 8.28
CA VAL A 118 -3.82 -24.72 6.95
C VAL A 118 -2.57 -24.07 6.41
N LYS A 119 -1.47 -24.82 6.36
CA LYS A 119 -0.20 -24.31 5.85
C LYS A 119 0.27 -23.14 6.69
N GLY A 1 -3.39 21.06 -17.00
CA GLY A 1 -2.53 20.49 -15.93
C GLY A 1 -3.27 19.50 -15.05
N SER A 2 -3.81 19.98 -13.93
CA SER A 2 -4.54 19.12 -13.00
C SER A 2 -3.65 18.00 -12.47
N GLU A 3 -2.96 18.28 -11.37
CA GLU A 3 -2.07 17.29 -10.77
C GLU A 3 -2.86 16.26 -9.97
N TRP A 4 -2.29 15.07 -9.86
CA TRP A 4 -2.94 13.98 -9.12
C TRP A 4 -2.80 14.17 -7.62
N ARG A 5 -3.56 13.38 -6.87
CA ARG A 5 -3.52 13.45 -5.41
C ARG A 5 -2.69 12.31 -4.83
N ARG A 6 -1.81 12.64 -3.89
CA ARG A 6 -0.96 11.64 -3.26
C ARG A 6 -1.77 10.73 -2.35
N ILE A 7 -1.98 9.50 -2.81
CA ILE A 7 -2.72 8.52 -2.01
C ILE A 7 -1.79 7.63 -1.19
N ALA A 8 -0.49 7.74 -1.43
CA ALA A 8 0.48 6.94 -0.69
C ALA A 8 1.86 7.57 -0.74
N TYR A 9 2.82 6.97 -0.05
CA TYR A 9 4.19 7.46 -0.03
C TYR A 9 5.18 6.31 0.01
N VAL A 10 6.13 6.30 -0.92
CA VAL A 10 7.11 5.23 -0.96
C VAL A 10 8.36 5.60 -0.18
N TYR A 11 8.71 4.77 0.80
CA TYR A 11 9.88 5.00 1.64
C TYR A 11 11.14 4.50 0.94
N ASP A 12 11.93 5.43 0.41
CA ASP A 12 13.16 5.08 -0.28
C ASP A 12 14.10 6.28 -0.32
N ARG A 13 15.40 5.99 -0.42
CA ARG A 13 16.41 7.05 -0.47
C ARG A 13 16.37 7.90 0.80
N GLN A 14 15.99 7.28 1.91
CA GLN A 14 15.90 7.97 3.20
C GLN A 14 14.86 9.10 3.16
N THR A 15 13.81 8.90 2.37
CA THR A 15 12.75 9.89 2.25
C THR A 15 11.44 9.23 1.84
N PHE A 16 10.33 9.90 2.16
CA PHE A 16 9.01 9.39 1.83
C PHE A 16 8.49 10.03 0.55
N PHE A 17 8.78 9.41 -0.58
CA PHE A 17 8.36 9.90 -1.88
C PHE A 17 6.83 9.88 -2.01
N PRO A 18 6.19 11.04 -2.31
CA PRO A 18 4.73 11.10 -2.45
C PRO A 18 4.23 10.43 -3.71
N LEU A 19 3.46 9.36 -3.53
CA LEU A 19 2.90 8.61 -4.64
C LEU A 19 1.49 9.11 -4.97
N LEU A 20 1.30 9.51 -6.22
CA LEU A 20 0.02 10.01 -6.69
C LEU A 20 -1.02 8.90 -6.78
N GLU A 21 -2.26 9.27 -7.06
CA GLU A 21 -3.35 8.31 -7.19
C GLU A 21 -3.12 7.37 -8.35
N ASN A 22 -2.41 7.86 -9.37
CA ASN A 22 -2.12 7.06 -10.54
C ASN A 22 -0.80 6.29 -10.37
N GLY A 23 -0.27 6.26 -9.15
CA GLY A 23 0.96 5.55 -8.89
C GLY A 23 2.18 6.28 -9.42
N ARG A 24 2.05 7.59 -9.61
CA ARG A 24 3.16 8.40 -10.07
C ARG A 24 4.08 8.73 -8.90
N LEU A 25 5.11 7.93 -8.73
CA LEU A 25 6.05 8.13 -7.64
C LEU A 25 6.91 9.36 -7.88
N LEU A 26 6.65 10.42 -7.10
CA LEU A 26 7.41 11.66 -7.22
C LEU A 26 8.67 11.60 -6.37
N LYS A 27 9.64 10.81 -6.82
CA LYS A 27 10.90 10.66 -6.12
C LYS A 27 11.59 12.01 -5.90
N GLN A 28 11.23 13.00 -6.70
CA GLN A 28 11.82 14.33 -6.59
C GLN A 28 11.10 15.18 -5.53
N GLU A 29 9.90 14.75 -5.12
CA GLU A 29 9.13 15.51 -4.13
C GLU A 29 9.03 14.78 -2.81
N GLY A 30 10.04 13.98 -2.47
CA GLY A 30 10.02 13.25 -1.21
C GLY A 30 9.94 14.16 -0.01
N THR A 31 9.64 13.57 1.13
CA THR A 31 9.51 14.32 2.37
C THR A 31 10.22 13.62 3.51
N LYS A 32 10.75 14.40 4.44
CA LYS A 32 11.45 13.86 5.60
C LYS A 32 10.47 13.64 6.75
N THR A 33 9.39 12.93 6.48
CA THR A 33 8.37 12.66 7.49
C THR A 33 7.36 11.64 6.98
N ALA A 34 6.77 10.90 7.90
CA ALA A 34 5.79 9.88 7.56
C ALA A 34 4.37 10.45 7.45
N PRO A 35 3.61 10.06 6.40
CA PRO A 35 2.24 10.52 6.19
C PRO A 35 1.22 9.71 6.97
N SER A 36 0.81 10.24 8.12
CA SER A 36 -0.18 9.57 8.96
C SER A 36 -1.55 9.53 8.29
N ASP A 37 -1.72 10.25 7.18
CA ASP A 37 -2.99 10.27 6.47
C ASP A 37 -3.06 9.17 5.43
N ALA A 38 -1.92 8.68 4.99
CA ALA A 38 -1.89 7.63 3.96
C ALA A 38 -0.86 6.54 4.26
N PRO A 39 -0.91 5.41 3.54
CA PRO A 39 0.03 4.30 3.72
C PRO A 39 1.41 4.61 3.17
N VAL A 40 2.41 3.86 3.61
CA VAL A 40 3.78 4.06 3.16
C VAL A 40 4.36 2.79 2.53
N LEU A 41 4.55 2.82 1.22
CA LEU A 41 5.11 1.70 0.50
C LEU A 41 6.60 1.56 0.79
N VAL A 42 6.95 0.71 1.74
CA VAL A 42 8.34 0.50 2.11
C VAL A 42 8.95 -0.65 1.30
N GLY A 43 10.17 -0.44 0.83
CA GLY A 43 10.88 -1.46 0.06
C GLY A 43 10.01 -2.08 -1.03
N TRP A 44 9.48 -1.25 -1.92
CA TRP A 44 8.64 -1.73 -3.00
C TRP A 44 9.41 -1.90 -4.30
N LYS A 45 8.96 -2.83 -5.13
CA LYS A 45 9.58 -3.09 -6.42
C LYS A 45 9.43 -1.89 -7.34
N ASP A 46 9.83 -2.06 -8.61
CA ASP A 46 9.74 -1.00 -9.60
C ASP A 46 8.41 -0.24 -9.54
N GLY A 47 8.43 1.01 -10.00
CA GLY A 47 7.23 1.82 -9.99
C GLY A 47 6.10 1.17 -10.77
N ASP A 48 6.45 0.31 -11.73
CA ASP A 48 5.47 -0.39 -12.54
C ASP A 48 4.57 -1.24 -11.64
N ALA A 49 5.17 -1.84 -10.62
CA ALA A 49 4.42 -2.67 -9.68
C ALA A 49 3.65 -1.78 -8.71
N ILE A 50 4.30 -0.70 -8.27
CA ILE A 50 3.67 0.25 -7.34
C ILE A 50 2.41 0.82 -7.98
N ALA A 51 2.48 1.13 -9.26
CA ALA A 51 1.35 1.67 -10.00
C ALA A 51 0.12 0.78 -9.86
N GLU A 52 0.35 -0.51 -9.70
CA GLU A 52 -0.74 -1.47 -9.54
C GLU A 52 -1.44 -1.26 -8.20
N MET A 53 -0.66 -1.26 -7.13
CA MET A 53 -1.21 -1.05 -5.80
C MET A 53 -1.90 0.30 -5.72
N THR A 54 -1.26 1.32 -6.28
CA THR A 54 -1.83 2.66 -6.30
C THR A 54 -3.18 2.65 -7.00
N GLY A 55 -3.27 1.87 -8.07
CA GLY A 55 -4.52 1.76 -8.80
C GLY A 55 -5.62 1.26 -7.89
N GLN A 56 -5.24 0.36 -6.99
CA GLN A 56 -6.18 -0.21 -6.03
C GLN A 56 -6.52 0.81 -4.94
N LEU A 57 -5.49 1.46 -4.37
CA LEU A 57 -5.71 2.45 -3.32
C LEU A 57 -6.46 3.67 -3.85
N ALA A 58 -6.32 3.94 -5.14
CA ALA A 58 -7.00 5.08 -5.74
C ALA A 58 -8.50 4.85 -5.85
N GLU A 59 -8.92 3.58 -5.76
CA GLU A 59 -10.33 3.24 -5.85
C GLU A 59 -10.87 2.68 -4.51
N LEU A 60 -9.98 2.09 -3.71
CA LEU A 60 -10.36 1.53 -2.43
C LEU A 60 -11.02 2.59 -1.53
N PRO A 61 -11.66 2.16 -0.41
CA PRO A 61 -12.31 3.09 0.51
C PRO A 61 -11.32 3.95 1.28
N ALA A 62 -11.54 5.27 1.25
CA ALA A 62 -10.69 6.22 1.94
C ALA A 62 -10.51 5.85 3.41
N ALA A 63 -11.48 5.12 3.96
CA ALA A 63 -11.43 4.70 5.35
C ALA A 63 -10.16 3.88 5.62
N VAL A 64 -9.91 2.90 4.77
CA VAL A 64 -8.73 2.06 4.91
C VAL A 64 -7.48 2.82 4.51
N LEU A 65 -7.61 3.67 3.49
CA LEU A 65 -6.48 4.48 3.02
C LEU A 65 -5.92 5.31 4.17
N GLY A 66 -6.82 5.83 4.99
CA GLY A 66 -6.42 6.62 6.13
C GLY A 66 -5.83 5.75 7.22
N ALA A 67 -6.45 4.59 7.43
CA ALA A 67 -5.99 3.65 8.44
C ALA A 67 -4.94 2.71 7.86
N MET A 68 -3.68 2.97 8.18
CA MET A 68 -2.57 2.16 7.70
C MET A 68 -1.24 2.74 8.18
N SER A 69 -0.18 1.94 8.10
CA SER A 69 1.14 2.39 8.53
C SER A 69 2.16 2.28 7.40
N GLU A 70 2.35 1.08 6.89
CA GLU A 70 3.30 0.86 5.80
C GLU A 70 2.94 -0.39 5.00
N ILE A 71 3.15 -0.31 3.69
CA ILE A 71 2.86 -1.42 2.79
C ILE A 71 4.16 -2.09 2.35
N HIS A 72 4.34 -3.34 2.76
CA HIS A 72 5.54 -4.09 2.42
C HIS A 72 5.28 -5.09 1.31
N TYR A 73 5.96 -4.90 0.18
CA TYR A 73 5.80 -5.80 -0.96
C TYR A 73 6.55 -7.10 -0.72
N LYS A 74 5.80 -8.15 -0.41
CA LYS A 74 6.39 -9.46 -0.15
C LYS A 74 5.82 -10.50 -1.11
N PRO A 75 6.36 -10.58 -2.34
CA PRO A 75 5.89 -11.54 -3.35
C PRO A 75 6.29 -12.98 -3.02
N THR A 76 5.44 -13.92 -3.40
CA THR A 76 5.70 -15.34 -3.15
C THR A 76 5.56 -16.14 -4.44
N ARG A 77 6.15 -17.34 -4.45
CA ARG A 77 6.08 -18.22 -5.61
C ARG A 77 4.64 -18.43 -6.08
N GLU A 78 3.69 -18.29 -5.16
CA GLU A 78 2.27 -18.47 -5.48
C GLU A 78 1.54 -17.13 -5.55
N TYR A 79 2.11 -16.09 -4.93
CA TYR A 79 1.48 -14.77 -4.93
C TYR A 79 2.50 -13.67 -5.22
N GLU A 80 2.89 -13.54 -6.48
CA GLU A 80 3.85 -12.53 -6.89
C GLU A 80 3.36 -11.12 -6.54
N ASP A 81 2.06 -10.97 -6.35
CA ASP A 81 1.48 -9.67 -6.02
C ASP A 81 0.99 -9.64 -4.57
N ARG A 82 1.72 -10.30 -3.68
CA ARG A 82 1.35 -10.36 -2.27
C ARG A 82 1.98 -9.20 -1.50
N VAL A 83 1.14 -8.30 -0.98
CA VAL A 83 1.62 -7.16 -0.22
C VAL A 83 1.22 -7.28 1.25
N ILE A 84 1.83 -6.45 2.10
CA ILE A 84 1.52 -6.47 3.52
C ILE A 84 1.30 -5.07 4.07
N VAL A 85 0.05 -4.74 4.37
CA VAL A 85 -0.28 -3.42 4.91
C VAL A 85 -0.44 -3.46 6.42
N TYR A 86 0.22 -2.52 7.09
CA TYR A 86 0.16 -2.45 8.55
C TYR A 86 -0.91 -1.46 8.99
N MET A 87 -1.47 -1.68 10.17
CA MET A 87 -2.51 -0.81 10.70
C MET A 87 -1.95 0.12 11.78
N ASN A 88 -2.63 1.23 12.00
CA ASN A 88 -2.20 2.21 13.00
C ASN A 88 -2.09 1.57 14.39
N ASP A 89 -2.83 0.49 14.62
CA ASP A 89 -2.80 -0.20 15.90
C ASP A 89 -1.75 -1.29 15.93
N GLY A 90 -0.81 -1.27 14.98
CA GLY A 90 0.24 -2.28 14.94
C GLY A 90 -0.22 -3.60 14.34
N TYR A 91 -1.38 -3.59 13.67
CA TYR A 91 -1.90 -4.80 13.05
C TYR A 91 -1.15 -5.14 11.77
N GLU A 92 -1.32 -6.36 11.29
CA GLU A 92 -0.65 -6.81 10.08
C GLU A 92 -1.62 -7.53 9.16
N VAL A 93 -1.92 -6.92 8.02
CA VAL A 93 -2.85 -7.51 7.05
C VAL A 93 -2.15 -7.78 5.72
N SER A 94 -2.28 -9.00 5.23
CA SER A 94 -1.67 -9.37 3.96
C SER A 94 -2.70 -9.42 2.84
N ALA A 95 -2.55 -8.53 1.86
CA ALA A 95 -3.46 -8.46 0.73
C ALA A 95 -2.72 -8.52 -0.58
N THR A 96 -3.42 -8.91 -1.64
CA THR A 96 -2.81 -9.01 -2.97
C THR A 96 -3.09 -7.75 -3.78
N ILE A 97 -2.21 -7.44 -4.72
CA ILE A 97 -2.37 -6.26 -5.55
C ILE A 97 -3.61 -6.39 -6.44
N ARG A 98 -3.87 -7.60 -6.91
CA ARG A 98 -5.02 -7.85 -7.78
C ARG A 98 -6.33 -7.51 -7.06
N GLN A 99 -6.36 -7.73 -5.75
CA GLN A 99 -7.55 -7.44 -4.96
C GLN A 99 -7.20 -6.70 -3.67
N PHE A 100 -6.30 -5.74 -3.78
CA PHE A 100 -5.88 -4.95 -2.63
C PHE A 100 -7.04 -4.13 -2.08
N ALA A 101 -7.68 -3.38 -2.97
CA ALA A 101 -8.81 -2.55 -2.58
C ALA A 101 -9.93 -3.37 -1.97
N ASP A 102 -10.20 -4.53 -2.57
CA ASP A 102 -11.25 -5.42 -2.07
C ASP A 102 -10.84 -6.02 -0.73
N LYS A 103 -9.61 -6.54 -0.68
CA LYS A 103 -9.07 -7.15 0.53
C LYS A 103 -9.16 -6.19 1.71
N LEU A 104 -8.85 -4.92 1.46
CA LEU A 104 -8.91 -3.90 2.50
C LEU A 104 -10.32 -3.30 2.60
N SER A 105 -11.08 -3.38 1.52
CA SER A 105 -12.43 -2.86 1.50
C SER A 105 -13.30 -3.60 2.51
N HIS A 106 -12.98 -4.86 2.74
CA HIS A 106 -13.73 -5.67 3.68
C HIS A 106 -13.50 -5.21 5.13
N TYR A 107 -12.45 -4.42 5.34
CA TYR A 107 -12.14 -3.90 6.68
C TYR A 107 -13.24 -2.94 7.14
N PRO A 108 -13.70 -3.02 8.41
CA PRO A 108 -13.22 -4.00 9.41
C PRO A 108 -13.71 -5.41 9.13
N ALA A 109 -12.94 -6.40 9.63
CA ALA A 109 -13.26 -7.82 9.44
C ALA A 109 -12.78 -8.31 8.08
N ILE A 110 -11.47 -8.55 7.98
CA ILE A 110 -10.87 -9.02 6.74
C ILE A 110 -10.04 -10.27 6.97
N ALA A 111 -9.41 -10.76 5.90
CA ALA A 111 -8.57 -11.96 5.97
C ALA A 111 -9.42 -13.20 6.25
N ALA A 112 -9.33 -14.18 5.36
CA ALA A 112 -10.08 -15.42 5.51
C ALA A 112 -9.17 -16.58 5.89
N ALA A 113 -9.68 -17.80 5.76
CA ALA A 113 -8.90 -19.00 6.09
C ALA A 113 -8.43 -19.70 4.83
N LEU A 114 -8.09 -18.92 3.81
CA LEU A 114 -7.61 -19.47 2.55
C LEU A 114 -6.14 -19.87 2.62
N ASP A 115 -5.51 -19.69 3.78
CA ASP A 115 -4.11 -20.04 3.95
C ASP A 115 -3.96 -21.50 4.42
N ARG A 116 -4.59 -22.41 3.69
CA ARG A 116 -4.54 -23.83 4.02
C ARG A 116 -3.34 -24.50 3.36
N ASN A 117 -2.91 -23.98 2.22
CA ASN A 117 -1.78 -24.54 1.50
C ASN A 117 -0.53 -24.56 2.37
N VAL A 118 0.07 -23.38 2.57
CA VAL A 118 1.28 -23.23 3.38
C VAL A 118 2.33 -24.29 3.05
N LYS A 119 3.41 -24.31 3.83
CA LYS A 119 4.49 -25.27 3.62
C LYS A 119 4.89 -25.94 4.93
N GLY A 1 -0.85 21.56 -15.15
CA GLY A 1 -2.19 21.27 -15.74
C GLY A 1 -2.86 20.07 -15.11
N SER A 2 -3.62 20.32 -14.04
CA SER A 2 -4.32 19.25 -13.35
C SER A 2 -3.35 18.22 -12.81
N GLU A 3 -3.19 18.18 -11.49
CA GLU A 3 -2.28 17.24 -10.85
C GLU A 3 -3.05 16.20 -10.05
N TRP A 4 -2.49 14.99 -9.98
CA TRP A 4 -3.12 13.89 -9.24
C TRP A 4 -3.00 14.11 -7.74
N ARG A 5 -3.73 13.30 -6.97
CA ARG A 5 -3.69 13.38 -5.52
C ARG A 5 -2.83 12.27 -4.94
N ARG A 6 -2.00 12.62 -3.96
CA ARG A 6 -1.12 11.64 -3.33
C ARG A 6 -1.92 10.70 -2.44
N ILE A 7 -2.11 9.47 -2.90
CA ILE A 7 -2.86 8.48 -2.12
C ILE A 7 -1.92 7.59 -1.31
N ALA A 8 -0.62 7.73 -1.54
CA ALA A 8 0.36 6.93 -0.81
C ALA A 8 1.73 7.59 -0.86
N TYR A 9 2.70 7.00 -0.17
CA TYR A 9 4.06 7.54 -0.14
C TYR A 9 5.07 6.40 -0.12
N VAL A 10 6.01 6.40 -1.05
CA VAL A 10 7.01 5.34 -1.10
C VAL A 10 8.26 5.71 -0.33
N TYR A 11 8.60 4.87 0.65
CA TYR A 11 9.78 5.10 1.48
C TYR A 11 11.03 4.56 0.80
N ASP A 12 11.73 5.44 0.09
CA ASP A 12 12.94 5.05 -0.62
C ASP A 12 13.97 6.18 -0.56
N ARG A 13 15.24 5.82 -0.63
CA ARG A 13 16.32 6.80 -0.57
C ARG A 13 16.27 7.61 0.73
N GLN A 14 15.77 6.98 1.79
CA GLN A 14 15.65 7.63 3.09
C GLN A 14 14.68 8.80 3.04
N THR A 15 13.64 8.68 2.24
CA THR A 15 12.64 9.74 2.11
C THR A 15 11.29 9.18 1.69
N PHE A 16 10.23 9.88 2.07
CA PHE A 16 8.87 9.44 1.73
C PHE A 16 8.40 10.13 0.45
N PHE A 17 8.65 9.47 -0.67
CA PHE A 17 8.27 9.99 -1.99
C PHE A 17 6.75 9.94 -2.20
N PRO A 18 6.06 11.10 -2.24
CA PRO A 18 4.60 11.15 -2.45
C PRO A 18 4.17 10.43 -3.71
N LEU A 19 3.30 9.43 -3.55
CA LEU A 19 2.78 8.66 -4.67
C LEU A 19 1.37 9.14 -5.02
N LEU A 20 1.20 9.52 -6.27
CA LEU A 20 -0.09 10.00 -6.76
C LEU A 20 -1.10 8.88 -6.87
N GLU A 21 -2.35 9.22 -7.19
CA GLU A 21 -3.41 8.24 -7.33
C GLU A 21 -3.15 7.30 -8.49
N ASN A 22 -2.43 7.79 -9.50
CA ASN A 22 -2.10 6.98 -10.65
C ASN A 22 -0.77 6.25 -10.46
N GLY A 23 -0.26 6.24 -9.22
CA GLY A 23 0.99 5.58 -8.94
C GLY A 23 2.20 6.36 -9.43
N ARG A 24 2.00 7.64 -9.72
CA ARG A 24 3.09 8.49 -10.17
C ARG A 24 3.97 8.83 -8.98
N LEU A 25 5.02 8.03 -8.78
CA LEU A 25 5.93 8.23 -7.66
C LEU A 25 6.74 9.51 -7.83
N LEU A 26 6.61 10.41 -6.85
CA LEU A 26 7.36 11.66 -6.87
C LEU A 26 8.69 11.52 -6.15
N LYS A 27 9.63 10.84 -6.79
CA LYS A 27 10.94 10.62 -6.22
C LYS A 27 11.69 11.93 -5.98
N GLN A 28 11.22 13.02 -6.60
CA GLN A 28 11.84 14.32 -6.45
C GLN A 28 11.18 15.15 -5.35
N GLU A 29 9.92 14.86 -5.05
CA GLU A 29 9.19 15.60 -4.02
C GLU A 29 9.12 14.84 -2.70
N GLY A 30 10.10 13.99 -2.45
CA GLY A 30 10.12 13.22 -1.22
C GLY A 30 10.18 14.10 0.01
N THR A 31 9.78 13.53 1.14
CA THR A 31 9.79 14.25 2.40
C THR A 31 10.47 13.42 3.49
N LYS A 32 10.95 14.10 4.52
CA LYS A 32 11.61 13.44 5.62
C LYS A 32 10.64 13.15 6.75
N THR A 33 9.51 12.55 6.41
CA THR A 33 8.48 12.23 7.39
C THR A 33 7.39 11.35 6.77
N ALA A 34 6.79 10.52 7.59
CA ALA A 34 5.74 9.61 7.13
C ALA A 34 4.35 10.23 7.33
N PRO A 35 3.53 10.31 6.26
CA PRO A 35 2.18 10.87 6.35
C PRO A 35 1.17 9.86 6.87
N SER A 36 0.67 10.12 8.07
CA SER A 36 -0.31 9.27 8.73
C SER A 36 -1.67 9.32 8.03
N ASP A 37 -1.83 10.23 7.07
CA ASP A 37 -3.08 10.35 6.34
C ASP A 37 -3.18 9.26 5.28
N ALA A 38 -2.03 8.74 4.86
CA ALA A 38 -2.01 7.71 3.84
C ALA A 38 -0.97 6.63 4.14
N PRO A 39 -1.01 5.48 3.43
CA PRO A 39 -0.06 4.39 3.63
C PRO A 39 1.31 4.69 3.05
N VAL A 40 2.33 4.03 3.57
CA VAL A 40 3.69 4.23 3.10
C VAL A 40 4.27 2.94 2.49
N LEU A 41 4.45 2.95 1.18
CA LEU A 41 5.00 1.81 0.47
C LEU A 41 6.49 1.67 0.76
N VAL A 42 6.84 0.84 1.72
CA VAL A 42 8.24 0.63 2.07
C VAL A 42 8.83 -0.55 1.29
N GLY A 43 10.06 -0.36 0.81
CA GLY A 43 10.74 -1.41 0.07
C GLY A 43 9.88 -2.03 -1.02
N TRP A 44 9.40 -1.20 -1.95
CA TRP A 44 8.55 -1.70 -3.04
C TRP A 44 9.35 -1.86 -4.33
N LYS A 45 8.90 -2.79 -5.16
CA LYS A 45 9.54 -3.06 -6.43
C LYS A 45 9.40 -1.85 -7.36
N ASP A 46 9.81 -2.03 -8.61
CA ASP A 46 9.74 -0.96 -9.62
C ASP A 46 8.41 -0.20 -9.58
N GLY A 47 8.43 1.04 -10.03
CA GLY A 47 7.23 1.85 -10.05
C GLY A 47 6.10 1.18 -10.83
N ASP A 48 6.46 0.32 -11.77
CA ASP A 48 5.48 -0.39 -12.58
C ASP A 48 4.58 -1.23 -11.68
N ALA A 49 5.18 -1.84 -10.65
CA ALA A 49 4.44 -2.66 -9.71
C ALA A 49 3.67 -1.77 -8.75
N ILE A 50 4.30 -0.69 -8.31
CA ILE A 50 3.67 0.25 -7.40
C ILE A 50 2.39 0.83 -8.03
N ALA A 51 2.49 1.14 -9.32
CA ALA A 51 1.34 1.69 -10.06
C ALA A 51 0.12 0.79 -9.93
N GLU A 52 0.37 -0.51 -9.80
CA GLU A 52 -0.72 -1.48 -9.65
C GLU A 52 -1.42 -1.28 -8.32
N MET A 53 -0.63 -1.29 -7.24
CA MET A 53 -1.18 -1.09 -5.91
C MET A 53 -1.87 0.26 -5.83
N THR A 54 -1.21 1.29 -6.36
CA THR A 54 -1.79 2.63 -6.35
C THR A 54 -3.14 2.63 -7.05
N GLY A 55 -3.25 1.85 -8.12
CA GLY A 55 -4.51 1.76 -8.84
C GLY A 55 -5.60 1.24 -7.91
N GLN A 56 -5.21 0.31 -7.05
CA GLN A 56 -6.15 -0.26 -6.08
C GLN A 56 -6.51 0.75 -5.00
N LEU A 57 -5.49 1.40 -4.44
CA LEU A 57 -5.73 2.41 -3.39
C LEU A 57 -6.49 3.61 -3.94
N ALA A 58 -6.32 3.88 -5.22
CA ALA A 58 -7.00 5.01 -5.86
C ALA A 58 -8.51 4.75 -5.96
N GLU A 59 -8.92 3.48 -5.86
CA GLU A 59 -10.32 3.12 -5.94
C GLU A 59 -10.85 2.63 -4.60
N LEU A 60 -9.97 2.04 -3.79
CA LEU A 60 -10.35 1.52 -2.47
C LEU A 60 -10.99 2.62 -1.61
N PRO A 61 -11.64 2.24 -0.49
CA PRO A 61 -12.29 3.20 0.40
C PRO A 61 -11.29 4.09 1.15
N ALA A 62 -11.50 5.40 1.07
CA ALA A 62 -10.63 6.37 1.74
C ALA A 62 -10.47 6.04 3.22
N ALA A 63 -11.47 5.37 3.79
CA ALA A 63 -11.42 5.00 5.20
C ALA A 63 -10.20 4.14 5.50
N VAL A 64 -9.98 3.12 4.68
CA VAL A 64 -8.83 2.24 4.86
C VAL A 64 -7.56 2.95 4.44
N LEU A 65 -7.66 3.81 3.43
CA LEU A 65 -6.50 4.56 2.94
C LEU A 65 -5.90 5.37 4.09
N GLY A 66 -6.77 5.88 4.95
CA GLY A 66 -6.33 6.65 6.10
C GLY A 66 -5.78 5.75 7.18
N ALA A 67 -6.46 4.63 7.42
CA ALA A 67 -6.02 3.67 8.42
C ALA A 67 -4.98 2.73 7.84
N MET A 68 -3.72 2.96 8.18
CA MET A 68 -2.61 2.14 7.70
C MET A 68 -1.28 2.68 8.24
N SER A 69 -0.21 1.92 8.07
CA SER A 69 1.10 2.33 8.54
C SER A 69 2.13 2.30 7.41
N GLU A 70 2.26 1.14 6.78
CA GLU A 70 3.22 0.97 5.68
C GLU A 70 2.88 -0.28 4.87
N ILE A 71 3.06 -0.19 3.56
CA ILE A 71 2.81 -1.30 2.66
C ILE A 71 4.12 -1.92 2.20
N HIS A 72 4.36 -3.16 2.61
CA HIS A 72 5.59 -3.87 2.25
C HIS A 72 5.32 -4.89 1.14
N TYR A 73 6.10 -4.79 0.07
CA TYR A 73 5.97 -5.72 -1.04
C TYR A 73 6.67 -7.03 -0.73
N LYS A 74 5.87 -8.05 -0.40
CA LYS A 74 6.41 -9.37 -0.08
C LYS A 74 5.86 -10.43 -1.02
N PRO A 75 6.40 -10.52 -2.25
CA PRO A 75 5.94 -11.50 -3.23
C PRO A 75 6.29 -12.94 -2.84
N THR A 76 5.39 -13.86 -3.14
CA THR A 76 5.59 -15.27 -2.81
C THR A 76 5.52 -16.13 -4.06
N ARG A 77 6.08 -17.34 -3.98
CA ARG A 77 6.07 -18.26 -5.11
C ARG A 77 4.66 -18.48 -5.65
N GLU A 78 3.67 -18.31 -4.78
CA GLU A 78 2.28 -18.49 -5.17
C GLU A 78 1.54 -17.16 -5.31
N TYR A 79 2.12 -16.10 -4.73
CA TYR A 79 1.48 -14.77 -4.80
C TYR A 79 2.51 -13.69 -5.11
N GLU A 80 2.92 -13.60 -6.37
CA GLU A 80 3.88 -12.59 -6.81
C GLU A 80 3.41 -11.18 -6.46
N ASP A 81 2.09 -11.01 -6.32
CA ASP A 81 1.53 -9.71 -5.99
C ASP A 81 1.05 -9.67 -4.55
N ARG A 82 1.81 -10.31 -3.66
CA ARG A 82 1.47 -10.35 -2.25
C ARG A 82 2.07 -9.16 -1.50
N VAL A 83 1.21 -8.33 -0.92
CA VAL A 83 1.66 -7.17 -0.17
C VAL A 83 1.25 -7.27 1.30
N ILE A 84 1.83 -6.42 2.15
CA ILE A 84 1.50 -6.43 3.57
C ILE A 84 1.30 -5.01 4.09
N VAL A 85 0.04 -4.66 4.36
CA VAL A 85 -0.28 -3.33 4.88
C VAL A 85 -0.38 -3.34 6.39
N TYR A 86 0.40 -2.48 7.04
CA TYR A 86 0.40 -2.40 8.50
C TYR A 86 -0.73 -1.49 8.97
N MET A 87 -1.21 -1.74 10.19
CA MET A 87 -2.29 -0.94 10.76
C MET A 87 -1.77 -0.04 11.88
N ASN A 88 -2.45 1.08 12.08
CA ASN A 88 -2.06 2.03 13.12
C ASN A 88 -2.11 1.38 14.50
N ASP A 89 -2.94 0.35 14.65
CA ASP A 89 -3.08 -0.35 15.93
C ASP A 89 -2.09 -1.51 16.05
N GLY A 90 -1.09 -1.55 15.17
CA GLY A 90 -0.11 -2.62 15.21
C GLY A 90 -0.59 -3.90 14.54
N TYR A 91 -1.67 -3.81 13.77
CA TYR A 91 -2.20 -4.99 13.07
C TYR A 91 -1.47 -5.23 11.76
N GLU A 92 -1.48 -6.48 11.32
CA GLU A 92 -0.81 -6.84 10.07
C GLU A 92 -1.78 -7.55 9.12
N VAL A 93 -2.11 -6.88 8.02
CA VAL A 93 -3.04 -7.43 7.04
C VAL A 93 -2.32 -7.72 5.72
N SER A 94 -2.40 -8.98 5.28
CA SER A 94 -1.76 -9.38 4.03
C SER A 94 -2.77 -9.39 2.89
N ALA A 95 -2.56 -8.50 1.92
CA ALA A 95 -3.45 -8.41 0.77
C ALA A 95 -2.67 -8.50 -0.53
N THR A 96 -3.37 -8.79 -1.62
CA THR A 96 -2.73 -8.90 -2.93
C THR A 96 -3.01 -7.65 -3.76
N ILE A 97 -2.14 -7.38 -4.73
CA ILE A 97 -2.30 -6.20 -5.59
C ILE A 97 -3.59 -6.30 -6.41
N ARG A 98 -4.00 -7.53 -6.72
CA ARG A 98 -5.20 -7.74 -7.51
C ARG A 98 -6.45 -7.49 -6.68
N GLN A 99 -6.44 -7.93 -5.42
CA GLN A 99 -7.58 -7.75 -4.53
C GLN A 99 -7.20 -6.89 -3.32
N PHE A 100 -6.35 -5.90 -3.54
CA PHE A 100 -5.91 -5.01 -2.47
C PHE A 100 -7.08 -4.17 -1.96
N ALA A 101 -7.75 -3.48 -2.88
CA ALA A 101 -8.89 -2.64 -2.52
C ALA A 101 -10.02 -3.48 -1.95
N ASP A 102 -10.21 -4.67 -2.50
CA ASP A 102 -11.25 -5.57 -2.03
C ASP A 102 -10.94 -6.07 -0.63
N LYS A 103 -9.72 -6.59 -0.46
CA LYS A 103 -9.27 -7.11 0.83
C LYS A 103 -9.44 -6.06 1.93
N LEU A 104 -9.06 -4.83 1.62
CA LEU A 104 -9.16 -3.74 2.58
C LEU A 104 -10.57 -3.14 2.58
N SER A 105 -11.29 -3.31 1.48
CA SER A 105 -12.66 -2.80 1.39
C SER A 105 -13.53 -3.47 2.45
N HIS A 106 -13.23 -4.73 2.72
CA HIS A 106 -13.97 -5.48 3.73
C HIS A 106 -13.59 -5.03 5.15
N TYR A 107 -12.45 -4.33 5.27
CA TYR A 107 -11.99 -3.85 6.57
C TYR A 107 -13.06 -3.00 7.26
N PRO A 108 -13.38 -3.26 8.55
CA PRO A 108 -12.77 -4.32 9.37
C PRO A 108 -13.53 -5.64 9.29
N ALA A 109 -12.98 -6.59 8.54
CA ALA A 109 -13.61 -7.90 8.39
C ALA A 109 -12.77 -8.82 7.52
N ILE A 110 -11.45 -8.73 7.69
CA ILE A 110 -10.52 -9.56 6.94
C ILE A 110 -9.36 -10.01 7.81
N ALA A 111 -8.70 -11.11 7.41
CA ALA A 111 -7.57 -11.64 8.15
C ALA A 111 -7.00 -12.88 7.48
N ALA A 112 -5.89 -13.38 8.01
CA ALA A 112 -5.25 -14.56 7.46
C ALA A 112 -5.86 -15.84 8.05
N ALA A 113 -5.86 -16.90 7.24
CA ALA A 113 -6.43 -18.18 7.66
C ALA A 113 -5.63 -19.34 7.08
N LEU A 114 -4.32 -19.14 6.94
CA LEU A 114 -3.45 -20.18 6.40
C LEU A 114 -2.76 -20.96 7.52
N ASP A 115 -3.50 -21.20 8.61
CA ASP A 115 -2.95 -21.93 9.75
C ASP A 115 -1.74 -21.22 10.32
N ARG A 116 -1.98 -20.32 11.28
CA ARG A 116 -0.90 -19.57 11.91
C ARG A 116 0.11 -20.51 12.57
N ASN A 117 1.09 -20.96 11.79
CA ASN A 117 2.12 -21.86 12.31
C ASN A 117 3.16 -22.16 11.23
N VAL A 118 2.69 -22.33 10.00
CA VAL A 118 3.59 -22.62 8.88
C VAL A 118 4.23 -23.99 9.03
N LYS A 119 3.67 -24.99 8.36
CA LYS A 119 4.19 -26.35 8.43
C LYS A 119 4.23 -26.99 7.04
N GLY A 1 -7.19 19.32 -17.14
CA GLY A 1 -6.20 18.35 -16.61
C GLY A 1 -5.38 18.91 -15.46
N SER A 2 -5.65 18.41 -14.26
CA SER A 2 -4.93 18.87 -13.07
C SER A 2 -4.03 17.76 -12.53
N GLU A 3 -3.18 18.13 -11.56
CA GLU A 3 -2.26 17.17 -10.95
C GLU A 3 -3.02 16.13 -10.13
N TRP A 4 -2.48 14.92 -10.11
CA TRP A 4 -3.09 13.82 -9.36
C TRP A 4 -2.97 14.05 -7.86
N ARG A 5 -3.69 13.25 -7.08
CA ARG A 5 -3.65 13.34 -5.63
C ARG A 5 -2.80 12.23 -5.03
N ARG A 6 -1.98 12.58 -4.05
CA ARG A 6 -1.12 11.60 -3.40
C ARG A 6 -1.92 10.67 -2.51
N ILE A 7 -2.10 9.44 -2.96
CA ILE A 7 -2.84 8.45 -2.20
C ILE A 7 -1.91 7.56 -1.37
N ALA A 8 -0.60 7.72 -1.57
CA ALA A 8 0.37 6.93 -0.83
C ALA A 8 1.74 7.60 -0.85
N TYR A 9 2.70 7.02 -0.16
CA TYR A 9 4.05 7.56 -0.11
C TYR A 9 5.06 6.42 -0.06
N VAL A 10 6.02 6.44 -0.97
CA VAL A 10 7.02 5.38 -1.00
C VAL A 10 8.26 5.75 -0.20
N TYR A 11 8.59 4.91 0.78
CA TYR A 11 9.74 5.14 1.63
C TYR A 11 11.01 4.62 0.96
N ASP A 12 11.70 5.51 0.26
CA ASP A 12 12.93 5.16 -0.43
C ASP A 12 13.92 6.32 -0.38
N ARG A 13 15.20 6.00 -0.45
CA ARG A 13 16.24 7.02 -0.41
C ARG A 13 16.18 7.81 0.89
N GLN A 14 15.71 7.15 1.95
CA GLN A 14 15.59 7.79 3.25
C GLN A 14 14.63 8.97 3.20
N THR A 15 13.58 8.84 2.38
CA THR A 15 12.58 9.89 2.24
C THR A 15 11.22 9.31 1.84
N PHE A 16 10.16 10.04 2.15
CA PHE A 16 8.81 9.61 1.82
C PHE A 16 8.32 10.27 0.54
N PHE A 17 8.57 9.59 -0.59
CA PHE A 17 8.18 10.08 -1.90
C PHE A 17 6.66 10.01 -2.10
N PRO A 18 5.97 11.17 -2.26
CA PRO A 18 4.51 11.20 -2.46
C PRO A 18 4.08 10.49 -3.73
N LEU A 19 3.31 9.42 -3.56
CA LEU A 19 2.80 8.65 -4.69
C LEU A 19 1.40 9.10 -5.05
N LEU A 20 1.23 9.49 -6.31
CA LEU A 20 -0.06 9.97 -6.82
C LEU A 20 -1.06 8.82 -6.93
N GLU A 21 -2.31 9.17 -7.27
CA GLU A 21 -3.37 8.17 -7.42
C GLU A 21 -3.07 7.22 -8.57
N ASN A 22 -2.36 7.73 -9.58
CA ASN A 22 -2.02 6.92 -10.73
C ASN A 22 -0.68 6.19 -10.53
N GLY A 23 -0.18 6.20 -9.29
CA GLY A 23 1.06 5.53 -8.98
C GLY A 23 2.27 6.31 -9.47
N ARG A 24 2.08 7.60 -9.73
CA ARG A 24 3.18 8.45 -10.17
C ARG A 24 4.04 8.80 -8.97
N LEU A 25 5.08 8.02 -8.75
CA LEU A 25 5.97 8.22 -7.62
C LEU A 25 6.79 9.50 -7.77
N LEU A 26 6.66 10.40 -6.81
CA LEU A 26 7.39 11.66 -6.82
C LEU A 26 8.72 11.51 -6.10
N LYS A 27 9.65 10.81 -6.74
CA LYS A 27 10.97 10.58 -6.16
C LYS A 27 11.74 11.87 -5.91
N GLN A 28 11.28 12.97 -6.50
CA GLN A 28 11.93 14.27 -6.32
C GLN A 28 11.23 15.13 -5.27
N GLU A 29 9.96 14.84 -5.00
CA GLU A 29 9.20 15.61 -4.02
C GLU A 29 9.09 14.88 -2.69
N GLY A 30 10.08 14.05 -2.39
CA GLY A 30 10.07 13.30 -1.14
C GLY A 30 10.11 14.20 0.07
N THR A 31 9.70 13.66 1.21
CA THR A 31 9.70 14.39 2.46
C THR A 31 10.36 13.58 3.56
N LYS A 32 10.85 14.28 4.58
CA LYS A 32 11.51 13.63 5.69
C LYS A 32 10.52 13.35 6.82
N THR A 33 9.40 12.72 6.48
CA THR A 33 8.36 12.40 7.45
C THR A 33 7.31 11.50 6.82
N ALA A 34 6.68 10.67 7.66
CA ALA A 34 5.65 9.75 7.20
C ALA A 34 4.25 10.34 7.37
N PRO A 35 3.44 10.40 6.29
CA PRO A 35 2.09 10.94 6.35
C PRO A 35 1.08 9.92 6.86
N SER A 36 0.56 10.15 8.06
CA SER A 36 -0.42 9.26 8.68
C SER A 36 -1.77 9.31 7.96
N ASP A 37 -1.93 10.24 7.02
CA ASP A 37 -3.17 10.34 6.28
C ASP A 37 -3.25 9.26 5.21
N ALA A 38 -2.09 8.77 4.80
CA ALA A 38 -2.04 7.74 3.76
C ALA A 38 -1.01 6.66 4.09
N PRO A 39 -1.05 5.52 3.37
CA PRO A 39 -0.12 4.41 3.59
C PRO A 39 1.27 4.71 3.04
N VAL A 40 2.28 4.02 3.57
CA VAL A 40 3.65 4.22 3.13
C VAL A 40 4.24 2.94 2.52
N LEU A 41 4.44 2.98 1.21
CA LEU A 41 5.02 1.84 0.50
C LEU A 41 6.51 1.72 0.80
N VAL A 42 6.83 0.86 1.76
CA VAL A 42 8.22 0.64 2.14
C VAL A 42 8.84 -0.52 1.36
N GLY A 43 10.06 -0.33 0.90
CA GLY A 43 10.76 -1.35 0.15
C GLY A 43 9.92 -1.98 -0.95
N TRP A 44 9.44 -1.15 -1.88
CA TRP A 44 8.61 -1.63 -2.97
C TRP A 44 9.41 -1.78 -4.26
N LYS A 45 8.98 -2.72 -5.10
CA LYS A 45 9.63 -2.98 -6.37
C LYS A 45 9.47 -1.78 -7.30
N ASP A 46 9.89 -1.96 -8.56
CA ASP A 46 9.80 -0.90 -9.57
C ASP A 46 8.47 -0.16 -9.53
N GLY A 47 8.47 1.08 -9.99
CA GLY A 47 7.25 1.87 -10.01
C GLY A 47 6.14 1.20 -10.79
N ASP A 48 6.52 0.34 -11.73
CA ASP A 48 5.55 -0.39 -12.55
C ASP A 48 4.65 -1.23 -11.66
N ALA A 49 5.25 -1.86 -10.66
CA ALA A 49 4.50 -2.69 -9.71
C ALA A 49 3.72 -1.81 -8.75
N ILE A 50 4.34 -0.72 -8.31
CA ILE A 50 3.70 0.21 -7.39
C ILE A 50 2.43 0.77 -8.03
N ALA A 51 2.52 1.10 -9.32
CA ALA A 51 1.37 1.63 -10.06
C ALA A 51 0.16 0.72 -9.93
N GLU A 52 0.40 -0.58 -9.80
CA GLU A 52 -0.66 -1.56 -9.65
C GLU A 52 -1.36 -1.35 -8.31
N MET A 53 -0.56 -1.35 -7.25
CA MET A 53 -1.09 -1.14 -5.90
C MET A 53 -1.78 0.21 -5.82
N THR A 54 -1.14 1.24 -6.38
CA THR A 54 -1.71 2.58 -6.37
C THR A 54 -3.08 2.57 -7.04
N GLY A 55 -3.21 1.78 -8.10
CA GLY A 55 -4.48 1.68 -8.79
C GLY A 55 -5.55 1.16 -7.84
N GLN A 56 -5.14 0.22 -6.99
CA GLN A 56 -6.05 -0.36 -6.00
C GLN A 56 -6.41 0.67 -4.92
N LEU A 57 -5.41 1.35 -4.38
CA LEU A 57 -5.64 2.36 -3.34
C LEU A 57 -6.43 3.54 -3.89
N ALA A 58 -6.27 3.79 -5.18
CA ALA A 58 -6.98 4.90 -5.82
C ALA A 58 -8.48 4.63 -5.90
N GLU A 59 -8.87 3.35 -5.80
CA GLU A 59 -10.27 2.97 -5.87
C GLU A 59 -10.78 2.48 -4.51
N LEU A 60 -9.87 1.95 -3.69
CA LEU A 60 -10.23 1.43 -2.37
C LEU A 60 -10.90 2.53 -1.52
N PRO A 61 -11.55 2.15 -0.39
CA PRO A 61 -12.21 3.12 0.48
C PRO A 61 -11.24 4.01 1.23
N ALA A 62 -11.48 5.33 1.13
CA ALA A 62 -10.63 6.31 1.80
C ALA A 62 -10.46 6.00 3.29
N ALA A 63 -11.44 5.31 3.86
CA ALA A 63 -11.39 4.94 5.26
C ALA A 63 -10.15 4.11 5.58
N VAL A 64 -9.90 3.09 4.76
CA VAL A 64 -8.74 2.24 4.95
C VAL A 64 -7.47 2.98 4.53
N LEU A 65 -7.59 3.82 3.50
CA LEU A 65 -6.45 4.60 3.02
C LEU A 65 -5.86 5.41 4.15
N GLY A 66 -6.72 5.90 5.04
CA GLY A 66 -6.28 6.67 6.18
C GLY A 66 -5.74 5.76 7.27
N ALA A 67 -6.43 4.63 7.48
CA ALA A 67 -6.01 3.67 8.50
C ALA A 67 -4.98 2.71 7.92
N MET A 68 -3.72 2.94 8.28
CA MET A 68 -2.61 2.10 7.82
C MET A 68 -1.29 2.64 8.34
N SER A 69 -0.21 1.87 8.15
CA SER A 69 1.11 2.30 8.61
C SER A 69 2.12 2.27 7.48
N GLU A 70 2.27 1.11 6.84
CA GLU A 70 3.21 0.96 5.73
C GLU A 70 2.90 -0.30 4.93
N ILE A 71 3.07 -0.20 3.61
CA ILE A 71 2.82 -1.33 2.72
C ILE A 71 4.14 -1.96 2.28
N HIS A 72 4.36 -3.20 2.69
CA HIS A 72 5.59 -3.91 2.34
C HIS A 72 5.33 -4.96 1.27
N TYR A 73 6.09 -4.88 0.18
CA TYR A 73 5.96 -5.84 -0.92
C TYR A 73 6.66 -7.14 -0.57
N LYS A 74 5.87 -8.16 -0.23
CA LYS A 74 6.40 -9.47 0.12
C LYS A 74 5.85 -10.54 -0.82
N PRO A 75 6.39 -10.64 -2.05
CA PRO A 75 5.94 -11.63 -3.04
C PRO A 75 6.24 -13.06 -2.62
N THR A 76 5.37 -13.97 -3.02
CA THR A 76 5.52 -15.38 -2.69
C THR A 76 5.47 -16.23 -3.96
N ARG A 77 6.03 -17.44 -3.87
CA ARG A 77 6.05 -18.36 -5.01
C ARG A 77 4.65 -18.57 -5.58
N GLU A 78 3.63 -18.39 -4.74
CA GLU A 78 2.26 -18.57 -5.18
C GLU A 78 1.54 -17.22 -5.34
N TYR A 79 2.09 -16.17 -4.73
CA TYR A 79 1.48 -14.84 -4.82
C TYR A 79 2.52 -13.76 -5.06
N GLU A 80 2.99 -13.66 -6.30
CA GLU A 80 4.00 -12.66 -6.66
C GLU A 80 3.50 -11.25 -6.34
N ASP A 81 2.19 -11.08 -6.24
CA ASP A 81 1.61 -9.78 -5.94
C ASP A 81 1.11 -9.73 -4.50
N ARG A 82 1.84 -10.36 -3.60
CA ARG A 82 1.47 -10.39 -2.19
C ARG A 82 2.10 -9.23 -1.43
N VAL A 83 1.24 -8.34 -0.92
CA VAL A 83 1.71 -7.18 -0.17
C VAL A 83 1.29 -7.29 1.29
N ILE A 84 1.86 -6.44 2.14
CA ILE A 84 1.53 -6.46 3.57
C ILE A 84 1.32 -5.04 4.10
N VAL A 85 0.06 -4.69 4.37
CA VAL A 85 -0.26 -3.37 4.89
C VAL A 85 -0.38 -3.41 6.41
N TYR A 86 0.37 -2.53 7.07
CA TYR A 86 0.34 -2.46 8.53
C TYR A 86 -0.79 -1.55 9.01
N MET A 87 -1.29 -1.82 10.20
CA MET A 87 -2.37 -1.03 10.77
C MET A 87 -1.86 -0.12 11.89
N ASN A 88 -2.53 1.00 12.10
CA ASN A 88 -2.15 1.95 13.14
C ASN A 88 -2.14 1.29 14.51
N ASP A 89 -2.90 0.21 14.67
CA ASP A 89 -2.96 -0.49 15.95
C ASP A 89 -1.91 -1.59 16.05
N GLY A 90 -0.90 -1.56 15.17
CA GLY A 90 0.15 -2.55 15.20
C GLY A 90 -0.28 -3.89 14.58
N TYR A 91 -1.39 -3.88 13.84
CA TYR A 91 -1.88 -5.09 13.21
C TYR A 91 -1.16 -5.34 11.89
N GLU A 92 -1.32 -6.55 11.35
CA GLU A 92 -0.68 -6.90 10.09
C GLU A 92 -1.67 -7.60 9.15
N VAL A 93 -1.97 -6.95 8.04
CA VAL A 93 -2.90 -7.50 7.06
C VAL A 93 -2.21 -7.78 5.73
N SER A 94 -2.33 -9.01 5.26
CA SER A 94 -1.70 -9.41 4.00
C SER A 94 -2.73 -9.38 2.86
N ALA A 95 -2.51 -8.50 1.89
CA ALA A 95 -3.40 -8.37 0.76
C ALA A 95 -2.63 -8.49 -0.55
N THR A 96 -3.34 -8.82 -1.63
CA THR A 96 -2.71 -8.96 -2.94
C THR A 96 -2.98 -7.72 -3.78
N ILE A 97 -2.09 -7.46 -4.75
CA ILE A 97 -2.24 -6.31 -5.61
C ILE A 97 -3.51 -6.42 -6.47
N ARG A 98 -3.86 -7.65 -6.85
CA ARG A 98 -5.02 -7.87 -7.68
C ARG A 98 -6.32 -7.57 -6.91
N GLN A 99 -6.36 -7.95 -5.64
CA GLN A 99 -7.53 -7.70 -4.81
C GLN A 99 -7.15 -6.95 -3.54
N PHE A 100 -6.31 -5.93 -3.69
CA PHE A 100 -5.87 -5.13 -2.55
C PHE A 100 -7.03 -4.31 -1.98
N ALA A 101 -7.68 -3.55 -2.86
CA ALA A 101 -8.80 -2.71 -2.45
C ALA A 101 -9.91 -3.54 -1.82
N ASP A 102 -10.15 -4.72 -2.37
CA ASP A 102 -11.18 -5.61 -1.85
C ASP A 102 -10.81 -6.12 -0.46
N LYS A 103 -9.57 -6.61 -0.33
CA LYS A 103 -9.07 -7.13 0.94
C LYS A 103 -9.23 -6.11 2.05
N LEU A 104 -8.90 -4.86 1.75
CA LEU A 104 -9.00 -3.79 2.72
C LEU A 104 -10.42 -3.22 2.75
N SER A 105 -11.15 -3.36 1.64
CA SER A 105 -12.51 -2.87 1.55
C SER A 105 -13.39 -3.56 2.57
N HIS A 106 -13.06 -4.81 2.87
CA HIS A 106 -13.82 -5.58 3.85
C HIS A 106 -13.63 -5.03 5.26
N TYR A 107 -12.58 -4.22 5.46
CA TYR A 107 -12.31 -3.64 6.77
C TYR A 107 -13.45 -2.70 7.18
N PRO A 108 -13.93 -2.75 8.45
CA PRO A 108 -13.43 -3.67 9.50
C PRO A 108 -13.84 -5.12 9.25
N ALA A 109 -13.04 -6.05 9.77
CA ALA A 109 -13.28 -7.49 9.61
C ALA A 109 -12.75 -7.97 8.27
N ILE A 110 -11.44 -8.15 8.19
CA ILE A 110 -10.79 -8.61 6.97
C ILE A 110 -9.98 -9.88 7.21
N ALA A 111 -9.34 -10.38 6.17
CA ALA A 111 -8.54 -11.60 6.26
C ALA A 111 -9.42 -12.81 6.53
N ALA A 112 -9.33 -13.80 5.65
CA ALA A 112 -10.12 -15.03 5.79
C ALA A 112 -9.23 -16.24 6.04
N ALA A 113 -9.80 -17.43 5.87
CA ALA A 113 -9.04 -18.67 6.07
C ALA A 113 -8.55 -19.22 4.74
N LEU A 114 -8.26 -18.33 3.80
CA LEU A 114 -7.77 -18.73 2.48
C LEU A 114 -6.25 -18.89 2.48
N ASP A 115 -5.62 -18.81 3.65
CA ASP A 115 -4.17 -18.95 3.75
C ASP A 115 -3.78 -20.42 3.91
N ARG A 116 -4.24 -21.26 3.00
CA ARG A 116 -3.94 -22.69 3.03
C ARG A 116 -3.74 -23.22 1.62
N ASN A 117 -2.82 -22.59 0.88
CA ASN A 117 -2.52 -23.01 -0.49
C ASN A 117 -3.74 -22.81 -1.38
N VAL A 118 -3.52 -22.20 -2.54
CA VAL A 118 -4.61 -21.93 -3.49
C VAL A 118 -5.32 -23.23 -3.89
N LYS A 119 -6.63 -23.14 -4.09
CA LYS A 119 -7.42 -24.30 -4.48
C LYS A 119 -7.85 -24.21 -5.94
N GLY A 1 -9.37 18.75 -9.94
CA GLY A 1 -8.39 19.87 -10.03
C GLY A 1 -7.17 19.52 -10.86
N SER A 2 -6.10 20.29 -10.68
CA SER A 2 -4.86 20.05 -11.42
C SER A 2 -3.97 19.06 -10.67
N GLU A 3 -3.20 18.28 -11.42
CA GLU A 3 -2.30 17.29 -10.83
C GLU A 3 -3.07 16.25 -10.04
N TRP A 4 -2.54 15.03 -10.00
CA TRP A 4 -3.17 13.93 -9.28
C TRP A 4 -3.05 14.13 -7.78
N ARG A 5 -3.80 13.33 -7.02
CA ARG A 5 -3.78 13.41 -5.56
C ARG A 5 -2.92 12.29 -4.98
N ARG A 6 -2.08 12.64 -4.02
CA ARG A 6 -1.20 11.68 -3.38
C ARG A 6 -1.99 10.74 -2.48
N ILE A 7 -2.15 9.50 -2.93
CA ILE A 7 -2.89 8.51 -2.16
C ILE A 7 -1.94 7.61 -1.36
N ALA A 8 -0.64 7.77 -1.57
CA ALA A 8 0.34 6.98 -0.85
C ALA A 8 1.71 7.63 -0.88
N TYR A 9 2.67 7.03 -0.19
CA TYR A 9 4.03 7.56 -0.15
C TYR A 9 5.03 6.41 -0.08
N VAL A 10 6.01 6.40 -0.97
CA VAL A 10 6.99 5.33 -0.98
C VAL A 10 8.22 5.69 -0.14
N TYR A 11 8.51 4.86 0.85
CA TYR A 11 9.65 5.07 1.73
C TYR A 11 10.92 4.51 1.13
N ASP A 12 11.74 5.38 0.55
CA ASP A 12 12.99 4.97 -0.07
C ASP A 12 13.99 6.12 -0.07
N ARG A 13 15.27 5.79 -0.09
CA ARG A 13 16.32 6.81 -0.09
C ARG A 13 16.25 7.66 1.17
N GLN A 14 15.79 7.06 2.27
CA GLN A 14 15.67 7.76 3.54
C GLN A 14 14.67 8.91 3.43
N THR A 15 13.66 8.74 2.59
CA THR A 15 12.64 9.77 2.40
C THR A 15 11.30 9.15 2.00
N PHE A 16 10.23 9.92 2.17
CA PHE A 16 8.89 9.46 1.82
C PHE A 16 8.40 10.13 0.55
N PHE A 17 8.67 9.48 -0.58
CA PHE A 17 8.28 9.98 -1.89
C PHE A 17 6.75 9.97 -2.06
N PRO A 18 6.12 11.12 -2.40
CA PRO A 18 4.67 11.21 -2.57
C PRO A 18 4.19 10.44 -3.81
N LEU A 19 3.29 9.50 -3.60
CA LEU A 19 2.75 8.71 -4.70
C LEU A 19 1.34 9.18 -5.05
N LEU A 20 1.16 9.55 -6.31
CA LEU A 20 -0.13 10.03 -6.80
C LEU A 20 -1.15 8.90 -6.92
N GLU A 21 -2.39 9.25 -7.23
CA GLU A 21 -3.46 8.28 -7.38
C GLU A 21 -3.17 7.33 -8.53
N ASN A 22 -2.45 7.83 -9.54
CA ASN A 22 -2.11 7.03 -10.70
C ASN A 22 -0.77 6.31 -10.48
N GLY A 23 -0.28 6.31 -9.24
CA GLY A 23 0.98 5.65 -8.94
C GLY A 23 2.18 6.42 -9.44
N ARG A 24 2.01 7.71 -9.69
CA ARG A 24 3.10 8.55 -10.14
C ARG A 24 3.99 8.89 -8.95
N LEU A 25 5.05 8.12 -8.78
CA LEU A 25 5.97 8.33 -7.66
C LEU A 25 6.79 9.60 -7.83
N LEU A 26 6.69 10.49 -6.84
CA LEU A 26 7.43 11.74 -6.86
C LEU A 26 8.73 11.61 -6.07
N LYS A 27 9.68 10.87 -6.63
CA LYS A 27 10.96 10.66 -5.98
C LYS A 27 11.68 11.97 -5.71
N GLN A 28 11.30 13.03 -6.44
CA GLN A 28 11.91 14.33 -6.27
C GLN A 28 11.20 15.15 -5.20
N GLU A 29 9.93 14.85 -4.93
CA GLU A 29 9.16 15.58 -3.93
C GLU A 29 9.10 14.82 -2.61
N GLY A 30 10.08 13.98 -2.36
CA GLY A 30 10.11 13.22 -1.11
C GLY A 30 10.10 14.10 0.11
N THR A 31 9.75 13.52 1.23
CA THR A 31 9.68 14.24 2.50
C THR A 31 10.33 13.45 3.62
N LYS A 32 10.88 14.14 4.60
CA LYS A 32 11.53 13.49 5.73
C LYS A 32 10.52 13.23 6.85
N THR A 33 9.41 12.59 6.50
CA THR A 33 8.36 12.29 7.48
C THR A 33 7.31 11.37 6.87
N ALA A 34 6.71 10.55 7.72
CA ALA A 34 5.69 9.61 7.28
C ALA A 34 4.29 10.20 7.45
N PRO A 35 3.47 10.24 6.36
CA PRO A 35 2.12 10.78 6.43
C PRO A 35 1.10 9.75 6.91
N SER A 36 0.61 9.98 8.12
CA SER A 36 -0.39 9.09 8.73
C SER A 36 -1.74 9.17 8.04
N ASP A 37 -1.90 10.11 7.11
CA ASP A 37 -3.14 10.27 6.38
C ASP A 37 -3.24 9.21 5.29
N ALA A 38 -2.10 8.70 4.86
CA ALA A 38 -2.09 7.69 3.80
C ALA A 38 -1.05 6.60 4.09
N PRO A 39 -1.12 5.47 3.34
CA PRO A 39 -0.19 4.35 3.54
C PRO A 39 1.20 4.66 2.98
N VAL A 40 2.22 4.00 3.55
CA VAL A 40 3.58 4.21 3.11
C VAL A 40 4.18 2.93 2.50
N LEU A 41 4.37 2.96 1.19
CA LEU A 41 4.94 1.83 0.47
C LEU A 41 6.43 1.71 0.77
N VAL A 42 6.77 0.86 1.74
CA VAL A 42 8.17 0.67 2.11
C VAL A 42 8.79 -0.49 1.34
N GLY A 43 10.01 -0.29 0.87
CA GLY A 43 10.71 -1.33 0.11
C GLY A 43 9.86 -1.96 -0.97
N TRP A 44 9.38 -1.14 -1.91
CA TRP A 44 8.55 -1.63 -2.99
C TRP A 44 9.33 -1.80 -4.29
N LYS A 45 8.89 -2.75 -5.11
CA LYS A 45 9.52 -3.02 -6.40
C LYS A 45 9.42 -1.80 -7.31
N ASP A 46 9.82 -1.98 -8.56
CA ASP A 46 9.78 -0.90 -9.56
C ASP A 46 8.45 -0.13 -9.52
N GLY A 47 8.49 1.12 -9.98
CA GLY A 47 7.29 1.93 -10.00
C GLY A 47 6.17 1.30 -10.80
N ASP A 48 6.55 0.44 -11.75
CA ASP A 48 5.57 -0.24 -12.58
C ASP A 48 4.65 -1.09 -11.72
N ALA A 49 5.23 -1.73 -10.71
CA ALA A 49 4.46 -2.56 -9.79
C ALA A 49 3.68 -1.69 -8.82
N ILE A 50 4.31 -0.62 -8.35
CA ILE A 50 3.67 0.31 -7.42
C ILE A 50 2.40 0.88 -8.07
N ALA A 51 2.51 1.21 -9.35
CA ALA A 51 1.37 1.77 -10.09
C ALA A 51 0.15 0.87 -9.99
N GLU A 52 0.39 -0.44 -9.88
CA GLU A 52 -0.69 -1.40 -9.77
C GLU A 52 -1.40 -1.23 -8.42
N MET A 53 -0.62 -1.26 -7.35
CA MET A 53 -1.15 -1.08 -6.01
C MET A 53 -1.86 0.26 -5.91
N THR A 54 -1.21 1.31 -6.41
CA THR A 54 -1.78 2.65 -6.39
C THR A 54 -3.14 2.65 -7.07
N GLY A 55 -3.25 1.90 -8.17
CA GLY A 55 -4.51 1.82 -8.87
C GLY A 55 -5.60 1.29 -7.96
N GLN A 56 -5.22 0.33 -7.11
CA GLN A 56 -6.16 -0.25 -6.16
C GLN A 56 -6.52 0.76 -5.06
N LEU A 57 -5.51 1.41 -4.48
CA LEU A 57 -5.75 2.40 -3.44
C LEU A 57 -6.53 3.59 -3.98
N ALA A 58 -6.35 3.89 -5.25
CA ALA A 58 -7.04 5.01 -5.87
C ALA A 58 -8.55 4.74 -5.96
N GLU A 59 -8.94 3.47 -5.88
CA GLU A 59 -10.35 3.09 -5.94
C GLU A 59 -10.86 2.58 -4.60
N LEU A 60 -9.96 2.04 -3.78
CA LEU A 60 -10.32 1.51 -2.48
C LEU A 60 -11.01 2.59 -1.62
N PRO A 61 -11.66 2.18 -0.49
CA PRO A 61 -12.34 3.12 0.40
C PRO A 61 -11.38 4.00 1.17
N ALA A 62 -11.62 5.31 1.13
CA ALA A 62 -10.80 6.28 1.83
C ALA A 62 -10.61 5.91 3.30
N ALA A 63 -11.57 5.18 3.84
CA ALA A 63 -11.51 4.75 5.23
C ALA A 63 -10.24 3.95 5.51
N VAL A 64 -9.99 2.95 4.67
CA VAL A 64 -8.80 2.13 4.82
C VAL A 64 -7.55 2.90 4.40
N LEU A 65 -7.70 3.75 3.38
CA LEU A 65 -6.58 4.55 2.90
C LEU A 65 -6.00 5.39 4.04
N GLY A 66 -6.88 5.88 4.90
CA GLY A 66 -6.45 6.66 6.04
C GLY A 66 -5.93 5.78 7.15
N ALA A 67 -6.55 4.61 7.31
CA ALA A 67 -6.15 3.67 8.34
C ALA A 67 -5.11 2.70 7.80
N MET A 68 -3.85 2.92 8.16
CA MET A 68 -2.74 2.08 7.72
C MET A 68 -1.42 2.63 8.27
N SER A 69 -0.33 1.90 8.04
CA SER A 69 0.98 2.32 8.51
C SER A 69 2.01 2.28 7.39
N GLU A 70 2.14 1.11 6.75
CA GLU A 70 3.09 0.94 5.67
C GLU A 70 2.78 -0.30 4.85
N ILE A 71 2.97 -0.20 3.53
CA ILE A 71 2.72 -1.32 2.63
C ILE A 71 4.04 -1.95 2.18
N HIS A 72 4.25 -3.19 2.58
CA HIS A 72 5.47 -3.90 2.22
C HIS A 72 5.22 -4.91 1.10
N TYR A 73 5.97 -4.77 0.01
CA TYR A 73 5.84 -5.67 -1.12
C TYR A 73 6.60 -6.96 -0.87
N LYS A 74 5.87 -8.02 -0.56
CA LYS A 74 6.49 -9.32 -0.30
C LYS A 74 5.92 -10.39 -1.23
N PRO A 75 6.44 -10.45 -2.49
CA PRO A 75 5.97 -11.43 -3.47
C PRO A 75 6.34 -12.86 -3.10
N THR A 76 5.48 -13.80 -3.46
CA THR A 76 5.71 -15.21 -3.16
C THR A 76 5.59 -16.05 -4.43
N ARG A 77 6.19 -17.23 -4.40
CA ARG A 77 6.17 -18.14 -5.55
C ARG A 77 4.73 -18.38 -6.03
N GLU A 78 3.77 -18.25 -5.12
CA GLU A 78 2.36 -18.46 -5.45
C GLU A 78 1.61 -17.13 -5.52
N TYR A 79 2.16 -16.08 -4.92
CA TYR A 79 1.52 -14.77 -4.93
C TYR A 79 2.52 -13.66 -5.26
N GLU A 80 2.92 -13.59 -6.53
CA GLU A 80 3.87 -12.57 -6.97
C GLU A 80 3.39 -11.16 -6.65
N ASP A 81 2.09 -11.01 -6.45
CA ASP A 81 1.52 -9.71 -6.14
C ASP A 81 1.03 -9.66 -4.69
N ARG A 82 1.79 -10.28 -3.80
CA ARG A 82 1.44 -10.32 -2.38
C ARG A 82 2.06 -9.14 -1.63
N VAL A 83 1.20 -8.28 -1.08
CA VAL A 83 1.65 -7.12 -0.33
C VAL A 83 1.27 -7.25 1.15
N ILE A 84 1.86 -6.40 1.98
CA ILE A 84 1.57 -6.43 3.42
C ILE A 84 1.33 -5.02 3.97
N VAL A 85 0.08 -4.72 4.28
CA VAL A 85 -0.27 -3.41 4.82
C VAL A 85 -0.39 -3.46 6.34
N TYR A 86 0.20 -2.48 7.00
CA TYR A 86 0.16 -2.41 8.46
C TYR A 86 -0.96 -1.50 8.93
N MET A 87 -1.47 -1.75 10.13
CA MET A 87 -2.55 -0.95 10.69
C MET A 87 -2.03 -0.06 11.82
N ASN A 88 -2.70 1.07 12.03
CA ASN A 88 -2.29 2.01 13.08
C ASN A 88 -2.20 1.34 14.44
N ASP A 89 -2.92 0.24 14.63
CA ASP A 89 -2.92 -0.47 15.89
C ASP A 89 -1.84 -1.56 15.93
N GLY A 90 -0.89 -1.50 15.00
CA GLY A 90 0.18 -2.49 14.96
C GLY A 90 -0.26 -3.80 14.31
N TYR A 91 -1.39 -3.79 13.62
CA TYR A 91 -1.90 -4.98 12.96
C TYR A 91 -1.15 -5.25 11.66
N GLU A 92 -1.18 -6.50 11.22
CA GLU A 92 -0.50 -6.89 9.99
C GLU A 92 -1.44 -7.67 9.07
N VAL A 93 -1.80 -7.05 7.95
CA VAL A 93 -2.70 -7.67 6.99
C VAL A 93 -1.99 -7.96 5.66
N SER A 94 -2.22 -9.14 5.12
CA SER A 94 -1.60 -9.53 3.85
C SER A 94 -2.62 -9.49 2.72
N ALA A 95 -2.45 -8.56 1.80
CA ALA A 95 -3.36 -8.42 0.67
C ALA A 95 -2.62 -8.62 -0.65
N THR A 96 -3.37 -8.62 -1.75
CA THR A 96 -2.77 -8.79 -3.07
C THR A 96 -3.03 -7.56 -3.93
N ILE A 97 -2.16 -7.33 -4.91
CA ILE A 97 -2.31 -6.18 -5.80
C ILE A 97 -3.57 -6.31 -6.65
N ARG A 98 -3.94 -7.55 -6.96
CA ARG A 98 -5.11 -7.80 -7.79
C ARG A 98 -6.41 -7.54 -7.01
N GLN A 99 -6.36 -7.78 -5.71
CA GLN A 99 -7.54 -7.58 -4.86
C GLN A 99 -7.16 -6.79 -3.60
N PHE A 100 -6.34 -5.77 -3.75
CA PHE A 100 -5.91 -4.96 -2.63
C PHE A 100 -7.08 -4.15 -2.08
N ALA A 101 -7.75 -3.42 -2.96
CA ALA A 101 -8.88 -2.60 -2.56
C ALA A 101 -9.99 -3.45 -1.95
N ASP A 102 -10.21 -4.63 -2.54
CA ASP A 102 -11.23 -5.54 -2.03
C ASP A 102 -10.83 -6.09 -0.67
N LYS A 103 -9.61 -6.62 -0.60
CA LYS A 103 -9.07 -7.18 0.64
C LYS A 103 -9.16 -6.17 1.78
N LEU A 104 -8.84 -4.92 1.49
CA LEU A 104 -8.90 -3.87 2.49
C LEU A 104 -10.30 -3.28 2.60
N SER A 105 -11.09 -3.41 1.54
CA SER A 105 -12.45 -2.91 1.54
C SER A 105 -13.27 -3.60 2.62
N HIS A 106 -12.96 -4.87 2.85
CA HIS A 106 -13.67 -5.65 3.86
C HIS A 106 -13.32 -5.18 5.28
N TYR A 107 -12.22 -4.44 5.42
CA TYR A 107 -11.79 -3.93 6.72
C TYR A 107 -12.93 -3.16 7.40
N PRO A 108 -13.14 -3.31 8.73
CA PRO A 108 -12.33 -4.19 9.60
C PRO A 108 -12.61 -5.67 9.37
N ALA A 109 -11.61 -6.51 9.68
CA ALA A 109 -11.71 -7.97 9.54
C ALA A 109 -11.39 -8.43 8.11
N ILE A 110 -10.11 -8.45 7.77
CA ILE A 110 -9.67 -8.89 6.45
C ILE A 110 -8.32 -9.60 6.52
N ALA A 111 -8.17 -10.63 5.69
CA ALA A 111 -6.93 -11.40 5.64
C ALA A 111 -7.04 -12.53 4.61
N ALA A 112 -6.05 -13.43 4.63
CA ALA A 112 -6.04 -14.55 3.71
C ALA A 112 -6.30 -15.86 4.44
N ALA A 113 -7.00 -16.78 3.78
CA ALA A 113 -7.32 -18.08 4.37
C ALA A 113 -6.94 -19.23 3.44
N LEU A 114 -5.87 -19.03 2.68
CA LEU A 114 -5.41 -20.04 1.73
C LEU A 114 -4.23 -20.81 2.30
N ASP A 115 -4.21 -20.96 3.63
CA ASP A 115 -3.12 -21.68 4.30
C ASP A 115 -3.66 -22.89 5.05
N ARG A 116 -4.67 -23.54 4.47
CA ARG A 116 -5.27 -24.72 5.09
C ARG A 116 -5.76 -25.69 4.02
N ASN A 117 -6.47 -25.17 3.03
CA ASN A 117 -7.00 -25.99 1.95
C ASN A 117 -6.50 -25.49 0.59
N VAL A 118 -5.66 -26.28 -0.05
CA VAL A 118 -5.10 -25.92 -1.35
C VAL A 118 -6.21 -25.71 -2.38
N LYS A 119 -6.07 -24.68 -3.21
CA LYS A 119 -7.06 -24.38 -4.23
C LYS A 119 -6.40 -24.24 -5.61
N GLY A 1 -6.02 22.92 -6.90
CA GLY A 1 -5.89 21.46 -7.19
C GLY A 1 -4.73 21.16 -8.11
N SER A 2 -5.04 20.81 -9.35
CA SER A 2 -4.01 20.48 -10.34
C SER A 2 -3.20 19.26 -9.91
N GLU A 3 -2.72 18.50 -10.88
CA GLU A 3 -1.93 17.31 -10.60
C GLU A 3 -2.75 16.30 -9.80
N TRP A 4 -2.31 15.05 -9.86
CA TRP A 4 -2.97 13.96 -9.14
C TRP A 4 -2.86 14.14 -7.64
N ARG A 5 -3.63 13.36 -6.89
CA ARG A 5 -3.60 13.43 -5.43
C ARG A 5 -2.76 12.30 -4.87
N ARG A 6 -1.93 12.62 -3.87
CA ARG A 6 -1.07 11.63 -3.25
C ARG A 6 -1.88 10.69 -2.37
N ILE A 7 -2.04 9.46 -2.83
CA ILE A 7 -2.79 8.46 -2.08
C ILE A 7 -1.85 7.56 -1.27
N ALA A 8 -0.54 7.68 -1.51
CA ALA A 8 0.44 6.88 -0.79
C ALA A 8 1.80 7.54 -0.81
N TYR A 9 2.77 6.95 -0.12
CA TYR A 9 4.12 7.49 -0.06
C TYR A 9 5.14 6.36 -0.02
N VAL A 10 6.10 6.39 -0.93
CA VAL A 10 7.12 5.35 -0.97
C VAL A 10 8.36 5.75 -0.17
N TYR A 11 8.71 4.91 0.80
CA TYR A 11 9.87 5.18 1.64
C TYR A 11 11.16 4.67 0.98
N ASP A 12 11.95 5.59 0.47
CA ASP A 12 13.20 5.25 -0.19
C ASP A 12 14.14 6.44 -0.24
N ARG A 13 15.43 6.17 -0.32
CA ARG A 13 16.44 7.24 -0.36
C ARG A 13 16.38 8.10 0.89
N GLN A 14 15.98 7.49 2.01
CA GLN A 14 15.89 8.21 3.27
C GLN A 14 14.85 9.33 3.19
N THR A 15 13.81 9.11 2.39
CA THR A 15 12.77 10.11 2.22
C THR A 15 11.45 9.45 1.82
N PHE A 16 10.34 10.07 2.22
CA PHE A 16 9.02 9.54 1.89
C PHE A 16 8.48 10.19 0.63
N PHE A 17 8.77 9.55 -0.51
CA PHE A 17 8.33 10.06 -1.81
C PHE A 17 6.79 10.02 -1.93
N PRO A 18 6.15 11.16 -2.27
CA PRO A 18 4.70 11.21 -2.42
C PRO A 18 4.21 10.51 -3.67
N LEU A 19 3.42 9.46 -3.49
CA LEU A 19 2.88 8.70 -4.61
C LEU A 19 1.47 9.17 -4.95
N LEU A 20 1.29 9.56 -6.21
CA LEU A 20 0.00 10.03 -6.69
C LEU A 20 -1.01 8.91 -6.81
N GLU A 21 -2.26 9.27 -7.13
CA GLU A 21 -3.32 8.28 -7.28
C GLU A 21 -3.05 7.35 -8.44
N ASN A 22 -2.34 7.86 -9.45
CA ASN A 22 -2.00 7.05 -10.62
C ASN A 22 -0.68 6.30 -10.42
N GLY A 23 -0.18 6.29 -9.18
CA GLY A 23 1.07 5.61 -8.90
C GLY A 23 2.27 6.36 -9.40
N ARG A 24 2.12 7.67 -9.59
CA ARG A 24 3.22 8.49 -10.06
C ARG A 24 4.12 8.84 -8.88
N LEU A 25 5.19 8.07 -8.71
CA LEU A 25 6.12 8.28 -7.61
C LEU A 25 6.97 9.51 -7.84
N LEU A 26 6.67 10.58 -7.11
CA LEU A 26 7.42 11.82 -7.22
C LEU A 26 8.66 11.77 -6.33
N LYS A 27 9.64 10.98 -6.74
CA LYS A 27 10.88 10.83 -5.99
C LYS A 27 11.56 12.17 -5.75
N GLN A 28 11.24 13.17 -6.57
CA GLN A 28 11.83 14.49 -6.44
C GLN A 28 11.12 15.33 -5.38
N GLU A 29 9.86 14.99 -5.09
CA GLU A 29 9.07 15.73 -4.10
C GLU A 29 8.98 14.98 -2.78
N GLY A 30 9.99 14.18 -2.48
CA GLY A 30 10.01 13.44 -1.23
C GLY A 30 10.05 14.32 -0.01
N THR A 31 9.72 13.75 1.14
CA THR A 31 9.71 14.48 2.40
C THR A 31 10.45 13.69 3.47
N LYS A 32 10.93 14.39 4.49
CA LYS A 32 11.66 13.74 5.58
C LYS A 32 10.70 13.37 6.71
N THR A 33 9.59 12.73 6.35
CA THR A 33 8.59 12.33 7.33
C THR A 33 7.54 11.44 6.68
N ALA A 34 6.91 10.60 7.49
CA ALA A 34 5.88 9.69 6.99
C ALA A 34 4.47 10.25 7.27
N PRO A 35 3.62 10.35 6.22
CA PRO A 35 2.26 10.87 6.38
C PRO A 35 1.28 9.81 6.88
N SER A 36 0.80 10.01 8.10
CA SER A 36 -0.15 9.10 8.72
C SER A 36 -1.52 9.17 8.07
N ASP A 37 -1.72 10.11 7.16
CA ASP A 37 -2.99 10.24 6.46
C ASP A 37 -3.11 9.17 5.38
N ALA A 38 -1.97 8.64 4.94
CA ALA A 38 -1.97 7.63 3.90
C ALA A 38 -0.93 6.54 4.18
N PRO A 39 -1.00 5.40 3.45
CA PRO A 39 -0.06 4.30 3.64
C PRO A 39 1.32 4.61 3.07
N VAL A 40 2.34 3.96 3.62
CA VAL A 40 3.71 4.17 3.16
C VAL A 40 4.31 2.90 2.57
N LEU A 41 4.51 2.91 1.25
CA LEU A 41 5.07 1.77 0.55
C LEU A 41 6.56 1.64 0.86
N VAL A 42 6.89 0.80 1.83
CA VAL A 42 8.29 0.61 2.21
C VAL A 42 8.91 -0.55 1.42
N GLY A 43 10.15 -0.33 0.96
CA GLY A 43 10.86 -1.35 0.22
C GLY A 43 10.02 -1.97 -0.91
N TRP A 44 9.56 -1.14 -1.82
CA TRP A 44 8.74 -1.61 -2.94
C TRP A 44 9.54 -1.72 -4.23
N LYS A 45 9.13 -2.65 -5.08
CA LYS A 45 9.79 -2.88 -6.36
C LYS A 45 9.60 -1.67 -7.28
N ASP A 46 10.01 -1.82 -8.53
CA ASP A 46 9.89 -0.75 -9.53
C ASP A 46 8.54 -0.04 -9.46
N GLY A 47 8.52 1.22 -9.91
CA GLY A 47 7.28 1.99 -9.91
C GLY A 47 6.19 1.30 -10.69
N ASP A 48 6.58 0.46 -11.65
CA ASP A 48 5.61 -0.27 -12.46
C ASP A 48 4.73 -1.14 -11.57
N ALA A 49 5.35 -1.74 -10.56
CA ALA A 49 4.62 -2.58 -9.61
C ALA A 49 3.83 -1.72 -8.65
N ILE A 50 4.44 -0.62 -8.22
CA ILE A 50 3.79 0.32 -7.30
C ILE A 50 2.51 0.86 -7.94
N ALA A 51 2.61 1.18 -9.23
CA ALA A 51 1.47 1.71 -9.97
C ALA A 51 0.25 0.80 -9.86
N GLU A 52 0.51 -0.50 -9.71
CA GLU A 52 -0.56 -1.48 -9.58
C GLU A 52 -1.29 -1.28 -8.26
N MET A 53 -0.52 -1.26 -7.17
CA MET A 53 -1.08 -1.05 -5.85
C MET A 53 -1.79 0.30 -5.80
N THR A 54 -1.14 1.32 -6.34
CA THR A 54 -1.73 2.66 -6.36
C THR A 54 -3.06 2.64 -7.09
N GLY A 55 -3.14 1.84 -8.15
CA GLY A 55 -4.37 1.72 -8.90
C GLY A 55 -5.49 1.22 -8.01
N GLN A 56 -5.13 0.30 -7.10
CA GLN A 56 -6.09 -0.26 -6.16
C GLN A 56 -6.45 0.76 -5.08
N LEU A 57 -5.44 1.42 -4.51
CA LEU A 57 -5.67 2.42 -3.46
C LEU A 57 -6.42 3.63 -4.01
N ALA A 58 -6.25 3.91 -5.29
CA ALA A 58 -6.91 5.04 -5.92
C ALA A 58 -8.42 4.81 -6.03
N GLU A 59 -8.84 3.54 -5.97
CA GLU A 59 -10.25 3.19 -6.06
C GLU A 59 -10.79 2.67 -4.73
N LEU A 60 -9.90 2.11 -3.91
CA LEU A 60 -10.31 1.57 -2.62
C LEU A 60 -10.97 2.65 -1.75
N PRO A 61 -11.64 2.25 -0.65
CA PRO A 61 -12.32 3.19 0.25
C PRO A 61 -11.34 4.05 1.04
N ALA A 62 -11.55 5.37 0.99
CA ALA A 62 -10.69 6.32 1.70
C ALA A 62 -10.55 5.95 3.17
N ALA A 63 -11.53 5.24 3.71
CA ALA A 63 -11.50 4.82 5.10
C ALA A 63 -10.25 4.00 5.40
N VAL A 64 -10.00 2.99 4.57
CA VAL A 64 -8.83 2.14 4.74
C VAL A 64 -7.56 2.88 4.32
N LEU A 65 -7.69 3.72 3.29
CA LEU A 65 -6.55 4.49 2.80
C LEU A 65 -5.98 5.35 3.94
N GLY A 66 -6.87 5.81 4.81
CA GLY A 66 -6.46 6.60 5.94
C GLY A 66 -5.91 5.73 7.06
N ALA A 67 -6.54 4.58 7.25
CA ALA A 67 -6.12 3.64 8.28
C ALA A 67 -5.06 2.69 7.73
N MET A 68 -3.80 2.95 8.09
CA MET A 68 -2.68 2.12 7.65
C MET A 68 -1.37 2.69 8.19
N SER A 69 -0.28 1.95 8.01
CA SER A 69 1.03 2.40 8.49
C SER A 69 2.09 2.31 7.40
N GLU A 70 2.21 1.13 6.79
CA GLU A 70 3.20 0.91 5.73
C GLU A 70 2.87 -0.33 4.93
N ILE A 71 3.13 -0.27 3.63
CA ILE A 71 2.88 -1.40 2.73
C ILE A 71 4.18 -2.03 2.29
N HIS A 72 4.40 -3.28 2.70
CA HIS A 72 5.62 -4.00 2.35
C HIS A 72 5.35 -5.06 1.28
N TYR A 73 6.14 -5.04 0.22
CA TYR A 73 5.99 -6.00 -0.87
C TYR A 73 6.61 -7.35 -0.48
N LYS A 74 5.76 -8.31 -0.16
CA LYS A 74 6.23 -9.64 0.23
C LYS A 74 5.54 -10.72 -0.61
N PRO A 75 5.99 -10.92 -1.86
CA PRO A 75 5.40 -11.91 -2.75
C PRO A 75 5.92 -13.32 -2.49
N THR A 76 5.17 -14.31 -2.96
CA THR A 76 5.55 -15.70 -2.78
C THR A 76 5.51 -16.44 -4.12
N ARG A 77 6.05 -17.66 -4.13
CA ARG A 77 6.08 -18.48 -5.36
C ARG A 77 4.69 -18.61 -5.97
N GLU A 78 3.65 -18.45 -5.16
CA GLU A 78 2.28 -18.56 -5.64
C GLU A 78 1.56 -17.21 -5.64
N TYR A 79 2.13 -16.21 -4.93
CA TYR A 79 1.52 -14.89 -4.87
C TYR A 79 2.54 -13.79 -5.17
N GLU A 80 2.91 -13.68 -6.43
CA GLU A 80 3.88 -12.68 -6.87
C GLU A 80 3.41 -11.25 -6.54
N ASP A 81 2.11 -11.09 -6.29
CA ASP A 81 1.57 -9.78 -5.98
C ASP A 81 1.06 -9.72 -4.53
N ARG A 82 1.76 -10.41 -3.64
CA ARG A 82 1.36 -10.43 -2.23
C ARG A 82 2.02 -9.30 -1.45
N VAL A 83 1.20 -8.36 -0.98
CA VAL A 83 1.71 -7.23 -0.22
C VAL A 83 1.29 -7.33 1.25
N ILE A 84 1.88 -6.50 2.10
CA ILE A 84 1.57 -6.51 3.52
C ILE A 84 1.36 -5.10 4.06
N VAL A 85 0.12 -4.75 4.36
CA VAL A 85 -0.20 -3.43 4.88
C VAL A 85 -0.32 -3.46 6.41
N TYR A 86 0.25 -2.45 7.05
CA TYR A 86 0.21 -2.34 8.51
C TYR A 86 -0.91 -1.42 8.95
N MET A 87 -1.42 -1.65 10.16
CA MET A 87 -2.49 -0.83 10.71
C MET A 87 -1.99 0.02 11.88
N ASN A 88 -2.65 1.15 12.10
CA ASN A 88 -2.26 2.07 13.17
C ASN A 88 -2.24 1.36 14.53
N ASP A 89 -2.98 0.25 14.65
CA ASP A 89 -3.04 -0.50 15.89
C ASP A 89 -1.96 -1.58 15.96
N GLY A 90 -0.96 -1.49 15.09
CA GLY A 90 0.12 -2.47 15.09
C GLY A 90 -0.29 -3.79 14.45
N TYR A 91 -1.40 -3.79 13.73
CA TYR A 91 -1.87 -5.01 13.07
C TYR A 91 -1.19 -5.19 11.73
N GLU A 92 -1.16 -6.43 11.25
CA GLU A 92 -0.52 -6.75 9.97
C GLU A 92 -1.48 -7.51 9.06
N VAL A 93 -1.91 -6.87 7.99
CA VAL A 93 -2.82 -7.50 7.04
C VAL A 93 -2.13 -7.76 5.71
N SER A 94 -2.27 -8.98 5.21
CA SER A 94 -1.64 -9.36 3.94
C SER A 94 -2.68 -9.38 2.83
N ALA A 95 -2.50 -8.51 1.84
CA ALA A 95 -3.42 -8.43 0.71
C ALA A 95 -2.67 -8.52 -0.61
N THR A 96 -3.37 -8.86 -1.68
CA THR A 96 -2.76 -8.96 -3.00
C THR A 96 -2.98 -7.68 -3.80
N ILE A 97 -2.09 -7.42 -4.76
CA ILE A 97 -2.21 -6.23 -5.58
C ILE A 97 -3.46 -6.28 -6.46
N ARG A 98 -3.84 -7.49 -6.86
CA ARG A 98 -5.01 -7.66 -7.72
C ARG A 98 -6.31 -7.43 -6.95
N GLN A 99 -6.30 -7.75 -5.66
CA GLN A 99 -7.48 -7.56 -4.83
C GLN A 99 -7.15 -6.75 -3.58
N PHE A 100 -6.24 -5.81 -3.73
CA PHE A 100 -5.83 -4.96 -2.61
C PHE A 100 -7.02 -4.12 -2.12
N ALA A 101 -7.64 -3.40 -3.03
CA ALA A 101 -8.78 -2.56 -2.69
C ALA A 101 -9.92 -3.39 -2.11
N ASP A 102 -10.13 -4.57 -2.69
CA ASP A 102 -11.18 -5.47 -2.22
C ASP A 102 -10.83 -6.01 -0.84
N LYS A 103 -9.61 -6.55 -0.72
CA LYS A 103 -9.13 -7.10 0.54
C LYS A 103 -9.24 -6.07 1.66
N LEU A 104 -8.84 -4.84 1.36
CA LEU A 104 -8.89 -3.77 2.34
C LEU A 104 -10.30 -3.19 2.44
N SER A 105 -11.07 -3.32 1.35
CA SER A 105 -12.44 -2.82 1.33
C SER A 105 -13.26 -3.53 2.40
N HIS A 106 -12.94 -4.79 2.64
CA HIS A 106 -13.64 -5.59 3.64
C HIS A 106 -13.24 -5.18 5.06
N TYR A 107 -12.13 -4.47 5.19
CA TYR A 107 -11.66 -4.03 6.50
C TYR A 107 -12.65 -3.05 7.14
N PRO A 108 -12.96 -3.19 8.45
CA PRO A 108 -12.42 -4.23 9.33
C PRO A 108 -13.26 -5.50 9.34
N ALA A 109 -12.75 -6.56 8.69
CA ALA A 109 -13.43 -7.84 8.62
C ALA A 109 -12.71 -8.77 7.65
N ILE A 110 -11.39 -8.79 7.75
CA ILE A 110 -10.58 -9.63 6.87
C ILE A 110 -9.65 -10.54 7.68
N ALA A 111 -8.84 -11.33 6.98
CA ALA A 111 -7.90 -12.26 7.62
C ALA A 111 -8.63 -13.49 8.15
N ALA A 112 -8.62 -14.55 7.35
CA ALA A 112 -9.28 -15.80 7.72
C ALA A 112 -8.29 -16.77 8.36
N ALA A 113 -8.61 -18.07 8.35
CA ALA A 113 -7.74 -19.08 8.91
C ALA A 113 -6.87 -19.74 7.84
N LEU A 114 -6.46 -18.93 6.87
CA LEU A 114 -5.62 -19.43 5.78
C LEU A 114 -4.14 -19.48 6.19
N ASP A 115 -3.85 -19.16 7.46
CA ASP A 115 -2.48 -19.16 7.94
C ASP A 115 -2.10 -20.55 8.48
N ARG A 116 -2.30 -21.57 7.66
CA ARG A 116 -1.98 -22.94 8.06
C ARG A 116 -1.40 -23.72 6.88
N ASN A 117 -2.29 -24.15 5.97
CA ASN A 117 -1.89 -24.92 4.79
C ASN A 117 -0.85 -26.00 5.12
N VAL A 118 -1.23 -26.92 6.00
CA VAL A 118 -0.34 -28.00 6.41
C VAL A 118 -0.18 -29.03 5.30
N LYS A 119 0.79 -29.93 5.47
CA LYS A 119 1.05 -30.98 4.50
C LYS A 119 0.95 -32.36 5.14
N GLY A 1 -7.53 21.75 -10.02
CA GLY A 1 -7.26 20.29 -9.94
C GLY A 1 -6.65 19.74 -11.22
N SER A 2 -5.35 19.98 -11.39
CA SER A 2 -4.64 19.51 -12.58
C SER A 2 -3.74 18.32 -12.23
N GLU A 3 -3.10 18.39 -11.07
CA GLU A 3 -2.21 17.32 -10.62
C GLU A 3 -2.98 16.28 -9.82
N TRP A 4 -2.50 15.05 -9.87
CA TRP A 4 -3.12 13.95 -9.15
C TRP A 4 -3.00 14.14 -7.64
N ARG A 5 -3.73 13.34 -6.89
CA ARG A 5 -3.69 13.41 -5.43
C ARG A 5 -2.82 12.30 -4.85
N ARG A 6 -2.07 12.63 -3.82
CA ARG A 6 -1.18 11.66 -3.18
C ARG A 6 -1.99 10.69 -2.33
N ILE A 7 -2.13 9.46 -2.82
CA ILE A 7 -2.86 8.43 -2.08
C ILE A 7 -1.91 7.53 -1.29
N ALA A 8 -0.59 7.71 -1.49
CA ALA A 8 0.39 6.90 -0.78
C ALA A 8 1.76 7.55 -0.85
N TYR A 9 2.73 6.97 -0.15
CA TYR A 9 4.09 7.49 -0.12
C TYR A 9 5.08 6.34 -0.08
N VAL A 10 6.05 6.34 -0.99
CA VAL A 10 7.03 5.26 -1.03
C VAL A 10 8.28 5.63 -0.23
N TYR A 11 8.60 4.80 0.76
CA TYR A 11 9.76 5.03 1.61
C TYR A 11 11.03 4.49 0.94
N ASP A 12 11.85 5.40 0.43
CA ASP A 12 13.09 5.03 -0.22
C ASP A 12 14.06 6.20 -0.26
N ARG A 13 15.36 5.89 -0.32
CA ARG A 13 16.39 6.92 -0.35
C ARG A 13 16.31 7.81 0.88
N GLN A 14 15.88 7.22 2.00
CA GLN A 14 15.76 7.97 3.26
C GLN A 14 14.76 9.10 3.15
N THR A 15 13.72 8.89 2.34
CA THR A 15 12.68 9.91 2.17
C THR A 15 11.36 9.27 1.76
N PHE A 16 10.25 9.91 2.13
CA PHE A 16 8.93 9.42 1.79
C PHE A 16 8.43 10.07 0.51
N PHE A 17 8.71 9.42 -0.61
CA PHE A 17 8.31 9.92 -1.92
C PHE A 17 6.79 9.93 -2.07
N PRO A 18 6.16 11.10 -2.32
CA PRO A 18 4.71 11.19 -2.48
C PRO A 18 4.20 10.50 -3.74
N LEU A 19 3.36 9.48 -3.53
CA LEU A 19 2.81 8.72 -4.64
C LEU A 19 1.38 9.19 -4.95
N LEU A 20 1.18 9.56 -6.20
CA LEU A 20 -0.12 10.04 -6.67
C LEU A 20 -1.14 8.90 -6.78
N GLU A 21 -2.37 9.25 -7.14
CA GLU A 21 -3.44 8.27 -7.30
C GLU A 21 -3.17 7.34 -8.47
N ASN A 22 -2.44 7.85 -9.47
CA ASN A 22 -2.12 7.06 -10.64
C ASN A 22 -0.79 6.31 -10.45
N GLY A 23 -0.30 6.27 -9.21
CA GLY A 23 0.95 5.59 -8.93
C GLY A 23 2.14 6.34 -9.47
N ARG A 24 2.00 7.65 -9.64
CA ARG A 24 3.09 8.47 -10.11
C ARG A 24 4.01 8.81 -8.94
N LEU A 25 5.08 8.06 -8.81
CA LEU A 25 6.03 8.26 -7.73
C LEU A 25 6.90 9.49 -7.97
N LEU A 26 6.71 10.51 -7.15
CA LEU A 26 7.48 11.74 -7.27
C LEU A 26 8.71 11.68 -6.36
N LYS A 27 9.68 10.86 -6.77
CA LYS A 27 10.90 10.69 -5.99
C LYS A 27 11.60 12.02 -5.75
N GLN A 28 11.32 13.02 -6.59
CA GLN A 28 11.91 14.33 -6.44
C GLN A 28 11.17 15.17 -5.40
N GLU A 29 9.89 14.84 -5.16
CA GLU A 29 9.07 15.57 -4.20
C GLU A 29 8.99 14.82 -2.86
N GLY A 30 9.99 14.02 -2.56
CA GLY A 30 9.99 13.27 -1.31
C GLY A 30 10.02 14.17 -0.09
N THR A 31 9.69 13.58 1.05
CA THR A 31 9.67 14.32 2.30
C THR A 31 10.40 13.54 3.39
N LYS A 32 10.89 14.24 4.39
CA LYS A 32 11.61 13.61 5.50
C LYS A 32 10.65 13.29 6.64
N THR A 33 9.54 12.65 6.31
CA THR A 33 8.54 12.30 7.31
C THR A 33 7.48 11.39 6.71
N ALA A 34 6.85 10.59 7.55
CA ALA A 34 5.82 9.66 7.11
C ALA A 34 4.42 10.26 7.32
N PRO A 35 3.57 10.31 6.27
CA PRO A 35 2.23 10.85 6.37
C PRO A 35 1.22 9.82 6.89
N SER A 36 0.74 10.06 8.10
CA SER A 36 -0.24 9.17 8.74
C SER A 36 -1.61 9.23 8.05
N ASP A 37 -1.78 10.16 7.11
CA ASP A 37 -3.03 10.28 6.39
C ASP A 37 -3.14 9.20 5.33
N ALA A 38 -2.00 8.67 4.90
CA ALA A 38 -1.98 7.64 3.88
C ALA A 38 -0.93 6.56 4.18
N PRO A 39 -0.99 5.41 3.48
CA PRO A 39 -0.05 4.31 3.69
C PRO A 39 1.33 4.61 3.09
N VAL A 40 2.36 3.98 3.64
CA VAL A 40 3.71 4.18 3.16
C VAL A 40 4.28 2.90 2.56
N LEU A 41 4.46 2.90 1.25
CA LEU A 41 5.01 1.76 0.54
C LEU A 41 6.50 1.62 0.82
N VAL A 42 6.84 0.77 1.79
CA VAL A 42 8.24 0.55 2.15
C VAL A 42 8.84 -0.61 1.36
N GLY A 43 10.07 -0.41 0.88
CA GLY A 43 10.76 -1.44 0.13
C GLY A 43 9.90 -2.06 -0.97
N TRP A 44 9.41 -1.23 -1.89
CA TRP A 44 8.58 -1.71 -2.98
C TRP A 44 9.37 -1.85 -4.28
N LYS A 45 8.92 -2.79 -5.11
CA LYS A 45 9.57 -3.04 -6.39
C LYS A 45 9.42 -1.83 -7.31
N ASP A 46 9.82 -2.00 -8.57
CA ASP A 46 9.74 -0.92 -9.57
C ASP A 46 8.41 -0.18 -9.52
N GLY A 47 8.43 1.08 -9.94
CA GLY A 47 7.22 1.89 -9.96
C GLY A 47 6.11 1.24 -10.76
N ASP A 48 6.48 0.39 -11.71
CA ASP A 48 5.50 -0.31 -12.54
C ASP A 48 4.60 -1.17 -11.66
N ALA A 49 5.19 -1.79 -10.64
CA ALA A 49 4.44 -2.62 -9.72
C ALA A 49 3.66 -1.75 -8.74
N ILE A 50 4.29 -0.68 -8.29
CA ILE A 50 3.65 0.25 -7.36
C ILE A 50 2.38 0.82 -8.00
N ALA A 51 2.46 1.16 -9.28
CA ALA A 51 1.32 1.70 -10.01
C ALA A 51 0.10 0.79 -9.90
N GLU A 52 0.35 -0.51 -9.76
CA GLU A 52 -0.72 -1.47 -9.63
C GLU A 52 -1.44 -1.29 -8.29
N MET A 53 -0.66 -1.29 -7.22
CA MET A 53 -1.21 -1.09 -5.88
C MET A 53 -1.90 0.26 -5.80
N THR A 54 -1.24 1.29 -6.34
CA THR A 54 -1.81 2.63 -6.34
C THR A 54 -3.15 2.65 -7.04
N GLY A 55 -3.27 1.84 -8.10
CA GLY A 55 -4.53 1.75 -8.81
C GLY A 55 -5.62 1.25 -7.90
N GLN A 56 -5.26 0.29 -7.05
CA GLN A 56 -6.21 -0.27 -6.09
C GLN A 56 -6.56 0.76 -5.01
N LEU A 57 -5.54 1.41 -4.46
CA LEU A 57 -5.76 2.42 -3.42
C LEU A 57 -6.51 3.63 -3.97
N ALA A 58 -6.36 3.90 -5.25
CA ALA A 58 -7.04 5.03 -5.88
C ALA A 58 -8.55 4.78 -5.98
N GLU A 59 -8.96 3.51 -5.87
CA GLU A 59 -10.38 3.15 -5.96
C GLU A 59 -10.91 2.64 -4.61
N LEU A 60 -10.02 2.06 -3.80
CA LEU A 60 -10.41 1.52 -2.51
C LEU A 60 -11.07 2.60 -1.63
N PRO A 61 -11.72 2.20 -0.52
CA PRO A 61 -12.37 3.15 0.39
C PRO A 61 -11.38 4.03 1.15
N ALA A 62 -11.59 5.34 1.07
CA ALA A 62 -10.73 6.31 1.75
C ALA A 62 -10.56 5.97 3.23
N ALA A 63 -11.53 5.26 3.79
CA ALA A 63 -11.49 4.87 5.20
C ALA A 63 -10.23 4.04 5.48
N VAL A 64 -10.00 3.03 4.66
CA VAL A 64 -8.84 2.18 4.82
C VAL A 64 -7.58 2.91 4.38
N LEU A 65 -7.71 3.78 3.38
CA LEU A 65 -6.58 4.55 2.88
C LEU A 65 -5.98 5.37 4.02
N GLY A 66 -6.85 5.85 4.90
CA GLY A 66 -6.40 6.62 6.05
C GLY A 66 -5.83 5.72 7.11
N ALA A 67 -6.49 4.58 7.35
CA ALA A 67 -6.04 3.63 8.34
C ALA A 67 -4.98 2.69 7.76
N MET A 68 -3.73 2.95 8.10
CA MET A 68 -2.61 2.14 7.62
C MET A 68 -1.29 2.71 8.13
N SER A 69 -0.22 1.92 8.09
CA SER A 69 1.09 2.36 8.55
C SER A 69 2.12 2.29 7.44
N GLU A 70 2.25 1.11 6.83
CA GLU A 70 3.21 0.91 5.75
C GLU A 70 2.88 -0.33 4.94
N ILE A 71 3.09 -0.26 3.64
CA ILE A 71 2.82 -1.39 2.75
C ILE A 71 4.12 -2.03 2.28
N HIS A 72 4.34 -3.27 2.69
CA HIS A 72 5.54 -3.99 2.32
C HIS A 72 5.27 -5.01 1.23
N TYR A 73 5.94 -4.85 0.09
CA TYR A 73 5.77 -5.77 -1.02
C TYR A 73 6.51 -7.07 -0.76
N LYS A 74 5.76 -8.12 -0.43
CA LYS A 74 6.33 -9.42 -0.15
C LYS A 74 5.80 -10.47 -1.11
N PRO A 75 6.33 -10.52 -2.35
CA PRO A 75 5.88 -11.49 -3.36
C PRO A 75 6.28 -12.92 -3.01
N THR A 76 5.42 -13.87 -3.37
CA THR A 76 5.67 -15.28 -3.10
C THR A 76 5.52 -16.11 -4.36
N ARG A 77 6.13 -17.30 -4.37
CA ARG A 77 6.07 -18.20 -5.52
C ARG A 77 4.63 -18.45 -5.97
N GLU A 78 3.68 -18.29 -5.04
CA GLU A 78 2.27 -18.50 -5.35
C GLU A 78 1.51 -17.17 -5.44
N TYR A 79 2.08 -16.12 -4.86
CA TYR A 79 1.43 -14.81 -4.88
C TYR A 79 2.44 -13.70 -5.21
N GLU A 80 2.84 -13.62 -6.47
CA GLU A 80 3.80 -12.61 -6.90
C GLU A 80 3.33 -11.19 -6.58
N ASP A 81 2.02 -11.04 -6.39
CA ASP A 81 1.45 -9.73 -6.07
C ASP A 81 0.96 -9.69 -4.62
N ARG A 82 1.72 -10.31 -3.74
CA ARG A 82 1.37 -10.34 -2.32
C ARG A 82 2.00 -9.17 -1.56
N VAL A 83 1.15 -8.32 -0.99
CA VAL A 83 1.63 -7.17 -0.24
C VAL A 83 1.23 -7.27 1.23
N ILE A 84 1.81 -6.42 2.07
CA ILE A 84 1.50 -6.43 3.49
C ILE A 84 1.29 -5.02 4.02
N VAL A 85 0.05 -4.69 4.35
CA VAL A 85 -0.28 -3.36 4.86
C VAL A 85 -0.37 -3.37 6.39
N TYR A 86 0.47 -2.55 7.02
CA TYR A 86 0.50 -2.46 8.48
C TYR A 86 -0.62 -1.54 8.98
N MET A 87 -1.08 -1.79 10.20
CA MET A 87 -2.14 -0.97 10.80
C MET A 87 -1.57 -0.10 11.92
N ASN A 88 -2.19 1.07 12.11
CA ASN A 88 -1.76 1.99 13.15
C ASN A 88 -1.81 1.35 14.53
N ASP A 89 -2.73 0.39 14.70
CA ASP A 89 -2.88 -0.30 15.98
C ASP A 89 -1.85 -1.42 16.15
N GLY A 90 -0.95 -1.58 15.17
CA GLY A 90 0.07 -2.62 15.27
C GLY A 90 -0.36 -3.93 14.63
N TYR A 91 -1.42 -3.89 13.83
CA TYR A 91 -1.91 -5.10 13.16
C TYR A 91 -1.19 -5.31 11.83
N GLU A 92 -1.27 -6.53 11.32
CA GLU A 92 -0.62 -6.88 10.05
C GLU A 92 -1.60 -7.59 9.12
N VAL A 93 -1.97 -6.92 8.04
CA VAL A 93 -2.90 -7.48 7.07
C VAL A 93 -2.20 -7.79 5.75
N SER A 94 -2.41 -8.99 5.23
CA SER A 94 -1.81 -9.42 3.98
C SER A 94 -2.83 -9.37 2.85
N ALA A 95 -2.58 -8.51 1.87
CA ALA A 95 -3.48 -8.37 0.72
C ALA A 95 -2.71 -8.46 -0.59
N THR A 96 -3.41 -8.77 -1.67
CA THR A 96 -2.78 -8.88 -2.98
C THR A 96 -3.05 -7.63 -3.81
N ILE A 97 -2.20 -7.37 -4.79
CA ILE A 97 -2.36 -6.20 -5.64
C ILE A 97 -3.60 -6.32 -6.51
N ARG A 98 -3.92 -7.55 -6.90
CA ARG A 98 -5.09 -7.80 -7.74
C ARG A 98 -6.38 -7.47 -7.02
N GLN A 99 -6.41 -7.71 -5.70
CA GLN A 99 -7.60 -7.44 -4.91
C GLN A 99 -7.25 -6.68 -3.64
N PHE A 100 -6.31 -5.74 -3.75
CA PHE A 100 -5.89 -4.93 -2.61
C PHE A 100 -7.05 -4.11 -2.07
N ALA A 101 -7.73 -3.41 -2.98
CA ALA A 101 -8.86 -2.57 -2.60
C ALA A 101 -9.98 -3.41 -2.02
N ASP A 102 -10.21 -4.59 -2.59
CA ASP A 102 -11.25 -5.48 -2.12
C ASP A 102 -10.91 -6.03 -0.75
N LYS A 103 -9.69 -6.56 -0.61
CA LYS A 103 -9.22 -7.12 0.64
C LYS A 103 -9.36 -6.12 1.78
N LEU A 104 -9.01 -4.86 1.51
CA LEU A 104 -9.11 -3.82 2.51
C LEU A 104 -10.51 -3.22 2.53
N SER A 105 -11.24 -3.34 1.41
CA SER A 105 -12.60 -2.82 1.33
C SER A 105 -13.47 -3.48 2.38
N HIS A 106 -13.19 -4.76 2.63
CA HIS A 106 -13.93 -5.51 3.63
C HIS A 106 -13.54 -5.09 5.05
N TYR A 107 -12.41 -4.39 5.18
CA TYR A 107 -11.93 -3.94 6.48
C TYR A 107 -12.95 -3.00 7.15
N PRO A 108 -13.17 -3.12 8.48
CA PRO A 108 -12.51 -4.09 9.35
C PRO A 108 -13.27 -5.41 9.44
N ALA A 109 -12.73 -6.45 8.81
CA ALA A 109 -13.36 -7.77 8.82
C ALA A 109 -12.65 -8.72 7.86
N ILE A 110 -11.31 -8.67 7.87
CA ILE A 110 -10.52 -9.54 6.99
C ILE A 110 -9.36 -10.17 7.76
N ALA A 111 -8.86 -11.29 7.24
CA ALA A 111 -7.73 -11.99 7.86
C ALA A 111 -7.41 -13.28 7.11
N ALA A 112 -6.75 -13.14 5.97
CA ALA A 112 -6.37 -14.29 5.15
C ALA A 112 -7.61 -15.08 4.71
N ALA A 113 -7.45 -15.84 3.64
CA ALA A 113 -8.54 -16.64 3.10
C ALA A 113 -8.01 -17.95 2.53
N LEU A 114 -6.94 -18.46 3.12
CA LEU A 114 -6.33 -19.70 2.68
C LEU A 114 -6.86 -20.88 3.50
N ASP A 115 -8.18 -20.91 3.68
CA ASP A 115 -8.83 -21.98 4.44
C ASP A 115 -8.54 -21.85 5.95
N ARG A 116 -8.19 -20.64 6.38
CA ARG A 116 -7.89 -20.39 7.79
C ARG A 116 -6.88 -21.40 8.34
N ASN A 117 -6.04 -21.94 7.47
CA ASN A 117 -5.04 -22.91 7.88
C ASN A 117 -3.72 -22.24 8.25
N VAL A 118 -3.55 -21.94 9.53
CA VAL A 118 -2.34 -21.29 10.00
C VAL A 118 -1.93 -21.82 11.39
N LYS A 119 -1.52 -23.08 11.41
CA LYS A 119 -1.10 -23.74 12.66
C LYS A 119 -2.08 -23.47 13.80
N GLY A 1 -2.05 24.00 -12.23
CA GLY A 1 -1.42 22.69 -12.58
C GLY A 1 -2.24 21.50 -12.12
N SER A 2 -3.05 20.96 -13.01
CA SER A 2 -3.91 19.82 -12.69
C SER A 2 -3.06 18.59 -12.39
N GLU A 3 -2.57 18.50 -11.15
CA GLU A 3 -1.74 17.38 -10.73
C GLU A 3 -2.56 16.38 -9.92
N TRP A 4 -2.14 15.12 -9.98
CA TRP A 4 -2.82 14.05 -9.26
C TRP A 4 -2.70 14.24 -7.75
N ARG A 5 -3.48 13.46 -7.01
CA ARG A 5 -3.45 13.53 -5.55
C ARG A 5 -2.64 12.37 -4.97
N ARG A 6 -1.77 12.69 -4.03
CA ARG A 6 -0.93 11.68 -3.40
C ARG A 6 -1.75 10.78 -2.48
N ILE A 7 -1.96 9.55 -2.92
CA ILE A 7 -2.72 8.58 -2.14
C ILE A 7 -1.81 7.68 -1.31
N ALA A 8 -0.50 7.77 -1.56
CA ALA A 8 0.45 6.96 -0.82
C ALA A 8 1.83 7.60 -0.83
N TYR A 9 2.77 6.99 -0.12
CA TYR A 9 4.13 7.52 -0.07
C TYR A 9 5.13 6.38 0.02
N VAL A 10 6.10 6.36 -0.90
CA VAL A 10 7.10 5.30 -0.89
C VAL A 10 8.34 5.71 -0.11
N TYR A 11 8.67 4.90 0.90
CA TYR A 11 9.82 5.16 1.74
C TYR A 11 11.11 4.67 1.08
N ASP A 12 11.81 5.58 0.42
CA ASP A 12 13.06 5.24 -0.26
C ASP A 12 14.00 6.43 -0.30
N ARG A 13 15.30 6.17 -0.41
CA ARG A 13 16.29 7.22 -0.45
C ARG A 13 16.26 8.05 0.83
N GLN A 14 15.90 7.40 1.93
CA GLN A 14 15.83 8.07 3.22
C GLN A 14 14.79 9.19 3.21
N THR A 15 13.73 8.99 2.43
CA THR A 15 12.66 9.99 2.32
C THR A 15 11.35 9.34 1.88
N PHE A 16 10.24 9.97 2.26
CA PHE A 16 8.92 9.45 1.90
C PHE A 16 8.43 10.10 0.60
N PHE A 17 8.74 9.46 -0.51
CA PHE A 17 8.33 9.97 -1.83
C PHE A 17 6.81 9.94 -1.98
N PRO A 18 6.17 11.09 -2.31
CA PRO A 18 4.71 11.14 -2.47
C PRO A 18 4.23 10.45 -3.74
N LEU A 19 3.46 9.39 -3.57
CA LEU A 19 2.93 8.65 -4.69
C LEU A 19 1.54 9.15 -5.06
N LEU A 20 1.38 9.55 -6.31
CA LEU A 20 0.11 10.05 -6.81
C LEU A 20 -0.93 8.95 -6.91
N GLU A 21 -2.17 9.34 -7.20
CA GLU A 21 -3.27 8.38 -7.32
C GLU A 21 -3.02 7.42 -8.47
N ASN A 22 -2.35 7.90 -9.51
CA ASN A 22 -2.05 7.07 -10.67
C ASN A 22 -0.77 6.25 -10.44
N GLY A 23 -0.19 6.35 -9.25
CA GLY A 23 1.02 5.62 -8.96
C GLY A 23 2.27 6.32 -9.46
N ARG A 24 2.15 7.63 -9.67
CA ARG A 24 3.29 8.42 -10.12
C ARG A 24 4.19 8.74 -8.93
N LEU A 25 5.20 7.91 -8.73
CA LEU A 25 6.12 8.10 -7.62
C LEU A 25 6.99 9.33 -7.84
N LEU A 26 6.71 10.39 -7.08
CA LEU A 26 7.47 11.63 -7.20
C LEU A 26 8.75 11.56 -6.37
N LYS A 27 9.71 10.78 -6.85
CA LYS A 27 10.99 10.63 -6.18
C LYS A 27 11.68 11.98 -5.99
N GLN A 28 11.31 12.96 -6.80
CA GLN A 28 11.89 14.30 -6.71
C GLN A 28 11.02 15.24 -5.88
N GLU A 29 10.21 14.67 -4.99
CA GLU A 29 9.34 15.46 -4.12
C GLU A 29 9.13 14.78 -2.77
N GLY A 30 10.10 13.99 -2.36
CA GLY A 30 10.00 13.29 -1.09
C GLY A 30 9.95 14.21 0.10
N THR A 31 9.58 13.65 1.24
CA THR A 31 9.48 14.41 2.48
C THR A 31 10.18 13.68 3.61
N LYS A 32 10.67 14.43 4.58
CA LYS A 32 11.37 13.85 5.72
C LYS A 32 10.39 13.60 6.87
N THR A 33 9.29 12.92 6.55
CA THR A 33 8.27 12.61 7.55
C THR A 33 7.24 11.64 6.97
N ALA A 34 6.71 10.78 7.84
CA ALA A 34 5.72 9.80 7.42
C ALA A 34 4.30 10.35 7.56
N PRO A 35 3.49 10.31 6.46
CA PRO A 35 2.13 10.82 6.48
C PRO A 35 1.13 9.77 6.99
N SER A 36 0.64 9.99 8.20
CA SER A 36 -0.33 9.09 8.82
C SER A 36 -1.70 9.17 8.14
N ASP A 37 -1.87 10.11 7.22
CA ASP A 37 -3.12 10.25 6.50
C ASP A 37 -3.22 9.20 5.40
N ALA A 38 -2.08 8.72 4.95
CA ALA A 38 -2.04 7.72 3.89
C ALA A 38 -1.01 6.62 4.18
N PRO A 39 -1.05 5.51 3.42
CA PRO A 39 -0.12 4.39 3.61
C PRO A 39 1.27 4.70 3.07
N VAL A 40 2.28 4.00 3.60
CA VAL A 40 3.65 4.20 3.17
C VAL A 40 4.23 2.93 2.57
N LEU A 41 4.44 2.93 1.27
CA LEU A 41 5.01 1.79 0.57
C LEU A 41 6.50 1.66 0.87
N VAL A 42 6.83 0.82 1.84
CA VAL A 42 8.22 0.61 2.22
C VAL A 42 8.84 -0.54 1.44
N GLY A 43 10.07 -0.32 0.96
CA GLY A 43 10.78 -1.35 0.22
C GLY A 43 9.94 -1.98 -0.88
N TRP A 44 9.44 -1.16 -1.80
CA TRP A 44 8.59 -1.66 -2.89
C TRP A 44 9.38 -1.83 -4.18
N LYS A 45 8.94 -2.76 -5.00
CA LYS A 45 9.57 -3.03 -6.29
C LYS A 45 9.44 -1.82 -7.21
N ASP A 46 9.84 -2.00 -8.47
CA ASP A 46 9.77 -0.93 -9.47
C ASP A 46 8.44 -0.18 -9.43
N GLY A 47 8.47 1.07 -9.88
CA GLY A 47 7.27 1.88 -9.90
C GLY A 47 6.16 1.22 -10.71
N ASP A 48 6.54 0.38 -11.66
CA ASP A 48 5.57 -0.33 -12.50
C ASP A 48 4.65 -1.17 -11.64
N ALA A 49 5.22 -1.80 -10.61
CA ALA A 49 4.44 -2.62 -9.69
C ALA A 49 3.66 -1.73 -8.74
N ILE A 50 4.30 -0.66 -8.27
CA ILE A 50 3.66 0.28 -7.37
C ILE A 50 2.41 0.87 -8.03
N ALA A 51 2.52 1.18 -9.31
CA ALA A 51 1.41 1.73 -10.07
C ALA A 51 0.16 0.85 -9.96
N GLU A 52 0.39 -0.46 -9.77
CA GLU A 52 -0.71 -1.41 -9.63
C GLU A 52 -1.42 -1.20 -8.29
N MET A 53 -0.63 -1.21 -7.21
CA MET A 53 -1.18 -0.99 -5.88
C MET A 53 -1.88 0.36 -5.81
N THR A 54 -1.24 1.38 -6.37
CA THR A 54 -1.81 2.72 -6.39
C THR A 54 -3.16 2.71 -7.09
N GLY A 55 -3.26 1.89 -8.14
CA GLY A 55 -4.52 1.78 -8.85
C GLY A 55 -5.61 1.30 -7.94
N GLN A 56 -5.24 0.38 -7.04
CA GLN A 56 -6.18 -0.16 -6.07
C GLN A 56 -6.50 0.87 -4.98
N LEU A 57 -5.47 1.52 -4.45
CA LEU A 57 -5.67 2.53 -3.40
C LEU A 57 -6.44 3.75 -3.93
N ALA A 58 -6.30 4.01 -5.21
CA ALA A 58 -6.98 5.15 -5.82
C ALA A 58 -8.49 4.90 -5.91
N GLU A 59 -8.90 3.64 -5.77
CA GLU A 59 -10.32 3.29 -5.86
C GLU A 59 -10.84 2.75 -4.52
N LEU A 60 -9.96 2.15 -3.73
CA LEU A 60 -10.35 1.59 -2.43
C LEU A 60 -11.01 2.65 -1.54
N PRO A 61 -11.65 2.23 -0.43
CA PRO A 61 -12.32 3.15 0.49
C PRO A 61 -11.35 4.02 1.27
N ALA A 62 -11.58 5.33 1.23
CA ALA A 62 -10.74 6.29 1.93
C ALA A 62 -10.55 5.92 3.41
N ALA A 63 -11.52 5.17 3.95
CA ALA A 63 -11.46 4.75 5.34
C ALA A 63 -10.20 3.95 5.61
N VAL A 64 -9.93 2.96 4.77
CA VAL A 64 -8.74 2.14 4.93
C VAL A 64 -7.50 2.90 4.50
N LEU A 65 -7.63 3.74 3.46
CA LEU A 65 -6.52 4.55 2.98
C LEU A 65 -5.93 5.37 4.12
N GLY A 66 -6.82 5.81 5.02
CA GLY A 66 -6.38 6.59 6.16
C GLY A 66 -5.81 5.70 7.25
N ALA A 67 -6.47 4.56 7.49
CA ALA A 67 -6.02 3.62 8.50
C ALA A 67 -4.97 2.67 7.92
N MET A 68 -3.71 2.93 8.26
CA MET A 68 -2.60 2.11 7.78
C MET A 68 -1.27 2.65 8.28
N SER A 69 -0.21 1.86 8.17
CA SER A 69 1.12 2.29 8.63
C SER A 69 2.11 2.27 7.48
N GLU A 70 2.26 1.11 6.85
CA GLU A 70 3.19 0.96 5.73
C GLU A 70 2.87 -0.29 4.93
N ILE A 71 3.03 -0.20 3.61
CA ILE A 71 2.77 -1.34 2.74
C ILE A 71 4.07 -1.98 2.31
N HIS A 72 4.27 -3.23 2.71
CA HIS A 72 5.48 -3.96 2.37
C HIS A 72 5.21 -4.99 1.28
N TYR A 73 5.92 -4.88 0.17
CA TYR A 73 5.76 -5.80 -0.95
C TYR A 73 6.49 -7.12 -0.66
N LYS A 74 5.74 -8.15 -0.32
CA LYS A 74 6.32 -9.46 -0.03
C LYS A 74 5.74 -10.52 -0.96
N PRO A 75 6.28 -10.64 -2.19
CA PRO A 75 5.81 -11.63 -3.17
C PRO A 75 6.10 -13.07 -2.74
N THR A 76 5.22 -13.98 -3.12
CA THR A 76 5.38 -15.39 -2.79
C THR A 76 5.30 -16.25 -4.04
N ARG A 77 5.83 -17.46 -3.96
CA ARG A 77 5.84 -18.39 -5.08
C ARG A 77 4.45 -18.55 -5.68
N GLU A 78 3.42 -18.39 -4.85
CA GLU A 78 2.05 -18.53 -5.30
C GLU A 78 1.33 -17.17 -5.39
N TYR A 79 1.92 -16.13 -4.78
CA TYR A 79 1.31 -14.81 -4.80
C TYR A 79 2.35 -13.73 -5.09
N GLU A 80 2.78 -13.65 -6.35
CA GLU A 80 3.76 -12.67 -6.77
C GLU A 80 3.30 -11.24 -6.43
N ASP A 81 1.99 -11.05 -6.33
CA ASP A 81 1.44 -9.75 -6.01
C ASP A 81 0.95 -9.70 -4.56
N ARG A 82 1.70 -10.33 -3.67
CA ARG A 82 1.34 -10.36 -2.25
C ARG A 82 1.98 -9.20 -1.50
N VAL A 83 1.12 -8.33 -0.96
CA VAL A 83 1.59 -7.17 -0.21
C VAL A 83 1.20 -7.29 1.26
N ILE A 84 1.82 -6.48 2.11
CA ILE A 84 1.51 -6.50 3.54
C ILE A 84 1.34 -5.09 4.08
N VAL A 85 0.08 -4.71 4.35
CA VAL A 85 -0.21 -3.39 4.88
C VAL A 85 -0.31 -3.42 6.40
N TYR A 86 0.48 -2.57 7.05
CA TYR A 86 0.49 -2.49 8.51
C TYR A 86 -0.63 -1.59 9.01
N MET A 87 -1.09 -1.85 10.23
CA MET A 87 -2.16 -1.05 10.83
C MET A 87 -1.62 -0.18 11.95
N ASN A 88 -2.23 0.98 12.14
CA ASN A 88 -1.81 1.91 13.19
C ASN A 88 -1.88 1.25 14.57
N ASP A 89 -2.80 0.29 14.72
CA ASP A 89 -2.95 -0.41 15.99
C ASP A 89 -1.91 -1.51 16.18
N GLY A 90 -1.00 -1.66 15.21
CA GLY A 90 0.02 -2.69 15.31
C GLY A 90 -0.38 -4.01 14.67
N TYR A 91 -1.45 -3.98 13.86
CA TYR A 91 -1.91 -5.19 13.19
C TYR A 91 -1.18 -5.40 11.87
N GLU A 92 -1.21 -6.63 11.37
CA GLU A 92 -0.55 -6.96 10.11
C GLU A 92 -1.51 -7.68 9.17
N VAL A 93 -1.87 -7.01 8.08
CA VAL A 93 -2.78 -7.58 7.10
C VAL A 93 -2.06 -7.88 5.79
N SER A 94 -2.35 -9.05 5.21
CA SER A 94 -1.73 -9.45 3.96
C SER A 94 -2.76 -9.45 2.83
N ALA A 95 -2.59 -8.53 1.87
CA ALA A 95 -3.50 -8.42 0.74
C ALA A 95 -2.75 -8.57 -0.57
N THR A 96 -3.49 -8.69 -1.66
CA THR A 96 -2.89 -8.84 -2.98
C THR A 96 -3.11 -7.57 -3.81
N ILE A 97 -2.26 -7.36 -4.81
CA ILE A 97 -2.37 -6.19 -5.66
C ILE A 97 -3.62 -6.27 -6.54
N ARG A 98 -4.00 -7.49 -6.91
CA ARG A 98 -5.17 -7.70 -7.76
C ARG A 98 -6.47 -7.42 -6.99
N GLN A 99 -6.45 -7.65 -5.69
CA GLN A 99 -7.63 -7.41 -4.86
C GLN A 99 -7.27 -6.64 -3.59
N PHE A 100 -6.35 -5.69 -3.72
CA PHE A 100 -5.92 -4.89 -2.58
C PHE A 100 -7.09 -4.07 -2.05
N ALA A 101 -7.70 -3.28 -2.93
CA ALA A 101 -8.82 -2.44 -2.56
C ALA A 101 -9.95 -3.26 -1.95
N ASP A 102 -10.23 -4.42 -2.56
CA ASP A 102 -11.28 -5.30 -2.08
C ASP A 102 -10.87 -5.91 -0.74
N LYS A 103 -9.64 -6.42 -0.68
CA LYS A 103 -9.11 -7.03 0.53
C LYS A 103 -9.20 -6.08 1.71
N LEU A 104 -8.84 -4.82 1.47
CA LEU A 104 -8.89 -3.81 2.51
C LEU A 104 -10.31 -3.24 2.63
N SER A 105 -11.07 -3.28 1.54
CA SER A 105 -12.44 -2.78 1.55
C SER A 105 -13.29 -3.56 2.56
N HIS A 106 -12.94 -4.82 2.76
CA HIS A 106 -13.67 -5.66 3.71
C HIS A 106 -13.42 -5.21 5.14
N TYR A 107 -12.38 -4.41 5.36
CA TYR A 107 -12.06 -3.92 6.70
C TYR A 107 -13.23 -3.11 7.27
N PRO A 108 -13.59 -3.28 8.57
CA PRO A 108 -12.91 -4.19 9.52
C PRO A 108 -13.17 -5.66 9.20
N ALA A 109 -12.22 -6.52 9.63
CA ALA A 109 -12.31 -7.97 9.41
C ALA A 109 -11.77 -8.34 8.03
N ILE A 110 -10.45 -8.33 7.90
CA ILE A 110 -9.80 -8.66 6.64
C ILE A 110 -8.59 -9.57 6.87
N ALA A 111 -7.90 -9.91 5.78
CA ALA A 111 -6.72 -10.77 5.85
C ALA A 111 -7.09 -12.22 6.15
N ALA A 112 -6.07 -13.07 6.25
CA ALA A 112 -6.28 -14.49 6.53
C ALA A 112 -7.07 -15.16 5.41
N ALA A 113 -6.36 -15.75 4.47
CA ALA A 113 -6.98 -16.43 3.34
C ALA A 113 -6.62 -17.92 3.36
N LEU A 114 -6.42 -18.46 4.56
CA LEU A 114 -6.06 -19.87 4.71
C LEU A 114 -7.07 -20.59 5.61
N ASP A 115 -8.31 -20.13 5.60
CA ASP A 115 -9.36 -20.74 6.41
C ASP A 115 -10.33 -21.53 5.54
N ARG A 116 -9.79 -22.18 4.51
CA ARG A 116 -10.61 -22.98 3.61
C ARG A 116 -9.87 -24.24 3.17
N ASN A 117 -8.74 -24.05 2.49
CA ASN A 117 -7.93 -25.16 2.01
C ASN A 117 -6.86 -25.54 3.04
N VAL A 118 -7.12 -26.61 3.79
CA VAL A 118 -6.19 -27.08 4.82
C VAL A 118 -5.40 -28.28 4.32
N LYS A 119 -4.07 -28.15 4.29
CA LYS A 119 -3.20 -29.23 3.85
C LYS A 119 -1.75 -28.95 4.21
N GLY A 1 -8.48 18.45 -9.84
CA GLY A 1 -8.21 19.45 -10.90
C GLY A 1 -7.31 18.91 -12.00
N SER A 2 -6.04 19.30 -11.96
CA SER A 2 -5.07 18.83 -12.95
C SER A 2 -4.18 17.75 -12.38
N GLU A 3 -3.25 18.15 -11.52
CA GLU A 3 -2.32 17.20 -10.90
C GLU A 3 -3.06 16.17 -10.07
N TRP A 4 -2.51 14.97 -10.00
CA TRP A 4 -3.11 13.88 -9.24
C TRP A 4 -2.96 14.10 -7.75
N ARG A 5 -3.68 13.32 -6.96
CA ARG A 5 -3.62 13.42 -5.50
C ARG A 5 -2.77 12.29 -4.94
N ARG A 6 -1.89 12.63 -4.00
CA ARG A 6 -1.02 11.65 -3.38
C ARG A 6 -1.83 10.74 -2.45
N ILE A 7 -2.04 9.51 -2.88
CA ILE A 7 -2.79 8.55 -2.08
C ILE A 7 -1.86 7.68 -1.24
N ALA A 8 -0.54 7.79 -1.48
CA ALA A 8 0.42 7.01 -0.72
C ALA A 8 1.80 7.64 -0.80
N TYR A 9 2.76 7.05 -0.08
CA TYR A 9 4.13 7.57 -0.07
C TYR A 9 5.13 6.42 -0.04
N VAL A 10 6.08 6.43 -0.95
CA VAL A 10 7.08 5.36 -0.99
C VAL A 10 8.31 5.72 -0.19
N TYR A 11 8.64 4.88 0.79
CA TYR A 11 9.80 5.10 1.64
C TYR A 11 11.07 4.59 0.97
N ASP A 12 11.76 5.49 0.28
CA ASP A 12 12.99 5.15 -0.40
C ASP A 12 13.99 6.31 -0.33
N ARG A 13 15.28 5.98 -0.40
CA ARG A 13 16.33 6.99 -0.34
C ARG A 13 16.25 7.77 0.97
N GLN A 14 15.79 7.10 2.03
CA GLN A 14 15.67 7.72 3.34
C GLN A 14 14.70 8.90 3.29
N THR A 15 13.66 8.78 2.48
CA THR A 15 12.66 9.84 2.35
C THR A 15 11.30 9.27 1.95
N PHE A 16 10.25 10.05 2.15
CA PHE A 16 8.90 9.62 1.81
C PHE A 16 8.41 10.27 0.52
N PHE A 17 8.68 9.59 -0.59
CA PHE A 17 8.29 10.07 -1.91
C PHE A 17 6.77 10.02 -2.11
N PRO A 18 6.11 11.18 -2.34
CA PRO A 18 4.65 11.23 -2.54
C PRO A 18 4.20 10.47 -3.78
N LEU A 19 3.36 9.47 -3.57
CA LEU A 19 2.84 8.67 -4.67
C LEU A 19 1.43 9.12 -5.02
N LEU A 20 1.25 9.50 -6.30
CA LEU A 20 -0.03 9.97 -6.79
C LEU A 20 -1.06 8.84 -6.87
N GLU A 21 -2.31 9.21 -7.15
CA GLU A 21 -3.38 8.22 -7.26
C GLU A 21 -3.12 7.24 -8.38
N ASN A 22 -2.48 7.72 -9.44
CA ASN A 22 -2.15 6.86 -10.58
C ASN A 22 -0.86 6.06 -10.32
N GLY A 23 -0.22 6.32 -9.18
CA GLY A 23 1.01 5.64 -8.86
C GLY A 23 2.25 6.37 -9.35
N ARG A 24 2.08 7.64 -9.70
CA ARG A 24 3.21 8.45 -10.15
C ARG A 24 4.08 8.79 -8.96
N LEU A 25 5.15 8.01 -8.77
CA LEU A 25 6.06 8.23 -7.65
C LEU A 25 6.88 9.49 -7.84
N LEU A 26 6.58 10.51 -7.03
CA LEU A 26 7.30 11.77 -7.09
C LEU A 26 8.57 11.70 -6.26
N LYS A 27 9.55 10.94 -6.76
CA LYS A 27 10.82 10.78 -6.06
C LYS A 27 11.50 12.13 -5.80
N GLN A 28 11.13 13.14 -6.58
CA GLN A 28 11.71 14.46 -6.43
C GLN A 28 10.99 15.28 -5.34
N GLU A 29 9.79 14.85 -4.96
CA GLU A 29 9.01 15.56 -3.94
C GLU A 29 8.99 14.80 -2.61
N GLY A 30 10.05 14.04 -2.34
CA GLY A 30 10.11 13.30 -1.09
C GLY A 30 10.07 14.19 0.12
N THR A 31 9.74 13.61 1.26
CA THR A 31 9.65 14.35 2.50
C THR A 31 10.31 13.58 3.65
N LYS A 32 10.86 14.32 4.59
CA LYS A 32 11.53 13.72 5.73
C LYS A 32 10.53 13.49 6.87
N THR A 33 9.46 12.76 6.58
CA THR A 33 8.42 12.50 7.56
C THR A 33 7.44 11.46 7.02
N ALA A 34 6.61 10.94 7.90
CA ALA A 34 5.64 9.92 7.53
C ALA A 34 4.23 10.50 7.41
N PRO A 35 3.47 10.11 6.35
CA PRO A 35 2.11 10.59 6.12
C PRO A 35 1.07 9.78 6.89
N SER A 36 0.62 10.31 8.01
CA SER A 36 -0.38 9.65 8.84
C SER A 36 -1.73 9.58 8.14
N ASP A 37 -1.88 10.28 7.01
CA ASP A 37 -3.13 10.27 6.26
C ASP A 37 -3.17 9.15 5.24
N ALA A 38 -2.00 8.67 4.84
CA ALA A 38 -1.94 7.60 3.84
C ALA A 38 -0.88 6.55 4.18
N PRO A 39 -0.91 5.39 3.48
CA PRO A 39 0.06 4.31 3.71
C PRO A 39 1.43 4.64 3.15
N VAL A 40 2.45 3.89 3.59
CA VAL A 40 3.81 4.12 3.14
C VAL A 40 4.41 2.86 2.50
N LEU A 41 4.57 2.90 1.19
CA LEU A 41 5.15 1.80 0.44
C LEU A 41 6.64 1.69 0.70
N VAL A 42 7.02 0.83 1.65
CA VAL A 42 8.43 0.64 2.00
C VAL A 42 9.04 -0.51 1.19
N GLY A 43 10.26 -0.29 0.71
CA GLY A 43 10.96 -1.33 -0.05
C GLY A 43 10.10 -1.94 -1.14
N TRP A 44 9.57 -1.11 -2.03
CA TRP A 44 8.73 -1.59 -3.11
C TRP A 44 9.50 -1.73 -4.42
N LYS A 45 9.06 -2.66 -5.25
CA LYS A 45 9.69 -2.90 -6.54
C LYS A 45 9.51 -1.69 -7.45
N ASP A 46 9.90 -1.84 -8.72
CA ASP A 46 9.79 -0.77 -9.72
C ASP A 46 8.45 -0.05 -9.64
N GLY A 47 8.43 1.20 -10.09
CA GLY A 47 7.20 1.98 -10.07
C GLY A 47 6.09 1.30 -10.85
N ASP A 48 6.45 0.46 -11.80
CA ASP A 48 5.48 -0.26 -12.61
C ASP A 48 4.60 -1.13 -11.72
N ALA A 49 5.23 -1.73 -10.71
CA ALA A 49 4.50 -2.58 -9.77
C ALA A 49 3.73 -1.72 -8.78
N ILE A 50 4.36 -0.63 -8.33
CA ILE A 50 3.73 0.29 -7.40
C ILE A 50 2.43 0.85 -8.00
N ALA A 51 2.50 1.20 -9.28
CA ALA A 51 1.34 1.75 -9.98
C ALA A 51 0.14 0.82 -9.88
N GLU A 52 0.40 -0.48 -9.75
CA GLU A 52 -0.66 -1.46 -9.62
C GLU A 52 -1.38 -1.29 -8.28
N MET A 53 -0.60 -1.30 -7.21
CA MET A 53 -1.16 -1.12 -5.88
C MET A 53 -1.85 0.23 -5.78
N THR A 54 -1.19 1.27 -6.32
CA THR A 54 -1.77 2.61 -6.29
C THR A 54 -3.10 2.63 -7.01
N GLY A 55 -3.20 1.85 -8.09
CA GLY A 55 -4.45 1.77 -8.82
C GLY A 55 -5.55 1.25 -7.93
N GLN A 56 -5.19 0.31 -7.06
CA GLN A 56 -6.14 -0.28 -6.12
C GLN A 56 -6.48 0.72 -5.01
N LEU A 57 -5.47 1.37 -4.45
CA LEU A 57 -5.70 2.35 -3.39
C LEU A 57 -6.49 3.55 -3.89
N ALA A 58 -6.32 3.87 -5.17
CA ALA A 58 -7.01 4.99 -5.78
C ALA A 58 -8.52 4.74 -5.86
N GLU A 59 -8.91 3.47 -5.83
CA GLU A 59 -10.33 3.11 -5.91
C GLU A 59 -10.84 2.57 -4.58
N LEU A 60 -9.94 2.00 -3.78
CA LEU A 60 -10.32 1.44 -2.47
C LEU A 60 -11.00 2.51 -1.60
N PRO A 61 -11.65 2.08 -0.49
CA PRO A 61 -12.33 3.02 0.43
C PRO A 61 -11.36 3.89 1.20
N ALA A 62 -11.60 5.20 1.17
CA ALA A 62 -10.77 6.17 1.87
C ALA A 62 -10.56 5.78 3.34
N ALA A 63 -11.50 5.03 3.89
CA ALA A 63 -11.41 4.59 5.28
C ALA A 63 -10.14 3.80 5.52
N VAL A 64 -9.89 2.81 4.66
CA VAL A 64 -8.70 1.98 4.78
C VAL A 64 -7.46 2.76 4.33
N LEU A 65 -7.63 3.60 3.33
CA LEU A 65 -6.51 4.41 2.81
C LEU A 65 -5.92 5.26 3.94
N GLY A 66 -6.80 5.69 4.85
CA GLY A 66 -6.35 6.48 5.97
C GLY A 66 -5.77 5.61 7.06
N ALA A 67 -6.39 4.45 7.28
CA ALA A 67 -5.92 3.50 8.28
C ALA A 67 -4.86 2.58 7.69
N MET A 68 -3.61 2.85 8.02
CA MET A 68 -2.48 2.06 7.53
C MET A 68 -1.16 2.62 8.05
N SER A 69 -0.11 1.82 8.03
CA SER A 69 1.20 2.26 8.49
C SER A 69 2.23 2.21 7.37
N GLU A 70 2.42 1.03 6.81
CA GLU A 70 3.38 0.85 5.72
C GLU A 70 3.04 -0.39 4.90
N ILE A 71 3.25 -0.28 3.58
CA ILE A 71 2.98 -1.39 2.67
C ILE A 71 4.29 -1.99 2.18
N HIS A 72 4.52 -3.24 2.55
CA HIS A 72 5.75 -3.93 2.16
C HIS A 72 5.48 -4.96 1.06
N TYR A 73 6.18 -4.82 -0.06
CA TYR A 73 6.02 -5.75 -1.18
C TYR A 73 6.71 -7.07 -0.87
N LYS A 74 5.93 -8.08 -0.54
CA LYS A 74 6.48 -9.40 -0.22
C LYS A 74 5.77 -10.50 -1.02
N PRO A 75 6.27 -10.81 -2.23
CA PRO A 75 5.68 -11.85 -3.08
C PRO A 75 5.88 -13.24 -2.51
N THR A 76 5.08 -14.19 -2.98
CA THR A 76 5.18 -15.57 -2.52
C THR A 76 5.16 -16.54 -3.69
N ARG A 77 5.47 -17.80 -3.42
CA ARG A 77 5.47 -18.82 -4.46
C ARG A 77 4.11 -18.95 -5.13
N GLU A 78 3.05 -18.53 -4.43
CA GLU A 78 1.70 -18.60 -4.98
C GLU A 78 1.04 -17.23 -5.07
N TYR A 79 1.80 -16.16 -4.82
CA TYR A 79 1.25 -14.81 -4.88
C TYR A 79 2.34 -13.78 -5.18
N GLU A 80 2.77 -13.72 -6.43
CA GLU A 80 3.81 -12.77 -6.85
C GLU A 80 3.40 -11.33 -6.53
N ASP A 81 2.10 -11.10 -6.38
CA ASP A 81 1.59 -9.77 -6.07
C ASP A 81 1.11 -9.69 -4.64
N ARG A 82 1.84 -10.35 -3.73
CA ARG A 82 1.48 -10.35 -2.32
C ARG A 82 2.11 -9.19 -1.58
N VAL A 83 1.28 -8.29 -1.06
CA VAL A 83 1.75 -7.13 -0.31
C VAL A 83 1.35 -7.24 1.16
N ILE A 84 1.96 -6.41 2.00
CA ILE A 84 1.64 -6.42 3.43
C ILE A 84 1.38 -5.01 3.95
N VAL A 85 0.12 -4.72 4.26
CA VAL A 85 -0.25 -3.41 4.77
C VAL A 85 -0.42 -3.44 6.30
N TYR A 86 0.35 -2.64 6.99
CA TYR A 86 0.28 -2.57 8.45
C TYR A 86 -0.81 -1.60 8.89
N MET A 87 -1.36 -1.83 10.07
CA MET A 87 -2.42 -0.97 10.60
C MET A 87 -1.87 -0.03 11.67
N ASN A 88 -2.61 1.04 11.95
CA ASN A 88 -2.20 2.02 12.94
C ASN A 88 -2.12 1.39 14.34
N ASP A 89 -2.88 0.31 14.55
CA ASP A 89 -2.89 -0.37 15.83
C ASP A 89 -1.79 -1.43 15.93
N GLY A 90 -0.87 -1.44 14.95
CA GLY A 90 0.20 -2.42 14.97
C GLY A 90 -0.19 -3.76 14.37
N TYR A 91 -1.32 -3.79 13.66
CA TYR A 91 -1.78 -5.03 13.03
C TYR A 91 -1.04 -5.29 11.73
N GLU A 92 -1.23 -6.48 11.18
CA GLU A 92 -0.57 -6.87 9.93
C GLU A 92 -1.55 -7.57 8.99
N VAL A 93 -1.89 -6.90 7.90
CA VAL A 93 -2.81 -7.46 6.91
C VAL A 93 -2.11 -7.72 5.59
N SER A 94 -2.16 -8.97 5.13
CA SER A 94 -1.52 -9.34 3.87
C SER A 94 -2.55 -9.40 2.75
N ALA A 95 -2.41 -8.52 1.77
CA ALA A 95 -3.34 -8.47 0.65
C ALA A 95 -2.58 -8.55 -0.67
N THR A 96 -3.29 -8.90 -1.74
CA THR A 96 -2.67 -9.01 -3.06
C THR A 96 -2.96 -7.76 -3.89
N ILE A 97 -2.06 -7.44 -4.82
CA ILE A 97 -2.23 -6.27 -5.67
C ILE A 97 -3.48 -6.42 -6.55
N ARG A 98 -3.74 -7.64 -7.00
CA ARG A 98 -4.90 -7.91 -7.84
C ARG A 98 -6.20 -7.60 -7.12
N GLN A 99 -6.22 -7.83 -5.81
CA GLN A 99 -7.41 -7.58 -5.00
C GLN A 99 -7.05 -6.82 -3.73
N PHE A 100 -6.21 -5.81 -3.86
CA PHE A 100 -5.79 -5.00 -2.72
C PHE A 100 -6.96 -4.20 -2.18
N ALA A 101 -7.62 -3.46 -3.06
CA ALA A 101 -8.77 -2.66 -2.66
C ALA A 101 -9.88 -3.52 -2.09
N ASP A 102 -10.10 -4.68 -2.70
CA ASP A 102 -11.14 -5.60 -2.23
C ASP A 102 -10.77 -6.17 -0.87
N LYS A 103 -9.54 -6.69 -0.77
CA LYS A 103 -9.04 -7.27 0.47
C LYS A 103 -9.16 -6.29 1.63
N LEU A 104 -8.80 -5.03 1.38
CA LEU A 104 -8.88 -4.00 2.40
C LEU A 104 -10.28 -3.41 2.47
N SER A 105 -11.05 -3.53 1.39
CA SER A 105 -12.42 -3.02 1.37
C SER A 105 -13.25 -3.74 2.41
N HIS A 106 -12.94 -5.02 2.62
CA HIS A 106 -13.66 -5.82 3.61
C HIS A 106 -13.31 -5.38 5.04
N TYR A 107 -12.21 -4.63 5.18
CA TYR A 107 -11.78 -4.16 6.50
C TYR A 107 -12.88 -3.36 7.19
N PRO A 108 -13.06 -3.50 8.53
CA PRO A 108 -12.25 -4.37 9.38
C PRO A 108 -12.84 -5.77 9.52
N ALA A 109 -12.21 -6.75 8.86
CA ALA A 109 -12.66 -8.14 8.90
C ALA A 109 -11.95 -8.97 7.84
N ILE A 110 -10.64 -8.75 7.71
CA ILE A 110 -9.85 -9.49 6.74
C ILE A 110 -8.64 -10.17 7.40
N ALA A 111 -8.19 -11.27 6.80
CA ALA A 111 -7.05 -12.02 7.31
C ALA A 111 -6.85 -13.31 6.53
N ALA A 112 -5.85 -14.09 6.94
CA ALA A 112 -5.55 -15.35 6.27
C ALA A 112 -6.71 -16.33 6.41
N ALA A 113 -6.77 -17.30 5.50
CA ALA A 113 -7.83 -18.30 5.51
C ALA A 113 -7.31 -19.65 5.04
N LEU A 114 -6.02 -19.90 5.27
CA LEU A 114 -5.41 -21.16 4.86
C LEU A 114 -5.40 -22.15 6.04
N ASP A 115 -6.54 -22.25 6.71
CA ASP A 115 -6.67 -23.14 7.86
C ASP A 115 -5.78 -22.69 9.02
N ARG A 116 -5.50 -21.39 9.06
CA ARG A 116 -4.66 -20.82 10.12
C ARG A 116 -3.30 -21.52 10.19
N ASN A 117 -2.28 -20.90 9.59
CA ASN A 117 -0.95 -21.46 9.57
C ASN A 117 0.10 -20.36 9.41
N VAL A 118 1.14 -20.41 10.25
CA VAL A 118 2.22 -19.42 10.19
C VAL A 118 3.52 -20.01 10.68
N LYS A 119 4.48 -20.19 9.76
CA LYS A 119 5.78 -20.74 10.10
C LYS A 119 6.76 -20.58 8.94
N GLY A 1 -6.87 19.12 -9.62
CA GLY A 1 -7.30 19.65 -10.94
C GLY A 1 -6.18 19.64 -11.96
N SER A 2 -5.00 20.11 -11.55
CA SER A 2 -3.84 20.15 -12.44
C SER A 2 -2.98 18.91 -12.26
N GLU A 3 -2.86 18.46 -11.00
CA GLU A 3 -2.05 17.28 -10.70
C GLU A 3 -2.86 16.26 -9.91
N TRP A 4 -2.38 15.02 -9.91
CA TRP A 4 -3.05 13.94 -9.20
C TRP A 4 -2.92 14.12 -7.69
N ARG A 5 -3.70 13.33 -6.94
CA ARG A 5 -3.67 13.39 -5.49
C ARG A 5 -2.80 12.27 -4.92
N ARG A 6 -1.94 12.62 -3.98
CA ARG A 6 -1.06 11.66 -3.35
C ARG A 6 -1.85 10.74 -2.44
N ILE A 7 -2.03 9.49 -2.88
CA ILE A 7 -2.77 8.51 -2.09
C ILE A 7 -1.82 7.63 -1.27
N ALA A 8 -0.52 7.76 -1.50
CA ALA A 8 0.47 6.97 -0.77
C ALA A 8 1.83 7.63 -0.81
N TYR A 9 2.79 7.04 -0.12
CA TYR A 9 4.15 7.57 -0.08
C TYR A 9 5.16 6.43 -0.02
N VAL A 10 6.12 6.44 -0.93
CA VAL A 10 7.12 5.39 -0.96
C VAL A 10 8.36 5.79 -0.17
N TYR A 11 8.71 4.97 0.82
CA TYR A 11 9.87 5.23 1.67
C TYR A 11 11.14 4.71 1.00
N ASP A 12 11.82 5.60 0.30
CA ASP A 12 13.06 5.25 -0.39
C ASP A 12 14.04 6.42 -0.37
N ARG A 13 15.33 6.11 -0.47
CA ARG A 13 16.36 7.13 -0.45
C ARG A 13 16.32 7.93 0.85
N GLN A 14 15.89 7.26 1.93
CA GLN A 14 15.79 7.90 3.23
C GLN A 14 14.80 9.06 3.21
N THR A 15 13.74 8.91 2.43
CA THR A 15 12.72 9.95 2.33
C THR A 15 11.36 9.36 1.94
N PHE A 16 10.30 10.12 2.18
CA PHE A 16 8.95 9.68 1.86
C PHE A 16 8.45 10.34 0.58
N PHE A 17 8.70 9.65 -0.54
CA PHE A 17 8.30 10.14 -1.85
C PHE A 17 6.77 10.10 -2.02
N PRO A 18 6.11 11.25 -2.33
CA PRO A 18 4.66 11.29 -2.51
C PRO A 18 4.20 10.53 -3.75
N LEU A 19 3.39 9.51 -3.55
CA LEU A 19 2.87 8.72 -4.65
C LEU A 19 1.46 9.18 -5.01
N LEU A 20 1.28 9.56 -6.28
CA LEU A 20 0.00 10.04 -6.77
C LEU A 20 -1.02 8.90 -6.86
N GLU A 21 -2.27 9.26 -7.15
CA GLU A 21 -3.34 8.27 -7.27
C GLU A 21 -3.06 7.31 -8.42
N ASN A 22 -2.41 7.81 -9.46
CA ASN A 22 -2.08 6.99 -10.61
C ASN A 22 -0.77 6.21 -10.38
N GLY A 23 -0.20 6.35 -9.19
CA GLY A 23 1.04 5.66 -8.88
C GLY A 23 2.27 6.40 -9.38
N ARG A 24 2.11 7.69 -9.63
CA ARG A 24 3.22 8.52 -10.07
C ARG A 24 4.11 8.86 -8.88
N LEU A 25 5.14 8.06 -8.67
CA LEU A 25 6.05 8.26 -7.56
C LEU A 25 6.86 9.54 -7.74
N LEU A 26 6.52 10.57 -6.98
CA LEU A 26 7.21 11.84 -7.04
C LEU A 26 8.52 11.78 -6.25
N LYS A 27 9.47 11.01 -6.78
CA LYS A 27 10.77 10.86 -6.12
C LYS A 27 11.46 12.21 -5.93
N GLN A 28 11.06 13.20 -6.71
CA GLN A 28 11.64 14.53 -6.61
C GLN A 28 10.85 15.43 -5.65
N GLU A 29 9.94 14.83 -4.88
CA GLU A 29 9.13 15.59 -3.92
C GLU A 29 9.06 14.88 -2.58
N GLY A 30 10.08 14.09 -2.27
CA GLY A 30 10.11 13.36 -1.02
C GLY A 30 10.11 14.28 0.19
N THR A 31 9.79 13.71 1.34
CA THR A 31 9.74 14.46 2.58
C THR A 31 10.40 13.67 3.71
N LYS A 32 10.95 14.38 4.68
CA LYS A 32 11.61 13.73 5.80
C LYS A 32 10.62 13.44 6.92
N THR A 33 9.51 12.79 6.57
CA THR A 33 8.48 12.46 7.54
C THR A 33 7.43 11.54 6.93
N ALA A 34 6.85 10.69 7.76
CA ALA A 34 5.84 9.74 7.30
C ALA A 34 4.42 10.30 7.48
N PRO A 35 3.61 10.33 6.41
CA PRO A 35 2.25 10.85 6.46
C PRO A 35 1.25 9.79 6.94
N SER A 36 0.74 10.00 8.15
CA SER A 36 -0.23 9.07 8.75
C SER A 36 -1.60 9.16 8.06
N ASP A 37 -1.76 10.10 7.14
CA ASP A 37 -3.00 10.24 6.41
C ASP A 37 -3.11 9.17 5.34
N ALA A 38 -1.96 8.64 4.91
CA ALA A 38 -1.94 7.62 3.88
C ALA A 38 -0.90 6.54 4.16
N PRO A 39 -0.96 5.40 3.44
CA PRO A 39 0.00 4.31 3.63
C PRO A 39 1.37 4.62 3.07
N VAL A 40 2.39 3.97 3.62
CA VAL A 40 3.76 4.19 3.17
C VAL A 40 4.36 2.92 2.56
N LEU A 41 4.58 2.96 1.25
CA LEU A 41 5.14 1.82 0.54
C LEU A 41 6.63 1.68 0.86
N VAL A 42 6.95 0.81 1.81
CA VAL A 42 8.33 0.57 2.19
C VAL A 42 8.93 -0.59 1.41
N GLY A 43 10.16 -0.39 0.94
CA GLY A 43 10.85 -1.43 0.19
C GLY A 43 10.00 -2.03 -0.91
N TRP A 44 9.51 -1.18 -1.82
CA TRP A 44 8.68 -1.65 -2.93
C TRP A 44 9.47 -1.80 -4.21
N LYS A 45 9.02 -2.72 -5.06
CA LYS A 45 9.67 -2.96 -6.35
C LYS A 45 9.52 -1.76 -7.25
N ASP A 46 9.94 -1.92 -8.51
CA ASP A 46 9.86 -0.84 -9.50
C ASP A 46 8.53 -0.10 -9.45
N GLY A 47 8.55 1.16 -9.89
CA GLY A 47 7.34 1.97 -9.90
C GLY A 47 6.23 1.31 -10.72
N ASP A 48 6.61 0.47 -11.67
CA ASP A 48 5.64 -0.23 -12.51
C ASP A 48 4.74 -1.09 -11.65
N ALA A 49 5.33 -1.71 -10.62
CA ALA A 49 4.57 -2.55 -9.70
C ALA A 49 3.77 -1.68 -8.74
N ILE A 50 4.40 -0.61 -8.26
CA ILE A 50 3.74 0.31 -7.34
C ILE A 50 2.47 0.88 -7.97
N ALA A 51 2.57 1.23 -9.26
CA ALA A 51 1.44 1.77 -10.00
C ALA A 51 0.22 0.86 -9.89
N GLU A 52 0.48 -0.44 -9.74
CA GLU A 52 -0.60 -1.42 -9.61
C GLU A 52 -1.32 -1.24 -8.27
N MET A 53 -0.53 -1.24 -7.20
CA MET A 53 -1.09 -1.05 -5.87
C MET A 53 -1.80 0.29 -5.78
N THR A 54 -1.15 1.32 -6.34
CA THR A 54 -1.73 2.65 -6.33
C THR A 54 -3.08 2.65 -7.05
N GLY A 55 -3.17 1.84 -8.10
CA GLY A 55 -4.42 1.73 -8.82
C GLY A 55 -5.52 1.24 -7.91
N GLN A 56 -5.15 0.31 -7.03
CA GLN A 56 -6.09 -0.23 -6.06
C GLN A 56 -6.42 0.79 -4.97
N LEU A 57 -5.39 1.47 -4.46
CA LEU A 57 -5.58 2.48 -3.42
C LEU A 57 -6.31 3.71 -3.96
N ALA A 58 -6.28 3.90 -5.27
CA ALA A 58 -6.95 5.03 -5.88
C ALA A 58 -8.46 4.79 -5.97
N GLU A 59 -8.88 3.53 -5.82
CA GLU A 59 -10.29 3.18 -5.89
C GLU A 59 -10.81 2.66 -4.55
N LEU A 60 -9.92 2.09 -3.75
CA LEU A 60 -10.31 1.54 -2.44
C LEU A 60 -10.95 2.61 -1.56
N PRO A 61 -11.61 2.21 -0.45
CA PRO A 61 -12.27 3.16 0.46
C PRO A 61 -11.28 4.00 1.23
N ALA A 62 -11.50 5.32 1.19
CA ALA A 62 -10.64 6.28 1.90
C ALA A 62 -10.46 5.89 3.37
N ALA A 63 -11.44 5.17 3.92
CA ALA A 63 -11.38 4.73 5.30
C ALA A 63 -10.12 3.93 5.57
N VAL A 64 -9.86 2.93 4.72
CA VAL A 64 -8.69 2.10 4.87
C VAL A 64 -7.43 2.86 4.46
N LEU A 65 -7.55 3.64 3.38
CA LEU A 65 -6.41 4.43 2.89
C LEU A 65 -5.86 5.31 4.01
N GLY A 66 -6.76 5.75 4.89
CA GLY A 66 -6.35 6.57 6.00
C GLY A 66 -5.83 5.74 7.15
N ALA A 67 -6.44 4.56 7.33
CA ALA A 67 -6.02 3.65 8.38
C ALA A 67 -4.96 2.68 7.87
N MET A 68 -3.71 2.93 8.23
CA MET A 68 -2.59 2.09 7.82
C MET A 68 -1.28 2.65 8.37
N SER A 69 -0.17 1.98 8.06
CA SER A 69 1.13 2.42 8.54
C SER A 69 2.18 2.33 7.44
N GLU A 70 2.28 1.16 6.82
CA GLU A 70 3.26 0.94 5.75
C GLU A 70 2.90 -0.30 4.95
N ILE A 71 3.13 -0.23 3.64
CA ILE A 71 2.85 -1.36 2.75
C ILE A 71 4.16 -2.01 2.31
N HIS A 72 4.36 -3.26 2.71
CA HIS A 72 5.58 -3.99 2.37
C HIS A 72 5.31 -5.04 1.31
N TYR A 73 6.04 -4.96 0.20
CA TYR A 73 5.87 -5.92 -0.88
C TYR A 73 6.53 -7.26 -0.52
N LYS A 74 5.69 -8.24 -0.19
CA LYS A 74 6.19 -9.56 0.19
C LYS A 74 5.68 -10.62 -0.79
N PRO A 75 6.26 -10.68 -2.01
CA PRO A 75 5.83 -11.65 -3.03
C PRO A 75 6.16 -13.09 -2.65
N THR A 76 5.29 -14.01 -3.03
CA THR A 76 5.47 -15.42 -2.74
C THR A 76 5.36 -16.25 -4.00
N ARG A 77 5.93 -17.46 -3.96
CA ARG A 77 5.90 -18.37 -5.11
C ARG A 77 4.47 -18.58 -5.62
N GLU A 78 3.49 -18.40 -4.73
CA GLU A 78 2.10 -18.58 -5.08
C GLU A 78 1.39 -17.23 -5.29
N TYR A 79 1.94 -16.17 -4.71
CA TYR A 79 1.35 -14.84 -4.84
C TYR A 79 2.42 -13.77 -5.08
N GLU A 80 2.87 -13.68 -6.33
CA GLU A 80 3.88 -12.70 -6.71
C GLU A 80 3.43 -11.27 -6.39
N ASP A 81 2.11 -11.07 -6.32
CA ASP A 81 1.55 -9.76 -6.03
C ASP A 81 1.05 -9.71 -4.59
N ARG A 82 1.76 -10.38 -3.68
CA ARG A 82 1.37 -10.40 -2.28
C ARG A 82 2.03 -9.26 -1.51
N VAL A 83 1.21 -8.33 -1.04
CA VAL A 83 1.70 -7.19 -0.27
C VAL A 83 1.30 -7.31 1.20
N ILE A 84 1.90 -6.47 2.04
CA ILE A 84 1.59 -6.49 3.47
C ILE A 84 1.38 -5.08 4.01
N VAL A 85 0.12 -4.73 4.27
CA VAL A 85 -0.21 -3.41 4.81
C VAL A 85 -0.30 -3.44 6.33
N TYR A 86 0.31 -2.46 6.97
CA TYR A 86 0.30 -2.36 8.42
C TYR A 86 -0.80 -1.42 8.89
N MET A 87 -1.29 -1.63 10.10
CA MET A 87 -2.33 -0.79 10.67
C MET A 87 -1.79 0.02 11.84
N ASN A 88 -2.34 1.22 12.05
CA ASN A 88 -1.91 2.08 13.13
C ASN A 88 -1.99 1.38 14.49
N ASP A 89 -2.91 0.44 14.60
CA ASP A 89 -3.09 -0.31 15.84
C ASP A 89 -1.99 -1.36 16.03
N GLY A 90 -1.13 -1.53 15.02
CA GLY A 90 -0.06 -2.50 15.13
C GLY A 90 -0.41 -3.85 14.52
N TYR A 91 -1.48 -3.88 13.72
CA TYR A 91 -1.92 -5.12 13.08
C TYR A 91 -1.19 -5.34 11.76
N GLU A 92 -1.15 -6.58 11.32
CA GLU A 92 -0.48 -6.93 10.07
C GLU A 92 -1.44 -7.67 9.13
N VAL A 93 -1.80 -7.01 8.04
CA VAL A 93 -2.72 -7.60 7.07
C VAL A 93 -2.00 -7.86 5.75
N SER A 94 -2.24 -9.03 5.17
CA SER A 94 -1.62 -9.41 3.90
C SER A 94 -2.66 -9.43 2.78
N ALA A 95 -2.48 -8.54 1.80
CA ALA A 95 -3.40 -8.47 0.68
C ALA A 95 -2.66 -8.60 -0.65
N THR A 96 -3.39 -8.76 -1.74
CA THR A 96 -2.78 -8.89 -3.05
C THR A 96 -3.01 -7.63 -3.89
N ILE A 97 -2.12 -7.38 -4.84
CA ILE A 97 -2.24 -6.20 -5.70
C ILE A 97 -3.48 -6.31 -6.59
N ARG A 98 -3.82 -7.53 -6.99
CA ARG A 98 -4.99 -7.75 -7.85
C ARG A 98 -6.28 -7.43 -7.13
N GLN A 99 -6.32 -7.72 -5.83
CA GLN A 99 -7.51 -7.46 -5.02
C GLN A 99 -7.16 -6.73 -3.73
N PHE A 100 -6.28 -5.74 -3.84
CA PHE A 100 -5.85 -4.96 -2.68
C PHE A 100 -7.01 -4.15 -2.12
N ALA A 101 -7.67 -3.40 -3.00
CA ALA A 101 -8.80 -2.57 -2.60
C ALA A 101 -9.91 -3.40 -1.97
N ASP A 102 -10.19 -4.55 -2.55
CA ASP A 102 -11.23 -5.43 -2.04
C ASP A 102 -10.82 -6.00 -0.68
N LYS A 103 -9.61 -6.54 -0.63
CA LYS A 103 -9.07 -7.12 0.60
C LYS A 103 -9.14 -6.14 1.76
N LEU A 104 -8.78 -4.88 1.48
CA LEU A 104 -8.83 -3.85 2.51
C LEU A 104 -10.22 -3.25 2.62
N SER A 105 -10.99 -3.32 1.55
CA SER A 105 -12.35 -2.79 1.54
C SER A 105 -13.20 -3.51 2.59
N HIS A 106 -12.89 -4.78 2.81
CA HIS A 106 -13.62 -5.58 3.79
C HIS A 106 -13.33 -5.11 5.22
N TYR A 107 -12.27 -4.32 5.41
CA TYR A 107 -11.92 -3.83 6.73
C TYR A 107 -13.07 -3.01 7.32
N PRO A 108 -13.40 -3.16 8.63
CA PRO A 108 -12.72 -4.09 9.55
C PRO A 108 -13.03 -5.55 9.26
N ALA A 109 -12.11 -6.44 9.66
CA ALA A 109 -12.25 -7.88 9.45
C ALA A 109 -11.81 -8.28 8.04
N ILE A 110 -10.50 -8.33 7.83
CA ILE A 110 -9.95 -8.68 6.53
C ILE A 110 -8.89 -9.76 6.66
N ALA A 111 -8.37 -10.21 5.52
CA ALA A 111 -7.35 -11.25 5.50
C ALA A 111 -7.84 -12.53 6.16
N ALA A 112 -7.12 -13.62 5.93
CA ALA A 112 -7.48 -14.91 6.50
C ALA A 112 -6.49 -15.34 7.57
N ALA A 113 -6.52 -16.61 7.95
CA ALA A 113 -5.62 -17.14 8.96
C ALA A 113 -4.46 -17.89 8.32
N LEU A 114 -4.14 -17.55 7.06
CA LEU A 114 -3.04 -18.20 6.36
C LEU A 114 -1.78 -17.34 6.42
N ASP A 115 -1.68 -16.51 7.45
CA ASP A 115 -0.51 -15.65 7.63
C ASP A 115 0.37 -16.16 8.76
N ARG A 116 0.38 -17.46 8.96
CA ARG A 116 1.18 -18.07 10.02
C ARG A 116 2.41 -18.76 9.44
N ASN A 117 2.19 -19.93 8.83
CA ASN A 117 3.27 -20.70 8.22
C ASN A 117 4.26 -21.17 9.29
N VAL A 118 5.15 -20.28 9.72
CA VAL A 118 6.14 -20.61 10.73
C VAL A 118 5.89 -19.83 12.02
N LYS A 119 5.84 -20.54 13.13
CA LYS A 119 5.62 -19.93 14.43
C LYS A 119 6.73 -18.93 14.77
N GLY A 1 -1.64 24.22 -10.86
CA GLY A 1 -2.13 23.11 -11.72
C GLY A 1 -2.94 22.08 -10.95
N SER A 2 -3.72 21.28 -11.67
CA SER A 2 -4.55 20.26 -11.04
C SER A 2 -3.67 19.20 -10.38
N GLU A 3 -2.98 18.41 -11.20
CA GLU A 3 -2.11 17.35 -10.69
C GLU A 3 -2.91 16.31 -9.92
N TRP A 4 -2.38 15.11 -9.85
CA TRP A 4 -3.02 14.01 -9.14
C TRP A 4 -2.91 14.18 -7.63
N ARG A 5 -3.67 13.38 -6.89
CA ARG A 5 -3.66 13.44 -5.44
C ARG A 5 -2.80 12.32 -4.86
N ARG A 6 -1.98 12.65 -3.88
CA ARG A 6 -1.11 11.68 -3.25
C ARG A 6 -1.92 10.72 -2.36
N ILE A 7 -2.08 9.50 -2.83
CA ILE A 7 -2.82 8.49 -2.07
C ILE A 7 -1.88 7.60 -1.26
N ALA A 8 -0.57 7.73 -1.49
CA ALA A 8 0.40 6.92 -0.78
C ALA A 8 1.77 7.59 -0.81
N TYR A 9 2.73 6.98 -0.12
CA TYR A 9 4.09 7.51 -0.08
C TYR A 9 5.11 6.36 -0.05
N VAL A 10 6.06 6.38 -0.97
CA VAL A 10 7.05 5.31 -1.02
C VAL A 10 8.30 5.68 -0.23
N TYR A 11 8.64 4.85 0.74
CA TYR A 11 9.82 5.07 1.58
C TYR A 11 11.08 4.57 0.88
N ASP A 12 11.93 5.50 0.48
CA ASP A 12 13.17 5.17 -0.21
C ASP A 12 14.12 6.35 -0.23
N ARG A 13 15.43 6.07 -0.28
CA ARG A 13 16.43 7.12 -0.30
C ARG A 13 16.36 7.98 0.96
N GLN A 14 15.95 7.38 2.07
CA GLN A 14 15.83 8.08 3.34
C GLN A 14 14.80 9.21 3.25
N THR A 15 13.78 9.01 2.42
CA THR A 15 12.73 10.00 2.25
C THR A 15 11.42 9.34 1.82
N PHE A 16 10.30 9.95 2.21
CA PHE A 16 8.99 9.42 1.86
C PHE A 16 8.44 10.10 0.61
N PHE A 17 8.74 9.50 -0.54
CA PHE A 17 8.30 10.04 -1.82
C PHE A 17 6.77 10.01 -1.95
N PRO A 18 6.12 11.15 -2.27
CA PRO A 18 4.66 11.21 -2.40
C PRO A 18 4.17 10.53 -3.68
N LEU A 19 3.38 9.47 -3.49
CA LEU A 19 2.84 8.73 -4.61
C LEU A 19 1.43 9.19 -4.95
N LEU A 20 1.24 9.59 -6.20
CA LEU A 20 -0.05 10.07 -6.67
C LEU A 20 -1.06 8.94 -6.80
N GLU A 21 -2.31 9.30 -7.12
CA GLU A 21 -3.38 8.32 -7.27
C GLU A 21 -3.11 7.39 -8.44
N ASN A 22 -2.40 7.91 -9.45
CA ASN A 22 -2.08 7.12 -10.61
C ASN A 22 -0.75 6.37 -10.43
N GLY A 23 -0.25 6.35 -9.19
CA GLY A 23 1.00 5.67 -8.92
C GLY A 23 2.21 6.41 -9.45
N ARG A 24 2.05 7.72 -9.62
CA ARG A 24 3.15 8.55 -10.09
C ARG A 24 4.05 8.89 -8.91
N LEU A 25 5.12 8.11 -8.76
CA LEU A 25 6.05 8.32 -7.66
C LEU A 25 6.90 9.57 -7.88
N LEU A 26 6.61 10.61 -7.10
CA LEU A 26 7.34 11.86 -7.20
C LEU A 26 8.61 11.79 -6.35
N LYS A 27 9.58 11.02 -6.81
CA LYS A 27 10.84 10.86 -6.10
C LYS A 27 11.53 12.20 -5.84
N GLN A 28 11.18 13.21 -6.62
CA GLN A 28 11.77 14.53 -6.48
C GLN A 28 11.04 15.36 -5.42
N GLU A 29 9.83 14.95 -5.04
CA GLU A 29 9.05 15.68 -4.05
C GLU A 29 8.96 14.92 -2.73
N GLY A 30 9.98 14.14 -2.43
CA GLY A 30 9.99 13.37 -1.19
C GLY A 30 10.02 14.25 0.04
N THR A 31 9.68 13.65 1.17
CA THR A 31 9.66 14.36 2.44
C THR A 31 10.40 13.58 3.51
N LYS A 32 10.88 14.27 4.53
CA LYS A 32 11.60 13.63 5.62
C LYS A 32 10.65 13.28 6.76
N THR A 33 9.53 12.66 6.42
CA THR A 33 8.53 12.28 7.40
C THR A 33 7.47 11.39 6.77
N ALA A 34 6.88 10.52 7.57
CA ALA A 34 5.85 9.61 7.11
C ALA A 34 4.45 10.18 7.35
N PRO A 35 3.60 10.27 6.30
CA PRO A 35 2.25 10.80 6.43
C PRO A 35 1.26 9.75 6.93
N SER A 36 0.77 9.94 8.15
CA SER A 36 -0.18 9.03 8.77
C SER A 36 -1.56 9.11 8.10
N ASP A 37 -1.74 10.07 7.19
CA ASP A 37 -3.01 10.21 6.49
C ASP A 37 -3.13 9.14 5.40
N ALA A 38 -1.99 8.63 4.95
CA ALA A 38 -1.99 7.62 3.90
C ALA A 38 -0.95 6.53 4.18
N PRO A 39 -1.01 5.40 3.44
CA PRO A 39 -0.08 4.29 3.62
C PRO A 39 1.31 4.61 3.05
N VAL A 40 2.33 3.95 3.59
CA VAL A 40 3.69 4.17 3.13
C VAL A 40 4.28 2.89 2.52
N LEU A 41 4.46 2.90 1.22
CA LEU A 41 5.04 1.76 0.51
C LEU A 41 6.53 1.65 0.79
N VAL A 42 6.87 0.80 1.76
CA VAL A 42 8.27 0.60 2.13
C VAL A 42 8.89 -0.56 1.35
N GLY A 43 10.11 -0.36 0.88
CA GLY A 43 10.81 -1.40 0.14
C GLY A 43 9.97 -2.00 -0.97
N TRP A 44 9.51 -1.17 -1.90
CA TRP A 44 8.68 -1.66 -3.00
C TRP A 44 9.49 -1.79 -4.29
N LYS A 45 9.07 -2.71 -5.14
CA LYS A 45 9.72 -2.95 -6.41
C LYS A 45 9.54 -1.75 -7.33
N ASP A 46 9.95 -1.90 -8.59
CA ASP A 46 9.86 -0.83 -9.59
C ASP A 46 8.52 -0.09 -9.52
N GLY A 47 8.52 1.16 -9.98
CA GLY A 47 7.31 1.95 -9.98
C GLY A 47 6.18 1.28 -10.74
N ASP A 48 6.55 0.41 -11.69
CA ASP A 48 5.55 -0.29 -12.48
C ASP A 48 4.67 -1.14 -11.57
N ALA A 49 5.29 -1.74 -10.56
CA ALA A 49 4.57 -2.56 -9.60
C ALA A 49 3.79 -1.67 -8.64
N ILE A 50 4.42 -0.57 -8.22
CA ILE A 50 3.78 0.36 -7.32
C ILE A 50 2.50 0.91 -7.95
N ALA A 51 2.59 1.26 -9.23
CA ALA A 51 1.44 1.79 -9.97
C ALA A 51 0.23 0.87 -9.86
N GLU A 52 0.48 -0.42 -9.63
CA GLU A 52 -0.59 -1.39 -9.50
C GLU A 52 -1.36 -1.19 -8.19
N MET A 53 -0.64 -1.20 -7.08
CA MET A 53 -1.26 -1.01 -5.78
C MET A 53 -1.92 0.36 -5.71
N THR A 54 -1.28 1.36 -6.31
CA THR A 54 -1.81 2.71 -6.33
C THR A 54 -3.16 2.72 -7.02
N GLY A 55 -3.27 1.91 -8.09
CA GLY A 55 -4.53 1.80 -8.79
C GLY A 55 -5.60 1.26 -7.85
N GLN A 56 -5.17 0.36 -6.98
CA GLN A 56 -6.07 -0.24 -6.00
C GLN A 56 -6.44 0.79 -4.92
N LEU A 57 -5.43 1.46 -4.36
CA LEU A 57 -5.65 2.46 -3.32
C LEU A 57 -6.43 3.65 -3.85
N ALA A 58 -6.31 3.92 -5.15
CA ALA A 58 -7.01 5.03 -5.77
C ALA A 58 -8.51 4.75 -5.88
N GLU A 59 -8.89 3.48 -5.78
CA GLU A 59 -10.30 3.08 -5.87
C GLU A 59 -10.83 2.54 -4.55
N LEU A 60 -9.94 1.98 -3.74
CA LEU A 60 -10.32 1.40 -2.45
C LEU A 60 -11.01 2.46 -1.55
N PRO A 61 -11.65 2.03 -0.46
CA PRO A 61 -12.33 2.95 0.47
C PRO A 61 -11.36 3.86 1.20
N ALA A 62 -11.63 5.17 1.13
CA ALA A 62 -10.80 6.17 1.79
C ALA A 62 -10.59 5.85 3.27
N ALA A 63 -11.54 5.12 3.85
CA ALA A 63 -11.46 4.74 5.26
C ALA A 63 -10.20 3.93 5.53
N VAL A 64 -9.96 2.92 4.69
CA VAL A 64 -8.78 2.09 4.85
C VAL A 64 -7.52 2.85 4.43
N LEU A 65 -7.64 3.70 3.41
CA LEU A 65 -6.52 4.49 2.94
C LEU A 65 -5.95 5.32 4.08
N GLY A 66 -6.84 5.80 4.94
CA GLY A 66 -6.42 6.58 6.09
C GLY A 66 -5.84 5.70 7.17
N ALA A 67 -6.47 4.55 7.39
CA ALA A 67 -6.01 3.60 8.39
C ALA A 67 -4.97 2.65 7.81
N MET A 68 -3.71 2.91 8.13
CA MET A 68 -2.60 2.09 7.65
C MET A 68 -1.27 2.64 8.14
N SER A 69 -0.20 1.87 7.99
CA SER A 69 1.12 2.30 8.45
C SER A 69 2.14 2.24 7.31
N GLU A 70 2.29 1.06 6.72
CA GLU A 70 3.25 0.88 5.62
C GLU A 70 2.91 -0.37 4.81
N ILE A 71 3.11 -0.27 3.50
CA ILE A 71 2.85 -1.39 2.60
C ILE A 71 4.16 -2.04 2.15
N HIS A 72 4.35 -3.29 2.54
CA HIS A 72 5.58 -4.02 2.19
C HIS A 72 5.30 -5.05 1.11
N TYR A 73 6.04 -4.95 0.01
CA TYR A 73 5.89 -5.89 -1.10
C TYR A 73 6.60 -7.20 -0.81
N LYS A 74 5.83 -8.23 -0.47
CA LYS A 74 6.39 -9.54 -0.16
C LYS A 74 5.76 -10.62 -1.05
N PRO A 75 6.31 -10.84 -2.26
CA PRO A 75 5.78 -11.84 -3.19
C PRO A 75 6.02 -13.27 -2.71
N THR A 76 5.09 -14.16 -3.04
CA THR A 76 5.19 -15.55 -2.64
C THR A 76 5.01 -16.46 -3.85
N ARG A 77 5.48 -17.70 -3.73
CA ARG A 77 5.36 -18.68 -4.82
C ARG A 77 3.91 -18.84 -5.26
N GLU A 78 2.97 -18.58 -4.35
CA GLU A 78 1.56 -18.70 -4.65
C GLU A 78 0.91 -17.33 -4.93
N TYR A 79 1.57 -16.26 -4.49
CA TYR A 79 1.04 -14.92 -4.71
C TYR A 79 2.15 -13.92 -5.03
N GLU A 80 2.56 -13.89 -6.29
CA GLU A 80 3.61 -12.97 -6.73
C GLU A 80 3.25 -11.52 -6.42
N ASP A 81 1.95 -11.25 -6.30
CA ASP A 81 1.49 -9.91 -6.00
C ASP A 81 1.00 -9.81 -4.55
N ARG A 82 1.72 -10.48 -3.66
CA ARG A 82 1.35 -10.47 -2.24
C ARG A 82 2.02 -9.31 -1.51
N VAL A 83 1.20 -8.39 -1.03
CA VAL A 83 1.70 -7.23 -0.29
C VAL A 83 1.31 -7.33 1.19
N ILE A 84 1.90 -6.45 2.01
CA ILE A 84 1.61 -6.45 3.43
C ILE A 84 1.37 -5.03 3.94
N VAL A 85 0.12 -4.73 4.30
CA VAL A 85 -0.22 -3.40 4.80
C VAL A 85 -0.39 -3.42 6.32
N TYR A 86 0.32 -2.53 7.00
CA TYR A 86 0.25 -2.44 8.45
C TYR A 86 -0.88 -1.51 8.88
N MET A 87 -1.41 -1.75 10.07
CA MET A 87 -2.50 -0.93 10.59
C MET A 87 -1.97 0.09 11.60
N ASN A 88 -2.73 1.17 11.79
CA ASN A 88 -2.34 2.22 12.71
C ASN A 88 -2.14 1.68 14.13
N ASP A 89 -2.78 0.55 14.43
CA ASP A 89 -2.67 -0.06 15.76
C ASP A 89 -1.50 -1.06 15.82
N GLY A 90 -0.59 -1.00 14.84
CA GLY A 90 0.54 -1.90 14.84
C GLY A 90 0.19 -3.29 14.32
N TYR A 91 -0.97 -3.43 13.68
CA TYR A 91 -1.40 -4.71 13.14
C TYR A 91 -0.68 -5.01 11.82
N GLU A 92 -0.91 -6.20 11.29
CA GLU A 92 -0.29 -6.61 10.03
C GLU A 92 -1.27 -7.39 9.17
N VAL A 93 -1.68 -6.79 8.05
CA VAL A 93 -2.61 -7.42 7.13
C VAL A 93 -1.94 -7.73 5.79
N SER A 94 -2.18 -8.92 5.27
CA SER A 94 -1.59 -9.33 4.00
C SER A 94 -2.65 -9.37 2.90
N ALA A 95 -2.46 -8.54 1.88
CA ALA A 95 -3.39 -8.48 0.76
C ALA A 95 -2.64 -8.55 -0.56
N THR A 96 -3.36 -8.88 -1.64
CA THR A 96 -2.75 -8.99 -2.96
C THR A 96 -3.00 -7.72 -3.76
N ILE A 97 -2.14 -7.47 -4.75
CA ILE A 97 -2.27 -6.29 -5.60
C ILE A 97 -3.51 -6.39 -6.48
N ARG A 98 -3.84 -7.61 -6.89
CA ARG A 98 -5.00 -7.84 -7.74
C ARG A 98 -6.31 -7.54 -7.00
N GLN A 99 -6.34 -7.89 -5.72
CA GLN A 99 -7.53 -7.66 -4.89
C GLN A 99 -7.16 -6.90 -3.63
N PHE A 100 -6.29 -5.91 -3.77
CA PHE A 100 -5.86 -5.10 -2.64
C PHE A 100 -7.02 -4.29 -2.08
N ALA A 101 -7.71 -3.55 -2.95
CA ALA A 101 -8.83 -2.73 -2.54
C ALA A 101 -9.94 -3.59 -1.92
N ASP A 102 -10.14 -4.77 -2.48
CA ASP A 102 -11.16 -5.69 -1.97
C ASP A 102 -10.76 -6.23 -0.61
N LYS A 103 -9.52 -6.72 -0.52
CA LYS A 103 -9.00 -7.27 0.73
C LYS A 103 -9.15 -6.28 1.88
N LEU A 104 -8.88 -5.00 1.59
CA LEU A 104 -9.00 -3.96 2.59
C LEU A 104 -10.42 -3.41 2.63
N SER A 105 -11.15 -3.56 1.53
CA SER A 105 -12.53 -3.09 1.47
C SER A 105 -13.37 -3.79 2.52
N HIS A 106 -13.03 -5.04 2.80
CA HIS A 106 -13.76 -5.81 3.81
C HIS A 106 -13.49 -5.27 5.22
N TYR A 107 -12.45 -4.45 5.37
CA TYR A 107 -12.12 -3.87 6.67
C TYR A 107 -13.33 -3.11 7.24
N PRO A 108 -13.59 -3.21 8.58
CA PRO A 108 -12.80 -4.00 9.52
C PRO A 108 -13.01 -5.50 9.37
N ALA A 109 -11.99 -6.28 9.76
CA ALA A 109 -12.03 -7.75 9.70
C ALA A 109 -11.60 -8.28 8.33
N ILE A 110 -10.30 -8.24 8.06
CA ILE A 110 -9.76 -8.74 6.80
C ILE A 110 -8.41 -9.41 7.01
N ALA A 111 -8.24 -10.56 6.36
CA ALA A 111 -6.99 -11.33 6.45
C ALA A 111 -7.10 -12.65 5.68
N ALA A 112 -6.06 -13.46 5.78
CA ALA A 112 -6.03 -14.75 5.10
C ALA A 112 -6.24 -15.89 6.10
N ALA A 113 -5.96 -17.11 5.66
CA ALA A 113 -6.13 -18.29 6.51
C ALA A 113 -4.85 -19.13 6.53
N LEU A 114 -3.71 -18.47 6.44
CA LEU A 114 -2.41 -19.15 6.45
C LEU A 114 -1.69 -18.93 7.77
N ASP A 115 -2.46 -18.75 8.84
CA ASP A 115 -1.88 -18.54 10.17
C ASP A 115 -2.15 -19.73 11.08
N ARG A 116 -1.72 -20.91 10.65
CA ARG A 116 -1.92 -22.13 11.43
C ARG A 116 -0.62 -22.93 11.52
N ASN A 117 0.05 -23.10 10.39
CA ASN A 117 1.30 -23.85 10.34
C ASN A 117 2.40 -23.10 11.08
N VAL A 118 2.52 -23.37 12.38
CA VAL A 118 3.53 -22.71 13.19
C VAL A 118 4.84 -23.50 13.18
N LYS A 119 5.95 -22.81 13.41
CA LYS A 119 7.27 -23.45 13.42
C LYS A 119 7.65 -23.85 14.84
N GLY A 1 -6.61 21.58 -16.17
CA GLY A 1 -5.52 20.67 -15.71
C GLY A 1 -5.28 20.75 -14.22
N SER A 2 -5.12 19.60 -13.58
CA SER A 2 -4.89 19.55 -12.15
C SER A 2 -4.05 18.33 -11.77
N GLU A 3 -3.07 18.53 -10.88
CA GLU A 3 -2.21 17.45 -10.45
C GLU A 3 -3.00 16.39 -9.67
N TRP A 4 -2.47 15.18 -9.68
CA TRP A 4 -3.12 14.07 -8.97
C TRP A 4 -3.01 14.23 -7.46
N ARG A 5 -3.75 13.41 -6.74
CA ARG A 5 -3.74 13.44 -5.28
C ARG A 5 -2.90 12.30 -4.73
N ARG A 6 -2.02 12.63 -3.78
CA ARG A 6 -1.16 11.64 -3.16
C ARG A 6 -1.96 10.69 -2.29
N ILE A 7 -2.10 9.45 -2.75
CA ILE A 7 -2.83 8.45 -1.99
C ILE A 7 -1.88 7.55 -1.20
N ALA A 8 -0.57 7.70 -1.43
CA ALA A 8 0.41 6.90 -0.72
C ALA A 8 1.78 7.55 -0.77
N TYR A 9 2.73 6.98 -0.08
CA TYR A 9 4.09 7.52 -0.05
C TYR A 9 5.11 6.39 -0.02
N VAL A 10 6.07 6.41 -0.94
CA VAL A 10 7.08 5.36 -0.99
C VAL A 10 8.33 5.74 -0.21
N TYR A 11 8.69 4.89 0.74
CA TYR A 11 9.86 5.11 1.57
C TYR A 11 11.12 4.60 0.88
N ASP A 12 11.92 5.53 0.36
CA ASP A 12 13.15 5.17 -0.33
C ASP A 12 14.11 6.36 -0.38
N ARG A 13 15.40 6.07 -0.49
CA ARG A 13 16.42 7.11 -0.54
C ARG A 13 16.41 7.95 0.73
N GLN A 14 16.03 7.34 1.84
CA GLN A 14 15.97 8.02 3.13
C GLN A 14 14.95 9.17 3.10
N THR A 15 13.89 8.99 2.31
CA THR A 15 12.85 10.00 2.20
C THR A 15 11.50 9.36 1.83
N PHE A 16 10.42 10.01 2.26
CA PHE A 16 9.09 9.52 1.97
C PHE A 16 8.52 10.19 0.72
N PHE A 17 8.76 9.55 -0.43
CA PHE A 17 8.29 10.07 -1.70
C PHE A 17 6.76 10.06 -1.76
N PRO A 18 6.13 11.13 -2.30
CA PRO A 18 4.69 11.21 -2.41
C PRO A 18 4.17 10.52 -3.66
N LEU A 19 3.39 9.47 -3.47
CA LEU A 19 2.82 8.73 -4.58
C LEU A 19 1.41 9.20 -4.90
N LEU A 20 1.21 9.61 -6.15
CA LEU A 20 -0.07 10.11 -6.60
C LEU A 20 -1.10 8.99 -6.74
N GLU A 21 -2.34 9.35 -7.01
CA GLU A 21 -3.41 8.37 -7.17
C GLU A 21 -3.14 7.46 -8.36
N ASN A 22 -2.43 7.99 -9.34
CA ASN A 22 -2.10 7.21 -10.54
C ASN A 22 -0.76 6.49 -10.37
N GLY A 23 -0.25 6.45 -9.14
CA GLY A 23 1.00 5.79 -8.87
C GLY A 23 2.20 6.57 -9.38
N ARG A 24 2.04 7.88 -9.41
CA ARG A 24 3.10 8.77 -9.85
C ARG A 24 4.07 9.02 -8.69
N LEU A 25 5.12 8.21 -8.61
CA LEU A 25 6.09 8.35 -7.54
C LEU A 25 6.98 9.58 -7.77
N LEU A 26 6.73 10.64 -7.01
CA LEU A 26 7.50 11.86 -7.13
C LEU A 26 8.76 11.78 -6.26
N LYS A 27 9.71 10.95 -6.69
CA LYS A 27 10.95 10.79 -5.96
C LYS A 27 11.65 12.12 -5.69
N GLN A 28 11.34 13.12 -6.50
CA GLN A 28 11.94 14.44 -6.34
C GLN A 28 11.18 15.28 -5.30
N GLU A 29 9.93 14.91 -5.03
CA GLU A 29 9.11 15.64 -4.06
C GLU A 29 9.03 14.91 -2.72
N GLY A 30 10.05 14.13 -2.41
CA GLY A 30 10.07 13.39 -1.16
C GLY A 30 10.12 14.28 0.06
N THR A 31 9.80 13.69 1.21
CA THR A 31 9.80 14.42 2.47
C THR A 31 10.52 13.63 3.55
N LYS A 32 10.97 14.31 4.57
CA LYS A 32 11.68 13.67 5.67
C LYS A 32 10.72 13.33 6.79
N THR A 33 9.60 12.70 6.43
CA THR A 33 8.59 12.34 7.41
C THR A 33 7.52 11.45 6.76
N ALA A 34 6.92 10.59 7.56
CA ALA A 34 5.89 9.69 7.08
C ALA A 34 4.48 10.26 7.33
N PRO A 35 3.63 10.35 6.28
CA PRO A 35 2.27 10.87 6.42
C PRO A 35 1.29 9.83 6.94
N SER A 36 0.82 10.03 8.16
CA SER A 36 -0.13 9.14 8.79
C SER A 36 -1.51 9.19 8.14
N ASP A 37 -1.71 10.13 7.21
CA ASP A 37 -2.98 10.25 6.51
C ASP A 37 -3.11 9.17 5.45
N ALA A 38 -1.97 8.65 5.00
CA ALA A 38 -1.97 7.63 3.98
C ALA A 38 -0.91 6.55 4.26
N PRO A 39 -0.97 5.41 3.54
CA PRO A 39 -0.02 4.30 3.73
C PRO A 39 1.36 4.63 3.15
N VAL A 40 2.38 3.94 3.64
CA VAL A 40 3.74 4.16 3.16
C VAL A 40 4.32 2.89 2.54
N LEU A 41 4.50 2.94 1.22
CA LEU A 41 5.06 1.81 0.48
C LEU A 41 6.56 1.67 0.77
N VAL A 42 6.89 0.80 1.71
CA VAL A 42 8.29 0.59 2.07
C VAL A 42 8.88 -0.58 1.28
N GLY A 43 10.10 -0.38 0.79
CA GLY A 43 10.78 -1.41 0.03
C GLY A 43 9.92 -2.02 -1.06
N TRP A 44 9.41 -1.17 -1.96
CA TRP A 44 8.56 -1.65 -3.05
C TRP A 44 9.35 -1.81 -4.34
N LYS A 45 8.90 -2.73 -5.18
CA LYS A 45 9.53 -3.00 -6.46
C LYS A 45 9.42 -1.77 -7.37
N ASP A 46 9.84 -1.93 -8.62
CA ASP A 46 9.80 -0.84 -9.60
C ASP A 46 8.47 -0.07 -9.55
N GLY A 47 8.51 1.19 -10.00
CA GLY A 47 7.31 2.01 -10.00
C GLY A 47 6.18 1.37 -10.78
N ASP A 48 6.53 0.50 -11.74
CA ASP A 48 5.54 -0.19 -12.54
C ASP A 48 4.64 -1.04 -11.65
N ALA A 49 5.25 -1.67 -10.64
CA ALA A 49 4.50 -2.50 -9.72
C ALA A 49 3.73 -1.62 -8.74
N ILE A 50 4.36 -0.53 -8.30
CA ILE A 50 3.71 0.40 -7.38
C ILE A 50 2.44 0.96 -8.00
N ALA A 51 2.52 1.31 -9.29
CA ALA A 51 1.37 1.85 -10.01
C ALA A 51 0.15 0.93 -9.90
N GLU A 52 0.41 -0.37 -9.76
CA GLU A 52 -0.66 -1.34 -9.64
C GLU A 52 -1.39 -1.16 -8.31
N MET A 53 -0.62 -1.16 -7.22
CA MET A 53 -1.19 -0.97 -5.89
C MET A 53 -1.89 0.38 -5.81
N THR A 54 -1.25 1.40 -6.38
CA THR A 54 -1.82 2.74 -6.37
C THR A 54 -3.16 2.73 -7.08
N GLY A 55 -3.26 1.95 -8.15
CA GLY A 55 -4.52 1.85 -8.87
C GLY A 55 -5.60 1.31 -7.97
N GLN A 56 -5.22 0.39 -7.10
CA GLN A 56 -6.14 -0.21 -6.14
C GLN A 56 -6.50 0.79 -5.03
N LEU A 57 -5.49 1.45 -4.47
CA LEU A 57 -5.71 2.44 -3.41
C LEU A 57 -6.49 3.65 -3.92
N ALA A 58 -6.33 3.94 -5.21
CA ALA A 58 -7.04 5.07 -5.81
C ALA A 58 -8.53 4.80 -5.92
N GLU A 59 -8.93 3.52 -5.83
CA GLU A 59 -10.34 3.14 -5.92
C GLU A 59 -10.86 2.60 -4.59
N LEU A 60 -9.97 2.03 -3.79
CA LEU A 60 -10.35 1.46 -2.49
C LEU A 60 -11.03 2.51 -1.60
N PRO A 61 -11.68 2.08 -0.50
CA PRO A 61 -12.36 3.00 0.42
C PRO A 61 -11.40 3.88 1.19
N ALA A 62 -11.65 5.19 1.14
CA ALA A 62 -10.82 6.17 1.84
C ALA A 62 -10.62 5.80 3.31
N ALA A 63 -11.57 5.06 3.86
CA ALA A 63 -11.49 4.63 5.26
C ALA A 63 -10.21 3.85 5.52
N VAL A 64 -9.94 2.85 4.68
CA VAL A 64 -8.75 2.05 4.83
C VAL A 64 -7.52 2.83 4.39
N LEU A 65 -7.67 3.65 3.36
CA LEU A 65 -6.57 4.47 2.86
C LEU A 65 -5.99 5.32 3.98
N GLY A 66 -6.87 5.77 4.87
CA GLY A 66 -6.44 6.57 6.01
C GLY A 66 -5.86 5.70 7.10
N ALA A 67 -6.49 4.55 7.34
CA ALA A 67 -6.01 3.63 8.36
C ALA A 67 -4.97 2.68 7.78
N MET A 68 -3.70 2.94 8.10
CA MET A 68 -2.60 2.13 7.62
C MET A 68 -1.27 2.68 8.13
N SER A 69 -0.21 1.88 8.04
CA SER A 69 1.12 2.31 8.49
C SER A 69 2.13 2.24 7.36
N GLU A 70 2.33 1.05 6.81
CA GLU A 70 3.28 0.86 5.72
C GLU A 70 2.93 -0.37 4.89
N ILE A 71 3.12 -0.26 3.59
CA ILE A 71 2.83 -1.36 2.67
C ILE A 71 4.12 -2.00 2.17
N HIS A 72 4.34 -3.26 2.53
CA HIS A 72 5.54 -3.97 2.13
C HIS A 72 5.23 -5.00 1.04
N TYR A 73 6.08 -5.03 0.02
CA TYR A 73 5.89 -5.99 -1.08
C TYR A 73 6.57 -7.31 -0.75
N LYS A 74 5.76 -8.31 -0.40
CA LYS A 74 6.28 -9.62 -0.05
C LYS A 74 5.64 -10.71 -0.92
N PRO A 75 6.15 -10.89 -2.15
CA PRO A 75 5.61 -11.91 -3.07
C PRO A 75 5.95 -13.33 -2.64
N THR A 76 5.09 -14.27 -3.01
CA THR A 76 5.29 -15.68 -2.66
C THR A 76 5.32 -16.55 -3.91
N ARG A 77 5.63 -17.83 -3.73
CA ARG A 77 5.68 -18.77 -4.83
C ARG A 77 4.37 -18.82 -5.59
N GLU A 78 3.26 -18.56 -4.89
CA GLU A 78 1.95 -18.58 -5.51
C GLU A 78 1.25 -17.22 -5.43
N TYR A 79 1.96 -16.19 -4.98
CA TYR A 79 1.37 -14.85 -4.88
C TYR A 79 2.41 -13.77 -5.20
N GLU A 80 2.79 -13.70 -6.48
CA GLU A 80 3.78 -12.72 -6.94
C GLU A 80 3.33 -11.29 -6.60
N ASP A 81 2.03 -11.10 -6.40
CA ASP A 81 1.49 -9.78 -6.08
C ASP A 81 1.00 -9.73 -4.64
N ARG A 82 1.73 -10.38 -3.73
CA ARG A 82 1.36 -10.39 -2.33
C ARG A 82 2.00 -9.24 -1.57
N VAL A 83 1.17 -8.35 -1.05
CA VAL A 83 1.64 -7.20 -0.29
C VAL A 83 1.23 -7.30 1.18
N ILE A 84 1.80 -6.44 2.02
CA ILE A 84 1.47 -6.43 3.44
C ILE A 84 1.24 -5.01 3.95
N VAL A 85 0.01 -4.72 4.34
CA VAL A 85 -0.33 -3.40 4.85
C VAL A 85 -0.50 -3.43 6.37
N TYR A 86 0.23 -2.55 7.05
CA TYR A 86 0.16 -2.47 8.50
C TYR A 86 -0.94 -1.51 8.94
N MET A 87 -1.49 -1.73 10.13
CA MET A 87 -2.54 -0.88 10.66
C MET A 87 -2.00 0.09 11.69
N ASN A 88 -2.68 1.21 11.87
CA ASN A 88 -2.26 2.22 12.84
C ASN A 88 -2.18 1.64 14.25
N ASP A 89 -2.98 0.61 14.51
CA ASP A 89 -3.00 -0.03 15.83
C ASP A 89 -1.87 -1.07 15.96
N GLY A 90 -1.01 -1.18 14.96
CA GLY A 90 0.08 -2.14 15.03
C GLY A 90 -0.29 -3.50 14.47
N TYR A 91 -1.40 -3.58 13.74
CA TYR A 91 -1.85 -4.85 13.16
C TYR A 91 -1.07 -5.16 11.88
N GLU A 92 -1.30 -6.35 11.33
CA GLU A 92 -0.63 -6.76 10.11
C GLU A 92 -1.59 -7.51 9.18
N VAL A 93 -1.92 -6.89 8.06
CA VAL A 93 -2.84 -7.48 7.09
C VAL A 93 -2.12 -7.75 5.77
N SER A 94 -2.39 -8.93 5.19
CA SER A 94 -1.77 -9.31 3.93
C SER A 94 -2.79 -9.33 2.81
N ALA A 95 -2.58 -8.50 1.79
CA ALA A 95 -3.48 -8.44 0.65
C ALA A 95 -2.71 -8.54 -0.66
N THR A 96 -3.42 -8.82 -1.75
CA THR A 96 -2.79 -8.93 -3.06
C THR A 96 -3.05 -7.69 -3.90
N ILE A 97 -2.15 -7.41 -4.84
CA ILE A 97 -2.29 -6.24 -5.70
C ILE A 97 -3.54 -6.38 -6.58
N ARG A 98 -3.82 -7.60 -7.02
CA ARG A 98 -4.98 -7.86 -7.87
C ARG A 98 -6.28 -7.52 -7.16
N GLN A 99 -6.32 -7.79 -5.86
CA GLN A 99 -7.51 -7.50 -5.05
C GLN A 99 -7.15 -6.76 -3.77
N PHE A 100 -6.30 -5.74 -3.91
CA PHE A 100 -5.87 -4.96 -2.76
C PHE A 100 -7.04 -4.15 -2.18
N ALA A 101 -7.72 -3.42 -3.05
CA ALA A 101 -8.86 -2.59 -2.63
C ALA A 101 -9.94 -3.46 -1.99
N ASP A 102 -10.19 -4.62 -2.58
CA ASP A 102 -11.20 -5.53 -2.06
C ASP A 102 -10.76 -6.10 -0.72
N LYS A 103 -9.53 -6.61 -0.69
CA LYS A 103 -8.96 -7.18 0.53
C LYS A 103 -9.07 -6.21 1.70
N LEU A 104 -8.80 -4.95 1.44
CA LEU A 104 -8.89 -3.92 2.47
C LEU A 104 -10.31 -3.37 2.58
N SER A 105 -11.07 -3.48 1.50
CA SER A 105 -12.44 -2.99 1.48
C SER A 105 -13.27 -3.73 2.53
N HIS A 106 -12.92 -4.98 2.78
CA HIS A 106 -13.63 -5.79 3.76
C HIS A 106 -13.40 -5.28 5.18
N TYR A 107 -12.36 -4.45 5.36
CA TYR A 107 -12.06 -3.90 6.68
C TYR A 107 -13.19 -2.97 7.14
N PRO A 108 -13.60 -3.04 8.44
CA PRO A 108 -13.05 -3.95 9.46
C PRO A 108 -13.46 -5.40 9.23
N ALA A 109 -12.64 -6.33 9.73
CA ALA A 109 -12.88 -7.77 9.60
C ALA A 109 -12.41 -8.28 8.24
N ILE A 110 -11.10 -8.46 8.11
CA ILE A 110 -10.51 -8.94 6.87
C ILE A 110 -9.59 -10.12 7.11
N ALA A 111 -8.96 -10.62 6.05
CA ALA A 111 -8.04 -11.74 6.14
C ALA A 111 -8.76 -13.02 6.58
N ALA A 112 -8.50 -14.11 5.87
CA ALA A 112 -9.12 -15.39 6.18
C ALA A 112 -8.66 -15.90 7.55
N ALA A 113 -8.92 -17.18 7.81
CA ALA A 113 -8.53 -17.79 9.07
C ALA A 113 -7.26 -18.63 8.90
N LEU A 114 -6.39 -18.21 7.99
CA LEU A 114 -5.15 -18.92 7.74
C LEU A 114 -4.01 -18.38 8.61
N ASP A 115 -4.36 -17.62 9.65
CA ASP A 115 -3.35 -17.06 10.55
C ASP A 115 -3.04 -18.03 11.68
N ARG A 116 -4.04 -18.80 12.09
CA ARG A 116 -3.87 -19.76 13.17
C ARG A 116 -2.96 -20.91 12.74
N ASN A 117 -2.99 -21.24 11.45
CA ASN A 117 -2.16 -22.30 10.91
C ASN A 117 -0.82 -21.75 10.41
N VAL A 118 -0.15 -21.01 11.28
CA VAL A 118 1.15 -20.43 10.94
C VAL A 118 2.15 -21.51 10.57
N LYS A 119 3.07 -21.17 9.67
CA LYS A 119 4.11 -22.12 9.23
C LYS A 119 5.08 -22.42 10.37
N GLY A 1 -1.64 22.85 -9.63
CA GLY A 1 -2.51 23.09 -10.81
C GLY A 1 -2.47 21.94 -11.80
N SER A 2 -3.60 21.25 -11.96
CA SER A 2 -3.67 20.12 -12.88
C SER A 2 -2.68 19.03 -12.50
N GLU A 3 -2.90 18.41 -11.34
CA GLU A 3 -2.03 17.35 -10.87
C GLU A 3 -2.80 16.33 -10.04
N TRP A 4 -2.31 15.10 -10.05
CA TRP A 4 -2.94 14.01 -9.30
C TRP A 4 -2.79 14.23 -7.80
N ARG A 5 -3.53 13.44 -7.03
CA ARG A 5 -3.48 13.52 -5.58
C ARG A 5 -2.65 12.38 -5.00
N ARG A 6 -1.82 12.70 -4.02
CA ARG A 6 -0.97 11.70 -3.40
C ARG A 6 -1.79 10.79 -2.50
N ILE A 7 -2.01 9.56 -2.96
CA ILE A 7 -2.78 8.59 -2.18
C ILE A 7 -1.86 7.70 -1.35
N ALA A 8 -0.55 7.81 -1.58
CA ALA A 8 0.41 7.01 -0.83
C ALA A 8 1.78 7.66 -0.86
N TYR A 9 2.74 7.07 -0.15
CA TYR A 9 4.09 7.61 -0.10
C TYR A 9 5.11 6.46 -0.06
N VAL A 10 6.06 6.48 -0.97
CA VAL A 10 7.06 5.40 -1.02
C VAL A 10 8.30 5.78 -0.23
N TYR A 11 8.64 4.96 0.75
CA TYR A 11 9.82 5.19 1.58
C TYR A 11 11.08 4.73 0.86
N ASP A 12 11.74 5.67 0.18
CA ASP A 12 12.96 5.37 -0.56
C ASP A 12 13.91 6.56 -0.51
N ARG A 13 15.20 6.28 -0.64
CA ARG A 13 16.21 7.32 -0.61
C ARG A 13 16.18 8.06 0.74
N GLN A 14 15.78 7.34 1.79
CA GLN A 14 15.70 7.93 3.13
C GLN A 14 14.70 9.08 3.15
N THR A 15 13.63 8.95 2.38
CA THR A 15 12.59 9.98 2.32
C THR A 15 11.26 9.38 1.90
N PHE A 16 10.18 10.11 2.16
CA PHE A 16 8.84 9.65 1.81
C PHE A 16 8.35 10.32 0.52
N PHE A 17 8.63 9.67 -0.61
CA PHE A 17 8.23 10.17 -1.91
C PHE A 17 6.72 10.11 -2.10
N PRO A 18 6.04 11.26 -2.30
CA PRO A 18 4.58 11.30 -2.48
C PRO A 18 4.13 10.58 -3.75
N LEU A 19 3.38 9.50 -3.58
CA LEU A 19 2.88 8.73 -4.71
C LEU A 19 1.47 9.19 -5.08
N LEU A 20 1.31 9.60 -6.33
CA LEU A 20 0.03 10.07 -6.84
C LEU A 20 -0.99 8.95 -6.93
N GLU A 21 -2.23 9.32 -7.25
CA GLU A 21 -3.31 8.34 -7.37
C GLU A 21 -3.05 7.37 -8.53
N ASN A 22 -2.34 7.85 -9.55
CA ASN A 22 -2.02 7.02 -10.70
C ASN A 22 -0.71 6.25 -10.48
N GLY A 23 -0.19 6.28 -9.25
CA GLY A 23 1.04 5.59 -8.96
C GLY A 23 2.26 6.33 -9.46
N ARG A 24 2.12 7.63 -9.69
CA ARG A 24 3.23 8.45 -10.15
C ARG A 24 4.10 8.80 -8.97
N LEU A 25 5.12 7.98 -8.73
CA LEU A 25 6.02 8.19 -7.61
C LEU A 25 6.85 9.46 -7.79
N LEU A 26 6.71 10.39 -6.86
CA LEU A 26 7.44 11.64 -6.90
C LEU A 26 8.79 11.48 -6.19
N LYS A 27 9.73 10.83 -6.88
CA LYS A 27 11.06 10.61 -6.32
C LYS A 27 11.90 11.88 -6.26
N GLN A 28 11.38 12.99 -6.80
CA GLN A 28 12.09 14.26 -6.77
C GLN A 28 11.66 15.11 -5.59
N GLU A 29 10.44 14.88 -5.09
CA GLU A 29 9.93 15.65 -3.97
C GLU A 29 10.33 15.01 -2.63
N GLY A 30 9.58 13.99 -2.21
CA GLY A 30 9.86 13.31 -0.95
C GLY A 30 9.81 14.24 0.23
N THR A 31 9.52 13.66 1.38
CA THR A 31 9.44 14.41 2.62
C THR A 31 10.11 13.67 3.76
N LYS A 32 10.59 14.42 4.73
CA LYS A 32 11.27 13.83 5.88
C LYS A 32 10.27 13.56 7.00
N THR A 33 9.18 12.87 6.66
CA THR A 33 8.14 12.56 7.64
C THR A 33 7.12 11.60 7.05
N ALA A 34 6.57 10.74 7.90
CA ALA A 34 5.58 9.77 7.47
C ALA A 34 4.16 10.31 7.59
N PRO A 35 3.38 10.30 6.49
CA PRO A 35 2.01 10.80 6.49
C PRO A 35 1.00 9.76 6.97
N SER A 36 0.48 9.97 8.18
CA SER A 36 -0.50 9.07 8.78
C SER A 36 -1.85 9.13 8.06
N ASP A 37 -2.01 10.08 7.14
CA ASP A 37 -3.25 10.20 6.39
C ASP A 37 -3.32 9.15 5.30
N ALA A 38 -2.15 8.67 4.86
CA ALA A 38 -2.09 7.67 3.82
C ALA A 38 -1.03 6.60 4.12
N PRO A 39 -1.06 5.48 3.37
CA PRO A 39 -0.09 4.38 3.58
C PRO A 39 1.29 4.72 3.03
N VAL A 40 2.31 4.03 3.55
CA VAL A 40 3.68 4.25 3.11
C VAL A 40 4.27 2.97 2.50
N LEU A 41 4.48 3.00 1.20
CA LEU A 41 5.06 1.87 0.48
C LEU A 41 6.54 1.72 0.80
N VAL A 42 6.85 0.85 1.76
CA VAL A 42 8.23 0.62 2.14
C VAL A 42 8.83 -0.57 1.39
N GLY A 43 10.06 -0.41 0.93
CA GLY A 43 10.74 -1.48 0.20
C GLY A 43 9.89 -2.08 -0.90
N TRP A 44 9.44 -1.24 -1.83
CA TRP A 44 8.60 -1.71 -2.93
C TRP A 44 9.40 -1.89 -4.22
N LYS A 45 8.94 -2.82 -5.03
CA LYS A 45 9.58 -3.11 -6.31
C LYS A 45 9.46 -1.92 -7.25
N ASP A 46 9.87 -2.12 -8.51
CA ASP A 46 9.81 -1.06 -9.53
C ASP A 46 8.49 -0.28 -9.49
N GLY A 47 8.53 0.97 -9.96
CA GLY A 47 7.34 1.79 -9.98
C GLY A 47 6.22 1.15 -10.77
N ASP A 48 6.57 0.27 -11.71
CA ASP A 48 5.58 -0.43 -12.52
C ASP A 48 4.67 -1.26 -11.63
N ALA A 49 5.25 -1.84 -10.59
CA ALA A 49 4.49 -2.65 -9.64
C ALA A 49 3.72 -1.76 -8.70
N ILE A 50 4.36 -0.68 -8.26
CA ILE A 50 3.73 0.28 -7.35
C ILE A 50 2.46 0.85 -8.00
N ALA A 51 2.55 1.15 -9.29
CA ALA A 51 1.42 1.69 -10.04
C ALA A 51 0.19 0.79 -9.90
N GLU A 52 0.43 -0.51 -9.73
CA GLU A 52 -0.65 -1.47 -9.57
C GLU A 52 -1.37 -1.25 -8.23
N MET A 53 -0.59 -1.21 -7.16
CA MET A 53 -1.15 -0.99 -5.84
C MET A 53 -1.85 0.36 -5.80
N THR A 54 -1.19 1.38 -6.33
CA THR A 54 -1.77 2.72 -6.37
C THR A 54 -3.11 2.70 -7.09
N GLY A 55 -3.21 1.88 -8.12
CA GLY A 55 -4.45 1.77 -8.86
C GLY A 55 -5.55 1.26 -7.95
N GLN A 56 -5.18 0.36 -7.06
CA GLN A 56 -6.13 -0.20 -6.10
C GLN A 56 -6.47 0.81 -5.00
N LEU A 57 -5.45 1.48 -4.45
CA LEU A 57 -5.67 2.48 -3.41
C LEU A 57 -6.46 3.68 -3.93
N ALA A 58 -6.30 3.96 -5.22
CA ALA A 58 -7.01 5.08 -5.83
C ALA A 58 -8.52 4.81 -5.93
N GLU A 59 -8.91 3.53 -5.81
CA GLU A 59 -10.32 3.15 -5.89
C GLU A 59 -10.84 2.62 -4.56
N LEU A 60 -9.94 2.06 -3.75
CA LEU A 60 -10.32 1.49 -2.45
C LEU A 60 -11.00 2.55 -1.57
N PRO A 61 -11.64 2.13 -0.46
CA PRO A 61 -12.32 3.05 0.46
C PRO A 61 -11.35 3.92 1.24
N ALA A 62 -11.58 5.23 1.20
CA ALA A 62 -10.75 6.20 1.91
C ALA A 62 -10.58 5.82 3.38
N ALA A 63 -11.56 5.08 3.92
CA ALA A 63 -11.50 4.66 5.31
C ALA A 63 -10.23 3.85 5.59
N VAL A 64 -9.95 2.87 4.76
CA VAL A 64 -8.78 2.05 4.92
C VAL A 64 -7.54 2.82 4.49
N LEU A 65 -7.69 3.68 3.49
CA LEU A 65 -6.57 4.50 3.00
C LEU A 65 -5.99 5.32 4.15
N GLY A 66 -6.87 5.78 5.03
CA GLY A 66 -6.43 6.54 6.19
C GLY A 66 -5.86 5.64 7.25
N ALA A 67 -6.51 4.50 7.48
CA ALA A 67 -6.04 3.55 8.47
C ALA A 67 -4.98 2.63 7.87
N MET A 68 -3.72 2.90 8.22
CA MET A 68 -2.59 2.11 7.71
C MET A 68 -1.28 2.70 8.23
N SER A 69 -0.20 1.94 8.09
CA SER A 69 1.12 2.40 8.54
C SER A 69 2.13 2.34 7.41
N GLU A 70 2.26 1.16 6.80
CA GLU A 70 3.21 0.97 5.71
C GLU A 70 2.87 -0.28 4.90
N ILE A 71 3.06 -0.19 3.58
CA ILE A 71 2.79 -1.32 2.70
C ILE A 71 4.09 -1.96 2.25
N HIS A 72 4.29 -3.22 2.64
CA HIS A 72 5.51 -3.94 2.28
C HIS A 72 5.22 -4.97 1.20
N TYR A 73 5.95 -4.87 0.09
CA TYR A 73 5.78 -5.80 -1.02
C TYR A 73 6.50 -7.11 -0.72
N LYS A 74 5.73 -8.14 -0.38
CA LYS A 74 6.30 -9.44 -0.07
C LYS A 74 5.71 -10.51 -0.99
N PRO A 75 6.25 -10.64 -2.23
CA PRO A 75 5.76 -11.63 -3.19
C PRO A 75 6.04 -13.06 -2.75
N THR A 76 5.14 -13.96 -3.10
CA THR A 76 5.29 -15.37 -2.74
C THR A 76 5.22 -16.25 -3.99
N ARG A 77 5.76 -17.45 -3.88
CA ARG A 77 5.77 -18.40 -5.01
C ARG A 77 4.37 -18.60 -5.58
N GLU A 78 3.35 -18.36 -4.76
CA GLU A 78 1.96 -18.52 -5.19
C GLU A 78 1.25 -17.17 -5.35
N TYR A 79 1.82 -16.12 -4.74
CA TYR A 79 1.24 -14.79 -4.83
C TYR A 79 2.30 -13.72 -5.12
N GLU A 80 2.70 -13.65 -6.38
CA GLU A 80 3.71 -12.68 -6.80
C GLU A 80 3.28 -11.25 -6.47
N ASP A 81 1.97 -11.04 -6.30
CA ASP A 81 1.45 -9.71 -5.98
C ASP A 81 0.95 -9.66 -4.54
N ARG A 82 1.68 -10.33 -3.65
CA ARG A 82 1.31 -10.36 -2.23
C ARG A 82 1.95 -9.22 -1.47
N VAL A 83 1.12 -8.29 -0.98
CA VAL A 83 1.60 -7.15 -0.23
C VAL A 83 1.19 -7.25 1.24
N ILE A 84 1.79 -6.41 2.08
CA ILE A 84 1.46 -6.41 3.50
C ILE A 84 1.25 -4.98 4.01
N VAL A 85 0.01 -4.67 4.37
CA VAL A 85 -0.33 -3.35 4.87
C VAL A 85 -0.43 -3.34 6.39
N TYR A 86 0.40 -2.52 7.04
CA TYR A 86 0.39 -2.43 8.49
C TYR A 86 -0.72 -1.49 8.96
N MET A 87 -1.21 -1.73 10.17
CA MET A 87 -2.27 -0.90 10.74
C MET A 87 -1.73 0.04 11.81
N ASN A 88 -2.46 1.11 12.07
CA ASN A 88 -2.06 2.09 13.06
C ASN A 88 -1.94 1.45 14.45
N ASP A 89 -2.69 0.38 14.68
CA ASP A 89 -2.67 -0.32 15.96
C ASP A 89 -1.59 -1.40 16.00
N GLY A 90 -0.68 -1.40 15.02
CA GLY A 90 0.37 -2.41 14.99
C GLY A 90 -0.03 -3.66 14.22
N TYR A 91 -1.32 -3.82 13.94
CA TYR A 91 -1.79 -4.99 13.21
C TYR A 91 -1.12 -5.10 11.85
N GLU A 92 -1.08 -6.32 11.32
CA GLU A 92 -0.46 -6.56 10.02
C GLU A 92 -1.38 -7.39 9.14
N VAL A 93 -1.88 -6.76 8.07
CA VAL A 93 -2.77 -7.44 7.14
C VAL A 93 -2.07 -7.72 5.82
N SER A 94 -2.36 -8.88 5.24
CA SER A 94 -1.74 -9.28 3.98
C SER A 94 -2.79 -9.32 2.86
N ALA A 95 -2.59 -8.47 1.86
CA ALA A 95 -3.51 -8.40 0.72
C ALA A 95 -2.75 -8.49 -0.60
N THR A 96 -3.47 -8.81 -1.67
CA THR A 96 -2.86 -8.92 -2.98
C THR A 96 -3.09 -7.65 -3.79
N ILE A 97 -2.21 -7.39 -4.75
CA ILE A 97 -2.34 -6.19 -5.60
C ILE A 97 -3.58 -6.30 -6.49
N ARG A 98 -3.87 -7.50 -6.94
CA ARG A 98 -5.01 -7.72 -7.82
C ARG A 98 -6.33 -7.39 -7.11
N GLN A 99 -6.41 -7.72 -5.83
CA GLN A 99 -7.61 -7.46 -5.05
C GLN A 99 -7.27 -6.71 -3.76
N PHE A 100 -6.35 -5.76 -3.87
CA PHE A 100 -5.93 -4.98 -2.71
C PHE A 100 -7.10 -4.18 -2.15
N ALA A 101 -7.73 -3.38 -3.01
CA ALA A 101 -8.86 -2.56 -2.61
C ALA A 101 -9.97 -3.41 -2.00
N ASP A 102 -10.23 -4.56 -2.60
CA ASP A 102 -11.27 -5.47 -2.10
C ASP A 102 -10.85 -6.07 -0.76
N LYS A 103 -9.61 -6.54 -0.71
CA LYS A 103 -9.07 -7.14 0.51
C LYS A 103 -9.18 -6.17 1.69
N LEU A 104 -8.83 -4.91 1.44
CA LEU A 104 -8.90 -3.90 2.49
C LEU A 104 -10.31 -3.33 2.60
N SER A 105 -11.07 -3.41 1.51
CA SER A 105 -12.44 -2.91 1.51
C SER A 105 -13.27 -3.67 2.53
N HIS A 106 -12.95 -4.95 2.72
CA HIS A 106 -13.65 -5.79 3.68
C HIS A 106 -13.30 -5.39 5.12
N TYR A 107 -12.21 -4.63 5.29
CA TYR A 107 -11.78 -4.19 6.60
C TYR A 107 -12.90 -3.47 7.35
N PRO A 108 -13.14 -3.80 8.65
CA PRO A 108 -12.40 -4.81 9.41
C PRO A 108 -13.04 -6.20 9.33
N ALA A 109 -12.42 -7.08 8.56
CA ALA A 109 -12.92 -8.44 8.39
C ALA A 109 -12.01 -9.26 7.48
N ILE A 110 -10.71 -9.04 7.61
CA ILE A 110 -9.73 -9.76 6.80
C ILE A 110 -8.50 -10.16 7.64
N ALA A 111 -7.79 -11.19 7.19
CA ALA A 111 -6.61 -11.65 7.89
C ALA A 111 -5.98 -12.85 7.18
N ALA A 112 -4.80 -13.26 7.64
CA ALA A 112 -4.10 -14.39 7.04
C ALA A 112 -3.80 -15.46 8.07
N ALA A 113 -3.65 -16.70 7.62
CA ALA A 113 -3.36 -17.81 8.51
C ALA A 113 -2.40 -18.81 7.85
N LEU A 114 -1.38 -18.29 7.18
CA LEU A 114 -0.40 -19.13 6.50
C LEU A 114 0.86 -19.29 7.35
N ASP A 115 0.68 -19.25 8.67
CA ASP A 115 1.81 -19.40 9.59
C ASP A 115 1.69 -20.69 10.39
N ARG A 116 1.12 -21.72 9.77
CA ARG A 116 0.94 -23.00 10.42
C ARG A 116 1.06 -24.15 9.41
N ASN A 117 2.16 -24.18 8.68
CA ASN A 117 2.40 -25.21 7.68
C ASN A 117 3.85 -25.19 7.21
N VAL A 118 4.33 -26.35 6.78
CA VAL A 118 5.72 -26.47 6.30
C VAL A 118 6.70 -26.27 7.44
N LYS A 119 7.46 -27.32 7.75
CA LYS A 119 8.45 -27.26 8.83
C LYS A 119 9.81 -27.75 8.34
N GLY A 1 -6.23 18.76 -17.36
CA GLY A 1 -6.81 18.78 -15.99
C GLY A 1 -5.85 19.36 -14.97
N SER A 2 -5.70 18.67 -13.83
CA SER A 2 -4.80 19.13 -12.78
C SER A 2 -3.93 17.98 -12.28
N GLU A 3 -3.05 18.29 -11.33
CA GLU A 3 -2.15 17.29 -10.77
C GLU A 3 -2.92 16.26 -9.94
N TRP A 4 -2.43 15.03 -9.96
CA TRP A 4 -3.05 13.94 -9.22
C TRP A 4 -2.90 14.15 -7.72
N ARG A 5 -3.64 13.35 -6.94
CA ARG A 5 -3.59 13.43 -5.49
C ARG A 5 -2.74 12.30 -4.92
N ARG A 6 -1.91 12.62 -3.94
CA ARG A 6 -1.05 11.62 -3.32
C ARG A 6 -1.86 10.69 -2.43
N ILE A 7 -2.05 9.46 -2.90
CA ILE A 7 -2.80 8.47 -2.13
C ILE A 7 -1.86 7.57 -1.32
N ALA A 8 -0.55 7.70 -1.55
CA ALA A 8 0.43 6.90 -0.83
C ALA A 8 1.79 7.55 -0.87
N TYR A 9 2.75 6.95 -0.18
CA TYR A 9 4.11 7.49 -0.13
C TYR A 9 5.12 6.34 -0.08
N VAL A 10 6.08 6.34 -1.00
CA VAL A 10 7.08 5.28 -1.02
C VAL A 10 8.31 5.65 -0.22
N TYR A 11 8.64 4.82 0.76
CA TYR A 11 9.80 5.06 1.61
C TYR A 11 11.06 4.53 0.96
N ASP A 12 11.83 5.44 0.36
CA ASP A 12 13.08 5.06 -0.30
C ASP A 12 14.06 6.22 -0.28
N ARG A 13 15.36 5.90 -0.29
CA ARG A 13 16.40 6.92 -0.27
C ARG A 13 16.30 7.78 0.99
N GLN A 14 15.82 7.17 2.08
CA GLN A 14 15.68 7.87 3.34
C GLN A 14 14.67 9.03 3.23
N THR A 15 13.66 8.84 2.38
CA THR A 15 12.63 9.86 2.19
C THR A 15 11.31 9.23 1.75
N PHE A 16 10.21 9.86 2.15
CA PHE A 16 8.89 9.37 1.78
C PHE A 16 8.39 10.03 0.52
N PHE A 17 8.68 9.42 -0.62
CA PHE A 17 8.27 9.94 -1.92
C PHE A 17 6.75 9.92 -2.07
N PRO A 18 6.10 11.08 -2.30
CA PRO A 18 4.65 11.15 -2.45
C PRO A 18 4.16 10.48 -3.73
N LEU A 19 3.40 9.41 -3.56
CA LEU A 19 2.85 8.66 -4.69
C LEU A 19 1.43 9.13 -5.03
N LEU A 20 1.26 9.54 -6.28
CA LEU A 20 -0.03 10.03 -6.76
C LEU A 20 -1.06 8.90 -6.84
N GLU A 21 -2.30 9.25 -7.18
CA GLU A 21 -3.37 8.28 -7.31
C GLU A 21 -3.12 7.34 -8.48
N ASN A 22 -2.41 7.82 -9.49
CA ASN A 22 -2.10 7.02 -10.66
C ASN A 22 -0.77 6.27 -10.49
N GLY A 23 -0.26 6.24 -9.26
CA GLY A 23 0.99 5.56 -9.00
C GLY A 23 2.19 6.31 -9.51
N ARG A 24 2.02 7.60 -9.73
CA ARG A 24 3.12 8.44 -10.20
C ARG A 24 4.02 8.78 -9.01
N LEU A 25 5.06 7.98 -8.82
CA LEU A 25 5.98 8.18 -7.72
C LEU A 25 6.82 9.44 -7.91
N LEU A 26 6.66 10.41 -7.02
CA LEU A 26 7.42 11.65 -7.08
C LEU A 26 8.71 11.52 -6.28
N LYS A 27 9.68 10.81 -6.85
CA LYS A 27 10.96 10.61 -6.18
C LYS A 27 11.70 11.92 -5.93
N GLN A 28 11.27 13.00 -6.58
CA GLN A 28 11.92 14.30 -6.40
C GLN A 28 11.19 15.14 -5.34
N GLU A 29 9.91 14.86 -5.11
CA GLU A 29 9.14 15.61 -4.12
C GLU A 29 9.01 14.87 -2.80
N GLY A 30 9.99 14.02 -2.52
CA GLY A 30 9.98 13.25 -1.27
C GLY A 30 10.04 14.14 -0.04
N THR A 31 9.69 13.56 1.10
CA THR A 31 9.71 14.28 2.36
C THR A 31 10.44 13.47 3.42
N LYS A 32 10.92 14.16 4.45
CA LYS A 32 11.64 13.51 5.53
C LYS A 32 10.69 13.16 6.68
N THR A 33 9.57 12.53 6.34
CA THR A 33 8.57 12.16 7.33
C THR A 33 7.50 11.27 6.71
N ALA A 34 6.86 10.47 7.54
CA ALA A 34 5.82 9.56 7.08
C ALA A 34 4.42 10.15 7.31
N PRO A 35 3.59 10.24 6.25
CA PRO A 35 2.24 10.80 6.37
C PRO A 35 1.22 9.77 6.86
N SER A 36 0.73 10.00 8.08
CA SER A 36 -0.24 9.11 8.71
C SER A 36 -1.61 9.18 8.02
N ASP A 37 -1.78 10.13 7.10
CA ASP A 37 -3.02 10.28 6.37
C ASP A 37 -3.14 9.21 5.30
N ALA A 38 -2.00 8.69 4.86
CA ALA A 38 -1.97 7.67 3.82
C ALA A 38 -0.96 6.59 4.11
N PRO A 39 -1.02 5.45 3.39
CA PRO A 39 -0.08 4.33 3.59
C PRO A 39 1.30 4.63 3.02
N VAL A 40 2.32 3.98 3.57
CA VAL A 40 3.68 4.18 3.11
C VAL A 40 4.27 2.89 2.52
N LEU A 41 4.47 2.90 1.21
CA LEU A 41 5.03 1.75 0.51
C LEU A 41 6.52 1.62 0.81
N VAL A 42 6.85 0.77 1.77
CA VAL A 42 8.23 0.56 2.17
C VAL A 42 8.85 -0.61 1.39
N GLY A 43 10.07 -0.40 0.91
CA GLY A 43 10.77 -1.44 0.17
C GLY A 43 9.92 -2.06 -0.93
N TRP A 44 9.47 -1.24 -1.87
CA TRP A 44 8.64 -1.72 -2.97
C TRP A 44 9.43 -1.88 -4.26
N LYS A 45 8.99 -2.82 -5.09
CA LYS A 45 9.64 -3.09 -6.36
C LYS A 45 9.48 -1.89 -7.30
N ASP A 46 9.89 -2.07 -8.55
CA ASP A 46 9.80 -1.01 -9.57
C ASP A 46 8.46 -0.26 -9.52
N GLY A 47 8.48 0.99 -9.99
CA GLY A 47 7.28 1.79 -9.99
C GLY A 47 6.15 1.13 -10.77
N ASP A 48 6.52 0.27 -11.73
CA ASP A 48 5.53 -0.44 -12.54
C ASP A 48 4.64 -1.28 -11.64
N ALA A 49 5.23 -1.88 -10.61
CA ALA A 49 4.48 -2.69 -9.66
C ALA A 49 3.71 -1.79 -8.70
N ILE A 50 4.35 -0.70 -8.28
CA ILE A 50 3.71 0.25 -7.38
C ILE A 50 2.44 0.82 -8.02
N ALA A 51 2.53 1.11 -9.32
CA ALA A 51 1.39 1.64 -10.06
C ALA A 51 0.17 0.75 -9.91
N GLU A 52 0.41 -0.55 -9.76
CA GLU A 52 -0.67 -1.51 -9.60
C GLU A 52 -1.38 -1.29 -8.26
N MET A 53 -0.60 -1.27 -7.19
CA MET A 53 -1.15 -1.05 -5.85
C MET A 53 -1.85 0.30 -5.80
N THR A 54 -1.22 1.32 -6.37
CA THR A 54 -1.80 2.65 -6.40
C THR A 54 -3.15 2.63 -7.11
N GLY A 55 -3.24 1.82 -8.16
CA GLY A 55 -4.49 1.69 -8.89
C GLY A 55 -5.59 1.19 -7.97
N GLN A 56 -5.20 0.29 -7.06
CA GLN A 56 -6.14 -0.26 -6.11
C GLN A 56 -6.48 0.75 -5.02
N LEU A 57 -5.46 1.42 -4.47
CA LEU A 57 -5.68 2.42 -3.42
C LEU A 57 -6.44 3.63 -3.96
N ALA A 58 -6.29 3.90 -5.25
CA ALA A 58 -6.98 5.02 -5.87
C ALA A 58 -8.48 4.76 -5.98
N GLU A 59 -8.89 3.49 -5.85
CA GLU A 59 -10.30 3.12 -5.95
C GLU A 59 -10.84 2.62 -4.61
N LEU A 60 -9.96 2.03 -3.80
CA LEU A 60 -10.34 1.50 -2.49
C LEU A 60 -11.00 2.59 -1.63
N PRO A 61 -11.64 2.20 -0.50
CA PRO A 61 -12.30 3.16 0.39
C PRO A 61 -11.31 4.05 1.14
N ALA A 62 -11.55 5.35 1.07
CA ALA A 62 -10.69 6.33 1.74
C ALA A 62 -10.52 5.99 3.22
N ALA A 63 -11.49 5.28 3.79
CA ALA A 63 -11.43 4.90 5.20
C ALA A 63 -10.18 4.06 5.48
N VAL A 64 -9.94 3.06 4.64
CA VAL A 64 -8.78 2.21 4.82
C VAL A 64 -7.51 2.94 4.41
N LEU A 65 -7.62 3.78 3.37
CA LEU A 65 -6.48 4.56 2.90
C LEU A 65 -5.89 5.39 4.04
N GLY A 66 -6.78 5.84 4.93
CA GLY A 66 -6.34 6.62 6.07
C GLY A 66 -5.78 5.72 7.16
N ALA A 67 -6.45 4.60 7.39
CA ALA A 67 -6.01 3.65 8.40
C ALA A 67 -4.96 2.71 7.83
N MET A 68 -3.71 2.95 8.16
CA MET A 68 -2.60 2.13 7.68
C MET A 68 -1.26 2.69 8.17
N SER A 69 -0.22 1.88 8.14
CA SER A 69 1.11 2.31 8.59
C SER A 69 2.10 2.28 7.45
N GLU A 70 2.28 1.10 6.85
CA GLU A 70 3.20 0.94 5.74
C GLU A 70 2.88 -0.31 4.93
N ILE A 71 3.04 -0.22 3.62
CA ILE A 71 2.78 -1.35 2.73
C ILE A 71 4.09 -1.99 2.30
N HIS A 72 4.30 -3.22 2.72
CA HIS A 72 5.52 -3.95 2.40
C HIS A 72 5.27 -4.98 1.31
N TYR A 73 6.00 -4.88 0.21
CA TYR A 73 5.87 -5.81 -0.90
C TYR A 73 6.52 -7.15 -0.55
N LYS A 74 5.69 -8.13 -0.24
CA LYS A 74 6.18 -9.46 0.13
C LYS A 74 5.65 -10.52 -0.85
N PRO A 75 6.23 -10.59 -2.07
CA PRO A 75 5.80 -11.56 -3.08
C PRO A 75 6.18 -12.99 -2.71
N THR A 76 5.31 -13.93 -3.06
CA THR A 76 5.55 -15.34 -2.78
C THR A 76 5.42 -16.18 -4.03
N ARG A 77 6.00 -17.37 -4.01
CA ARG A 77 5.95 -18.28 -5.16
C ARG A 77 4.52 -18.52 -5.62
N GLU A 78 3.56 -18.35 -4.71
CA GLU A 78 2.17 -18.55 -5.03
C GLU A 78 1.43 -17.22 -5.21
N TYR A 79 1.99 -16.15 -4.65
CA TYR A 79 1.36 -14.82 -4.76
C TYR A 79 2.40 -13.75 -5.05
N GLU A 80 2.81 -13.65 -6.31
CA GLU A 80 3.79 -12.66 -6.73
C GLU A 80 3.33 -11.24 -6.40
N ASP A 81 2.03 -11.06 -6.27
CA ASP A 81 1.47 -9.74 -5.95
C ASP A 81 0.98 -9.68 -4.51
N ARG A 82 1.70 -10.35 -3.61
CA ARG A 82 1.33 -10.37 -2.20
C ARG A 82 1.98 -9.21 -1.44
N VAL A 83 1.14 -8.31 -0.95
CA VAL A 83 1.62 -7.16 -0.19
C VAL A 83 1.22 -7.27 1.28
N ILE A 84 1.83 -6.44 2.12
CA ILE A 84 1.52 -6.45 3.54
C ILE A 84 1.30 -5.03 4.08
N VAL A 85 0.05 -4.71 4.39
CA VAL A 85 -0.29 -3.39 4.92
C VAL A 85 -0.42 -3.42 6.43
N TYR A 86 0.36 -2.59 7.11
CA TYR A 86 0.34 -2.51 8.56
C TYR A 86 -0.76 -1.57 9.04
N MET A 87 -1.27 -1.81 10.24
CA MET A 87 -2.33 -0.99 10.80
C MET A 87 -1.77 -0.06 11.88
N ASN A 88 -2.51 1.01 12.16
CA ASN A 88 -2.11 1.98 13.17
C ASN A 88 -2.06 1.34 14.56
N ASP A 89 -2.87 0.29 14.75
CA ASP A 89 -2.92 -0.40 16.03
C ASP A 89 -1.86 -1.51 16.14
N GLY A 90 -0.92 -1.53 15.19
CA GLY A 90 0.13 -2.54 15.22
C GLY A 90 -0.29 -3.86 14.60
N TYR A 91 -1.40 -3.85 13.84
CA TYR A 91 -1.89 -5.07 13.21
C TYR A 91 -1.15 -5.33 11.90
N GLU A 92 -1.32 -6.53 11.36
CA GLU A 92 -0.66 -6.90 10.11
C GLU A 92 -1.64 -7.59 9.16
N VAL A 93 -1.97 -6.92 8.07
CA VAL A 93 -2.91 -7.46 7.09
C VAL A 93 -2.21 -7.72 5.75
N SER A 94 -2.32 -8.95 5.27
CA SER A 94 -1.69 -9.33 4.01
C SER A 94 -2.74 -9.36 2.89
N ALA A 95 -2.56 -8.47 1.90
CA ALA A 95 -3.47 -8.41 0.77
C ALA A 95 -2.72 -8.50 -0.55
N THR A 96 -3.43 -8.85 -1.61
CA THR A 96 -2.82 -8.97 -2.92
C THR A 96 -3.09 -7.73 -3.76
N ILE A 97 -2.19 -7.43 -4.70
CA ILE A 97 -2.34 -6.26 -5.56
C ILE A 97 -3.58 -6.41 -6.44
N ARG A 98 -3.82 -7.63 -6.91
CA ARG A 98 -4.96 -7.90 -7.77
C ARG A 98 -6.27 -7.57 -7.08
N GLN A 99 -6.32 -7.79 -5.76
CA GLN A 99 -7.52 -7.52 -4.99
C GLN A 99 -7.18 -6.78 -3.69
N PHE A 100 -6.32 -5.77 -3.80
CA PHE A 100 -5.91 -4.99 -2.64
C PHE A 100 -7.09 -4.17 -2.11
N ALA A 101 -7.71 -3.39 -2.99
CA ALA A 101 -8.84 -2.55 -2.60
C ALA A 101 -9.96 -3.39 -2.01
N ASP A 102 -10.21 -4.56 -2.58
CA ASP A 102 -11.25 -5.45 -2.09
C ASP A 102 -10.87 -6.01 -0.72
N LYS A 103 -9.63 -6.52 -0.64
CA LYS A 103 -9.12 -7.09 0.62
C LYS A 103 -9.26 -6.10 1.77
N LEU A 104 -8.95 -4.84 1.50
CA LEU A 104 -9.05 -3.80 2.52
C LEU A 104 -10.46 -3.21 2.55
N SER A 105 -11.19 -3.33 1.45
CA SER A 105 -12.55 -2.81 1.39
C SER A 105 -13.43 -3.50 2.42
N HIS A 106 -13.13 -4.78 2.67
CA HIS A 106 -13.89 -5.54 3.65
C HIS A 106 -13.62 -5.05 5.08
N TYR A 107 -12.53 -4.29 5.25
CA TYR A 107 -12.16 -3.76 6.56
C TYR A 107 -13.30 -2.91 7.15
N PRO A 108 -13.54 -2.98 8.49
CA PRO A 108 -12.78 -3.80 9.43
C PRO A 108 -13.40 -5.17 9.64
N ALA A 109 -12.79 -6.19 9.06
CA ALA A 109 -13.26 -7.58 9.19
C ALA A 109 -12.47 -8.50 8.29
N ILE A 110 -11.15 -8.31 8.25
CA ILE A 110 -10.28 -9.12 7.41
C ILE A 110 -9.05 -9.58 8.19
N ALA A 111 -8.34 -10.56 7.65
CA ALA A 111 -7.13 -11.08 8.30
C ALA A 111 -6.52 -12.21 7.47
N ALA A 112 -5.54 -12.89 8.06
CA ALA A 112 -4.86 -13.99 7.38
C ALA A 112 -5.70 -15.27 7.44
N ALA A 113 -5.53 -16.12 6.43
CA ALA A 113 -6.26 -17.38 6.36
C ALA A 113 -5.41 -18.48 5.75
N LEU A 114 -4.08 -18.34 5.87
CA LEU A 114 -3.16 -19.33 5.32
C LEU A 114 -2.48 -20.09 6.45
N ASP A 115 -3.28 -20.59 7.39
CA ASP A 115 -2.78 -21.35 8.54
C ASP A 115 -2.18 -20.42 9.58
N ARG A 116 -1.15 -19.67 9.18
CA ARG A 116 -0.47 -18.74 10.09
C ARG A 116 0.21 -19.48 11.23
N ASN A 117 0.96 -20.53 10.89
CA ASN A 117 1.66 -21.32 11.89
C ASN A 117 3.17 -21.23 11.67
N VAL A 118 3.78 -20.21 12.25
CA VAL A 118 5.23 -20.00 12.13
C VAL A 118 6.00 -21.01 12.97
N LYS A 119 6.95 -21.71 12.34
CA LYS A 119 7.76 -22.70 13.02
C LYS A 119 6.88 -23.80 13.62
N GLY A 1 -8.64 18.80 -9.93
CA GLY A 1 -8.14 18.27 -11.24
C GLY A 1 -6.69 18.67 -11.50
N SER A 2 -6.33 18.75 -12.78
CA SER A 2 -4.97 19.11 -13.18
C SER A 2 -3.96 18.08 -12.70
N GLU A 3 -3.61 18.13 -11.42
CA GLU A 3 -2.65 17.20 -10.85
C GLU A 3 -3.35 16.16 -9.99
N TRP A 4 -2.82 14.94 -10.01
CA TRP A 4 -3.39 13.84 -9.23
C TRP A 4 -3.21 14.08 -7.73
N ARG A 5 -3.89 13.27 -6.93
CA ARG A 5 -3.82 13.38 -5.48
C ARG A 5 -2.93 12.28 -4.92
N ARG A 6 -2.09 12.63 -3.94
CA ARG A 6 -1.20 11.67 -3.33
C ARG A 6 -1.96 10.72 -2.43
N ILE A 7 -2.14 9.48 -2.88
CA ILE A 7 -2.86 8.48 -2.10
C ILE A 7 -1.89 7.61 -1.29
N ALA A 8 -0.58 7.77 -1.52
CA ALA A 8 0.40 7.00 -0.81
C ALA A 8 1.77 7.66 -0.87
N TYR A 9 2.75 7.08 -0.18
CA TYR A 9 4.11 7.61 -0.15
C TYR A 9 5.11 6.46 -0.10
N VAL A 10 6.06 6.45 -1.01
CA VAL A 10 7.06 5.38 -1.04
C VAL A 10 8.29 5.74 -0.25
N TYR A 11 8.62 4.91 0.74
CA TYR A 11 9.79 5.12 1.59
C TYR A 11 11.06 4.60 0.92
N ASP A 12 11.75 5.49 0.23
CA ASP A 12 12.99 5.12 -0.45
C ASP A 12 14.00 6.26 -0.40
N ARG A 13 15.27 5.92 -0.47
CA ARG A 13 16.34 6.93 -0.42
C ARG A 13 16.27 7.73 0.88
N GLN A 14 15.79 7.08 1.94
CA GLN A 14 15.67 7.73 3.25
C GLN A 14 14.72 8.90 3.19
N THR A 15 13.67 8.77 2.36
CA THR A 15 12.68 9.83 2.22
C THR A 15 11.32 9.26 1.84
N PHE A 16 10.27 10.04 2.04
CA PHE A 16 8.91 9.61 1.72
C PHE A 16 8.41 10.27 0.44
N PHE A 17 8.66 9.59 -0.69
CA PHE A 17 8.26 10.08 -1.99
C PHE A 17 6.74 10.05 -2.17
N PRO A 18 6.09 11.22 -2.46
CA PRO A 18 4.63 11.28 -2.64
C PRO A 18 4.16 10.51 -3.85
N LEU A 19 3.27 9.54 -3.64
CA LEU A 19 2.73 8.75 -4.72
C LEU A 19 1.31 9.19 -5.06
N LEU A 20 1.10 9.56 -6.31
CA LEU A 20 -0.20 10.02 -6.78
C LEU A 20 -1.21 8.88 -6.85
N GLU A 21 -2.45 9.22 -7.17
CA GLU A 21 -3.51 8.21 -7.28
C GLU A 21 -3.23 7.25 -8.43
N ASN A 22 -2.54 7.76 -9.45
CA ASN A 22 -2.20 6.95 -10.61
C ASN A 22 -0.84 6.26 -10.43
N GLY A 23 -0.33 6.27 -9.19
CA GLY A 23 0.94 5.65 -8.92
C GLY A 23 2.12 6.47 -9.41
N ARG A 24 1.90 7.76 -9.59
CA ARG A 24 2.96 8.65 -10.04
C ARG A 24 3.90 8.93 -8.87
N LEU A 25 4.96 8.15 -8.76
CA LEU A 25 5.90 8.32 -7.67
C LEU A 25 6.73 9.59 -7.84
N LEU A 26 6.62 10.48 -6.86
CA LEU A 26 7.36 11.74 -6.88
C LEU A 26 8.68 11.59 -6.15
N LYS A 27 9.61 10.89 -6.78
CA LYS A 27 10.93 10.67 -6.20
C LYS A 27 11.69 11.98 -5.95
N GLN A 28 11.24 13.06 -6.59
CA GLN A 28 11.87 14.36 -6.42
C GLN A 28 11.17 15.20 -5.36
N GLU A 29 9.92 14.87 -5.04
CA GLU A 29 9.16 15.62 -4.05
C GLU A 29 9.10 14.88 -2.71
N GLY A 30 10.09 14.04 -2.45
CA GLY A 30 10.13 13.30 -1.20
C GLY A 30 10.13 14.19 0.01
N THR A 31 9.81 13.62 1.16
CA THR A 31 9.77 14.36 2.41
C THR A 31 10.42 13.56 3.53
N LYS A 32 10.99 14.26 4.50
CA LYS A 32 11.65 13.61 5.62
C LYS A 32 10.65 13.34 6.75
N THR A 33 9.53 12.70 6.41
CA THR A 33 8.50 12.39 7.39
C THR A 33 7.45 11.48 6.80
N ALA A 34 6.85 10.65 7.64
CA ALA A 34 5.83 9.71 7.19
C ALA A 34 4.42 10.29 7.39
N PRO A 35 3.60 10.33 6.32
CA PRO A 35 2.24 10.87 6.40
C PRO A 35 1.23 9.83 6.89
N SER A 36 0.72 10.06 8.09
CA SER A 36 -0.26 9.17 8.71
C SER A 36 -1.62 9.24 8.01
N ASP A 37 -1.78 10.18 7.07
CA ASP A 37 -3.02 10.30 6.33
C ASP A 37 -3.12 9.23 5.27
N ALA A 38 -1.97 8.71 4.85
CA ALA A 38 -1.95 7.67 3.83
C ALA A 38 -0.91 6.59 4.12
N PRO A 39 -0.97 5.45 3.39
CA PRO A 39 -0.03 4.34 3.60
C PRO A 39 1.35 4.65 3.02
N VAL A 40 2.37 4.02 3.58
CA VAL A 40 3.74 4.24 3.12
C VAL A 40 4.33 2.97 2.51
N LEU A 41 4.54 2.99 1.20
CA LEU A 41 5.11 1.87 0.48
C LEU A 41 6.60 1.73 0.79
N VAL A 42 6.93 0.87 1.75
CA VAL A 42 8.31 0.66 2.13
C VAL A 42 8.93 -0.50 1.35
N GLY A 43 10.14 -0.31 0.86
CA GLY A 43 10.83 -1.34 0.11
C GLY A 43 9.98 -1.95 -0.99
N TRP A 44 9.50 -1.12 -1.91
CA TRP A 44 8.66 -1.60 -3.00
C TRP A 44 9.45 -1.76 -4.30
N LYS A 45 8.99 -2.68 -5.13
CA LYS A 45 9.63 -2.94 -6.41
C LYS A 45 9.48 -1.72 -7.33
N ASP A 46 9.90 -1.87 -8.59
CA ASP A 46 9.83 -0.79 -9.58
C ASP A 46 8.48 -0.06 -9.53
N GLY A 47 8.49 1.20 -9.97
CA GLY A 47 7.28 1.99 -9.98
C GLY A 47 6.17 1.33 -10.79
N ASP A 48 6.56 0.49 -11.74
CA ASP A 48 5.60 -0.22 -12.57
C ASP A 48 4.69 -1.09 -11.70
N ALA A 49 5.28 -1.70 -10.67
CA ALA A 49 4.52 -2.53 -9.76
C ALA A 49 3.73 -1.66 -8.79
N ILE A 50 4.36 -0.59 -8.32
CA ILE A 50 3.71 0.33 -7.40
C ILE A 50 2.43 0.89 -8.03
N ALA A 51 2.53 1.23 -9.32
CA ALA A 51 1.39 1.77 -10.05
C ALA A 51 0.17 0.85 -9.94
N GLU A 52 0.43 -0.45 -9.81
CA GLU A 52 -0.64 -1.43 -9.69
C GLU A 52 -1.35 -1.27 -8.34
N MET A 53 -0.56 -1.27 -7.28
CA MET A 53 -1.09 -1.10 -5.93
C MET A 53 -1.80 0.25 -5.83
N THR A 54 -1.17 1.28 -6.38
CA THR A 54 -1.76 2.61 -6.35
C THR A 54 -3.11 2.60 -7.05
N GLY A 55 -3.22 1.82 -8.12
CA GLY A 55 -4.48 1.72 -8.84
C GLY A 55 -5.57 1.21 -7.92
N GLN A 56 -5.20 0.26 -7.06
CA GLN A 56 -6.13 -0.31 -6.11
C GLN A 56 -6.48 0.71 -5.03
N LEU A 57 -5.46 1.39 -4.49
CA LEU A 57 -5.68 2.40 -3.44
C LEU A 57 -6.45 3.60 -3.99
N ALA A 58 -6.32 3.86 -5.28
CA ALA A 58 -7.01 4.97 -5.90
C ALA A 58 -8.53 4.73 -5.97
N GLU A 59 -8.93 3.45 -5.87
CA GLU A 59 -10.35 3.09 -5.93
C GLU A 59 -10.85 2.57 -4.59
N LEU A 60 -9.95 2.00 -3.79
CA LEU A 60 -10.31 1.46 -2.48
C LEU A 60 -10.96 2.54 -1.60
N PRO A 61 -11.59 2.14 -0.47
CA PRO A 61 -12.24 3.08 0.44
C PRO A 61 -11.24 3.95 1.21
N ALA A 62 -11.46 5.27 1.14
CA ALA A 62 -10.60 6.23 1.82
C ALA A 62 -10.43 5.89 3.30
N ALA A 63 -11.41 5.17 3.86
CA ALA A 63 -11.36 4.77 5.26
C ALA A 63 -10.10 3.97 5.56
N VAL A 64 -9.84 2.95 4.72
CA VAL A 64 -8.67 2.12 4.90
C VAL A 64 -7.42 2.88 4.48
N LEU A 65 -7.54 3.69 3.42
CA LEU A 65 -6.41 4.48 2.93
C LEU A 65 -5.82 5.32 4.06
N GLY A 66 -6.70 5.83 4.92
CA GLY A 66 -6.28 6.62 6.05
C GLY A 66 -5.74 5.75 7.17
N ALA A 67 -6.40 4.61 7.38
CA ALA A 67 -5.97 3.68 8.42
C ALA A 67 -4.93 2.72 7.89
N MET A 68 -3.67 2.96 8.24
CA MET A 68 -2.56 2.12 7.81
C MET A 68 -1.24 2.68 8.33
N SER A 69 -0.14 1.98 8.08
CA SER A 69 1.17 2.42 8.53
C SER A 69 2.20 2.35 7.41
N GLU A 70 2.32 1.18 6.80
CA GLU A 70 3.28 0.99 5.70
C GLU A 70 2.93 -0.26 4.89
N ILE A 71 3.12 -0.17 3.59
CA ILE A 71 2.85 -1.30 2.70
C ILE A 71 4.15 -1.94 2.24
N HIS A 72 4.37 -3.19 2.66
CA HIS A 72 5.58 -3.91 2.31
C HIS A 72 5.30 -4.98 1.25
N TYR A 73 6.05 -4.93 0.15
CA TYR A 73 5.88 -5.91 -0.93
C TYR A 73 6.52 -7.23 -0.55
N LYS A 74 5.69 -8.21 -0.21
CA LYS A 74 6.18 -9.53 0.17
C LYS A 74 5.67 -10.59 -0.82
N PRO A 75 6.26 -10.65 -2.03
CA PRO A 75 5.85 -11.62 -3.05
C PRO A 75 6.13 -13.05 -2.66
N THR A 76 5.25 -13.96 -3.08
CA THR A 76 5.40 -15.38 -2.76
C THR A 76 5.33 -16.21 -4.04
N ARG A 77 5.90 -17.41 -3.98
CA ARG A 77 5.90 -18.31 -5.13
C ARG A 77 4.48 -18.56 -5.65
N GLU A 78 3.49 -18.37 -4.77
CA GLU A 78 2.10 -18.57 -5.13
C GLU A 78 1.40 -17.23 -5.39
N TYR A 79 1.93 -16.16 -4.82
CA TYR A 79 1.33 -14.83 -4.99
C TYR A 79 2.41 -13.77 -5.20
N GLU A 80 2.91 -13.66 -6.42
CA GLU A 80 3.94 -12.67 -6.74
C GLU A 80 3.47 -11.25 -6.41
N ASP A 81 2.15 -11.06 -6.35
CA ASP A 81 1.59 -9.74 -6.04
C ASP A 81 1.08 -9.70 -4.60
N ARG A 82 1.78 -10.38 -3.71
CA ARG A 82 1.40 -10.42 -2.29
C ARG A 82 2.05 -9.27 -1.51
N VAL A 83 1.22 -8.34 -1.05
CA VAL A 83 1.72 -7.20 -0.29
C VAL A 83 1.30 -7.31 1.18
N ILE A 84 1.88 -6.46 2.03
CA ILE A 84 1.56 -6.48 3.45
C ILE A 84 1.35 -5.05 3.98
N VAL A 85 0.11 -4.72 4.32
CA VAL A 85 -0.21 -3.40 4.84
C VAL A 85 -0.30 -3.43 6.36
N TYR A 86 0.32 -2.45 7.01
CA TYR A 86 0.31 -2.37 8.46
C TYR A 86 -0.80 -1.42 8.93
N MET A 87 -1.29 -1.66 10.14
CA MET A 87 -2.35 -0.82 10.71
C MET A 87 -1.82 -0.02 11.90
N ASN A 88 -2.41 1.16 12.12
CA ASN A 88 -1.99 2.01 13.23
C ASN A 88 -2.11 1.30 14.57
N ASP A 89 -3.05 0.36 14.65
CA ASP A 89 -3.26 -0.41 15.88
C ASP A 89 -2.13 -1.42 16.11
N GLY A 90 -1.24 -1.59 15.13
CA GLY A 90 -0.14 -2.53 15.28
C GLY A 90 -0.43 -3.89 14.66
N TYR A 91 -1.46 -3.96 13.82
CA TYR A 91 -1.82 -5.23 13.18
C TYR A 91 -1.12 -5.37 11.84
N GLU A 92 -1.09 -6.61 11.33
CA GLU A 92 -0.44 -6.88 10.05
C GLU A 92 -1.40 -7.62 9.13
N VAL A 93 -1.82 -6.95 8.06
CA VAL A 93 -2.74 -7.54 7.10
C VAL A 93 -2.03 -7.83 5.77
N SER A 94 -2.32 -8.99 5.20
CA SER A 94 -1.70 -9.38 3.94
C SER A 94 -2.74 -9.37 2.81
N ALA A 95 -2.49 -8.52 1.81
CA ALA A 95 -3.39 -8.42 0.67
C ALA A 95 -2.63 -8.59 -0.64
N THR A 96 -3.36 -8.67 -1.75
CA THR A 96 -2.73 -8.83 -3.06
C THR A 96 -2.98 -7.59 -3.92
N ILE A 97 -2.09 -7.36 -4.88
CA ILE A 97 -2.22 -6.20 -5.76
C ILE A 97 -3.45 -6.34 -6.65
N ARG A 98 -3.77 -7.56 -7.05
CA ARG A 98 -4.92 -7.81 -7.91
C ARG A 98 -6.22 -7.47 -7.20
N GLN A 99 -6.27 -7.73 -5.89
CA GLN A 99 -7.46 -7.45 -5.11
C GLN A 99 -7.10 -6.75 -3.80
N PHE A 100 -6.26 -5.73 -3.88
CA PHE A 100 -5.84 -4.97 -2.71
C PHE A 100 -7.00 -4.17 -2.14
N ALA A 101 -7.66 -3.41 -3.02
CA ALA A 101 -8.79 -2.57 -2.62
C ALA A 101 -9.89 -3.41 -1.98
N ASP A 102 -10.17 -4.56 -2.58
CA ASP A 102 -11.20 -5.45 -2.06
C ASP A 102 -10.78 -6.02 -0.70
N LYS A 103 -9.54 -6.51 -0.64
CA LYS A 103 -9.00 -7.08 0.58
C LYS A 103 -9.10 -6.10 1.74
N LEU A 104 -8.73 -4.85 1.49
CA LEU A 104 -8.79 -3.82 2.51
C LEU A 104 -10.20 -3.25 2.62
N SER A 105 -10.96 -3.33 1.54
CA SER A 105 -12.33 -2.83 1.54
C SER A 105 -13.16 -3.57 2.58
N HIS A 106 -12.83 -4.84 2.78
CA HIS A 106 -13.53 -5.66 3.77
C HIS A 106 -13.21 -5.21 5.19
N TYR A 107 -12.13 -4.44 5.36
CA TYR A 107 -11.74 -3.97 6.68
C TYR A 107 -12.71 -2.90 7.19
N PRO A 108 -13.08 -2.91 8.49
CA PRO A 108 -12.59 -3.89 9.48
C PRO A 108 -13.45 -5.16 9.51
N ALA A 109 -12.88 -6.26 9.03
CA ALA A 109 -13.56 -7.56 8.99
C ALA A 109 -12.77 -8.54 8.13
N ILE A 110 -11.46 -8.56 8.33
CA ILE A 110 -10.57 -9.44 7.58
C ILE A 110 -9.90 -10.46 8.48
N ALA A 111 -9.05 -11.31 7.90
CA ALA A 111 -8.34 -12.34 8.65
C ALA A 111 -9.27 -13.50 8.99
N ALA A 112 -9.58 -14.32 8.00
CA ALA A 112 -10.46 -15.46 8.18
C ALA A 112 -9.69 -16.78 8.04
N ALA A 113 -10.41 -17.87 7.75
CA ALA A 113 -9.78 -19.17 7.59
C ALA A 113 -9.53 -19.48 6.12
N LEU A 114 -9.19 -18.45 5.35
CA LEU A 114 -8.91 -18.61 3.93
C LEU A 114 -7.53 -19.23 3.69
N ASP A 115 -6.78 -19.48 4.75
CA ASP A 115 -5.46 -20.07 4.64
C ASP A 115 -5.51 -21.57 4.90
N ARG A 116 -6.62 -22.20 4.54
CA ARG A 116 -6.79 -23.63 4.74
C ARG A 116 -6.66 -24.38 3.42
N ASN A 117 -7.42 -23.95 2.42
CA ASN A 117 -7.38 -24.58 1.10
C ASN A 117 -6.00 -24.44 0.47
N VAL A 118 -5.12 -25.40 0.73
CA VAL A 118 -3.77 -25.36 0.18
C VAL A 118 -3.44 -26.67 -0.53
N LYS A 119 -2.69 -26.57 -1.62
CA LYS A 119 -2.31 -27.75 -2.39
C LYS A 119 -0.82 -27.73 -2.70
N GLY A 1 -5.25 21.20 -17.25
CA GLY A 1 -4.22 20.23 -16.77
C GLY A 1 -3.91 20.38 -15.30
N SER A 2 -4.46 19.48 -14.48
CA SER A 2 -4.23 19.53 -13.04
C SER A 2 -3.27 18.43 -12.61
N GLU A 3 -3.04 18.32 -11.31
CA GLU A 3 -2.14 17.32 -10.76
C GLU A 3 -2.90 16.29 -9.93
N TRP A 4 -2.42 15.06 -9.97
CA TRP A 4 -3.04 13.97 -9.23
C TRP A 4 -2.89 14.17 -7.72
N ARG A 5 -3.63 13.38 -6.95
CA ARG A 5 -3.57 13.46 -5.50
C ARG A 5 -2.73 12.32 -4.93
N ARG A 6 -1.86 12.65 -3.98
CA ARG A 6 -1.00 11.66 -3.36
C ARG A 6 -1.81 10.74 -2.46
N ILE A 7 -2.03 9.51 -2.92
CA ILE A 7 -2.78 8.54 -2.13
C ILE A 7 -1.85 7.66 -1.30
N ALA A 8 -0.54 7.77 -1.53
CA ALA A 8 0.42 6.97 -0.78
C ALA A 8 1.80 7.61 -0.82
N TYR A 9 2.75 7.00 -0.11
CA TYR A 9 4.12 7.52 -0.06
C TYR A 9 5.12 6.36 -0.03
N VAL A 10 6.07 6.37 -0.95
CA VAL A 10 7.06 5.31 -0.99
C VAL A 10 8.32 5.68 -0.20
N TYR A 11 8.66 4.84 0.78
CA TYR A 11 9.83 5.08 1.62
C TYR A 11 11.10 4.64 0.90
N ASP A 12 11.84 5.62 0.39
CA ASP A 12 13.08 5.34 -0.33
C ASP A 12 13.97 6.58 -0.36
N ARG A 13 15.27 6.36 -0.50
CA ARG A 13 16.24 7.46 -0.54
C ARG A 13 16.20 8.25 0.76
N GLN A 14 15.92 7.57 1.85
CA GLN A 14 15.86 8.22 3.17
C GLN A 14 14.79 9.31 3.19
N THR A 15 13.74 9.12 2.41
CA THR A 15 12.65 10.08 2.34
C THR A 15 11.34 9.41 1.93
N PHE A 16 10.23 10.09 2.19
CA PHE A 16 8.92 9.55 1.84
C PHE A 16 8.41 10.19 0.55
N PHE A 17 8.72 9.55 -0.57
CA PHE A 17 8.29 10.04 -1.87
C PHE A 17 6.78 9.97 -2.01
N PRO A 18 6.11 11.10 -2.34
CA PRO A 18 4.65 11.12 -2.49
C PRO A 18 4.18 10.43 -3.77
N LEU A 19 3.37 9.40 -3.59
CA LEU A 19 2.84 8.66 -4.72
C LEU A 19 1.44 9.14 -5.07
N LEU A 20 1.26 9.55 -6.32
CA LEU A 20 -0.03 10.05 -6.80
C LEU A 20 -1.05 8.92 -6.90
N GLU A 21 -2.30 9.28 -7.19
CA GLU A 21 -3.38 8.31 -7.32
C GLU A 21 -3.12 7.37 -8.49
N ASN A 22 -2.40 7.86 -9.49
CA ASN A 22 -2.08 7.06 -10.66
C ASN A 22 -0.76 6.32 -10.49
N GLY A 23 -0.25 6.27 -9.25
CA GLY A 23 0.99 5.59 -8.99
C GLY A 23 2.20 6.33 -9.50
N ARG A 24 2.06 7.63 -9.69
CA ARG A 24 3.16 8.46 -10.15
C ARG A 24 4.07 8.80 -8.97
N LEU A 25 5.11 7.99 -8.78
CA LEU A 25 6.04 8.19 -7.68
C LEU A 25 6.94 9.41 -7.93
N LEU A 26 6.76 10.45 -7.12
CA LEU A 26 7.57 11.65 -7.25
C LEU A 26 8.83 11.53 -6.40
N LYS A 27 9.83 10.85 -6.94
CA LYS A 27 11.09 10.65 -6.24
C LYS A 27 11.92 11.94 -6.14
N GLN A 28 11.47 13.02 -6.78
CA GLN A 28 12.18 14.28 -6.74
C GLN A 28 11.72 15.14 -5.57
N GLU A 29 10.47 14.96 -5.15
CA GLU A 29 9.91 15.72 -4.04
C GLU A 29 10.24 15.08 -2.69
N GLY A 30 9.49 14.05 -2.32
CA GLY A 30 9.70 13.37 -1.06
C GLY A 30 9.59 14.29 0.12
N THR A 31 9.39 13.69 1.28
CA THR A 31 9.25 14.45 2.52
C THR A 31 9.97 13.76 3.66
N LYS A 32 10.46 14.55 4.60
CA LYS A 32 11.18 14.01 5.76
C LYS A 32 10.20 13.74 6.90
N THR A 33 9.13 13.01 6.60
CA THR A 33 8.12 12.69 7.59
C THR A 33 7.14 11.65 7.06
N ALA A 34 6.52 10.91 7.97
CA ALA A 34 5.57 9.88 7.60
C ALA A 34 4.15 10.44 7.45
N PRO A 35 3.42 10.06 6.38
CA PRO A 35 2.05 10.52 6.15
C PRO A 35 1.01 9.71 6.91
N SER A 36 0.58 10.24 8.04
CA SER A 36 -0.43 9.57 8.87
C SER A 36 -1.79 9.51 8.16
N ASP A 37 -1.94 10.22 7.05
CA ASP A 37 -3.19 10.24 6.31
C ASP A 37 -3.23 9.13 5.26
N ALA A 38 -2.07 8.65 4.85
CA ALA A 38 -2.01 7.60 3.83
C ALA A 38 -0.95 6.55 4.15
N PRO A 39 -0.98 5.40 3.42
CA PRO A 39 -0.02 4.31 3.65
C PRO A 39 1.38 4.64 3.11
N VAL A 40 2.37 3.88 3.55
CA VAL A 40 3.75 4.09 3.11
C VAL A 40 4.34 2.83 2.48
N LEU A 41 4.53 2.86 1.17
CA LEU A 41 5.10 1.74 0.45
C LEU A 41 6.60 1.62 0.73
N VAL A 42 6.94 0.77 1.68
CA VAL A 42 8.35 0.57 2.05
C VAL A 42 8.96 -0.58 1.27
N GLY A 43 10.18 -0.37 0.77
CA GLY A 43 10.89 -1.39 0.03
C GLY A 43 10.06 -2.00 -1.08
N TRP A 44 9.43 -1.17 -1.90
CA TRP A 44 8.58 -1.66 -2.99
C TRP A 44 9.38 -1.79 -4.28
N LYS A 45 8.96 -2.73 -5.12
CA LYS A 45 9.62 -2.96 -6.40
C LYS A 45 9.46 -1.75 -7.31
N ASP A 46 9.89 -1.90 -8.56
CA ASP A 46 9.81 -0.82 -9.55
C ASP A 46 8.46 -0.09 -9.51
N GLY A 47 8.48 1.17 -9.94
CA GLY A 47 7.25 1.95 -9.96
C GLY A 47 6.16 1.30 -10.78
N ASP A 48 6.56 0.46 -11.74
CA ASP A 48 5.60 -0.25 -12.58
C ASP A 48 4.69 -1.12 -11.72
N ALA A 49 5.28 -1.74 -10.70
CA ALA A 49 4.51 -2.59 -9.79
C ALA A 49 3.71 -1.73 -8.83
N ILE A 50 4.34 -0.65 -8.35
CA ILE A 50 3.68 0.27 -7.43
C ILE A 50 2.42 0.83 -8.07
N ALA A 51 2.52 1.17 -9.35
CA ALA A 51 1.38 1.72 -10.09
C ALA A 51 0.16 0.80 -9.98
N GLU A 52 0.41 -0.48 -9.80
CA GLU A 52 -0.66 -1.46 -9.66
C GLU A 52 -1.39 -1.25 -8.34
N MET A 53 -0.62 -1.24 -7.25
CA MET A 53 -1.18 -1.03 -5.93
C MET A 53 -1.89 0.31 -5.86
N THR A 54 -1.24 1.34 -6.39
CA THR A 54 -1.82 2.68 -6.41
C THR A 54 -3.17 2.67 -7.11
N GLY A 55 -3.26 1.89 -8.18
CA GLY A 55 -4.51 1.78 -8.91
C GLY A 55 -5.61 1.26 -7.99
N GLN A 56 -5.22 0.33 -7.12
CA GLN A 56 -6.16 -0.25 -6.16
C GLN A 56 -6.51 0.76 -5.06
N LEU A 57 -5.49 1.43 -4.51
CA LEU A 57 -5.72 2.42 -3.46
C LEU A 57 -6.50 3.62 -3.98
N ALA A 58 -6.34 3.91 -5.26
CA ALA A 58 -7.03 5.05 -5.86
C ALA A 58 -8.54 4.78 -5.96
N GLU A 59 -8.94 3.51 -5.87
CA GLU A 59 -10.35 3.14 -5.95
C GLU A 59 -10.87 2.58 -4.63
N LEU A 60 -9.98 2.00 -3.82
CA LEU A 60 -10.36 1.43 -2.54
C LEU A 60 -11.04 2.48 -1.64
N PRO A 61 -11.67 2.03 -0.53
CA PRO A 61 -12.34 2.94 0.40
C PRO A 61 -11.36 3.85 1.15
N ALA A 62 -11.62 5.15 1.07
CA ALA A 62 -10.77 6.14 1.74
C ALA A 62 -10.59 5.81 3.23
N ALA A 63 -11.55 5.09 3.80
CA ALA A 63 -11.48 4.71 5.21
C ALA A 63 -10.23 3.90 5.48
N VAL A 64 -9.98 2.89 4.65
CA VAL A 64 -8.80 2.05 4.82
C VAL A 64 -7.55 2.80 4.39
N LEU A 65 -7.69 3.65 3.37
CA LEU A 65 -6.56 4.45 2.88
C LEU A 65 -5.97 5.26 4.02
N GLY A 66 -6.85 5.73 4.91
CA GLY A 66 -6.41 6.50 6.05
C GLY A 66 -5.82 5.61 7.12
N ALA A 67 -6.48 4.47 7.36
CA ALA A 67 -6.00 3.53 8.36
C ALA A 67 -4.95 2.60 7.75
N MET A 68 -3.68 2.87 8.08
CA MET A 68 -2.56 2.08 7.58
C MET A 68 -1.24 2.65 8.10
N SER A 69 -0.20 1.83 8.09
CA SER A 69 1.11 2.25 8.57
C SER A 69 2.16 2.20 7.45
N GLU A 70 2.28 1.03 6.83
CA GLU A 70 3.24 0.85 5.74
C GLU A 70 2.91 -0.39 4.91
N ILE A 71 3.12 -0.28 3.61
CA ILE A 71 2.86 -1.40 2.71
C ILE A 71 4.17 -2.03 2.25
N HIS A 72 4.38 -3.28 2.65
CA HIS A 72 5.60 -3.99 2.29
C HIS A 72 5.34 -5.03 1.20
N TYR A 73 6.14 -5.00 0.15
CA TYR A 73 6.00 -5.93 -0.96
C TYR A 73 6.67 -7.26 -0.63
N LYS A 74 5.87 -8.26 -0.30
CA LYS A 74 6.39 -9.58 0.04
C LYS A 74 5.74 -10.66 -0.83
N PRO A 75 6.33 -10.97 -2.00
CA PRO A 75 5.79 -11.99 -2.91
C PRO A 75 5.95 -13.40 -2.37
N THR A 76 5.01 -14.27 -2.73
CA THR A 76 5.05 -15.66 -2.29
C THR A 76 5.09 -16.61 -3.48
N ARG A 77 5.33 -17.89 -3.22
CA ARG A 77 5.39 -18.89 -4.28
C ARG A 77 4.06 -18.97 -5.02
N GLU A 78 2.97 -18.64 -4.34
CA GLU A 78 1.65 -18.69 -4.93
C GLU A 78 0.99 -17.30 -5.02
N TYR A 79 1.76 -16.25 -4.75
CA TYR A 79 1.23 -14.89 -4.80
C TYR A 79 2.34 -13.86 -4.99
N GLU A 80 2.86 -13.76 -6.21
CA GLU A 80 3.92 -12.81 -6.51
C GLU A 80 3.47 -11.38 -6.22
N ASP A 81 2.16 -11.15 -6.24
CA ASP A 81 1.61 -9.83 -5.95
C ASP A 81 1.11 -9.75 -4.52
N ARG A 82 1.81 -10.44 -3.61
CA ARG A 82 1.42 -10.45 -2.20
C ARG A 82 2.07 -9.31 -1.45
N VAL A 83 1.26 -8.35 -1.01
CA VAL A 83 1.74 -7.21 -0.26
C VAL A 83 1.34 -7.32 1.21
N ILE A 84 1.90 -6.45 2.05
CA ILE A 84 1.58 -6.47 3.47
C ILE A 84 1.36 -5.06 4.01
N VAL A 85 0.11 -4.73 4.32
CA VAL A 85 -0.22 -3.42 4.85
C VAL A 85 -0.31 -3.44 6.37
N TYR A 86 0.51 -2.62 7.01
CA TYR A 86 0.53 -2.55 8.47
C TYR A 86 -0.59 -1.63 8.98
N MET A 87 -1.05 -1.89 10.19
CA MET A 87 -2.12 -1.09 10.78
C MET A 87 -1.57 -0.24 11.93
N ASN A 88 -2.15 0.95 12.09
CA ASN A 88 -1.72 1.86 13.15
C ASN A 88 -1.84 1.21 14.52
N ASP A 89 -2.79 0.28 14.66
CA ASP A 89 -2.99 -0.42 15.92
C ASP A 89 -1.95 -1.52 16.14
N GLY A 90 -1.05 -1.72 15.18
CA GLY A 90 -0.04 -2.75 15.30
C GLY A 90 -0.42 -4.07 14.65
N TYR A 91 -1.45 -4.04 13.81
CA TYR A 91 -1.91 -5.24 13.12
C TYR A 91 -1.18 -5.42 11.79
N GLU A 92 -1.15 -6.67 11.31
CA GLU A 92 -0.48 -6.97 10.05
C GLU A 92 -1.43 -7.70 9.10
N VAL A 93 -1.81 -7.03 8.02
CA VAL A 93 -2.73 -7.62 7.05
C VAL A 93 -2.02 -7.91 5.73
N SER A 94 -2.33 -9.05 5.13
CA SER A 94 -1.72 -9.46 3.87
C SER A 94 -2.74 -9.40 2.74
N ALA A 95 -2.49 -8.55 1.75
CA ALA A 95 -3.39 -8.41 0.61
C ALA A 95 -2.63 -8.56 -0.71
N THR A 96 -3.38 -8.76 -1.79
CA THR A 96 -2.78 -8.91 -3.11
C THR A 96 -2.96 -7.64 -3.93
N ILE A 97 -2.08 -7.43 -4.90
CA ILE A 97 -2.17 -6.24 -5.74
C ILE A 97 -3.46 -6.22 -6.54
N ARG A 98 -4.01 -7.40 -6.83
CA ARG A 98 -5.26 -7.50 -7.59
C ARG A 98 -6.47 -7.28 -6.68
N GLN A 99 -6.43 -7.88 -5.49
CA GLN A 99 -7.53 -7.75 -4.54
C GLN A 99 -7.14 -6.88 -3.35
N PHE A 100 -6.28 -5.90 -3.61
CA PHE A 100 -5.84 -4.99 -2.54
C PHE A 100 -7.02 -4.19 -2.02
N ALA A 101 -7.70 -3.51 -2.93
CA ALA A 101 -8.86 -2.70 -2.56
C ALA A 101 -9.96 -3.57 -1.98
N ASP A 102 -10.12 -4.76 -2.55
CA ASP A 102 -11.13 -5.70 -2.07
C ASP A 102 -10.77 -6.22 -0.69
N LYS A 103 -9.54 -6.73 -0.56
CA LYS A 103 -9.05 -7.26 0.70
C LYS A 103 -9.19 -6.24 1.82
N LEU A 104 -8.86 -4.99 1.52
CA LEU A 104 -8.96 -3.93 2.50
C LEU A 104 -10.40 -3.39 2.57
N SER A 105 -11.14 -3.56 1.49
CA SER A 105 -12.52 -3.10 1.43
C SER A 105 -13.35 -3.84 2.48
N HIS A 106 -12.97 -5.08 2.75
CA HIS A 106 -13.68 -5.89 3.74
C HIS A 106 -13.44 -5.35 5.16
N TYR A 107 -12.41 -4.52 5.33
CA TYR A 107 -12.10 -3.94 6.63
C TYR A 107 -13.25 -3.04 7.10
N PRO A 108 -13.67 -3.11 8.39
CA PRO A 108 -13.09 -4.01 9.41
C PRO A 108 -13.46 -5.48 9.17
N ALA A 109 -12.60 -6.36 9.67
CA ALA A 109 -12.78 -7.82 9.53
C ALA A 109 -12.24 -8.30 8.19
N ILE A 110 -10.93 -8.40 8.09
CA ILE A 110 -10.28 -8.85 6.87
C ILE A 110 -9.34 -10.02 7.14
N ALA A 111 -8.69 -10.51 6.09
CA ALA A 111 -7.77 -11.63 6.21
C ALA A 111 -8.50 -12.88 6.71
N ALA A 112 -7.95 -14.05 6.38
CA ALA A 112 -8.56 -15.31 6.79
C ALA A 112 -7.63 -16.07 7.74
N ALA A 113 -7.92 -17.36 7.93
CA ALA A 113 -7.11 -18.20 8.81
C ALA A 113 -6.25 -19.16 7.99
N LEU A 114 -5.85 -18.74 6.80
CA LEU A 114 -5.03 -19.56 5.94
C LEU A 114 -3.54 -19.23 6.11
N ASP A 115 -3.18 -18.67 7.26
CA ASP A 115 -1.80 -18.30 7.53
C ASP A 115 -1.34 -18.88 8.88
N ARG A 116 -1.89 -20.03 9.24
CA ARG A 116 -1.54 -20.69 10.49
C ARG A 116 -0.44 -21.72 10.28
N ASN A 117 -0.47 -22.38 9.13
CA ASN A 117 0.52 -23.39 8.80
C ASN A 117 1.82 -22.76 8.29
N VAL A 118 1.71 -22.07 7.15
CA VAL A 118 2.87 -21.40 6.52
C VAL A 118 4.12 -22.28 6.55
N LYS A 119 3.93 -23.59 6.41
CA LYS A 119 5.05 -24.53 6.41
C LYS A 119 4.62 -25.86 5.81
N GLY A 1 -6.52 22.11 -8.19
CA GLY A 1 -5.26 22.72 -8.70
C GLY A 1 -4.51 21.79 -9.64
N SER A 2 -5.25 20.99 -10.40
CA SER A 2 -4.65 20.06 -11.35
C SER A 2 -3.76 19.06 -10.63
N GLU A 3 -3.03 18.27 -11.40
CA GLU A 3 -2.13 17.26 -10.84
C GLU A 3 -2.90 16.23 -10.02
N TRP A 4 -2.37 15.02 -9.97
CA TRP A 4 -2.99 13.93 -9.22
C TRP A 4 -2.84 14.14 -7.73
N ARG A 5 -3.57 13.35 -6.95
CA ARG A 5 -3.52 13.45 -5.49
C ARG A 5 -2.68 12.31 -4.92
N ARG A 6 -1.82 12.64 -3.96
CA ARG A 6 -0.96 11.66 -3.33
C ARG A 6 -1.78 10.73 -2.43
N ILE A 7 -1.99 9.51 -2.89
CA ILE A 7 -2.74 8.54 -2.11
C ILE A 7 -1.81 7.65 -1.27
N ALA A 8 -0.50 7.76 -1.50
CA ALA A 8 0.46 6.96 -0.76
C ALA A 8 1.84 7.61 -0.80
N TYR A 9 2.80 7.01 -0.09
CA TYR A 9 4.15 7.53 -0.06
C TYR A 9 5.17 6.38 -0.03
N VAL A 10 6.12 6.40 -0.94
CA VAL A 10 7.11 5.33 -0.99
C VAL A 10 8.36 5.70 -0.20
N TYR A 11 8.71 4.87 0.77
CA TYR A 11 9.87 5.10 1.61
C TYR A 11 11.14 4.65 0.90
N ASP A 12 11.93 5.62 0.45
CA ASP A 12 13.18 5.33 -0.24
C ASP A 12 14.07 6.57 -0.28
N ARG A 13 15.38 6.35 -0.39
CA ARG A 13 16.35 7.44 -0.43
C ARG A 13 16.27 8.28 0.85
N GLN A 14 15.92 7.63 1.95
CA GLN A 14 15.81 8.31 3.24
C GLN A 14 14.75 9.40 3.21
N THR A 15 13.71 9.18 2.41
CA THR A 15 12.62 10.15 2.29
C THR A 15 11.32 9.47 1.87
N PHE A 16 10.20 10.09 2.21
CA PHE A 16 8.90 9.54 1.86
C PHE A 16 8.38 10.19 0.58
N PHE A 17 8.70 9.56 -0.56
CA PHE A 17 8.29 10.06 -1.86
C PHE A 17 6.76 10.01 -2.00
N PRO A 18 6.10 11.16 -2.32
CA PRO A 18 4.65 11.20 -2.47
C PRO A 18 4.17 10.52 -3.74
N LEU A 19 3.42 9.43 -3.56
CA LEU A 19 2.90 8.67 -4.69
C LEU A 19 1.48 9.14 -5.03
N LEU A 20 1.31 9.55 -6.28
CA LEU A 20 0.03 10.04 -6.76
C LEU A 20 -1.00 8.90 -6.85
N GLU A 21 -2.25 9.26 -7.16
CA GLU A 21 -3.32 8.29 -7.28
C GLU A 21 -3.07 7.34 -8.44
N ASN A 22 -2.36 7.82 -9.46
CA ASN A 22 -2.05 7.01 -10.61
C ASN A 22 -0.72 6.26 -10.44
N GLY A 23 -0.21 6.23 -9.21
CA GLY A 23 1.04 5.55 -8.94
C GLY A 23 2.25 6.29 -9.47
N ARG A 24 2.10 7.60 -9.65
CA ARG A 24 3.19 8.42 -10.11
C ARG A 24 4.09 8.79 -8.94
N LEU A 25 5.13 7.99 -8.73
CA LEU A 25 6.05 8.21 -7.64
C LEU A 25 6.89 9.46 -7.86
N LEU A 26 6.61 10.50 -7.09
CA LEU A 26 7.34 11.76 -7.21
C LEU A 26 8.61 11.72 -6.37
N LYS A 27 9.59 10.96 -6.84
CA LYS A 27 10.86 10.84 -6.14
C LYS A 27 11.54 12.20 -5.98
N GLN A 28 11.14 13.16 -6.81
CA GLN A 28 11.72 14.51 -6.74
C GLN A 28 10.86 15.42 -5.86
N GLU A 29 10.02 14.84 -5.01
CA GLU A 29 9.16 15.62 -4.12
C GLU A 29 8.98 14.94 -2.77
N GLY A 30 9.96 14.12 -2.40
CA GLY A 30 9.89 13.42 -1.13
C GLY A 30 9.79 14.35 0.05
N THR A 31 9.46 13.77 1.20
CA THR A 31 9.31 14.54 2.43
C THR A 31 10.04 13.86 3.58
N LYS A 32 10.51 14.66 4.53
CA LYS A 32 11.23 14.14 5.67
C LYS A 32 10.26 13.86 6.82
N THR A 33 9.21 13.10 6.53
CA THR A 33 8.20 12.77 7.53
C THR A 33 7.25 11.71 6.99
N ALA A 34 6.59 11.02 7.91
CA ALA A 34 5.64 9.97 7.55
C ALA A 34 4.21 10.53 7.41
N PRO A 35 3.47 10.12 6.36
CA PRO A 35 2.10 10.57 6.13
C PRO A 35 1.07 9.75 6.91
N SER A 36 0.64 10.29 8.04
CA SER A 36 -0.35 9.62 8.88
C SER A 36 -1.72 9.55 8.19
N ASP A 37 -1.87 10.26 7.06
CA ASP A 37 -3.13 10.27 6.33
C ASP A 37 -3.17 9.15 5.28
N ALA A 38 -2.01 8.68 4.87
CA ALA A 38 -1.95 7.62 3.85
C ALA A 38 -0.89 6.57 4.17
N PRO A 39 -0.92 5.42 3.46
CA PRO A 39 0.04 4.33 3.67
C PRO A 39 1.42 4.66 3.13
N VAL A 40 2.41 3.90 3.57
CA VAL A 40 3.79 4.12 3.12
C VAL A 40 4.39 2.85 2.51
N LEU A 41 4.58 2.88 1.21
CA LEU A 41 5.16 1.76 0.48
C LEU A 41 6.65 1.64 0.78
N VAL A 42 7.00 0.78 1.74
CA VAL A 42 8.39 0.58 2.11
C VAL A 42 9.01 -0.58 1.32
N GLY A 43 10.25 -0.36 0.86
CA GLY A 43 10.95 -1.39 0.11
C GLY A 43 10.11 -2.01 -1.00
N TRP A 44 9.60 -1.18 -1.90
CA TRP A 44 8.76 -1.67 -3.00
C TRP A 44 9.55 -1.81 -4.28
N LYS A 45 9.11 -2.74 -5.12
CA LYS A 45 9.76 -3.00 -6.41
C LYS A 45 9.58 -1.81 -7.34
N ASP A 46 9.98 -1.98 -8.59
CA ASP A 46 9.87 -0.92 -9.60
C ASP A 46 8.53 -0.17 -9.53
N GLY A 47 8.54 1.07 -10.00
CA GLY A 47 7.33 1.87 -9.99
C GLY A 47 6.20 1.21 -10.75
N ASP A 48 6.55 0.33 -11.70
CA ASP A 48 5.56 -0.38 -12.48
C ASP A 48 4.67 -1.21 -11.57
N ALA A 49 5.28 -1.84 -10.57
CA ALA A 49 4.56 -2.65 -9.61
C ALA A 49 3.79 -1.76 -8.66
N ILE A 50 4.43 -0.67 -8.24
CA ILE A 50 3.80 0.29 -7.34
C ILE A 50 2.52 0.84 -7.97
N ALA A 51 2.61 1.13 -9.27
CA ALA A 51 1.46 1.65 -10.01
C ALA A 51 0.23 0.75 -9.87
N GLU A 52 0.47 -0.55 -9.70
CA GLU A 52 -0.60 -1.51 -9.55
C GLU A 52 -1.31 -1.29 -8.22
N MET A 53 -0.54 -1.26 -7.14
CA MET A 53 -1.08 -1.04 -5.81
C MET A 53 -1.79 0.30 -5.75
N THR A 54 -1.16 1.33 -6.32
CA THR A 54 -1.74 2.66 -6.35
C THR A 54 -3.08 2.64 -7.05
N GLY A 55 -3.17 1.85 -8.12
CA GLY A 55 -4.42 1.74 -8.85
C GLY A 55 -5.52 1.22 -7.94
N GLN A 56 -5.15 0.31 -7.06
CA GLN A 56 -6.11 -0.25 -6.10
C GLN A 56 -6.47 0.75 -5.01
N LEU A 57 -5.45 1.42 -4.45
CA LEU A 57 -5.68 2.41 -3.40
C LEU A 57 -6.46 3.62 -3.93
N ALA A 58 -6.28 3.91 -5.21
CA ALA A 58 -6.97 5.04 -5.83
C ALA A 58 -8.48 4.79 -5.91
N GLU A 59 -8.88 3.52 -5.84
CA GLU A 59 -10.29 3.16 -5.92
C GLU A 59 -10.82 2.63 -4.60
N LEU A 60 -9.92 2.05 -3.80
CA LEU A 60 -10.30 1.50 -2.49
C LEU A 60 -10.98 2.56 -1.61
N PRO A 61 -11.62 2.15 -0.50
CA PRO A 61 -12.30 3.08 0.40
C PRO A 61 -11.33 3.95 1.18
N ALA A 62 -11.56 5.27 1.13
CA ALA A 62 -10.72 6.23 1.83
C ALA A 62 -10.53 5.86 3.29
N ALA A 63 -11.50 5.14 3.85
CA ALA A 63 -11.43 4.71 5.24
C ALA A 63 -10.16 3.91 5.52
N VAL A 64 -9.92 2.90 4.68
CA VAL A 64 -8.73 2.07 4.83
C VAL A 64 -7.49 2.83 4.39
N LEU A 65 -7.63 3.66 3.36
CA LEU A 65 -6.50 4.46 2.87
C LEU A 65 -5.95 5.31 4.00
N GLY A 66 -6.84 5.77 4.87
CA GLY A 66 -6.42 6.57 6.01
C GLY A 66 -5.84 5.69 7.10
N ALA A 67 -6.44 4.53 7.30
CA ALA A 67 -5.97 3.59 8.31
C ALA A 67 -4.91 2.66 7.74
N MET A 68 -3.65 2.94 8.07
CA MET A 68 -2.53 2.13 7.59
C MET A 68 -1.21 2.71 8.12
N SER A 69 -0.13 1.95 8.01
CA SER A 69 1.17 2.39 8.48
C SER A 69 2.24 2.29 7.39
N GLU A 70 2.34 1.12 6.77
CA GLU A 70 3.32 0.89 5.72
C GLU A 70 2.97 -0.36 4.90
N ILE A 71 3.21 -0.29 3.60
CA ILE A 71 2.94 -1.41 2.71
C ILE A 71 4.24 -2.05 2.23
N HIS A 72 4.46 -3.29 2.63
CA HIS A 72 5.67 -4.01 2.24
C HIS A 72 5.37 -5.06 1.17
N TYR A 73 6.07 -4.95 0.05
CA TYR A 73 5.88 -5.90 -1.05
C TYR A 73 6.57 -7.22 -0.74
N LYS A 74 5.76 -8.23 -0.41
CA LYS A 74 6.29 -9.55 -0.09
C LYS A 74 5.64 -10.62 -0.97
N PRO A 75 6.15 -10.82 -2.20
CA PRO A 75 5.60 -11.81 -3.13
C PRO A 75 5.90 -13.24 -2.70
N THR A 76 5.01 -14.15 -3.10
CA THR A 76 5.17 -15.56 -2.76
C THR A 76 5.07 -16.43 -4.01
N ARG A 77 5.59 -17.65 -3.93
CA ARG A 77 5.57 -18.58 -5.05
C ARG A 77 4.15 -18.75 -5.62
N GLU A 78 3.15 -18.50 -4.77
CA GLU A 78 1.75 -18.63 -5.18
C GLU A 78 1.08 -17.26 -5.34
N TYR A 79 1.67 -16.23 -4.74
CA TYR A 79 1.11 -14.88 -4.83
C TYR A 79 2.19 -13.85 -5.15
N GLU A 80 2.57 -13.80 -6.43
CA GLU A 80 3.59 -12.86 -6.88
C GLU A 80 3.21 -11.41 -6.56
N ASP A 81 1.92 -11.17 -6.34
CA ASP A 81 1.44 -9.83 -6.04
C ASP A 81 0.95 -9.73 -4.59
N ARG A 82 1.66 -10.41 -3.69
CA ARG A 82 1.29 -10.41 -2.28
C ARG A 82 1.99 -9.27 -1.54
N VAL A 83 1.19 -8.35 -1.00
CA VAL A 83 1.73 -7.21 -0.26
C VAL A 83 1.34 -7.31 1.21
N ILE A 84 1.93 -6.45 2.05
CA ILE A 84 1.64 -6.46 3.47
C ILE A 84 1.43 -5.04 3.99
N VAL A 85 0.18 -4.72 4.36
CA VAL A 85 -0.15 -3.41 4.90
C VAL A 85 -0.23 -3.44 6.41
N TYR A 86 0.39 -2.45 7.05
CA TYR A 86 0.39 -2.36 8.51
C TYR A 86 -0.72 -1.44 8.99
N MET A 87 -1.21 -1.68 10.20
CA MET A 87 -2.28 -0.87 10.77
C MET A 87 -1.73 0.07 11.84
N ASN A 88 -2.56 1.04 12.23
CA ASN A 88 -2.17 2.01 13.25
C ASN A 88 -2.06 1.35 14.63
N ASP A 89 -2.81 0.27 14.82
CA ASP A 89 -2.79 -0.44 16.10
C ASP A 89 -1.70 -1.51 16.14
N GLY A 90 -0.78 -1.48 15.18
CA GLY A 90 0.30 -2.46 15.15
C GLY A 90 -0.10 -3.78 14.51
N TYR A 91 -1.23 -3.79 13.80
CA TYR A 91 -1.70 -5.00 13.15
C TYR A 91 -1.02 -5.19 11.80
N GLU A 92 -0.87 -6.44 11.39
CA GLU A 92 -0.22 -6.75 10.12
C GLU A 92 -1.16 -7.55 9.22
N VAL A 93 -1.59 -6.91 8.13
CA VAL A 93 -2.50 -7.55 7.18
C VAL A 93 -1.82 -7.79 5.84
N SER A 94 -2.08 -8.94 5.24
CA SER A 94 -1.49 -9.29 3.95
C SER A 94 -2.57 -9.35 2.86
N ALA A 95 -2.43 -8.51 1.85
CA ALA A 95 -3.37 -8.47 0.74
C ALA A 95 -2.65 -8.53 -0.60
N THR A 96 -3.36 -8.93 -1.64
CA THR A 96 -2.78 -9.01 -2.97
C THR A 96 -3.00 -7.71 -3.74
N ILE A 97 -2.15 -7.46 -4.73
CA ILE A 97 -2.28 -6.24 -5.53
C ILE A 97 -3.50 -6.30 -6.42
N ARG A 98 -3.82 -7.49 -6.91
CA ARG A 98 -4.97 -7.68 -7.78
C ARG A 98 -6.28 -7.44 -7.04
N GLN A 99 -6.29 -7.73 -5.75
CA GLN A 99 -7.48 -7.54 -4.93
C GLN A 99 -7.14 -6.78 -3.64
N PHE A 100 -6.22 -5.83 -3.75
CA PHE A 100 -5.81 -5.04 -2.61
C PHE A 100 -6.98 -4.20 -2.08
N ALA A 101 -7.61 -3.45 -2.97
CA ALA A 101 -8.74 -2.61 -2.59
C ALA A 101 -9.87 -3.45 -2.01
N ASP A 102 -10.11 -4.61 -2.61
CA ASP A 102 -11.16 -5.51 -2.13
C ASP A 102 -10.80 -6.08 -0.76
N LYS A 103 -9.58 -6.60 -0.65
CA LYS A 103 -9.09 -7.18 0.59
C LYS A 103 -9.21 -6.19 1.74
N LEU A 104 -8.84 -4.94 1.47
CA LEU A 104 -8.92 -3.89 2.49
C LEU A 104 -10.33 -3.31 2.56
N SER A 105 -11.07 -3.40 1.46
CA SER A 105 -12.43 -2.89 1.41
C SER A 105 -13.30 -3.62 2.43
N HIS A 106 -12.97 -4.89 2.67
CA HIS A 106 -13.72 -5.69 3.62
C HIS A 106 -13.47 -5.22 5.05
N TYR A 107 -12.42 -4.43 5.27
CA TYR A 107 -12.09 -3.93 6.59
C TYR A 107 -13.17 -2.97 7.10
N PRO A 108 -13.58 -3.06 8.39
CA PRO A 108 -13.05 -4.02 9.36
C PRO A 108 -13.77 -5.37 9.31
N ALA A 109 -13.07 -6.40 8.83
CA ALA A 109 -13.62 -7.74 8.72
C ALA A 109 -12.71 -8.61 7.83
N ILE A 110 -11.41 -8.50 8.08
CA ILE A 110 -10.43 -9.25 7.30
C ILE A 110 -9.69 -10.26 8.19
N ALA A 111 -8.75 -10.99 7.59
CA ALA A 111 -7.97 -12.00 8.32
C ALA A 111 -8.84 -13.19 8.69
N ALA A 112 -9.16 -14.00 7.69
CA ALA A 112 -10.01 -15.18 7.89
C ALA A 112 -9.17 -16.41 8.22
N ALA A 113 -9.80 -17.57 8.14
CA ALA A 113 -9.14 -18.83 8.39
C ALA A 113 -9.02 -19.58 7.08
N LEU A 114 -8.58 -18.86 6.04
CA LEU A 114 -8.42 -19.41 4.69
C LEU A 114 -7.35 -20.51 4.62
N ASP A 115 -7.46 -21.51 5.48
CA ASP A 115 -6.51 -22.62 5.51
C ASP A 115 -5.07 -22.12 5.69
N ARG A 116 -4.13 -23.05 5.69
CA ARG A 116 -2.72 -22.72 5.87
C ARG A 116 -1.87 -23.44 4.82
N ASN A 117 -2.43 -23.62 3.64
CA ASN A 117 -1.72 -24.31 2.56
C ASN A 117 -0.46 -23.54 2.17
N VAL A 118 0.65 -23.84 2.85
CA VAL A 118 1.91 -23.18 2.58
C VAL A 118 3.09 -24.06 2.98
N LYS A 119 3.03 -25.32 2.59
CA LYS A 119 4.09 -26.28 2.90
C LYS A 119 4.53 -27.05 1.66
N GLY A 1 -8.87 20.56 -9.38
CA GLY A 1 -8.03 19.38 -9.71
C GLY A 1 -6.55 19.73 -9.83
N SER A 2 -6.05 19.74 -11.05
CA SER A 2 -4.64 20.05 -11.30
C SER A 2 -3.73 19.04 -10.61
N GLU A 3 -3.03 18.24 -11.40
CA GLU A 3 -2.13 17.22 -10.87
C GLU A 3 -2.89 16.20 -10.03
N TRP A 4 -2.42 14.96 -10.07
CA TRP A 4 -3.05 13.87 -9.32
C TRP A 4 -2.92 14.10 -7.82
N ARG A 5 -3.65 13.30 -7.05
CA ARG A 5 -3.62 13.41 -5.60
C ARG A 5 -2.77 12.29 -5.00
N ARG A 6 -1.91 12.64 -4.05
CA ARG A 6 -1.04 11.67 -3.41
C ARG A 6 -1.84 10.75 -2.50
N ILE A 7 -2.05 9.52 -2.95
CA ILE A 7 -2.80 8.54 -2.16
C ILE A 7 -1.87 7.67 -1.31
N ALA A 8 -0.55 7.81 -1.51
CA ALA A 8 0.40 7.02 -0.75
C ALA A 8 1.79 7.65 -0.79
N TYR A 9 2.74 7.06 -0.08
CA TYR A 9 4.10 7.57 -0.03
C TYR A 9 5.10 6.40 0.01
N VAL A 10 6.06 6.38 -0.89
CA VAL A 10 7.04 5.30 -0.92
C VAL A 10 8.28 5.66 -0.11
N TYR A 11 8.59 4.82 0.88
CA TYR A 11 9.75 5.04 1.73
C TYR A 11 11.03 4.57 1.04
N ASP A 12 11.87 5.52 0.65
CA ASP A 12 13.12 5.20 -0.03
C ASP A 12 14.05 6.42 -0.03
N ARG A 13 15.34 6.16 0.00
CA ARG A 13 16.35 7.22 0.01
C ARG A 13 16.20 8.09 1.26
N GLN A 14 15.77 7.47 2.35
CA GLN A 14 15.57 8.19 3.61
C GLN A 14 14.54 9.30 3.45
N THR A 15 13.58 9.08 2.56
CA THR A 15 12.52 10.07 2.33
C THR A 15 11.23 9.38 1.87
N PHE A 16 10.10 9.99 2.20
CA PHE A 16 8.81 9.44 1.82
C PHE A 16 8.32 10.08 0.53
N PHE A 17 8.66 9.43 -0.58
CA PHE A 17 8.28 9.91 -1.91
C PHE A 17 6.76 9.89 -2.10
N PRO A 18 6.12 11.07 -2.29
CA PRO A 18 4.66 11.15 -2.49
C PRO A 18 4.21 10.44 -3.75
N LEU A 19 3.37 9.44 -3.57
CA LEU A 19 2.83 8.67 -4.68
C LEU A 19 1.42 9.13 -5.05
N LEU A 20 1.25 9.52 -6.30
CA LEU A 20 -0.04 9.99 -6.80
C LEU A 20 -1.05 8.86 -6.90
N GLU A 21 -2.29 9.22 -7.21
CA GLU A 21 -3.36 8.24 -7.35
C GLU A 21 -3.10 7.30 -8.50
N ASN A 22 -2.37 7.78 -9.52
CA ASN A 22 -2.05 6.97 -10.67
C ASN A 22 -0.72 6.23 -10.47
N GLY A 23 -0.22 6.21 -9.23
CA GLY A 23 1.02 5.54 -8.95
C GLY A 23 2.23 6.27 -9.48
N ARG A 24 2.08 7.57 -9.67
CA ARG A 24 3.18 8.40 -10.15
C ARG A 24 4.09 8.76 -8.97
N LEU A 25 5.16 7.99 -8.81
CA LEU A 25 6.09 8.22 -7.72
C LEU A 25 6.93 9.47 -7.93
N LEU A 26 6.83 10.40 -7.00
CA LEU A 26 7.59 11.65 -7.07
C LEU A 26 8.84 11.57 -6.22
N LYS A 27 9.81 10.79 -6.68
CA LYS A 27 11.07 10.62 -5.96
C LYS A 27 11.77 11.96 -5.73
N GLN A 28 11.42 12.96 -6.52
CA GLN A 28 12.02 14.28 -6.40
C GLN A 28 11.27 15.16 -5.39
N GLU A 29 9.99 14.85 -5.18
CA GLU A 29 9.17 15.62 -4.24
C GLU A 29 9.00 14.90 -2.90
N GLY A 30 9.96 14.04 -2.56
CA GLY A 30 9.88 13.29 -1.32
C GLY A 30 9.83 14.20 -0.11
N THR A 31 9.46 13.63 1.03
CA THR A 31 9.37 14.38 2.27
C THR A 31 10.09 13.65 3.39
N LYS A 32 10.51 14.42 4.38
CA LYS A 32 11.24 13.87 5.52
C LYS A 32 10.29 13.62 6.68
N THR A 33 9.23 12.88 6.42
CA THR A 33 8.22 12.57 7.43
C THR A 33 7.26 11.52 6.92
N ALA A 34 6.42 11.03 7.81
CA ALA A 34 5.44 10.01 7.45
C ALA A 34 4.02 10.59 7.32
N PRO A 35 3.27 10.16 6.29
CA PRO A 35 1.90 10.63 6.05
C PRO A 35 0.86 9.86 6.86
N SER A 36 0.42 10.45 7.96
CA SER A 36 -0.59 9.82 8.82
C SER A 36 -1.94 9.69 8.11
N ASP A 37 -2.08 10.36 6.95
CA ASP A 37 -3.32 10.31 6.19
C ASP A 37 -3.32 9.19 5.16
N ALA A 38 -2.13 8.73 4.77
CA ALA A 38 -2.02 7.68 3.76
C ALA A 38 -0.98 6.63 4.14
N PRO A 39 -0.99 5.47 3.44
CA PRO A 39 -0.03 4.38 3.71
C PRO A 39 1.36 4.69 3.16
N VAL A 40 2.36 3.93 3.62
CA VAL A 40 3.73 4.14 3.19
C VAL A 40 4.32 2.88 2.56
N LEU A 41 4.50 2.91 1.26
CA LEU A 41 5.06 1.78 0.53
C LEU A 41 6.57 1.66 0.82
N VAL A 42 6.91 0.80 1.77
CA VAL A 42 8.32 0.60 2.13
C VAL A 42 8.92 -0.56 1.35
N GLY A 43 10.15 -0.36 0.87
CA GLY A 43 10.85 -1.40 0.12
C GLY A 43 10.00 -2.01 -0.97
N TRP A 44 9.51 -1.19 -1.89
CA TRP A 44 8.67 -1.67 -2.98
C TRP A 44 9.46 -1.83 -4.28
N LYS A 45 9.02 -2.76 -5.11
CA LYS A 45 9.66 -3.02 -6.39
C LYS A 45 9.49 -1.82 -7.32
N ASP A 46 9.90 -2.00 -8.57
CA ASP A 46 9.81 -0.94 -9.59
C ASP A 46 8.47 -0.19 -9.53
N GLY A 47 8.47 1.06 -9.99
CA GLY A 47 7.26 1.85 -10.00
C GLY A 47 6.15 1.18 -10.77
N ASP A 48 6.51 0.31 -11.71
CA ASP A 48 5.53 -0.41 -12.51
C ASP A 48 4.63 -1.25 -11.61
N ALA A 49 5.25 -1.86 -10.60
CA ALA A 49 4.49 -2.67 -9.65
C ALA A 49 3.73 -1.79 -8.69
N ILE A 50 4.37 -0.71 -8.25
CA ILE A 50 3.72 0.23 -7.34
C ILE A 50 2.46 0.80 -7.97
N ALA A 51 2.54 1.12 -9.25
CA ALA A 51 1.41 1.65 -10.00
C ALA A 51 0.18 0.74 -9.87
N GLU A 52 0.42 -0.54 -9.63
CA GLU A 52 -0.66 -1.50 -9.49
C GLU A 52 -1.41 -1.29 -8.17
N MET A 53 -0.68 -1.29 -7.07
CA MET A 53 -1.30 -1.10 -5.77
C MET A 53 -1.93 0.28 -5.69
N THR A 54 -1.28 1.27 -6.31
CA THR A 54 -1.81 2.63 -6.32
C THR A 54 -3.17 2.64 -7.00
N GLY A 55 -3.30 1.85 -8.06
CA GLY A 55 -4.57 1.75 -8.76
C GLY A 55 -5.62 1.23 -7.81
N GLN A 56 -5.21 0.31 -6.95
CA GLN A 56 -6.11 -0.27 -5.95
C GLN A 56 -6.47 0.75 -4.89
N LEU A 57 -5.45 1.43 -4.34
CA LEU A 57 -5.67 2.44 -3.30
C LEU A 57 -6.44 3.63 -3.85
N ALA A 58 -6.31 3.88 -5.15
CA ALA A 58 -7.02 4.99 -5.77
C ALA A 58 -8.52 4.72 -5.87
N GLU A 59 -8.91 3.45 -5.76
CA GLU A 59 -10.31 3.07 -5.85
C GLU A 59 -10.84 2.56 -4.51
N LEU A 60 -9.96 1.99 -3.70
CA LEU A 60 -10.33 1.46 -2.39
C LEU A 60 -10.98 2.55 -1.52
N PRO A 61 -11.61 2.16 -0.39
CA PRO A 61 -12.26 3.11 0.51
C PRO A 61 -11.26 3.97 1.28
N ALA A 62 -11.47 5.28 1.24
CA ALA A 62 -10.60 6.24 1.93
C ALA A 62 -10.43 5.88 3.40
N ALA A 63 -11.41 5.16 3.95
CA ALA A 63 -11.35 4.75 5.35
C ALA A 63 -10.10 3.91 5.62
N VAL A 64 -9.86 2.93 4.77
CA VAL A 64 -8.70 2.08 4.92
C VAL A 64 -7.44 2.82 4.50
N LEU A 65 -7.56 3.68 3.48
CA LEU A 65 -6.42 4.47 3.01
C LEU A 65 -5.85 5.29 4.15
N GLY A 66 -6.75 5.77 5.01
CA GLY A 66 -6.32 6.55 6.16
C GLY A 66 -5.76 5.67 7.24
N ALA A 67 -6.39 4.52 7.45
CA ALA A 67 -5.93 3.57 8.46
C ALA A 67 -4.89 2.63 7.87
N MET A 68 -3.62 2.87 8.20
CA MET A 68 -2.52 2.05 7.71
C MET A 68 -1.19 2.59 8.23
N SER A 69 -0.15 1.75 8.18
CA SER A 69 1.17 2.16 8.66
C SER A 69 2.19 2.14 7.52
N GLU A 70 2.32 1.00 6.85
CA GLU A 70 3.26 0.86 5.76
C GLU A 70 2.94 -0.38 4.92
N ILE A 71 3.11 -0.25 3.60
CA ILE A 71 2.86 -1.36 2.69
C ILE A 71 4.16 -1.99 2.24
N HIS A 72 4.37 -3.25 2.62
CA HIS A 72 5.58 -3.97 2.26
C HIS A 72 5.31 -4.97 1.13
N TYR A 73 6.11 -4.88 0.08
CA TYR A 73 5.96 -5.78 -1.06
C TYR A 73 6.67 -7.10 -0.80
N LYS A 74 5.89 -8.13 -0.50
CA LYS A 74 6.43 -9.46 -0.22
C LYS A 74 5.76 -10.52 -1.10
N PRO A 75 6.30 -10.78 -2.30
CA PRO A 75 5.73 -11.77 -3.22
C PRO A 75 5.84 -13.20 -2.69
N THR A 76 4.88 -14.03 -3.05
CA THR A 76 4.88 -15.42 -2.61
C THR A 76 4.77 -16.36 -3.80
N ARG A 77 5.20 -17.60 -3.60
CA ARG A 77 5.16 -18.62 -4.66
C ARG A 77 3.76 -18.75 -5.27
N GLU A 78 2.74 -18.39 -4.48
CA GLU A 78 1.37 -18.47 -4.95
C GLU A 78 0.78 -17.08 -5.24
N TYR A 79 1.42 -16.04 -4.71
CA TYR A 79 0.93 -14.68 -4.93
C TYR A 79 2.08 -13.71 -5.21
N GLU A 80 2.51 -13.67 -6.47
CA GLU A 80 3.61 -12.79 -6.88
C GLU A 80 3.31 -11.33 -6.52
N ASP A 81 2.04 -11.00 -6.36
CA ASP A 81 1.63 -9.65 -6.00
C ASP A 81 1.11 -9.61 -4.57
N ARG A 82 1.79 -10.33 -3.68
CA ARG A 82 1.40 -10.37 -2.27
C ARG A 82 2.04 -9.23 -1.49
N VAL A 83 1.22 -8.30 -1.03
CA VAL A 83 1.72 -7.16 -0.27
C VAL A 83 1.33 -7.28 1.21
N ILE A 84 1.93 -6.43 2.05
CA ILE A 84 1.64 -6.46 3.47
C ILE A 84 1.42 -5.05 4.02
N VAL A 85 0.16 -4.73 4.35
CA VAL A 85 -0.16 -3.42 4.89
C VAL A 85 -0.26 -3.47 6.41
N TYR A 86 0.55 -2.64 7.07
CA TYR A 86 0.56 -2.59 8.53
C TYR A 86 -0.57 -1.71 9.04
N MET A 87 -1.04 -2.01 10.26
CA MET A 87 -2.11 -1.24 10.87
C MET A 87 -1.56 -0.32 11.96
N ASN A 88 -2.15 0.86 12.10
CA ASN A 88 -1.73 1.82 13.11
C ASN A 88 -1.80 1.21 14.51
N ASP A 89 -2.72 0.27 14.70
CA ASP A 89 -2.89 -0.39 15.98
C ASP A 89 -1.77 -1.41 16.25
N GLY A 90 -0.92 -1.66 15.24
CA GLY A 90 0.16 -2.61 15.41
C GLY A 90 -0.13 -3.97 14.77
N TYR A 91 -1.15 -4.03 13.92
CA TYR A 91 -1.52 -5.27 13.26
C TYR A 91 -0.82 -5.40 11.91
N GLU A 92 -0.84 -6.61 11.35
CA GLU A 92 -0.21 -6.88 10.07
C GLU A 92 -1.17 -7.65 9.16
N VAL A 93 -1.62 -6.98 8.09
CA VAL A 93 -2.53 -7.61 7.14
C VAL A 93 -1.84 -7.85 5.81
N SER A 94 -2.11 -9.01 5.22
CA SER A 94 -1.51 -9.38 3.93
C SER A 94 -2.57 -9.43 2.83
N ALA A 95 -2.42 -8.54 1.85
CA ALA A 95 -3.36 -8.48 0.73
C ALA A 95 -2.63 -8.56 -0.60
N THR A 96 -3.32 -8.96 -1.65
CA THR A 96 -2.71 -9.06 -2.97
C THR A 96 -3.02 -7.82 -3.80
N ILE A 97 -2.10 -7.45 -4.68
CA ILE A 97 -2.27 -6.28 -5.53
C ILE A 97 -3.50 -6.44 -6.40
N ARG A 98 -3.76 -7.66 -6.86
CA ARG A 98 -4.91 -7.93 -7.72
C ARG A 98 -6.22 -7.60 -7.01
N GLN A 99 -6.26 -7.80 -5.71
CA GLN A 99 -7.46 -7.53 -4.92
C GLN A 99 -7.11 -6.79 -3.63
N PHE A 100 -6.25 -5.80 -3.75
CA PHE A 100 -5.84 -5.00 -2.59
C PHE A 100 -7.00 -4.18 -2.06
N ALA A 101 -7.64 -3.42 -2.95
CA ALA A 101 -8.77 -2.59 -2.57
C ALA A 101 -9.90 -3.42 -1.98
N ASP A 102 -10.16 -4.57 -2.58
CA ASP A 102 -11.22 -5.45 -2.10
C ASP A 102 -10.86 -6.02 -0.74
N LYS A 103 -9.65 -6.56 -0.64
CA LYS A 103 -9.16 -7.15 0.61
C LYS A 103 -9.26 -6.14 1.76
N LEU A 104 -8.84 -4.91 1.49
CA LEU A 104 -8.89 -3.86 2.50
C LEU A 104 -10.29 -3.26 2.61
N SER A 105 -11.04 -3.33 1.51
CA SER A 105 -12.41 -2.80 1.50
C SER A 105 -13.27 -3.54 2.51
N HIS A 106 -12.95 -4.82 2.72
CA HIS A 106 -13.69 -5.63 3.68
C HIS A 106 -13.42 -5.18 5.12
N TYR A 107 -12.34 -4.41 5.32
CA TYR A 107 -11.98 -3.93 6.65
C TYR A 107 -13.04 -2.95 7.18
N PRO A 108 -13.43 -3.05 8.48
CA PRO A 108 -12.90 -4.03 9.43
C PRO A 108 -13.65 -5.35 9.39
N ALA A 109 -12.98 -6.39 8.90
CA ALA A 109 -13.56 -7.74 8.79
C ALA A 109 -12.68 -8.62 7.92
N ILE A 110 -11.37 -8.55 8.14
CA ILE A 110 -10.41 -9.33 7.37
C ILE A 110 -9.64 -10.31 8.27
N ALA A 111 -8.72 -11.05 7.68
CA ALA A 111 -7.91 -12.04 8.41
C ALA A 111 -8.74 -13.29 8.71
N ALA A 112 -8.72 -14.24 7.77
CA ALA A 112 -9.45 -15.49 7.93
C ALA A 112 -8.64 -16.51 8.72
N ALA A 113 -9.04 -17.79 8.62
CA ALA A 113 -8.35 -18.85 9.32
C ALA A 113 -7.37 -19.57 8.39
N LEU A 114 -6.85 -18.84 7.42
CA LEU A 114 -5.90 -19.41 6.46
C LEU A 114 -4.66 -19.97 7.16
N ASP A 115 -4.43 -19.51 8.38
CA ASP A 115 -3.28 -19.96 9.16
C ASP A 115 -3.59 -21.28 9.87
N ARG A 116 -3.83 -22.33 9.08
CA ARG A 116 -4.14 -23.65 9.62
C ARG A 116 -2.91 -24.54 9.65
N ASN A 117 -1.98 -24.28 8.72
CA ASN A 117 -0.75 -25.06 8.65
C ASN A 117 0.03 -25.00 9.96
N VAL A 118 0.26 -23.79 10.46
CA VAL A 118 0.99 -23.60 11.70
C VAL A 118 0.17 -24.07 12.90
N LYS A 119 0.57 -25.19 13.49
CA LYS A 119 -0.13 -25.75 14.64
C LYS A 119 0.55 -25.30 15.94
N GLY A 1 -8.53 21.78 -8.98
CA GLY A 1 -7.06 21.63 -8.79
C GLY A 1 -6.43 20.76 -9.86
N SER A 2 -5.14 21.00 -10.12
CA SER A 2 -4.41 20.23 -11.12
C SER A 2 -3.54 19.17 -10.47
N GLU A 3 -2.87 18.37 -11.30
CA GLU A 3 -2.00 17.30 -10.80
C GLU A 3 -2.81 16.28 -10.00
N TRP A 4 -2.31 15.05 -9.99
CA TRP A 4 -2.96 13.97 -9.28
C TRP A 4 -2.84 14.15 -7.77
N ARG A 5 -3.60 13.35 -7.02
CA ARG A 5 -3.57 13.44 -5.57
C ARG A 5 -2.73 12.30 -4.98
N ARG A 6 -1.88 12.62 -4.03
CA ARG A 6 -1.02 11.63 -3.40
C ARG A 6 -1.83 10.70 -2.50
N ILE A 7 -2.04 9.47 -2.97
CA ILE A 7 -2.78 8.49 -2.19
C ILE A 7 -1.85 7.59 -1.38
N ALA A 8 -0.55 7.71 -1.61
CA ALA A 8 0.42 6.90 -0.88
C ALA A 8 1.79 7.56 -0.89
N TYR A 9 2.74 6.96 -0.20
CA TYR A 9 4.10 7.50 -0.13
C TYR A 9 5.12 6.36 -0.07
N VAL A 10 6.09 6.37 -0.97
CA VAL A 10 7.10 5.32 -0.99
C VAL A 10 8.34 5.74 -0.20
N TYR A 11 8.70 4.92 0.78
CA TYR A 11 9.87 5.18 1.61
C TYR A 11 11.14 4.71 0.93
N ASP A 12 11.89 5.65 0.36
CA ASP A 12 13.13 5.33 -0.33
C ASP A 12 14.05 6.54 -0.38
N ARG A 13 15.35 6.29 -0.50
CA ARG A 13 16.33 7.36 -0.55
C ARG A 13 16.30 8.21 0.73
N GLN A 14 16.00 7.55 1.84
CA GLN A 14 15.93 8.23 3.13
C GLN A 14 14.87 9.33 3.11
N THR A 15 13.82 9.13 2.32
CA THR A 15 12.74 10.10 2.23
C THR A 15 11.43 9.43 1.85
N PHE A 16 10.32 10.12 2.09
CA PHE A 16 9.01 9.57 1.78
C PHE A 16 8.47 10.20 0.50
N PHE A 17 8.76 9.56 -0.63
CA PHE A 17 8.32 10.04 -1.93
C PHE A 17 6.79 9.98 -2.05
N PRO A 18 6.12 11.10 -2.37
CA PRO A 18 4.66 11.12 -2.51
C PRO A 18 4.19 10.44 -3.78
N LEU A 19 3.39 9.39 -3.61
CA LEU A 19 2.86 8.64 -4.73
C LEU A 19 1.45 9.12 -5.08
N LEU A 20 1.29 9.52 -6.35
CA LEU A 20 0.01 10.01 -6.83
C LEU A 20 -1.02 8.90 -6.94
N GLU A 21 -2.26 9.27 -7.25
CA GLU A 21 -3.35 8.29 -7.39
C GLU A 21 -3.08 7.35 -8.55
N ASN A 22 -2.35 7.85 -9.55
CA ASN A 22 -2.02 7.04 -10.73
C ASN A 22 -0.69 6.29 -10.51
N GLY A 23 -0.20 6.27 -9.27
CA GLY A 23 1.03 5.59 -8.98
C GLY A 23 2.25 6.32 -9.50
N ARG A 24 2.12 7.63 -9.67
CA ARG A 24 3.22 8.45 -10.13
C ARG A 24 4.13 8.79 -8.96
N LEU A 25 5.17 8.00 -8.78
CA LEU A 25 6.11 8.20 -7.68
C LEU A 25 6.98 9.43 -7.92
N LEU A 26 6.72 10.50 -7.18
CA LEU A 26 7.49 11.73 -7.31
C LEU A 26 8.75 11.64 -6.45
N LYS A 27 9.74 10.90 -6.94
CA LYS A 27 11.00 10.72 -6.23
C LYS A 27 11.81 12.02 -6.16
N GLN A 28 11.38 13.06 -6.88
CA GLN A 28 12.08 14.34 -6.88
C GLN A 28 11.66 15.19 -5.69
N GLU A 29 10.42 15.00 -5.25
CA GLU A 29 9.88 15.76 -4.13
C GLU A 29 10.25 15.12 -2.79
N GLY A 30 9.50 14.08 -2.41
CA GLY A 30 9.75 13.38 -1.17
C GLY A 30 9.69 14.29 0.03
N THR A 31 9.50 13.68 1.20
CA THR A 31 9.41 14.43 2.42
C THR A 31 10.13 13.70 3.56
N LYS A 32 10.65 14.45 4.52
CA LYS A 32 11.37 13.86 5.64
C LYS A 32 10.39 13.53 6.78
N THR A 33 9.31 12.83 6.45
CA THR A 33 8.32 12.47 7.44
C THR A 33 7.30 11.49 6.86
N ALA A 34 6.67 10.71 7.72
CA ALA A 34 5.68 9.74 7.29
C ALA A 34 4.25 10.28 7.46
N PRO A 35 3.44 10.28 6.38
CA PRO A 35 2.07 10.78 6.44
C PRO A 35 1.07 9.72 6.93
N SER A 36 0.58 9.92 8.14
CA SER A 36 -0.39 9.01 8.74
C SER A 36 -1.76 9.08 8.05
N ASP A 37 -1.92 10.03 7.14
CA ASP A 37 -3.18 10.16 6.41
C ASP A 37 -3.27 9.11 5.32
N ALA A 38 -2.11 8.61 4.88
CA ALA A 38 -2.08 7.62 3.83
C ALA A 38 -1.03 6.54 4.12
N PRO A 39 -1.08 5.40 3.39
CA PRO A 39 -0.12 4.30 3.58
C PRO A 39 1.25 4.60 2.99
N VAL A 40 2.28 4.01 3.58
CA VAL A 40 3.65 4.22 3.12
C VAL A 40 4.23 2.93 2.54
N LEU A 41 4.44 2.92 1.23
CA LEU A 41 5.00 1.76 0.56
C LEU A 41 6.49 1.61 0.88
N VAL A 42 6.79 0.78 1.86
CA VAL A 42 8.17 0.55 2.26
C VAL A 42 8.79 -0.61 1.49
N GLY A 43 10.03 -0.42 1.05
CA GLY A 43 10.73 -1.45 0.32
C GLY A 43 9.90 -2.07 -0.81
N TRP A 44 9.50 -1.24 -1.76
CA TRP A 44 8.68 -1.72 -2.88
C TRP A 44 9.49 -1.85 -4.15
N LYS A 45 9.06 -2.77 -5.00
CA LYS A 45 9.72 -3.01 -6.28
C LYS A 45 9.54 -1.81 -7.21
N ASP A 46 9.96 -1.97 -8.46
CA ASP A 46 9.86 -0.91 -9.47
C ASP A 46 8.52 -0.16 -9.41
N GLY A 47 8.54 1.09 -9.86
CA GLY A 47 7.32 1.89 -9.85
C GLY A 47 6.20 1.23 -10.64
N ASP A 48 6.57 0.37 -11.59
CA ASP A 48 5.59 -0.34 -12.40
C ASP A 48 4.69 -1.19 -11.51
N ALA A 49 5.30 -1.82 -10.51
CA ALA A 49 4.55 -2.65 -9.57
C ALA A 49 3.79 -1.76 -8.60
N ILE A 50 4.41 -0.66 -8.18
CA ILE A 50 3.77 0.28 -7.27
C ILE A 50 2.50 0.83 -7.90
N ALA A 51 2.60 1.17 -9.19
CA ALA A 51 1.46 1.72 -9.93
C ALA A 51 0.24 0.81 -9.84
N GLU A 52 0.48 -0.48 -9.62
CA GLU A 52 -0.61 -1.44 -9.52
C GLU A 52 -1.41 -1.23 -8.22
N MET A 53 -0.69 -1.25 -7.10
CA MET A 53 -1.34 -1.05 -5.81
C MET A 53 -1.98 0.33 -5.75
N THR A 54 -1.33 1.32 -6.37
CA THR A 54 -1.86 2.67 -6.41
C THR A 54 -3.21 2.68 -7.10
N GLY A 55 -3.31 1.92 -8.18
CA GLY A 55 -4.57 1.83 -8.90
C GLY A 55 -5.65 1.29 -7.98
N GLN A 56 -5.24 0.38 -7.10
CA GLN A 56 -6.16 -0.22 -6.13
C GLN A 56 -6.52 0.79 -5.04
N LEU A 57 -5.51 1.47 -4.50
CA LEU A 57 -5.73 2.47 -3.46
C LEU A 57 -6.50 3.67 -3.98
N ALA A 58 -6.38 3.94 -5.27
CA ALA A 58 -7.08 5.07 -5.87
C ALA A 58 -8.59 4.80 -5.97
N GLU A 59 -8.98 3.52 -5.86
CA GLU A 59 -10.38 3.15 -5.94
C GLU A 59 -10.91 2.59 -4.61
N LEU A 60 -10.01 2.01 -3.81
CA LEU A 60 -10.39 1.44 -2.53
C LEU A 60 -11.05 2.49 -1.63
N PRO A 61 -11.68 2.05 -0.51
CA PRO A 61 -12.34 2.97 0.42
C PRO A 61 -11.36 3.85 1.18
N ALA A 62 -11.60 5.16 1.14
CA ALA A 62 -10.76 6.12 1.83
C ALA A 62 -10.58 5.77 3.30
N ALA A 63 -11.55 5.05 3.86
CA ALA A 63 -11.48 4.64 5.26
C ALA A 63 -10.22 3.83 5.53
N VAL A 64 -9.96 2.84 4.68
CA VAL A 64 -8.78 2.01 4.84
C VAL A 64 -7.53 2.77 4.43
N LEU A 65 -7.65 3.59 3.39
CA LEU A 65 -6.51 4.39 2.92
C LEU A 65 -5.96 5.24 4.06
N GLY A 66 -6.88 5.71 4.91
CA GLY A 66 -6.47 6.51 6.05
C GLY A 66 -5.89 5.65 7.15
N ALA A 67 -6.51 4.50 7.38
CA ALA A 67 -6.04 3.57 8.39
C ALA A 67 -4.99 2.62 7.81
N MET A 68 -3.73 2.90 8.13
CA MET A 68 -2.61 2.09 7.64
C MET A 68 -1.29 2.68 8.13
N SER A 69 -0.23 1.88 8.09
CA SER A 69 1.09 2.33 8.53
C SER A 69 2.10 2.29 7.38
N GLU A 70 2.26 1.12 6.78
CA GLU A 70 3.18 0.95 5.67
C GLU A 70 2.86 -0.31 4.88
N ILE A 71 3.02 -0.23 3.56
CA ILE A 71 2.76 -1.37 2.68
C ILE A 71 4.07 -2.05 2.30
N HIS A 72 4.23 -3.29 2.71
CA HIS A 72 5.44 -4.05 2.42
C HIS A 72 5.19 -5.09 1.33
N TYR A 73 5.84 -4.92 0.18
CA TYR A 73 5.68 -5.84 -0.93
C TYR A 73 6.43 -7.14 -0.65
N LYS A 74 5.68 -8.19 -0.32
CA LYS A 74 6.27 -9.49 -0.03
C LYS A 74 5.68 -10.56 -0.97
N PRO A 75 6.25 -10.70 -2.19
CA PRO A 75 5.76 -11.69 -3.16
C PRO A 75 6.08 -13.12 -2.76
N THR A 76 5.22 -14.04 -3.15
CA THR A 76 5.41 -15.45 -2.84
C THR A 76 5.16 -16.31 -4.08
N ARG A 77 5.65 -17.54 -4.04
CA ARG A 77 5.48 -18.46 -5.15
C ARG A 77 4.01 -18.66 -5.49
N GLU A 78 3.14 -18.47 -4.50
CA GLU A 78 1.71 -18.62 -4.70
C GLU A 78 1.03 -17.28 -4.94
N TYR A 79 1.69 -16.18 -4.57
CA TYR A 79 1.12 -14.85 -4.76
C TYR A 79 2.21 -13.82 -5.04
N GLU A 80 2.63 -13.75 -6.31
CA GLU A 80 3.67 -12.80 -6.72
C GLU A 80 3.25 -11.36 -6.41
N ASP A 81 1.95 -11.13 -6.27
CA ASP A 81 1.44 -9.80 -5.98
C ASP A 81 0.94 -9.72 -4.54
N ARG A 82 1.64 -10.40 -3.63
CA ARG A 82 1.26 -10.41 -2.23
C ARG A 82 1.92 -9.27 -1.47
N VAL A 83 1.11 -8.35 -0.95
CA VAL A 83 1.61 -7.21 -0.21
C VAL A 83 1.20 -7.31 1.26
N ILE A 84 1.83 -6.52 2.12
CA ILE A 84 1.51 -6.52 3.54
C ILE A 84 1.30 -5.10 4.07
N VAL A 85 0.05 -4.74 4.31
CA VAL A 85 -0.28 -3.42 4.83
C VAL A 85 -0.42 -3.44 6.35
N TYR A 86 0.39 -2.64 7.02
CA TYR A 86 0.36 -2.56 8.47
C TYR A 86 -0.78 -1.64 8.94
N MET A 87 -1.36 -1.98 10.08
CA MET A 87 -2.46 -1.19 10.62
C MET A 87 -1.95 -0.18 11.65
N ASN A 88 -2.80 0.77 12.02
CA ASN A 88 -2.45 1.80 12.98
C ASN A 88 -2.28 1.21 14.38
N ASP A 89 -2.99 0.11 14.65
CA ASP A 89 -2.91 -0.54 15.95
C ASP A 89 -1.82 -1.61 15.99
N GLY A 90 -0.91 -1.59 15.02
CA GLY A 90 0.15 -2.57 14.99
C GLY A 90 -0.23 -3.85 14.26
N TYR A 91 -1.49 -3.98 13.87
CA TYR A 91 -1.96 -5.17 13.16
C TYR A 91 -1.19 -5.37 11.85
N GLU A 92 -1.38 -6.52 11.23
CA GLU A 92 -0.71 -6.83 9.98
C GLU A 92 -1.65 -7.57 9.03
N VAL A 93 -2.03 -6.92 7.94
CA VAL A 93 -2.93 -7.51 6.96
C VAL A 93 -2.21 -7.76 5.64
N SER A 94 -2.26 -9.00 5.17
CA SER A 94 -1.62 -9.37 3.91
C SER A 94 -2.66 -9.46 2.79
N ALA A 95 -2.57 -8.53 1.84
CA ALA A 95 -3.50 -8.51 0.72
C ALA A 95 -2.75 -8.56 -0.61
N THR A 96 -3.46 -8.94 -1.67
CA THR A 96 -2.85 -9.02 -2.99
C THR A 96 -3.06 -7.72 -3.76
N ILE A 97 -2.18 -7.44 -4.72
CA ILE A 97 -2.29 -6.23 -5.52
C ILE A 97 -3.54 -6.25 -6.39
N ARG A 98 -3.93 -7.44 -6.82
CA ARG A 98 -5.11 -7.59 -7.68
C ARG A 98 -6.39 -7.34 -6.89
N GLN A 99 -6.45 -7.84 -5.66
CA GLN A 99 -7.63 -7.67 -4.81
C GLN A 99 -7.29 -6.85 -3.58
N PHE A 100 -6.35 -5.93 -3.71
CA PHE A 100 -5.94 -5.08 -2.59
C PHE A 100 -7.12 -4.28 -2.06
N ALA A 101 -7.76 -3.53 -2.95
CA ALA A 101 -8.91 -2.71 -2.57
C ALA A 101 -10.01 -3.55 -1.96
N ASP A 102 -10.24 -4.73 -2.53
CA ASP A 102 -11.26 -5.63 -2.03
C ASP A 102 -10.85 -6.20 -0.67
N LYS A 103 -9.63 -6.71 -0.61
CA LYS A 103 -9.10 -7.28 0.64
C LYS A 103 -9.21 -6.28 1.78
N LEU A 104 -8.90 -5.02 1.50
CA LEU A 104 -8.97 -3.97 2.52
C LEU A 104 -10.38 -3.41 2.60
N SER A 105 -11.15 -3.53 1.51
CA SER A 105 -12.52 -3.04 1.48
C SER A 105 -13.35 -3.74 2.56
N HIS A 106 -13.03 -5.00 2.80
CA HIS A 106 -13.73 -5.78 3.81
C HIS A 106 -13.39 -5.29 5.22
N TYR A 107 -12.30 -4.53 5.34
CA TYR A 107 -11.87 -4.01 6.64
C TYR A 107 -12.98 -3.16 7.28
N PRO A 108 -13.18 -3.25 8.62
CA PRO A 108 -12.39 -4.11 9.52
C PRO A 108 -13.01 -5.50 9.68
N ALA A 109 -12.38 -6.50 9.07
CA ALA A 109 -12.86 -7.88 9.15
C ALA A 109 -12.05 -8.79 8.23
N ILE A 110 -10.73 -8.58 8.21
CA ILE A 110 -9.86 -9.39 7.37
C ILE A 110 -8.62 -9.86 8.14
N ALA A 111 -8.00 -10.92 7.65
CA ALA A 111 -6.80 -11.48 8.29
C ALA A 111 -6.33 -12.73 7.57
N ALA A 112 -5.25 -13.32 8.06
CA ALA A 112 -4.70 -14.53 7.46
C ALA A 112 -5.49 -15.77 7.88
N ALA A 113 -6.08 -16.45 6.92
CA ALA A 113 -6.87 -17.64 7.19
C ALA A 113 -6.47 -18.79 6.27
N LEU A 114 -5.18 -18.86 5.95
CA LEU A 114 -4.67 -19.91 5.08
C LEU A 114 -4.04 -21.04 5.89
N ASP A 115 -4.56 -21.25 7.09
CA ASP A 115 -4.05 -22.30 7.97
C ASP A 115 -5.20 -23.03 8.67
N ARG A 116 -6.32 -23.15 7.98
CA ARG A 116 -7.49 -23.83 8.54
C ARG A 116 -7.97 -24.95 7.61
N ASN A 117 -8.04 -24.65 6.32
CA ASN A 117 -8.48 -25.63 5.34
C ASN A 117 -9.90 -26.09 5.62
N VAL A 118 -10.86 -25.57 4.87
CA VAL A 118 -12.27 -25.93 5.04
C VAL A 118 -12.60 -27.20 4.27
N LYS A 119 -12.46 -28.35 4.94
CA LYS A 119 -12.75 -29.63 4.32
C LYS A 119 -12.75 -30.74 5.36
N GLY A 1 -0.81 22.65 -11.99
CA GLY A 1 -2.27 22.87 -12.18
C GLY A 1 -3.10 21.65 -11.84
N SER A 2 -3.45 20.86 -12.86
CA SER A 2 -4.24 19.65 -12.66
C SER A 2 -3.35 18.46 -12.35
N GLU A 3 -2.87 18.41 -11.11
CA GLU A 3 -2.00 17.31 -10.67
C GLU A 3 -2.78 16.29 -9.86
N TRP A 4 -2.31 15.05 -9.90
CA TRP A 4 -2.94 13.96 -9.18
C TRP A 4 -2.80 14.16 -7.67
N ARG A 5 -3.55 13.36 -6.91
CA ARG A 5 -3.49 13.44 -5.45
C ARG A 5 -2.66 12.30 -4.88
N ARG A 6 -1.81 12.61 -3.91
CA ARG A 6 -0.96 11.61 -3.29
C ARG A 6 -1.78 10.69 -2.40
N ILE A 7 -2.00 9.46 -2.88
CA ILE A 7 -2.76 8.48 -2.12
C ILE A 7 -1.83 7.58 -1.30
N ALA A 8 -0.52 7.69 -1.53
CA ALA A 8 0.43 6.88 -0.80
C ALA A 8 1.81 7.52 -0.83
N TYR A 9 2.76 6.92 -0.14
CA TYR A 9 4.12 7.45 -0.08
C TYR A 9 5.13 6.30 -0.02
N VAL A 10 6.08 6.29 -0.94
CA VAL A 10 7.07 5.22 -0.97
C VAL A 10 8.32 5.60 -0.20
N TYR A 11 8.67 4.77 0.79
CA TYR A 11 9.84 5.00 1.61
C TYR A 11 11.11 4.52 0.90
N ASP A 12 11.86 5.46 0.34
CA ASP A 12 13.08 5.14 -0.36
C ASP A 12 14.03 6.34 -0.38
N ARG A 13 15.32 6.06 -0.49
CA ARG A 13 16.33 7.12 -0.52
C ARG A 13 16.31 7.93 0.78
N GLN A 14 15.94 7.28 1.87
CA GLN A 14 15.87 7.94 3.17
C GLN A 14 14.85 9.08 3.16
N THR A 15 13.80 8.91 2.35
CA THR A 15 12.75 9.92 2.26
C THR A 15 11.42 9.28 1.88
N PHE A 16 10.33 10.01 2.13
CA PHE A 16 9.00 9.51 1.81
C PHE A 16 8.48 10.12 0.51
N PHE A 17 8.77 9.46 -0.59
CA PHE A 17 8.35 9.93 -1.90
C PHE A 17 6.81 9.88 -2.02
N PRO A 18 6.16 11.01 -2.34
CA PRO A 18 4.70 11.06 -2.48
C PRO A 18 4.21 10.38 -3.75
N LEU A 19 3.42 9.34 -3.56
CA LEU A 19 2.88 8.59 -4.68
C LEU A 19 1.47 9.08 -5.02
N LEU A 20 1.31 9.50 -6.27
CA LEU A 20 0.02 10.00 -6.75
C LEU A 20 -1.01 8.88 -6.87
N GLU A 21 -2.26 9.26 -7.17
CA GLU A 21 -3.34 8.30 -7.31
C GLU A 21 -3.07 7.36 -8.48
N ASN A 22 -2.34 7.85 -9.48
CA ASN A 22 -2.02 7.05 -10.64
C ASN A 22 -0.69 6.31 -10.46
N GLY A 23 -0.20 6.25 -9.21
CA GLY A 23 1.04 5.58 -8.94
C GLY A 23 2.24 6.34 -9.44
N ARG A 24 2.10 7.66 -9.50
CA ARG A 24 3.18 8.52 -9.94
C ARG A 24 4.14 8.77 -8.78
N LEU A 25 5.15 7.92 -8.65
CA LEU A 25 6.11 8.07 -7.56
C LEU A 25 7.02 9.26 -7.81
N LEU A 26 6.74 10.37 -7.12
CA LEU A 26 7.55 11.57 -7.27
C LEU A 26 8.79 11.50 -6.39
N LYS A 27 9.80 10.78 -6.87
CA LYS A 27 11.06 10.63 -6.14
C LYS A 27 11.87 11.93 -6.09
N GLN A 28 11.43 12.93 -6.84
CA GLN A 28 12.13 14.22 -6.86
C GLN A 28 11.70 15.08 -5.68
N GLU A 29 10.47 14.90 -5.23
CA GLU A 29 9.92 15.65 -4.11
C GLU A 29 10.30 15.01 -2.78
N GLY A 30 9.56 13.97 -2.40
CA GLY A 30 9.81 13.27 -1.15
C GLY A 30 9.76 14.17 0.06
N THR A 31 9.58 13.56 1.21
CA THR A 31 9.51 14.30 2.45
C THR A 31 10.21 13.53 3.57
N LYS A 32 10.76 14.27 4.54
CA LYS A 32 11.44 13.65 5.66
C LYS A 32 10.47 13.37 6.80
N THR A 33 9.38 12.69 6.48
CA THR A 33 8.36 12.36 7.47
C THR A 33 7.33 11.41 6.89
N ALA A 34 6.76 10.58 7.75
CA ALA A 34 5.75 9.61 7.34
C ALA A 34 4.33 10.17 7.51
N PRO A 35 3.51 10.18 6.44
CA PRO A 35 2.15 10.70 6.49
C PRO A 35 1.14 9.65 6.98
N SER A 36 0.64 9.86 8.19
CA SER A 36 -0.34 8.96 8.79
C SER A 36 -1.69 9.04 8.09
N ASP A 37 -1.86 9.99 7.18
CA ASP A 37 -3.09 10.13 6.45
C ASP A 37 -3.19 9.08 5.35
N ALA A 38 -2.04 8.57 4.92
CA ALA A 38 -2.01 7.57 3.87
C ALA A 38 -0.98 6.48 4.16
N PRO A 39 -1.03 5.35 3.43
CA PRO A 39 -0.10 4.24 3.62
C PRO A 39 1.29 4.55 3.05
N VAL A 40 2.31 3.93 3.63
CA VAL A 40 3.68 4.14 3.17
C VAL A 40 4.26 2.86 2.57
N LEU A 41 4.44 2.86 1.26
CA LEU A 41 5.01 1.72 0.55
C LEU A 41 6.50 1.59 0.84
N VAL A 42 6.84 0.74 1.80
CA VAL A 42 8.23 0.54 2.17
C VAL A 42 8.83 -0.65 1.42
N GLY A 43 10.04 -0.47 0.91
CA GLY A 43 10.71 -1.54 0.18
C GLY A 43 9.85 -2.15 -0.90
N TRP A 44 9.40 -1.32 -1.84
CA TRP A 44 8.56 -1.80 -2.93
C TRP A 44 9.35 -1.94 -4.23
N LYS A 45 8.90 -2.87 -5.07
CA LYS A 45 9.55 -3.12 -6.35
C LYS A 45 9.40 -1.92 -7.26
N ASP A 46 9.81 -2.07 -8.53
CA ASP A 46 9.75 -1.01 -9.53
C ASP A 46 8.41 -0.26 -9.48
N GLY A 47 8.43 0.99 -9.91
CA GLY A 47 7.22 1.81 -9.93
C GLY A 47 6.11 1.16 -10.73
N ASP A 48 6.49 0.32 -11.69
CA ASP A 48 5.51 -0.38 -12.53
C ASP A 48 4.60 -1.24 -11.65
N ALA A 49 5.19 -1.86 -10.63
CA ALA A 49 4.43 -2.69 -9.72
C ALA A 49 3.66 -1.82 -8.74
N ILE A 50 4.29 -0.74 -8.29
CA ILE A 50 3.65 0.19 -7.36
C ILE A 50 2.38 0.77 -8.00
N ALA A 51 2.48 1.10 -9.28
CA ALA A 51 1.35 1.66 -10.01
C ALA A 51 0.12 0.76 -9.90
N GLU A 52 0.36 -0.54 -9.77
CA GLU A 52 -0.73 -1.50 -9.63
C GLU A 52 -1.46 -1.30 -8.31
N MET A 53 -0.69 -1.29 -7.22
CA MET A 53 -1.25 -1.08 -5.90
C MET A 53 -1.92 0.28 -5.83
N THR A 54 -1.26 1.30 -6.38
CA THR A 54 -1.81 2.64 -6.38
C THR A 54 -3.16 2.66 -7.09
N GLY A 55 -3.27 1.89 -8.17
CA GLY A 55 -4.52 1.81 -8.89
C GLY A 55 -5.61 1.29 -7.99
N GLN A 56 -5.26 0.35 -7.13
CA GLN A 56 -6.20 -0.23 -6.18
C GLN A 56 -6.55 0.77 -5.07
N LEU A 57 -5.53 1.42 -4.51
CA LEU A 57 -5.74 2.40 -3.45
C LEU A 57 -6.51 3.61 -3.97
N ALA A 58 -6.34 3.92 -5.24
CA ALA A 58 -7.03 5.06 -5.84
C ALA A 58 -8.53 4.80 -5.95
N GLU A 59 -8.93 3.53 -5.87
CA GLU A 59 -10.34 3.16 -5.97
C GLU A 59 -10.88 2.62 -4.64
N LEU A 60 -9.99 2.05 -3.82
CA LEU A 60 -10.38 1.49 -2.54
C LEU A 60 -11.07 2.55 -1.66
N PRO A 61 -11.73 2.11 -0.56
CA PRO A 61 -12.42 3.03 0.35
C PRO A 61 -11.46 3.91 1.13
N ALA A 62 -11.72 5.22 1.09
CA ALA A 62 -10.88 6.19 1.80
C ALA A 62 -10.69 5.81 3.28
N ALA A 63 -11.65 5.06 3.82
CA ALA A 63 -11.58 4.62 5.20
C ALA A 63 -10.29 3.85 5.48
N VAL A 64 -10.01 2.87 4.62
CA VAL A 64 -8.81 2.07 4.78
C VAL A 64 -7.57 2.87 4.37
N LEU A 65 -7.70 3.64 3.29
CA LEU A 65 -6.60 4.46 2.79
C LEU A 65 -6.06 5.34 3.92
N GLY A 66 -6.95 5.75 4.81
CA GLY A 66 -6.56 6.57 5.93
C GLY A 66 -5.99 5.73 7.06
N ALA A 67 -6.60 4.57 7.29
CA ALA A 67 -6.17 3.66 8.33
C ALA A 67 -5.11 2.70 7.80
N MET A 68 -3.85 2.96 8.15
CA MET A 68 -2.73 2.13 7.72
C MET A 68 -1.41 2.70 8.24
N SER A 69 -0.33 1.93 8.11
CA SER A 69 0.98 2.38 8.58
C SER A 69 2.00 2.31 7.44
N GLU A 70 2.20 1.12 6.90
CA GLU A 70 3.16 0.92 5.82
C GLU A 70 2.84 -0.33 5.01
N ILE A 71 3.04 -0.24 3.71
CA ILE A 71 2.79 -1.37 2.82
C ILE A 71 4.10 -1.99 2.36
N HIS A 72 4.33 -3.24 2.76
CA HIS A 72 5.56 -3.93 2.41
C HIS A 72 5.29 -4.97 1.32
N TYR A 73 5.99 -4.84 0.19
CA TYR A 73 5.84 -5.76 -0.92
C TYR A 73 6.49 -7.10 -0.59
N LYS A 74 5.66 -8.10 -0.29
CA LYS A 74 6.17 -9.43 0.04
C LYS A 74 5.64 -10.47 -0.95
N PRO A 75 6.27 -10.58 -2.14
CA PRO A 75 5.84 -11.54 -3.16
C PRO A 75 6.13 -12.98 -2.75
N THR A 76 5.25 -13.89 -3.15
CA THR A 76 5.41 -15.30 -2.82
C THR A 76 5.30 -16.15 -4.08
N ARG A 77 5.83 -17.37 -4.01
CA ARG A 77 5.79 -18.29 -5.14
C ARG A 77 4.37 -18.50 -5.65
N GLU A 78 3.38 -18.27 -4.78
CA GLU A 78 1.98 -18.43 -5.14
C GLU A 78 1.29 -17.09 -5.37
N TYR A 79 1.87 -16.01 -4.84
CA TYR A 79 1.30 -14.68 -4.99
C TYR A 79 2.38 -13.63 -5.23
N GLU A 80 2.88 -13.57 -6.46
CA GLU A 80 3.92 -12.60 -6.82
C GLU A 80 3.48 -11.17 -6.51
N ASP A 81 2.18 -10.94 -6.45
CA ASP A 81 1.65 -9.61 -6.15
C ASP A 81 1.09 -9.57 -4.74
N ARG A 82 1.78 -10.22 -3.81
CA ARG A 82 1.34 -10.25 -2.42
C ARG A 82 1.99 -9.12 -1.62
N VAL A 83 1.16 -8.25 -1.06
CA VAL A 83 1.64 -7.13 -0.26
C VAL A 83 1.26 -7.28 1.20
N ILE A 84 1.85 -6.46 2.06
CA ILE A 84 1.56 -6.51 3.49
C ILE A 84 1.34 -5.11 4.06
N VAL A 85 0.08 -4.78 4.33
CA VAL A 85 -0.26 -3.48 4.89
C VAL A 85 -0.41 -3.54 6.40
N TYR A 86 0.11 -2.52 7.08
CA TYR A 86 0.03 -2.46 8.53
C TYR A 86 -1.06 -1.48 8.96
N MET A 87 -1.62 -1.71 10.14
CA MET A 87 -2.67 -0.85 10.67
C MET A 87 -2.14 0.08 11.76
N ASN A 88 -2.84 1.18 11.99
CA ASN A 88 -2.43 2.15 13.00
C ASN A 88 -2.28 1.50 14.38
N ASP A 89 -2.95 0.37 14.58
CA ASP A 89 -2.89 -0.34 15.85
C ASP A 89 -1.74 -1.36 15.88
N GLY A 90 -0.81 -1.26 14.94
CA GLY A 90 0.30 -2.19 14.90
C GLY A 90 -0.07 -3.55 14.33
N TYR A 91 -1.23 -3.63 13.69
CA TYR A 91 -1.68 -4.89 13.10
C TYR A 91 -0.96 -5.17 11.79
N GLU A 92 -1.10 -6.40 11.29
CA GLU A 92 -0.46 -6.80 10.05
C GLU A 92 -1.44 -7.56 9.16
N VAL A 93 -1.81 -6.93 8.04
CA VAL A 93 -2.74 -7.54 7.10
C VAL A 93 -2.06 -7.79 5.75
N SER A 94 -2.21 -9.00 5.22
CA SER A 94 -1.62 -9.36 3.94
C SER A 94 -2.67 -9.39 2.84
N ALA A 95 -2.50 -8.51 1.86
CA ALA A 95 -3.44 -8.44 0.74
C ALA A 95 -2.69 -8.51 -0.59
N THR A 96 -3.40 -8.88 -1.65
CA THR A 96 -2.79 -8.99 -2.97
C THR A 96 -3.08 -7.74 -3.80
N ILE A 97 -2.19 -7.45 -4.74
CA ILE A 97 -2.36 -6.28 -5.61
C ILE A 97 -3.61 -6.42 -6.47
N ARG A 98 -3.89 -7.65 -6.90
CA ARG A 98 -5.06 -7.91 -7.74
C ARG A 98 -6.35 -7.57 -7.02
N GLN A 99 -6.39 -7.82 -5.71
CA GLN A 99 -7.59 -7.54 -4.91
C GLN A 99 -7.23 -6.79 -3.64
N PHE A 100 -6.35 -5.81 -3.76
CA PHE A 100 -5.92 -5.01 -2.61
C PHE A 100 -7.09 -4.19 -2.07
N ALA A 101 -7.73 -3.44 -2.96
CA ALA A 101 -8.86 -2.60 -2.58
C ALA A 101 -9.98 -3.42 -1.95
N ASP A 102 -10.27 -4.57 -2.54
CA ASP A 102 -11.30 -5.46 -2.02
C ASP A 102 -10.87 -6.05 -0.68
N LYS A 103 -9.65 -6.59 -0.67
CA LYS A 103 -9.09 -7.19 0.54
C LYS A 103 -9.16 -6.23 1.72
N LEU A 104 -8.84 -4.97 1.47
CA LEU A 104 -8.87 -3.96 2.51
C LEU A 104 -10.27 -3.33 2.63
N SER A 105 -11.04 -3.40 1.56
CA SER A 105 -12.39 -2.86 1.56
C SER A 105 -13.24 -3.54 2.62
N HIS A 106 -12.97 -4.83 2.84
CA HIS A 106 -13.69 -5.59 3.84
C HIS A 106 -13.31 -5.16 5.26
N TYR A 107 -12.18 -4.46 5.38
CA TYR A 107 -11.71 -3.99 6.68
C TYR A 107 -12.75 -3.10 7.36
N PRO A 108 -12.92 -3.19 8.70
CA PRO A 108 -12.16 -4.08 9.58
C PRO A 108 -12.82 -5.45 9.74
N ALA A 109 -12.21 -6.47 9.13
CA ALA A 109 -12.74 -7.84 9.21
C ALA A 109 -11.98 -8.76 8.25
N ILE A 110 -10.65 -8.65 8.26
CA ILE A 110 -9.82 -9.47 7.38
C ILE A 110 -8.55 -9.93 8.09
N ALA A 111 -7.91 -10.96 7.52
CA ALA A 111 -6.68 -11.51 8.10
C ALA A 111 -6.19 -12.69 7.26
N ALA A 112 -5.19 -13.40 7.80
CA ALA A 112 -4.64 -14.56 7.10
C ALA A 112 -5.70 -15.61 6.84
N ALA A 113 -6.02 -15.81 5.56
CA ALA A 113 -7.02 -16.80 5.18
C ALA A 113 -6.47 -17.75 4.12
N LEU A 114 -5.22 -18.16 4.29
CA LEU A 114 -4.58 -19.08 3.35
C LEU A 114 -4.82 -20.54 3.73
N ASP A 115 -5.74 -20.79 4.66
CA ASP A 115 -6.04 -22.14 5.08
C ASP A 115 -7.41 -22.58 4.58
N ARG A 116 -7.74 -23.86 4.78
CA ARG A 116 -9.01 -24.41 4.34
C ARG A 116 -9.17 -24.33 2.82
N ASN A 117 -8.06 -24.21 2.11
CA ASN A 117 -8.09 -24.12 0.65
C ASN A 117 -8.86 -22.90 0.19
N VAL A 118 -8.17 -21.98 -0.49
CA VAL A 118 -8.80 -20.77 -0.98
C VAL A 118 -8.71 -20.69 -2.51
N LYS A 119 -9.78 -20.19 -3.13
CA LYS A 119 -9.81 -20.07 -4.58
C LYS A 119 -10.37 -18.70 -4.99
#